data_4GZE
#
_entry.id   4GZE
#
_cell.length_a   96.086
_cell.length_b   96.086
_cell.length_c   289.140
_cell.angle_alpha   90.00
_cell.angle_beta   90.00
_cell.angle_gamma   120.00
#
_symmetry.space_group_name_H-M   'P 31'
#
loop_
_entity.id
_entity.type
_entity.pdbx_description
1 polymer 6-phospho-beta-glucosidase
2 non-polymer 'CHLORIDE ION'
3 non-polymer GLYCEROL
4 water water
#
_entity_poly.entity_id   1
_entity_poly.type   'polypeptide(L)'
_entity_poly.pdbx_seq_one_letter_code
;SNA(MSE)TIKGRAFPEGFLWGGAVAAHQLEGGYKEGGKGLSTADI(MSE)TLGTNERPREITDGVVAGKYYPNHQAIDF
YHRYPEDIELFAE(MSE)GFKCFRTSIAWTRIFPNGDESEPNEAGLQFYDDLFDECLKNGIQPVVTLAHFE(MSE)PYHL
VKQYGGWRNRKLIQFYLNFAKVCFERYRDKVTYW(MSE)TFNEINNQTNFESDGA(MSE)LTDSGIIHQPGENRERW
(MSE)YQAAHYELVASAAAVQLGHQINPDFQIGC(MSE)IA(MSE)CPIYPLTAAPADVLFAQRA(MSE)QTRFYFADVH
CNGTYPQWLRNRFESEHFNLDITAEDLKILQAGTVDYIGFSYY(MSE)SFTVKDTGKLAYNEEHDLVKNPYVKASDWGWQ
VDPVGLRYA(MSE)NWFTDRYHLPLFIVENGLGAIDKKTADNQIHDDYRIDYLTDHLRQIKLAVLEDGVDLIGYTPWGCI
DLVAASTGQ(MSE)SKRYGFIYVDENDDGSGSLKRYKKDSFTWFQHVIATNGAEIE
;
_entity_poly.pdbx_strand_id   A,B,C,D,E,F
#
# COMPACT_ATOMS: atom_id res chain seq x y z
N ALA A 3 -23.35 2.17 0.21
CA ALA A 3 -24.78 2.30 -0.16
C ALA A 3 -25.01 1.70 -1.54
N THR A 5 -23.78 -0.44 -4.82
CA THR A 5 -22.95 -1.59 -5.09
C THR A 5 -23.39 -2.15 -6.45
N ILE A 6 -22.45 -2.78 -7.13
CA ILE A 6 -22.73 -3.36 -8.46
C ILE A 6 -22.73 -4.88 -8.43
N LYS A 7 -22.18 -5.49 -7.37
CA LYS A 7 -22.20 -6.94 -7.21
C LYS A 7 -23.63 -7.44 -7.08
N GLY A 8 -23.90 -8.58 -7.71
CA GLY A 8 -25.25 -9.14 -7.77
C GLY A 8 -26.09 -8.62 -8.92
N ARG A 9 -25.61 -7.59 -9.63
CA ARG A 9 -26.39 -7.01 -10.73
C ARG A 9 -25.77 -7.32 -12.10
N ALA A 10 -26.60 -7.91 -12.97
CA ALA A 10 -26.17 -8.38 -14.26
C ALA A 10 -26.05 -7.22 -15.23
N PHE A 11 -25.24 -7.44 -16.27
CA PHE A 11 -25.20 -6.59 -17.45
C PHE A 11 -26.56 -6.67 -18.14
N PRO A 12 -26.80 -5.82 -19.15
CA PRO A 12 -28.12 -5.89 -19.79
C PRO A 12 -28.33 -7.18 -20.58
N GLU A 13 -29.58 -7.60 -20.70
CA GLU A 13 -29.93 -8.72 -21.56
C GLU A 13 -29.58 -8.45 -23.02
N GLY A 14 -28.96 -9.44 -23.67
CA GLY A 14 -28.49 -9.27 -25.02
C GLY A 14 -27.06 -8.76 -25.12
N PHE A 15 -26.38 -8.57 -23.99
CA PHE A 15 -25.01 -8.05 -24.00
C PHE A 15 -24.06 -8.98 -24.73
N LEU A 16 -23.31 -8.42 -25.67
CA LEU A 16 -22.47 -9.25 -26.52
C LEU A 16 -21.08 -9.38 -25.92
N TRP A 17 -20.89 -10.40 -25.09
CA TRP A 17 -19.55 -10.81 -24.70
C TRP A 17 -18.87 -11.55 -25.85
N GLY A 18 -17.60 -11.26 -26.07
CA GLY A 18 -16.88 -12.01 -27.06
C GLY A 18 -15.39 -11.85 -26.95
N GLY A 19 -14.72 -12.02 -28.09
CA GLY A 19 -13.30 -11.69 -28.22
C GLY A 19 -12.97 -11.12 -29.58
N ALA A 20 -11.81 -10.46 -29.66
CA ALA A 20 -11.44 -9.67 -30.81
C ALA A 20 -10.07 -10.07 -31.36
N VAL A 21 -9.95 -10.00 -32.69
CA VAL A 21 -8.69 -10.29 -33.40
C VAL A 21 -8.73 -9.50 -34.70
N ALA A 22 -7.65 -9.60 -35.47
CA ALA A 22 -7.58 -9.07 -36.84
C ALA A 22 -6.97 -10.17 -37.71
N ALA A 23 -7.50 -10.32 -38.92
CA ALA A 23 -7.09 -11.37 -39.85
C ALA A 23 -5.58 -11.54 -39.92
N HIS A 24 -4.87 -10.46 -40.22
CA HIS A 24 -3.46 -10.52 -40.49
C HIS A 24 -2.66 -10.96 -39.26
N GLN A 25 -3.24 -10.89 -38.07
CA GLN A 25 -2.51 -11.23 -36.86
C GLN A 25 -2.69 -12.68 -36.39
N LEU A 26 -3.65 -13.40 -36.96
CA LEU A 26 -3.85 -14.80 -36.55
C LEU A 26 -3.92 -15.80 -37.72
N GLU A 27 -4.43 -15.36 -38.86
CA GLU A 27 -4.84 -16.30 -39.90
C GLU A 27 -3.71 -17.10 -40.50
N GLY A 28 -2.65 -16.40 -40.87
CA GLY A 28 -1.62 -16.99 -41.68
C GLY A 28 -2.12 -17.27 -43.08
N GLY A 29 -1.61 -18.33 -43.69
CA GLY A 29 -1.95 -18.64 -45.09
C GLY A 29 -1.96 -17.37 -45.90
N TYR A 30 -0.88 -16.59 -45.79
CA TYR A 30 -0.88 -15.24 -46.37
C TYR A 30 -0.82 -15.28 -47.90
N LYS A 31 -0.49 -16.44 -48.43
CA LYS A 31 -0.54 -16.67 -49.86
C LYS A 31 -1.67 -17.60 -50.29
N GLU A 32 -2.29 -18.31 -49.34
CA GLU A 32 -3.33 -19.28 -49.68
C GLU A 32 -4.48 -18.65 -50.48
N GLY A 33 -5.06 -19.42 -51.38
CA GLY A 33 -6.29 -19.03 -52.07
C GLY A 33 -6.20 -17.77 -52.91
N GLY A 34 -5.06 -17.56 -53.55
CA GLY A 34 -4.79 -16.35 -54.34
C GLY A 34 -4.79 -15.05 -53.52
N LYS A 35 -4.49 -15.13 -52.23
CA LYS A 35 -4.45 -13.92 -51.40
C LYS A 35 -3.27 -13.00 -51.71
N GLY A 36 -3.57 -11.71 -51.81
CA GLY A 36 -2.61 -10.64 -52.07
C GLY A 36 -1.74 -10.27 -50.90
N LEU A 37 -0.60 -9.67 -51.24
CA LEU A 37 0.38 -9.16 -50.27
C LEU A 37 -0.18 -7.91 -49.59
N SER A 38 -0.37 -7.96 -48.28
CA SER A 38 -0.90 -6.84 -47.52
C SER A 38 0.26 -6.05 -46.91
N THR A 39 -0.05 -4.82 -46.48
CA THR A 39 0.92 -4.03 -45.73
C THR A 39 1.31 -4.70 -44.41
N ALA A 40 0.51 -5.64 -43.92
CA ALA A 40 0.92 -6.42 -42.72
C ALA A 40 2.02 -7.44 -43.05
N ASP A 41 1.99 -7.95 -44.28
CA ASP A 41 2.93 -8.96 -44.78
C ASP A 41 4.35 -8.50 -45.09
N ILE A 42 4.58 -7.18 -45.07
CA ILE A 42 5.90 -6.64 -45.33
C ILE A 42 6.55 -6.11 -44.05
N THR A 44 8.55 -6.93 -40.69
CA THR A 44 9.39 -7.96 -40.08
C THR A 44 9.19 -8.02 -38.57
N LEU A 45 9.75 -9.07 -37.95
CA LEU A 45 9.79 -9.19 -36.49
C LEU A 45 10.71 -8.10 -35.91
N GLY A 46 10.28 -7.49 -34.81
CA GLY A 46 11.13 -6.58 -34.03
C GLY A 46 11.19 -7.06 -32.57
N THR A 47 11.77 -6.24 -31.71
CA THR A 47 11.77 -6.48 -30.26
C THR A 47 11.11 -5.27 -29.56
N ASN A 48 11.06 -5.31 -28.23
CA ASN A 48 10.66 -4.15 -27.43
C ASN A 48 11.55 -2.93 -27.75
N GLU A 49 12.80 -3.19 -28.10
CA GLU A 49 13.80 -2.16 -28.37
C GLU A 49 13.92 -1.84 -29.85
N ARG A 50 13.57 -2.81 -30.70
CA ARG A 50 13.84 -2.75 -32.15
C ARG A 50 12.56 -2.70 -32.97
N PRO A 51 12.36 -1.60 -33.74
CA PRO A 51 11.12 -1.44 -34.50
C PRO A 51 10.99 -2.45 -35.63
N ARG A 52 9.77 -2.84 -35.94
CA ARG A 52 9.56 -3.71 -37.07
C ARG A 52 10.04 -3.00 -38.33
N GLU A 53 10.56 -3.78 -39.26
CA GLU A 53 11.06 -3.26 -40.52
C GLU A 53 9.95 -3.37 -41.56
N ILE A 54 9.66 -2.26 -42.23
CA ILE A 54 8.76 -2.23 -43.37
C ILE A 54 9.72 -2.42 -44.55
N THR A 55 9.60 -3.53 -45.27
CA THR A 55 10.42 -3.82 -46.46
C THR A 55 9.59 -3.65 -47.75
N ASP A 56 10.26 -3.45 -48.88
CA ASP A 56 9.54 -3.36 -50.17
C ASP A 56 9.27 -4.77 -50.71
N GLY A 57 8.11 -5.33 -50.37
CA GLY A 57 7.85 -6.72 -50.70
C GLY A 57 8.55 -7.68 -49.73
N VAL A 58 8.48 -8.95 -50.03
CA VAL A 58 9.07 -9.97 -49.19
C VAL A 58 10.53 -10.11 -49.52
N VAL A 59 11.37 -9.44 -48.75
CA VAL A 59 12.79 -9.48 -48.94
C VAL A 59 13.34 -10.79 -48.37
N ALA A 60 14.37 -11.30 -49.05
CA ALA A 60 14.94 -12.63 -48.79
C ALA A 60 15.77 -12.69 -47.50
N GLY A 61 15.47 -13.67 -46.66
CA GLY A 61 16.27 -13.91 -45.45
C GLY A 61 15.85 -13.03 -44.29
N LYS A 62 14.62 -12.54 -44.36
CA LYS A 62 14.03 -11.79 -43.27
C LYS A 62 12.82 -12.60 -42.81
N TYR A 63 12.46 -12.45 -41.54
CA TYR A 63 11.38 -13.24 -40.97
C TYR A 63 10.13 -12.39 -40.81
N TYR A 64 9.04 -12.86 -41.42
CA TYR A 64 7.78 -12.18 -41.40
C TYR A 64 6.77 -13.01 -40.63
N PRO A 65 6.43 -12.57 -39.40
CA PRO A 65 5.62 -13.39 -38.52
C PRO A 65 4.17 -13.51 -38.94
N ASN A 66 3.68 -12.59 -39.78
CA ASN A 66 2.28 -12.63 -40.23
C ASN A 66 2.00 -13.65 -41.33
N HIS A 67 3.06 -14.17 -41.95
CA HIS A 67 2.90 -15.18 -42.99
C HIS A 67 2.22 -16.44 -42.42
N GLN A 68 2.70 -16.93 -41.26
CA GLN A 68 2.07 -18.09 -40.62
C GLN A 68 1.13 -17.70 -39.50
N ALA A 69 1.53 -16.71 -38.70
CA ALA A 69 0.84 -16.39 -37.47
C ALA A 69 0.63 -17.66 -36.65
N ILE A 70 -0.62 -17.94 -36.28
CA ILE A 70 -0.97 -19.15 -35.54
C ILE A 70 -1.79 -20.11 -36.40
N ASP A 71 -1.75 -19.88 -37.70
CA ASP A 71 -2.37 -20.74 -38.71
C ASP A 71 -3.85 -21.02 -38.51
N PHE A 72 -4.56 -19.98 -38.08
CA PHE A 72 -5.98 -19.97 -37.91
C PHE A 72 -6.75 -20.14 -39.23
N TYR A 73 -6.15 -19.73 -40.36
CA TYR A 73 -6.70 -20.04 -41.68
C TYR A 73 -7.06 -21.51 -41.78
N HIS A 74 -6.27 -22.39 -41.13
CA HIS A 74 -6.49 -23.82 -41.19
C HIS A 74 -7.09 -24.44 -39.93
N ARG A 75 -6.87 -23.81 -38.78
CA ARG A 75 -7.20 -24.32 -37.46
C ARG A 75 -8.48 -23.73 -36.84
N TYR A 76 -9.18 -22.87 -37.57
CA TYR A 76 -10.32 -22.16 -37.00
C TYR A 76 -11.40 -23.08 -36.40
N PRO A 77 -11.73 -24.23 -37.01
CA PRO A 77 -12.71 -25.02 -36.26
C PRO A 77 -12.29 -25.37 -34.79
N GLU A 78 -11.01 -25.69 -34.56
CA GLU A 78 -10.55 -25.99 -33.19
C GLU A 78 -10.61 -24.73 -32.34
N ASP A 79 -10.23 -23.60 -32.91
CA ASP A 79 -10.17 -22.36 -32.14
C ASP A 79 -11.57 -21.86 -31.78
N ILE A 80 -12.52 -21.99 -32.69
CA ILE A 80 -13.89 -21.57 -32.47
C ILE A 80 -14.62 -22.41 -31.39
N GLU A 81 -14.31 -23.71 -31.35
CA GLU A 81 -14.85 -24.60 -30.34
C GLU A 81 -14.42 -24.14 -28.95
N LEU A 82 -13.19 -23.63 -28.84
CA LEU A 82 -12.70 -23.07 -27.59
C LEU A 82 -13.46 -21.81 -27.26
N PHE A 83 -13.72 -20.99 -28.28
CA PHE A 83 -14.55 -19.79 -28.13
C PHE A 83 -15.96 -20.13 -27.69
N ALA A 84 -16.57 -21.19 -28.24
CA ALA A 84 -17.94 -21.55 -27.86
C ALA A 84 -17.93 -22.19 -26.47
N GLU A 85 -16.88 -22.90 -26.14
CA GLU A 85 -16.71 -23.40 -24.78
C GLU A 85 -16.61 -22.29 -23.73
N GLY A 87 -18.29 -19.58 -24.16
CA GLY A 87 -19.67 -19.06 -24.23
C GLY A 87 -19.71 -17.73 -24.97
N PHE A 88 -18.76 -17.49 -25.87
CA PHE A 88 -18.77 -16.26 -26.65
C PHE A 88 -20.14 -16.05 -27.30
N LYS A 89 -20.61 -14.80 -27.27
CA LYS A 89 -21.82 -14.41 -27.98
C LYS A 89 -21.43 -13.83 -29.33
N CYS A 90 -20.18 -13.43 -29.46
CA CYS A 90 -19.74 -12.89 -30.72
C CYS A 90 -18.25 -13.02 -30.88
N PHE A 91 -17.82 -12.85 -32.12
CA PHE A 91 -16.44 -12.96 -32.46
C PHE A 91 -16.04 -11.78 -33.31
N ARG A 92 -15.22 -10.89 -32.78
CA ARG A 92 -14.86 -9.69 -33.54
C ARG A 92 -13.57 -10.01 -34.30
N THR A 93 -13.66 -9.91 -35.62
CA THR A 93 -12.49 -10.04 -36.51
C THR A 93 -12.63 -9.19 -37.76
N SER A 94 -11.57 -9.19 -38.56
CA SER A 94 -11.54 -8.48 -39.83
C SER A 94 -11.68 -9.46 -41.00
N ILE A 95 -12.25 -8.97 -42.10
CA ILE A 95 -12.21 -9.64 -43.38
C ILE A 95 -10.98 -9.11 -44.13
N ALA A 96 -10.00 -9.96 -44.39
CA ALA A 96 -8.80 -9.57 -45.10
C ALA A 96 -9.14 -9.02 -46.47
N TRP A 97 -8.94 -7.71 -46.64
CA TRP A 97 -9.08 -7.03 -47.93
C TRP A 97 -8.31 -7.77 -49.02
N THR A 98 -7.15 -8.32 -48.68
CA THR A 98 -6.30 -8.95 -49.68
C THR A 98 -6.76 -10.31 -50.09
N ARG A 99 -7.67 -10.94 -49.33
CA ARG A 99 -8.25 -12.21 -49.78
C ARG A 99 -9.44 -11.99 -50.71
N ILE A 100 -10.04 -10.80 -50.68
CA ILE A 100 -11.22 -10.51 -51.49
C ILE A 100 -10.86 -9.76 -52.79
N PHE A 101 -9.94 -8.79 -52.68
CA PHE A 101 -9.33 -8.13 -53.82
C PHE A 101 -7.81 -8.07 -53.57
N PRO A 102 -7.06 -9.09 -54.03
CA PRO A 102 -5.64 -9.25 -53.68
C PRO A 102 -4.76 -8.02 -53.93
N ASN A 103 -5.02 -7.31 -55.03
CA ASN A 103 -4.29 -6.11 -55.37
C ASN A 103 -5.13 -4.83 -55.15
N GLY A 104 -6.45 -4.98 -55.10
CA GLY A 104 -7.34 -3.93 -54.59
C GLY A 104 -8.08 -3.17 -55.67
N ASP A 105 -7.62 -3.30 -56.91
CA ASP A 105 -8.23 -2.61 -58.05
C ASP A 105 -8.91 -3.52 -59.05
N GLU A 106 -9.04 -4.82 -58.75
CA GLU A 106 -9.65 -5.73 -59.72
C GLU A 106 -11.16 -5.42 -59.83
N SER A 107 -11.77 -5.86 -60.92
CA SER A 107 -13.16 -5.54 -61.20
C SER A 107 -14.08 -6.59 -60.63
N GLU A 108 -13.51 -7.72 -60.22
CA GLU A 108 -14.28 -8.76 -59.57
C GLU A 108 -13.51 -9.29 -58.37
N PRO A 109 -14.26 -9.74 -57.35
CA PRO A 109 -13.70 -10.30 -56.14
C PRO A 109 -13.07 -11.69 -56.33
N ASN A 110 -12.43 -12.16 -55.26
CA ASN A 110 -11.80 -13.46 -55.30
C ASN A 110 -12.69 -14.45 -54.62
N GLU A 111 -13.10 -15.48 -55.38
CA GLU A 111 -14.11 -16.41 -54.92
C GLU A 111 -13.57 -17.30 -53.79
N ALA A 112 -12.32 -17.71 -53.89
CA ALA A 112 -11.65 -18.50 -52.82
C ALA A 112 -11.61 -17.75 -51.47
N GLY A 113 -11.31 -16.45 -51.50
CA GLY A 113 -11.39 -15.63 -50.30
C GLY A 113 -12.79 -15.45 -49.70
N LEU A 114 -13.77 -15.20 -50.57
CA LEU A 114 -15.17 -15.10 -50.18
C LEU A 114 -15.66 -16.41 -49.57
N GLN A 115 -15.22 -17.51 -50.13
CA GLN A 115 -15.53 -18.84 -49.64
C GLN A 115 -14.93 -19.12 -48.26
N PHE A 116 -13.69 -18.69 -48.03
CA PHE A 116 -13.13 -18.78 -46.67
C PHE A 116 -13.99 -18.12 -45.58
N TYR A 117 -14.46 -16.89 -45.83
CA TYR A 117 -15.23 -16.20 -44.79
C TYR A 117 -16.62 -16.82 -44.67
N ASP A 118 -17.21 -17.28 -45.78
CA ASP A 118 -18.40 -18.12 -45.68
C ASP A 118 -18.19 -19.25 -44.66
N ASP A 119 -17.09 -19.99 -44.82
CA ASP A 119 -16.81 -21.14 -43.97
C ASP A 119 -16.52 -20.76 -42.51
N LEU A 120 -15.73 -19.72 -42.32
CA LEU A 120 -15.39 -19.23 -41.01
C LEU A 120 -16.62 -18.73 -40.25
N PHE A 121 -17.48 -18.02 -40.95
CA PHE A 121 -18.67 -17.47 -40.34
C PHE A 121 -19.71 -18.54 -40.12
N ASP A 122 -19.85 -19.46 -41.08
CA ASP A 122 -20.75 -20.60 -40.86
C ASP A 122 -20.29 -21.34 -39.60
N GLU A 123 -18.98 -21.42 -39.38
CA GLU A 123 -18.46 -22.17 -38.23
C GLU A 123 -18.81 -21.48 -36.90
N CYS A 124 -18.74 -20.15 -36.91
CA CYS A 124 -19.12 -19.36 -35.74
C CYS A 124 -20.59 -19.52 -35.47
N LEU A 125 -21.40 -19.35 -36.49
CA LEU A 125 -22.85 -19.31 -36.32
C LEU A 125 -23.48 -20.64 -35.87
N LYS A 126 -22.95 -21.78 -36.28
CA LYS A 126 -23.52 -23.03 -35.77
C LYS A 126 -23.16 -23.21 -34.29
N ASN A 127 -22.26 -22.36 -33.80
CA ASN A 127 -21.80 -22.42 -32.42
C ASN A 127 -22.37 -21.35 -31.52
N GLY A 128 -23.43 -20.67 -31.99
CA GLY A 128 -24.09 -19.60 -31.23
C GLY A 128 -23.36 -18.26 -31.26
N ILE A 129 -22.38 -18.13 -32.16
CA ILE A 129 -21.50 -16.97 -32.21
C ILE A 129 -21.71 -16.15 -33.48
N GLN A 130 -22.16 -14.89 -33.34
CA GLN A 130 -22.30 -13.99 -34.50
C GLN A 130 -20.97 -13.25 -34.78
N PRO A 131 -20.53 -13.25 -36.06
CA PRO A 131 -19.34 -12.48 -36.41
C PRO A 131 -19.63 -10.98 -36.35
N VAL A 132 -18.67 -10.21 -35.81
CA VAL A 132 -18.71 -8.75 -35.84
C VAL A 132 -17.50 -8.35 -36.70
N VAL A 133 -17.73 -7.69 -37.84
CA VAL A 133 -16.69 -7.60 -38.88
C VAL A 133 -16.17 -6.20 -39.10
N THR A 134 -14.86 -6.02 -39.02
CA THR A 134 -14.21 -4.74 -39.39
C THR A 134 -13.67 -4.87 -40.81
N LEU A 135 -14.04 -3.93 -41.69
CA LEU A 135 -13.58 -3.98 -43.07
C LEU A 135 -12.10 -3.66 -43.23
N ALA A 136 -11.67 -2.44 -42.89
CA ALA A 136 -10.25 -2.09 -42.99
C ALA A 136 -9.56 -2.23 -41.64
N HIS A 137 -8.57 -3.10 -41.57
CA HIS A 137 -7.84 -3.33 -40.30
C HIS A 137 -6.36 -3.57 -40.58
N PHE A 138 -5.70 -2.54 -41.07
CA PHE A 138 -4.25 -2.43 -41.09
C PHE A 138 -3.64 -3.52 -41.96
N GLU A 139 -4.42 -3.95 -42.94
CA GLU A 139 -4.04 -5.03 -43.82
C GLU A 139 -4.43 -4.76 -45.27
N PRO A 141 -4.13 -3.99 -49.39
CA PRO A 141 -3.23 -4.46 -50.48
C PRO A 141 -2.03 -3.53 -50.67
N TYR A 142 -0.83 -4.08 -50.71
CA TYR A 142 0.40 -3.27 -50.84
C TYR A 142 0.39 -2.67 -52.24
N HIS A 143 -0.19 -3.39 -53.19
CA HIS A 143 -0.37 -2.85 -54.54
C HIS A 143 -0.95 -1.44 -54.51
N LEU A 144 -1.91 -1.21 -53.62
CA LEU A 144 -2.56 0.10 -53.53
C LEU A 144 -1.62 1.16 -53.03
N VAL A 145 -0.68 0.77 -52.16
CA VAL A 145 0.33 1.68 -51.67
C VAL A 145 1.34 2.01 -52.78
N LYS A 146 1.75 1.02 -53.56
CA LYS A 146 2.81 1.24 -54.58
C LYS A 146 2.29 1.95 -55.80
N GLN A 147 1.07 1.58 -56.21
CA GLN A 147 0.55 2.03 -57.51
C GLN A 147 -0.20 3.36 -57.41
N TYR A 148 -0.92 3.57 -56.29
CA TYR A 148 -1.77 4.75 -56.15
C TYR A 148 -1.30 5.75 -55.11
N GLY A 149 -0.29 5.41 -54.32
CA GLY A 149 0.07 6.23 -53.16
C GLY A 149 -0.90 6.11 -51.99
N GLY A 150 -1.67 5.04 -51.94
CA GLY A 150 -2.54 4.76 -50.80
C GLY A 150 -3.68 5.74 -50.81
N TRP A 151 -4.14 6.12 -49.63
CA TRP A 151 -5.26 7.06 -49.54
C TRP A 151 -4.92 8.53 -49.84
N ARG A 152 -3.73 8.79 -50.38
CA ARG A 152 -3.51 10.05 -51.09
C ARG A 152 -4.51 10.19 -52.24
N ASN A 153 -4.94 9.05 -52.78
CA ASN A 153 -5.64 9.01 -54.05
C ASN A 153 -7.11 8.69 -53.84
N ARG A 154 -7.94 9.53 -54.43
CA ARG A 154 -9.39 9.48 -54.33
C ARG A 154 -9.98 8.20 -54.88
N LYS A 155 -9.23 7.54 -55.75
CA LYS A 155 -9.64 6.26 -56.28
C LYS A 155 -9.82 5.21 -55.21
N LEU A 156 -9.05 5.27 -54.13
CA LEU A 156 -9.24 4.25 -53.09
C LEU A 156 -10.66 4.27 -52.53
N ILE A 157 -11.37 5.40 -52.67
CA ILE A 157 -12.76 5.46 -52.22
C ILE A 157 -13.60 4.41 -52.94
N GLN A 158 -13.40 4.26 -54.25
CA GLN A 158 -14.20 3.26 -54.96
C GLN A 158 -13.63 1.85 -54.80
N PHE A 159 -12.31 1.70 -54.76
CA PHE A 159 -11.75 0.39 -54.43
C PHE A 159 -12.25 -0.13 -53.07
N TYR A 160 -12.30 0.73 -52.06
CA TYR A 160 -12.89 0.37 -50.77
C TYR A 160 -14.35 -0.04 -50.88
N LEU A 161 -15.13 0.72 -51.63
CA LEU A 161 -16.56 0.49 -51.74
C LEU A 161 -16.91 -0.77 -52.51
N ASN A 162 -16.05 -1.14 -53.45
CA ASN A 162 -16.16 -2.40 -54.17
C ASN A 162 -16.03 -3.55 -53.19
N PHE A 163 -14.98 -3.50 -52.40
CA PHE A 163 -14.74 -4.44 -51.34
C PHE A 163 -15.91 -4.49 -50.34
N ALA A 164 -16.45 -3.34 -49.92
CA ALA A 164 -17.53 -3.35 -48.91
C ALA A 164 -18.84 -3.94 -49.44
N LYS A 165 -19.19 -3.48 -50.66
CA LYS A 165 -20.32 -3.97 -51.45
C LYS A 165 -20.33 -5.51 -51.50
N VAL A 166 -19.33 -6.08 -52.12
CA VAL A 166 -19.19 -7.54 -52.17
C VAL A 166 -19.36 -8.23 -50.80
N CYS A 167 -18.70 -7.70 -49.77
CA CYS A 167 -18.82 -8.28 -48.42
C CYS A 167 -20.22 -8.11 -47.85
N PHE A 168 -20.76 -6.91 -47.97
CA PHE A 168 -22.11 -6.65 -47.47
C PHE A 168 -23.11 -7.64 -48.06
N GLU A 169 -23.02 -7.85 -49.36
CA GLU A 169 -24.00 -8.71 -50.06
C GLU A 169 -23.76 -10.18 -49.80
N ARG A 170 -22.51 -10.60 -49.80
CA ARG A 170 -22.18 -12.01 -49.64
C ARG A 170 -22.60 -12.46 -48.25
N TYR A 171 -22.29 -11.62 -47.26
CA TYR A 171 -22.47 -12.00 -45.87
C TYR A 171 -23.71 -11.41 -45.21
N ARG A 172 -24.69 -10.97 -46.00
CA ARG A 172 -25.77 -10.15 -45.46
C ARG A 172 -26.76 -10.89 -44.56
N ASP A 173 -26.72 -12.20 -44.57
CA ASP A 173 -27.53 -12.93 -43.60
C ASP A 173 -26.68 -13.53 -42.50
N LYS A 174 -25.44 -13.07 -42.39
CA LYS A 174 -24.49 -13.68 -41.48
C LYS A 174 -23.89 -12.70 -40.46
N VAL A 175 -23.79 -11.42 -40.82
CA VAL A 175 -23.23 -10.39 -39.94
C VAL A 175 -24.20 -9.25 -39.75
N THR A 176 -24.46 -8.87 -38.50
CA THR A 176 -25.28 -7.70 -38.19
C THR A 176 -24.39 -6.48 -37.89
N TYR A 177 -23.26 -6.69 -37.21
CA TYR A 177 -22.38 -5.58 -36.77
C TYR A 177 -21.14 -5.46 -37.61
N TRP A 178 -20.97 -4.30 -38.22
CA TRP A 178 -19.80 -3.96 -39.06
C TRP A 178 -19.14 -2.68 -38.60
N THR A 180 -16.12 0.25 -40.19
CA THR A 180 -15.49 0.63 -41.45
C THR A 180 -13.96 0.65 -41.41
N PHE A 181 -13.37 1.53 -40.61
CA PHE A 181 -11.91 1.68 -40.58
C PHE A 181 -11.37 1.54 -39.15
N ASN A 182 -10.67 0.45 -38.89
CA ASN A 182 -10.10 0.21 -37.56
C ASN A 182 -9.23 1.39 -37.07
N GLU A 183 -9.45 1.85 -35.84
CA GLU A 183 -8.64 2.93 -35.22
C GLU A 183 -8.20 4.00 -36.24
N ILE A 184 -9.20 4.62 -36.86
CA ILE A 184 -9.02 5.60 -37.93
C ILE A 184 -8.22 6.81 -37.49
N ASN A 185 -8.20 7.06 -36.19
CA ASN A 185 -7.58 8.24 -35.62
C ASN A 185 -6.18 8.08 -35.08
N ASN A 186 -5.57 6.91 -35.23
CA ASN A 186 -4.12 6.77 -34.93
C ASN A 186 -3.26 7.75 -35.73
N GLN A 187 -3.65 8.01 -36.97
CA GLN A 187 -2.91 8.99 -37.80
C GLN A 187 -3.03 10.45 -37.32
N THR A 188 -3.80 10.70 -36.28
CA THR A 188 -3.65 11.93 -35.50
C THR A 188 -2.16 12.21 -35.31
N ASN A 189 -1.42 11.18 -34.92
CA ASN A 189 0.02 11.30 -34.93
C ASN A 189 0.49 11.11 -36.38
N PHE A 190 0.53 12.23 -37.11
CA PHE A 190 0.92 12.20 -38.51
C PHE A 190 2.40 11.97 -38.73
N GLU A 191 3.20 12.04 -37.65
CA GLU A 191 4.66 11.80 -37.71
C GLU A 191 5.01 10.32 -37.51
N SER A 192 4.01 9.50 -37.17
CA SER A 192 4.20 8.05 -36.91
C SER A 192 4.12 7.29 -38.22
N ASP A 193 5.23 6.71 -38.64
CA ASP A 193 5.26 6.00 -39.91
C ASP A 193 4.35 4.79 -39.86
N GLY A 194 4.34 4.12 -38.69
CA GLY A 194 3.45 3.03 -38.40
C GLY A 194 1.98 3.39 -38.55
N ALA A 195 1.53 4.49 -37.91
CA ALA A 195 0.14 4.96 -38.09
C ALA A 195 -0.23 5.37 -39.54
N LEU A 197 1.04 4.20 -42.44
CA LEU A 197 0.96 3.00 -43.21
C LEU A 197 -0.32 2.20 -42.87
N THR A 198 -0.53 1.94 -41.58
CA THR A 198 -1.61 1.06 -41.17
C THR A 198 -2.98 1.67 -41.49
N ASP A 199 -3.20 2.92 -41.04
CA ASP A 199 -4.45 3.61 -41.28
C ASP A 199 -4.73 3.94 -42.76
N SER A 200 -3.69 4.36 -43.48
CA SER A 200 -3.87 5.08 -44.75
C SER A 200 -2.95 4.64 -45.87
N GLY A 201 -2.05 3.71 -45.59
CA GLY A 201 -1.19 3.20 -46.63
C GLY A 201 -0.29 4.26 -47.19
N ILE A 202 0.15 5.15 -46.30
CA ILE A 202 1.09 6.21 -46.66
C ILE A 202 2.53 5.95 -46.14
N ILE A 203 3.46 5.87 -47.09
CA ILE A 203 4.88 5.91 -46.82
C ILE A 203 5.35 7.26 -47.35
N HIS A 204 5.82 8.11 -46.46
CA HIS A 204 6.22 9.49 -46.78
C HIS A 204 7.12 9.60 -48.04
N GLN A 205 6.86 10.62 -48.84
CA GLN A 205 7.68 10.97 -50.01
C GLN A 205 8.37 12.30 -49.72
N PRO A 206 9.53 12.54 -50.32
CA PRO A 206 10.24 13.78 -50.01
C PRO A 206 9.48 15.03 -50.44
N GLY A 207 9.54 16.06 -49.60
CA GLY A 207 8.88 17.31 -49.89
C GLY A 207 7.46 17.43 -49.39
N GLU A 208 6.87 16.31 -48.95
CA GLU A 208 5.47 16.27 -48.55
C GLU A 208 5.21 16.83 -47.13
N ASN A 209 4.14 17.61 -47.01
CA ASN A 209 3.60 18.03 -45.72
C ASN A 209 2.83 16.85 -45.15
N ARG A 210 3.36 16.24 -44.08
CA ARG A 210 2.83 15.01 -43.49
C ARG A 210 1.46 15.26 -42.91
N GLU A 211 1.31 16.40 -42.23
CA GLU A 211 0.02 16.77 -41.66
C GLU A 211 -1.02 16.90 -42.77
N ARG A 212 -0.69 17.64 -43.83
CA ARG A 212 -1.63 17.91 -44.92
C ARG A 212 -2.18 16.66 -45.56
N TRP A 213 -1.28 15.73 -45.84
CA TRP A 213 -1.67 14.50 -46.52
C TRP A 213 -2.38 13.50 -45.58
N TYR A 215 -4.65 14.57 -43.42
CA TYR A 215 -6.03 15.07 -43.46
C TYR A 215 -6.68 14.80 -44.82
N GLN A 216 -5.90 14.91 -45.88
CA GLN A 216 -6.43 14.49 -47.20
C GLN A 216 -6.83 13.02 -47.14
N ALA A 217 -5.92 12.21 -46.61
CA ALA A 217 -6.17 10.76 -46.56
C ALA A 217 -7.35 10.42 -45.64
N ALA A 218 -7.44 11.10 -44.50
CA ALA A 218 -8.54 10.86 -43.55
C ALA A 218 -9.87 11.27 -44.15
N HIS A 219 -9.85 12.34 -44.94
CA HIS A 219 -11.08 12.82 -45.57
C HIS A 219 -11.70 11.79 -46.48
N TYR A 220 -10.88 11.27 -47.39
CA TYR A 220 -11.30 10.22 -48.30
C TYR A 220 -11.82 8.98 -47.58
N GLU A 221 -11.13 8.59 -46.50
CA GLU A 221 -11.57 7.43 -45.74
C GLU A 221 -12.92 7.71 -45.03
N LEU A 222 -13.05 8.90 -44.48
CA LEU A 222 -14.31 9.28 -43.84
C LEU A 222 -15.47 9.30 -44.84
N VAL A 223 -15.17 9.72 -46.08
CA VAL A 223 -16.14 9.73 -47.15
C VAL A 223 -16.45 8.30 -47.56
N ALA A 224 -15.40 7.50 -47.75
CA ALA A 224 -15.58 6.09 -47.97
C ALA A 224 -16.41 5.44 -46.84
N SER A 225 -16.17 5.83 -45.59
CA SER A 225 -16.92 5.23 -44.48
C SER A 225 -18.37 5.62 -44.61
N ALA A 226 -18.61 6.90 -44.85
CA ALA A 226 -20.00 7.37 -44.95
C ALA A 226 -20.74 6.69 -46.09
N ALA A 227 -20.08 6.54 -47.23
CA ALA A 227 -20.69 5.92 -48.39
C ALA A 227 -20.98 4.46 -48.09
N ALA A 228 -20.10 3.82 -47.32
CA ALA A 228 -20.30 2.42 -46.94
C ALA A 228 -21.46 2.25 -45.95
N VAL A 229 -21.72 3.24 -45.09
CA VAL A 229 -22.89 3.16 -44.22
C VAL A 229 -24.16 3.13 -45.08
N GLN A 230 -24.26 4.05 -46.04
CA GLN A 230 -25.46 4.18 -46.91
C GLN A 230 -25.64 2.95 -47.78
N LEU A 231 -24.61 2.66 -48.56
CA LEU A 231 -24.56 1.42 -49.32
C LEU A 231 -24.93 0.25 -48.45
N GLY A 232 -24.29 0.16 -47.30
CA GLY A 232 -24.59 -0.92 -46.39
C GLY A 232 -26.06 -0.99 -46.02
N HIS A 233 -26.64 0.14 -45.60
CA HIS A 233 -28.05 0.15 -45.15
C HIS A 233 -29.00 -0.22 -46.28
N GLN A 234 -28.57 0.00 -47.52
CA GLN A 234 -29.33 -0.36 -48.71
C GLN A 234 -29.33 -1.86 -48.94
N ILE A 235 -28.25 -2.53 -48.58
CA ILE A 235 -28.21 -3.96 -48.77
C ILE A 235 -28.99 -4.67 -47.66
N ASN A 236 -28.82 -4.20 -46.42
CA ASN A 236 -29.55 -4.80 -45.31
C ASN A 236 -29.82 -3.72 -44.29
N PRO A 237 -31.09 -3.29 -44.19
CA PRO A 237 -31.46 -2.24 -43.28
C PRO A 237 -31.25 -2.62 -41.82
N ASP A 238 -31.11 -3.91 -41.55
CA ASP A 238 -30.83 -4.39 -40.20
C ASP A 238 -29.36 -4.19 -39.83
N PHE A 239 -28.50 -3.98 -40.82
CA PHE A 239 -27.05 -3.82 -40.56
C PHE A 239 -26.79 -2.65 -39.60
N GLN A 240 -26.00 -2.91 -38.56
CA GLN A 240 -25.49 -1.87 -37.69
C GLN A 240 -24.09 -1.54 -38.12
N ILE A 241 -23.83 -0.31 -38.54
CA ILE A 241 -22.54 0.01 -39.10
C ILE A 241 -21.90 1.11 -38.28
N GLY A 242 -20.71 0.83 -37.76
CA GLY A 242 -20.04 1.79 -36.85
C GLY A 242 -18.67 2.23 -37.32
N CYS A 243 -18.18 3.31 -36.70
CA CYS A 243 -16.77 3.69 -36.79
C CYS A 243 -15.94 2.91 -35.78
N ILE A 245 -12.73 3.91 -33.13
CA ILE A 245 -11.90 4.99 -32.59
C ILE A 245 -10.93 4.41 -31.52
N ALA A 246 -9.66 4.78 -31.60
CA ALA A 246 -8.71 4.52 -30.53
C ALA A 246 -8.93 5.62 -29.52
N CYS A 248 -7.89 7.17 -26.45
CA CYS A 248 -6.92 7.55 -25.45
C CYS A 248 -7.40 8.92 -25.06
N PRO A 249 -7.94 9.06 -23.84
CA PRO A 249 -8.35 10.37 -23.40
C PRO A 249 -7.11 11.13 -22.93
N ILE A 250 -7.15 12.45 -23.07
CA ILE A 250 -6.04 13.35 -22.82
C ILE A 250 -6.43 14.33 -21.72
N TYR A 251 -5.85 14.15 -20.52
CA TYR A 251 -6.11 15.00 -19.36
C TYR A 251 -5.23 16.25 -19.40
N PRO A 252 -5.70 17.37 -18.83
CA PRO A 252 -4.79 18.46 -18.49
C PRO A 252 -3.87 18.06 -17.32
N LEU A 253 -2.61 18.49 -17.35
CA LEU A 253 -1.66 18.06 -16.30
C LEU A 253 -2.07 18.65 -14.96
N THR A 254 -2.56 19.89 -15.04
CA THR A 254 -3.01 20.68 -13.90
C THR A 254 -4.24 21.49 -14.33
N ALA A 255 -4.87 22.11 -13.34
CA ALA A 255 -6.02 22.97 -13.57
C ALA A 255 -5.66 24.34 -14.16
N ALA A 256 -4.41 24.56 -14.58
CA ALA A 256 -4.06 25.84 -15.20
C ALA A 256 -4.99 26.02 -16.41
N PRO A 257 -5.69 27.16 -16.50
CA PRO A 257 -6.58 27.29 -17.66
C PRO A 257 -5.95 26.85 -18.98
N ALA A 258 -4.71 27.23 -19.21
CA ALA A 258 -4.09 27.00 -20.52
C ALA A 258 -3.81 25.53 -20.71
N ASP A 259 -3.55 24.80 -19.63
CA ASP A 259 -3.43 23.35 -19.71
C ASP A 259 -4.78 22.74 -20.06
N VAL A 260 -5.84 23.24 -19.42
CA VAL A 260 -7.18 22.68 -19.63
C VAL A 260 -7.63 22.94 -21.05
N LEU A 261 -7.38 24.15 -21.57
CA LEU A 261 -7.74 24.45 -22.93
C LEU A 261 -6.90 23.59 -23.87
N PHE A 262 -5.59 23.51 -23.63
CA PHE A 262 -4.76 22.76 -24.56
C PHE A 262 -5.25 21.30 -24.69
N ALA A 263 -5.68 20.72 -23.58
CA ALA A 263 -6.14 19.35 -23.55
C ALA A 263 -7.47 19.19 -24.29
N GLN A 264 -8.33 20.18 -24.19
CA GLN A 264 -9.53 20.23 -25.02
C GLN A 264 -9.11 20.17 -26.48
N ARG A 265 -8.20 21.05 -26.90
CA ARG A 265 -7.76 21.06 -28.31
C ARG A 265 -7.09 19.73 -28.73
N ALA A 266 -6.30 19.11 -27.87
CA ALA A 266 -5.81 17.75 -28.15
C ALA A 266 -6.92 16.72 -28.36
N GLN A 268 -10.07 17.43 -29.20
CA GLN A 268 -10.69 17.86 -30.45
C GLN A 268 -9.92 17.36 -31.69
N THR A 269 -8.59 17.42 -31.61
CA THR A 269 -7.71 17.06 -32.73
C THR A 269 -7.68 15.57 -32.94
N ARG A 270 -7.60 14.82 -31.85
CA ARG A 270 -7.55 13.39 -31.87
C ARG A 270 -8.90 12.73 -32.22
N PHE A 271 -10.02 13.42 -31.96
CA PHE A 271 -11.34 12.87 -32.16
C PHE A 271 -12.23 13.64 -33.14
N TYR A 272 -11.66 14.56 -33.93
CA TYR A 272 -12.44 15.14 -35.01
C TYR A 272 -12.99 14.06 -35.89
N PHE A 273 -12.24 12.97 -36.11
CA PHE A 273 -12.70 11.82 -36.89
C PHE A 273 -14.08 11.35 -36.43
N ALA A 274 -14.19 11.06 -35.14
CA ALA A 274 -15.49 10.75 -34.50
C ALA A 274 -16.50 11.88 -34.70
N ASP A 275 -16.06 13.11 -34.68
CA ASP A 275 -17.00 14.22 -34.93
C ASP A 275 -17.64 14.12 -36.32
N VAL A 276 -16.85 13.78 -37.33
CA VAL A 276 -17.34 13.65 -38.70
C VAL A 276 -18.23 12.42 -38.85
N HIS A 277 -17.79 11.30 -38.27
CA HIS A 277 -18.46 10.00 -38.36
C HIS A 277 -19.84 10.11 -37.79
N CYS A 278 -19.94 10.90 -36.71
CA CYS A 278 -21.15 10.99 -35.90
C CYS A 278 -21.99 12.22 -36.19
N ASN A 279 -21.36 13.39 -36.36
CA ASN A 279 -22.14 14.63 -36.63
C ASN A 279 -22.39 14.85 -38.10
N GLY A 280 -21.59 14.21 -38.95
CA GLY A 280 -21.75 14.35 -40.38
C GLY A 280 -21.09 15.59 -40.96
N THR A 281 -20.36 16.34 -40.12
CA THR A 281 -19.64 17.54 -40.58
C THR A 281 -18.31 17.76 -39.87
N TYR A 282 -17.44 18.50 -40.55
CA TYR A 282 -16.16 18.93 -39.99
C TYR A 282 -16.37 20.00 -38.91
N PRO A 283 -15.76 19.82 -37.71
CA PRO A 283 -15.82 20.94 -36.77
C PRO A 283 -15.24 22.19 -37.40
N GLN A 284 -15.77 23.35 -37.01
CA GLN A 284 -15.41 24.57 -37.65
C GLN A 284 -13.96 25.00 -37.33
N TRP A 285 -13.42 24.61 -36.19
CA TRP A 285 -12.05 24.98 -35.86
C TRP A 285 -11.05 24.32 -36.80
N LEU A 286 -11.40 23.12 -37.26
CA LEU A 286 -10.52 22.35 -38.10
C LEU A 286 -10.59 22.85 -39.57
N ARG A 287 -11.79 23.17 -40.04
CA ARG A 287 -11.98 23.86 -41.33
C ARG A 287 -11.16 25.14 -41.39
N ASN A 288 -11.23 25.92 -40.31
CA ASN A 288 -10.35 27.08 -40.12
C ASN A 288 -8.85 26.74 -40.14
N ARG A 289 -8.47 25.63 -39.54
CA ARG A 289 -7.08 25.16 -39.65
C ARG A 289 -6.75 24.82 -41.12
N PHE A 290 -7.59 24.03 -41.79
CA PHE A 290 -7.40 23.77 -43.25
C PHE A 290 -7.14 25.01 -44.09
N GLU A 291 -7.80 26.11 -43.76
CA GLU A 291 -7.65 27.34 -44.54
C GLU A 291 -6.40 28.10 -44.14
N SER A 292 -6.15 28.20 -42.84
CA SER A 292 -5.03 28.98 -42.36
C SER A 292 -3.68 28.31 -42.59
N GLU A 293 -3.66 27.01 -42.82
CA GLU A 293 -2.42 26.33 -43.21
C GLU A 293 -2.32 26.15 -44.72
N HIS A 294 -3.32 26.64 -45.46
CA HIS A 294 -3.37 26.52 -46.92
C HIS A 294 -3.16 25.07 -47.41
N PHE A 295 -3.88 24.12 -46.82
CA PHE A 295 -3.81 22.70 -47.23
C PHE A 295 -4.46 22.48 -48.60
N ASN A 296 -5.38 23.36 -48.98
CA ASN A 296 -6.09 23.24 -50.26
C ASN A 296 -6.54 21.79 -50.52
N LEU A 297 -7.31 21.25 -49.59
CA LEU A 297 -7.65 19.84 -49.69
C LEU A 297 -8.71 19.59 -50.79
N ASP A 298 -8.64 18.41 -51.39
CA ASP A 298 -9.60 17.98 -52.37
C ASP A 298 -10.84 17.56 -51.61
N ILE A 299 -11.76 18.50 -51.39
CA ILE A 299 -13.01 18.24 -50.68
C ILE A 299 -14.15 18.79 -51.51
N THR A 300 -14.99 17.92 -52.05
CA THR A 300 -16.11 18.36 -52.90
C THR A 300 -17.36 18.54 -52.10
N ALA A 301 -18.30 19.31 -52.65
CA ALA A 301 -19.67 19.41 -52.13
C ALA A 301 -20.36 18.06 -52.07
N GLU A 302 -20.13 17.21 -53.08
CA GLU A 302 -20.59 15.83 -53.01
C GLU A 302 -20.05 15.10 -51.77
N ASP A 303 -18.76 15.26 -51.50
CA ASP A 303 -18.16 14.65 -50.32
C ASP A 303 -18.99 14.97 -49.07
N LEU A 304 -19.36 16.25 -48.93
CA LEU A 304 -19.98 16.75 -47.72
C LEU A 304 -21.41 16.23 -47.54
N LYS A 305 -22.13 16.09 -48.64
CA LYS A 305 -23.46 15.51 -48.60
C LYS A 305 -23.41 14.04 -48.21
N ILE A 306 -22.41 13.32 -48.71
CA ILE A 306 -22.23 11.91 -48.39
C ILE A 306 -21.90 11.74 -46.91
N LEU A 307 -20.96 12.53 -46.42
CA LEU A 307 -20.65 12.63 -45.01
C LEU A 307 -21.86 12.89 -44.10
N GLN A 308 -22.81 13.72 -44.56
CA GLN A 308 -23.92 14.08 -43.70
C GLN A 308 -25.04 13.01 -43.73
N ALA A 309 -25.11 12.21 -44.79
CA ALA A 309 -26.11 11.17 -44.85
C ALA A 309 -25.58 9.82 -44.30
N GLY A 310 -24.29 9.71 -44.07
CA GLY A 310 -23.68 8.41 -43.82
C GLY A 310 -23.04 8.28 -42.47
N THR A 311 -23.56 9.04 -41.51
CA THR A 311 -23.12 8.95 -40.13
C THR A 311 -23.45 7.57 -39.56
N VAL A 312 -22.67 7.14 -38.57
CA VAL A 312 -22.67 5.76 -38.10
C VAL A 312 -23.75 5.38 -37.09
N ASP A 313 -23.99 4.07 -36.97
CA ASP A 313 -24.97 3.53 -36.04
C ASP A 313 -24.45 3.40 -34.61
N TYR A 314 -23.15 3.27 -34.45
CA TYR A 314 -22.53 3.10 -33.14
C TYR A 314 -21.04 3.37 -33.24
N ILE A 315 -20.43 3.55 -32.08
CA ILE A 315 -19.03 3.89 -31.98
C ILE A 315 -18.34 2.70 -31.36
N GLY A 316 -17.60 1.97 -32.17
CA GLY A 316 -16.73 0.93 -31.63
C GLY A 316 -15.44 1.61 -31.21
N PHE A 317 -14.85 1.20 -30.10
CA PHE A 317 -13.54 1.74 -29.74
C PHE A 317 -12.64 0.77 -29.05
N SER A 318 -11.36 1.11 -29.05
CA SER A 318 -10.37 0.45 -28.25
C SER A 318 -10.04 1.31 -27.06
N TYR A 319 -9.61 0.66 -25.98
CA TYR A 319 -9.08 1.36 -24.81
C TYR A 319 -7.91 0.61 -24.21
N TYR A 320 -6.85 1.36 -23.93
CA TYR A 320 -5.71 0.85 -23.23
C TYR A 320 -5.10 1.79 -22.21
N SER A 322 -4.51 6.26 -20.91
CA SER A 322 -4.80 7.68 -21.05
C SER A 322 -3.52 8.47 -21.27
N PHE A 323 -3.68 9.66 -21.83
CA PHE A 323 -2.61 10.59 -22.08
C PHE A 323 -2.76 11.80 -21.20
N THR A 324 -1.66 12.52 -21.02
CA THR A 324 -1.65 13.78 -20.36
C THR A 324 -0.84 14.82 -21.14
N VAL A 325 -1.25 16.09 -21.04
CA VAL A 325 -0.57 17.21 -21.67
C VAL A 325 -0.55 18.43 -20.77
N LYS A 326 0.45 19.29 -20.95
CA LYS A 326 0.46 20.65 -20.44
C LYS A 326 0.56 21.62 -21.61
N ASP A 327 0.30 22.90 -21.37
CA ASP A 327 0.34 23.92 -22.44
C ASP A 327 1.77 24.14 -22.92
N THR A 328 1.96 24.04 -24.23
CA THR A 328 3.28 24.17 -24.87
C THR A 328 3.57 25.62 -25.31
N GLY A 329 2.52 26.44 -25.39
CA GLY A 329 2.60 27.80 -25.97
C GLY A 329 2.10 27.79 -27.41
N LYS A 330 1.80 26.61 -27.93
CA LYS A 330 1.64 26.42 -29.37
C LYS A 330 0.16 26.21 -29.73
N LEU A 331 -0.13 26.49 -31.00
CA LEU A 331 -1.49 26.52 -31.50
C LEU A 331 -2.07 25.12 -31.66
N ALA A 332 -1.25 24.23 -32.19
CA ALA A 332 -1.69 22.93 -32.58
C ALA A 332 -1.11 21.89 -31.62
N TYR A 333 -1.86 20.81 -31.43
CA TYR A 333 -1.42 19.59 -30.74
C TYR A 333 -0.67 18.61 -31.68
N ASN A 334 0.60 18.38 -31.38
CA ASN A 334 1.40 17.39 -32.08
C ASN A 334 1.60 16.26 -31.10
N GLU A 335 0.95 15.15 -31.35
CA GLU A 335 0.96 14.00 -30.46
C GLU A 335 2.34 13.38 -30.23
N GLU A 336 3.25 13.51 -31.19
CA GLU A 336 4.59 12.96 -31.08
C GLU A 336 5.45 13.67 -30.04
N HIS A 337 5.17 14.94 -29.81
CA HIS A 337 6.04 15.79 -29.00
C HIS A 337 5.38 16.39 -27.76
N ASP A 338 4.04 16.37 -27.70
CA ASP A 338 3.30 17.15 -26.68
C ASP A 338 2.82 16.38 -25.45
N LEU A 339 2.94 15.07 -25.45
CA LEU A 339 2.44 14.25 -24.33
C LEU A 339 3.44 14.29 -23.20
N VAL A 340 2.96 14.44 -21.96
CA VAL A 340 3.83 14.39 -20.79
C VAL A 340 3.46 13.20 -19.93
N LYS A 341 4.36 12.89 -19.00
CA LYS A 341 4.12 11.82 -18.01
C LYS A 341 2.95 12.22 -17.10
N ASN A 342 2.08 11.27 -16.76
CA ASN A 342 1.07 11.49 -15.72
C ASN A 342 1.59 10.95 -14.39
N PRO A 343 2.01 11.85 -13.49
CA PRO A 343 2.63 11.42 -12.25
C PRO A 343 1.62 10.93 -11.21
N TYR A 344 0.33 11.03 -11.53
CA TYR A 344 -0.72 10.60 -10.63
C TYR A 344 -1.14 9.16 -10.91
N VAL A 345 -0.68 8.61 -12.02
CA VAL A 345 -0.86 7.19 -12.33
C VAL A 345 0.45 6.43 -12.08
N LYS A 346 0.39 5.44 -11.19
CA LYS A 346 1.59 4.70 -10.80
C LYS A 346 1.52 3.21 -11.16
N ALA A 347 2.64 2.52 -10.97
CA ALA A 347 2.70 1.10 -11.20
C ALA A 347 1.62 0.39 -10.41
N SER A 348 0.84 -0.46 -11.08
CA SER A 348 -0.05 -1.38 -10.40
C SER A 348 0.75 -2.46 -9.68
N ASP A 349 0.04 -3.36 -9.02
CA ASP A 349 0.59 -4.50 -8.31
C ASP A 349 1.45 -5.39 -9.23
N TRP A 350 1.10 -5.43 -10.51
CA TRP A 350 1.80 -6.24 -11.49
C TRP A 350 2.87 -5.48 -12.26
N GLY A 351 3.09 -4.20 -11.94
CA GLY A 351 4.18 -3.42 -12.54
C GLY A 351 3.80 -2.47 -13.67
N TRP A 352 2.80 -2.83 -14.46
CA TRP A 352 2.44 -1.99 -15.60
C TRP A 352 1.45 -0.93 -15.15
N GLN A 353 1.47 0.23 -15.80
CA GLN A 353 0.51 1.28 -15.49
C GLN A 353 -0.77 1.05 -16.30
N VAL A 354 -1.90 1.14 -15.60
CA VAL A 354 -3.19 1.20 -16.25
C VAL A 354 -4.01 2.36 -15.69
N ASP A 355 -5.11 2.67 -16.39
CA ASP A 355 -6.05 3.70 -15.97
C ASP A 355 -7.45 3.22 -16.36
N PRO A 356 -8.00 2.29 -15.56
CA PRO A 356 -9.35 1.85 -15.76
C PRO A 356 -10.40 2.95 -15.59
N VAL A 357 -10.14 3.94 -14.73
CA VAL A 357 -11.08 5.06 -14.53
C VAL A 357 -11.33 5.82 -15.84
N GLY A 358 -10.30 5.95 -16.70
CA GLY A 358 -10.37 6.72 -17.94
C GLY A 358 -11.32 6.11 -18.94
N LEU A 359 -11.51 4.80 -18.84
CA LEU A 359 -12.47 4.12 -19.65
C LEU A 359 -13.89 4.57 -19.28
N ARG A 360 -14.17 4.68 -17.99
CA ARG A 360 -15.46 5.20 -17.53
C ARG A 360 -15.64 6.62 -18.02
N TYR A 361 -14.59 7.43 -17.82
CA TYR A 361 -14.55 8.80 -18.32
C TYR A 361 -14.78 8.86 -19.83
N ALA A 362 -14.17 7.93 -20.55
CA ALA A 362 -14.21 7.92 -22.01
C ALA A 362 -15.62 7.56 -22.45
N ASN A 364 -18.38 8.14 -20.79
CA ASN A 364 -19.27 9.28 -20.56
C ASN A 364 -18.95 10.35 -21.63
N TRP A 365 -17.72 10.41 -22.10
CA TRP A 365 -17.36 11.46 -23.04
C TRP A 365 -17.99 11.20 -24.40
N PHE A 366 -18.00 9.94 -24.84
CA PHE A 366 -18.70 9.54 -26.05
C PHE A 366 -20.22 9.69 -25.95
N THR A 367 -20.80 9.30 -24.82
CA THR A 367 -22.25 9.36 -24.68
C THR A 367 -22.78 10.80 -24.72
N ASP A 368 -22.18 11.68 -23.94
CA ASP A 368 -22.63 13.05 -23.83
C ASP A 368 -22.39 13.87 -25.11
N ARG A 369 -21.46 13.43 -25.94
CA ARG A 369 -21.11 14.13 -27.18
C ARG A 369 -21.94 13.65 -28.36
N TYR A 370 -22.18 12.34 -28.47
CA TYR A 370 -22.83 11.76 -29.65
C TYR A 370 -24.17 11.06 -29.40
N HIS A 371 -24.41 10.53 -28.21
CA HIS A 371 -25.72 9.90 -27.90
C HIS A 371 -25.97 8.70 -28.76
N LEU A 372 -24.90 7.94 -28.97
CA LEU A 372 -24.93 6.75 -29.76
C LEU A 372 -24.52 5.55 -28.91
N PRO A 373 -24.98 4.36 -29.27
CA PRO A 373 -24.45 3.13 -28.68
C PRO A 373 -22.95 2.99 -28.88
N LEU A 374 -22.29 2.36 -27.93
CA LEU A 374 -20.86 2.09 -28.00
C LEU A 374 -20.57 0.60 -27.95
N PHE A 375 -19.43 0.19 -28.47
CA PHE A 375 -19.04 -1.23 -28.53
C PHE A 375 -17.54 -1.23 -28.18
N ILE A 376 -17.19 -1.79 -27.01
CA ILE A 376 -15.79 -1.89 -26.64
C ILE A 376 -15.15 -3.09 -27.34
N VAL A 377 -14.42 -2.84 -28.43
CA VAL A 377 -13.99 -3.95 -29.27
C VAL A 377 -12.49 -4.24 -29.17
N GLU A 378 -11.83 -3.57 -28.23
CA GLU A 378 -10.42 -3.81 -28.01
C GLU A 378 -9.98 -3.29 -26.63
N ASN A 379 -9.53 -4.21 -25.82
CA ASN A 379 -9.08 -3.97 -24.47
C ASN A 379 -8.35 -5.25 -24.07
N GLY A 380 -7.22 -5.13 -23.40
CA GLY A 380 -6.45 -6.32 -23.04
C GLY A 380 -5.08 -6.04 -22.46
N LEU A 381 -4.49 -7.08 -21.88
CA LEU A 381 -3.17 -7.00 -21.31
C LEU A 381 -2.25 -7.87 -22.13
N GLY A 382 -1.19 -7.27 -22.67
CA GLY A 382 -0.06 -7.98 -23.27
C GLY A 382 1.04 -8.22 -22.25
N ALA A 383 1.33 -9.48 -21.97
CA ALA A 383 2.30 -9.90 -20.95
C ALA A 383 2.93 -11.22 -21.33
N ILE A 384 4.08 -11.49 -20.72
CA ILE A 384 4.69 -12.80 -20.79
C ILE A 384 3.90 -13.81 -19.96
N ASP A 385 3.68 -14.99 -20.56
CA ASP A 385 3.05 -16.10 -19.88
C ASP A 385 4.02 -17.26 -19.89
N LYS A 386 4.11 -17.97 -18.76
CA LYS A 386 4.78 -19.25 -18.78
C LYS A 386 3.80 -20.42 -18.72
N LYS A 387 4.02 -21.40 -19.58
CA LYS A 387 3.31 -22.66 -19.51
C LYS A 387 4.10 -23.57 -18.63
N THR A 388 3.47 -24.02 -17.53
CA THR A 388 4.11 -24.89 -16.55
C THR A 388 4.33 -26.30 -17.10
N ALA A 389 5.11 -27.08 -16.36
CA ALA A 389 5.36 -28.50 -16.66
C ALA A 389 4.05 -29.30 -16.83
N ASP A 390 3.06 -28.99 -16.01
CA ASP A 390 1.74 -29.64 -16.11
C ASP A 390 0.79 -28.87 -17.05
N ASN A 391 1.36 -28.03 -17.91
CA ASN A 391 0.65 -27.44 -19.05
C ASN A 391 -0.46 -26.46 -18.70
N GLN A 392 -0.24 -25.68 -17.66
CA GLN A 392 -1.15 -24.61 -17.32
C GLN A 392 -0.48 -23.24 -17.33
N ILE A 393 -1.31 -22.21 -17.47
CA ILE A 393 -0.88 -20.83 -17.45
C ILE A 393 -1.72 -20.14 -16.37
N HIS A 394 -1.08 -19.79 -15.27
CA HIS A 394 -1.74 -19.14 -14.15
C HIS A 394 -1.64 -17.63 -14.33
N ASP A 395 -2.53 -17.09 -15.15
CA ASP A 395 -2.43 -15.72 -15.59
C ASP A 395 -3.44 -14.85 -14.82
N ASP A 396 -3.26 -14.80 -13.51
CA ASP A 396 -4.13 -13.96 -12.70
C ASP A 396 -3.84 -12.47 -12.85
N TYR A 397 -2.67 -12.13 -13.39
CA TYR A 397 -2.34 -10.74 -13.79
C TYR A 397 -3.24 -10.30 -14.94
N ARG A 398 -3.60 -11.24 -15.82
CA ARG A 398 -4.56 -10.95 -16.89
C ARG A 398 -6.01 -10.89 -16.37
N ILE A 399 -6.36 -11.79 -15.45
CA ILE A 399 -7.67 -11.77 -14.79
C ILE A 399 -7.91 -10.43 -14.06
N ASP A 400 -6.91 -9.99 -13.30
CA ASP A 400 -6.99 -8.72 -12.58
C ASP A 400 -7.14 -7.56 -13.55
N TYR A 401 -6.26 -7.51 -14.55
CA TYR A 401 -6.33 -6.46 -15.55
C TYR A 401 -7.75 -6.32 -16.07
N LEU A 402 -8.29 -7.41 -16.60
CA LEU A 402 -9.63 -7.38 -17.18
C LEU A 402 -10.69 -7.04 -16.14
N THR A 403 -10.54 -7.54 -14.92
CA THR A 403 -11.45 -7.22 -13.82
C THR A 403 -11.50 -5.72 -13.52
N ASP A 404 -10.33 -5.08 -13.43
CA ASP A 404 -10.24 -3.67 -13.07
C ASP A 404 -10.96 -2.82 -14.13
N HIS A 405 -10.82 -3.23 -15.38
CA HIS A 405 -11.45 -2.54 -16.47
C HIS A 405 -12.92 -2.83 -16.50
N LEU A 406 -13.28 -4.11 -16.37
CA LEU A 406 -14.68 -4.49 -16.33
C LEU A 406 -15.47 -3.82 -15.20
N ARG A 407 -14.80 -3.53 -14.09
CA ARG A 407 -15.44 -2.84 -12.95
C ARG A 407 -15.96 -1.48 -13.39
N GLN A 408 -15.10 -0.75 -14.08
CA GLN A 408 -15.40 0.61 -14.51
C GLN A 408 -16.44 0.60 -15.62
N ILE A 409 -16.36 -0.38 -16.49
CA ILE A 409 -17.34 -0.57 -17.54
C ILE A 409 -18.70 -0.86 -16.93
N LYS A 410 -18.72 -1.73 -15.92
CA LYS A 410 -19.94 -2.05 -15.21
C LYS A 410 -20.55 -0.81 -14.53
N LEU A 411 -19.70 0.06 -14.01
CA LEU A 411 -20.19 1.33 -13.46
C LEU A 411 -20.76 2.24 -14.55
N ALA A 412 -20.06 2.33 -15.68
CA ALA A 412 -20.46 3.21 -16.77
C ALA A 412 -21.86 2.84 -17.28
N VAL A 413 -22.13 1.54 -17.33
CA VAL A 413 -23.39 1.01 -17.87
C VAL A 413 -24.55 1.03 -16.87
N LEU A 414 -24.33 0.44 -15.69
CA LEU A 414 -25.37 0.33 -14.67
C LEU A 414 -25.66 1.63 -13.92
N GLU A 415 -24.63 2.40 -13.57
CA GLU A 415 -24.84 3.67 -12.82
C GLU A 415 -24.96 4.84 -13.80
N ASP A 416 -23.97 5.01 -14.68
CA ASP A 416 -23.97 6.11 -15.61
C ASP A 416 -24.95 5.93 -16.78
N GLY A 417 -25.41 4.71 -17.05
CA GLY A 417 -26.45 4.48 -18.06
C GLY A 417 -25.98 4.54 -19.50
N VAL A 418 -24.66 4.41 -19.68
CA VAL A 418 -24.08 4.35 -21.01
C VAL A 418 -24.55 3.12 -21.76
N ASP A 419 -24.81 3.28 -23.04
CA ASP A 419 -25.41 2.24 -23.85
C ASP A 419 -24.30 1.44 -24.53
N LEU A 420 -23.94 0.29 -23.96
CA LEU A 420 -22.88 -0.53 -24.45
C LEU A 420 -23.46 -1.81 -25.05
N ILE A 421 -23.18 -2.00 -26.34
CA ILE A 421 -23.60 -3.19 -27.09
C ILE A 421 -22.94 -4.46 -26.54
N GLY A 422 -21.67 -4.31 -26.16
CA GLY A 422 -20.85 -5.45 -25.84
C GLY A 422 -19.42 -5.13 -25.46
N TYR A 423 -18.62 -6.19 -25.34
CA TYR A 423 -17.24 -6.13 -24.85
C TYR A 423 -16.50 -7.34 -25.38
N THR A 424 -15.46 -7.09 -26.18
CA THR A 424 -14.67 -8.14 -26.77
C THR A 424 -13.18 -7.88 -26.54
N PRO A 425 -12.58 -8.52 -25.50
CA PRO A 425 -11.19 -8.33 -25.17
C PRO A 425 -10.28 -8.71 -26.29
N TRP A 426 -9.20 -7.97 -26.43
CA TRP A 426 -8.32 -8.12 -27.56
C TRP A 426 -7.46 -9.34 -27.52
N GLY A 427 -7.34 -9.97 -28.68
CA GLY A 427 -6.47 -11.11 -28.85
C GLY A 427 -6.87 -12.26 -27.98
N CYS A 428 -8.14 -12.67 -28.09
CA CYS A 428 -8.69 -13.68 -27.19
C CYS A 428 -7.89 -14.97 -27.28
N ILE A 429 -7.35 -15.23 -28.45
CA ILE A 429 -6.41 -16.32 -28.65
C ILE A 429 -5.09 -15.64 -28.98
N ASP A 430 -3.99 -16.11 -28.41
CA ASP A 430 -2.68 -15.48 -28.59
C ASP A 430 -2.43 -15.35 -30.09
N LEU A 431 -2.08 -14.14 -30.50
CA LEU A 431 -1.80 -13.84 -31.89
C LEU A 431 -0.54 -13.03 -31.99
N VAL A 432 -0.17 -12.67 -33.23
CA VAL A 432 1.02 -11.88 -33.49
C VAL A 432 0.75 -10.44 -33.03
N ALA A 433 1.63 -9.88 -32.20
CA ALA A 433 1.44 -8.53 -31.69
C ALA A 433 1.78 -7.50 -32.76
N ALA A 434 0.95 -6.48 -32.90
CA ALA A 434 1.14 -5.44 -33.92
C ALA A 434 2.43 -4.66 -33.75
N SER A 435 2.76 -4.34 -32.50
CA SER A 435 3.87 -3.42 -32.20
C SER A 435 5.19 -4.07 -32.59
N THR A 436 5.35 -5.35 -32.27
CA THR A 436 6.64 -6.02 -32.49
C THR A 436 6.59 -7.24 -33.40
N GLY A 437 5.43 -7.85 -33.54
CA GLY A 437 5.34 -9.10 -34.29
C GLY A 437 5.83 -10.28 -33.48
N GLN A 438 5.93 -10.09 -32.16
CA GLN A 438 6.31 -11.14 -31.24
C GLN A 438 5.07 -11.93 -30.86
N SER A 440 5.52 -13.60 -28.20
CA SER A 440 5.91 -13.57 -26.80
C SER A 440 5.04 -12.58 -25.98
N LYS A 441 4.70 -11.45 -26.59
CA LYS A 441 3.74 -10.49 -26.02
C LYS A 441 2.30 -11.00 -26.22
N ARG A 442 1.75 -11.62 -25.19
CA ARG A 442 0.50 -12.41 -25.31
C ARG A 442 -0.63 -11.69 -24.66
N TYR A 443 -1.79 -11.74 -25.33
CA TYR A 443 -3.03 -11.17 -24.83
C TYR A 443 -4.09 -12.22 -24.49
N GLY A 444 -3.89 -13.47 -24.93
CA GLY A 444 -5.02 -14.41 -25.01
C GLY A 444 -5.52 -15.09 -23.75
N PHE A 445 -6.76 -15.60 -23.87
CA PHE A 445 -7.36 -16.57 -22.96
C PHE A 445 -6.85 -17.94 -23.32
N ILE A 446 -6.41 -18.08 -24.58
CA ILE A 446 -5.86 -19.31 -25.13
C ILE A 446 -4.38 -19.13 -25.49
N TYR A 447 -3.55 -19.97 -24.87
CA TYR A 447 -2.13 -20.00 -25.10
C TYR A 447 -1.82 -20.78 -26.35
N VAL A 448 -1.06 -20.19 -27.27
CA VAL A 448 -0.59 -20.88 -28.47
C VAL A 448 0.90 -21.12 -28.37
N ASP A 449 1.30 -22.39 -28.43
CA ASP A 449 2.67 -22.80 -28.22
C ASP A 449 3.47 -22.47 -29.48
N GLU A 450 3.75 -21.18 -29.61
CA GLU A 450 4.60 -20.69 -30.65
C GLU A 450 5.59 -19.65 -30.09
N ASN A 451 6.84 -19.79 -30.51
CA ASN A 451 7.91 -18.86 -30.18
C ASN A 451 7.99 -17.76 -31.19
N ASP A 452 8.77 -16.73 -30.86
CA ASP A 452 8.83 -15.50 -31.62
C ASP A 452 9.41 -15.72 -33.01
N ASP A 453 10.35 -16.67 -33.13
CA ASP A 453 10.89 -17.11 -34.43
C ASP A 453 9.94 -18.03 -35.21
N GLY A 454 8.71 -18.22 -34.73
CA GLY A 454 7.69 -19.01 -35.43
C GLY A 454 7.73 -20.52 -35.19
N SER A 455 8.75 -20.98 -34.46
CA SER A 455 8.86 -22.39 -34.13
C SER A 455 7.85 -22.78 -33.04
N GLY A 456 7.78 -24.08 -32.77
CA GLY A 456 6.85 -24.62 -31.79
C GLY A 456 5.76 -25.39 -32.49
N SER A 457 5.00 -26.14 -31.69
CA SER A 457 3.92 -27.01 -32.18
C SER A 457 2.66 -26.28 -32.59
N LEU A 458 2.49 -25.04 -32.15
CA LEU A 458 1.27 -24.25 -32.34
C LEU A 458 0.02 -24.76 -31.57
N LYS A 459 0.21 -25.68 -30.63
CA LYS A 459 -0.87 -26.27 -29.83
C LYS A 459 -1.55 -25.25 -28.94
N ARG A 460 -2.87 -25.36 -28.84
CA ARG A 460 -3.70 -24.49 -28.03
C ARG A 460 -3.82 -25.10 -26.63
N TYR A 461 -3.73 -24.25 -25.60
CA TYR A 461 -3.94 -24.63 -24.22
C TYR A 461 -4.75 -23.54 -23.58
N LYS A 462 -5.64 -23.94 -22.67
CA LYS A 462 -6.41 -22.98 -21.91
C LYS A 462 -5.54 -22.29 -20.86
N LYS A 463 -5.67 -20.97 -20.76
CA LYS A 463 -5.14 -20.25 -19.61
C LYS A 463 -6.22 -20.25 -18.49
N ASP A 464 -5.82 -19.95 -17.27
CA ASP A 464 -6.76 -19.86 -16.15
C ASP A 464 -7.78 -18.75 -16.40
N SER A 465 -7.36 -17.68 -17.07
CA SER A 465 -8.28 -16.60 -17.47
C SER A 465 -9.42 -17.09 -18.37
N PHE A 466 -9.18 -18.15 -19.14
CA PHE A 466 -10.22 -18.79 -19.94
C PHE A 466 -11.40 -19.16 -19.06
N THR A 467 -11.10 -19.77 -17.93
CA THR A 467 -12.12 -20.23 -16.99
C THR A 467 -12.85 -19.06 -16.30
N TRP A 468 -12.09 -18.01 -15.96
CA TRP A 468 -12.63 -16.87 -15.28
C TRP A 468 -13.59 -16.13 -16.23
N PHE A 469 -13.22 -16.04 -17.50
CA PHE A 469 -14.07 -15.34 -18.43
C PHE A 469 -15.30 -16.11 -18.83
N GLN A 470 -15.21 -17.44 -18.87
CA GLN A 470 -16.37 -18.31 -19.09
C GLN A 470 -17.42 -18.02 -18.03
N HIS A 471 -16.97 -17.93 -16.79
CA HIS A 471 -17.89 -17.73 -15.66
C HIS A 471 -18.55 -16.35 -15.71
N VAL A 472 -17.82 -15.36 -16.20
CA VAL A 472 -18.32 -13.99 -16.33
C VAL A 472 -19.43 -13.95 -17.36
N ILE A 473 -19.21 -14.58 -18.50
CA ILE A 473 -20.24 -14.70 -19.53
C ILE A 473 -21.42 -15.50 -19.01
N ALA A 474 -21.16 -16.65 -18.40
CA ALA A 474 -22.24 -17.50 -17.86
C ALA A 474 -23.09 -16.78 -16.78
N THR A 475 -22.54 -15.79 -16.10
CA THR A 475 -23.31 -15.01 -15.11
C THR A 475 -23.67 -13.60 -15.60
N ASN A 476 -23.39 -13.31 -16.86
CA ASN A 476 -23.64 -11.99 -17.45
C ASN A 476 -23.08 -10.84 -16.62
N GLY A 477 -21.86 -11.08 -16.11
CA GLY A 477 -21.12 -10.08 -15.35
C GLY A 477 -21.64 -9.75 -13.97
N ALA A 478 -22.56 -10.54 -13.43
CA ALA A 478 -23.23 -10.19 -12.15
C ALA A 478 -22.27 -10.09 -10.96
N GLU A 479 -21.25 -10.96 -10.94
CA GLU A 479 -20.34 -11.05 -9.78
C GLU A 479 -19.29 -9.93 -9.70
N ILE A 480 -19.17 -9.13 -10.76
CA ILE A 480 -18.12 -8.09 -10.78
C ILE A 480 -18.48 -7.00 -9.77
N GLU A 481 -17.53 -6.66 -8.88
CA GLU A 481 -17.80 -5.79 -7.72
C GLU A 481 -16.85 -4.60 -7.66
N THR B 5 -2.42 37.28 -37.55
CA THR B 5 -3.07 37.31 -36.22
C THR B 5 -4.41 38.05 -36.29
N ILE B 6 -5.10 38.10 -35.16
CA ILE B 6 -6.47 38.64 -35.08
C ILE B 6 -6.53 40.16 -35.09
N LYS B 7 -5.41 40.80 -34.73
CA LYS B 7 -5.24 42.23 -34.83
C LYS B 7 -5.57 42.74 -36.24
N GLY B 8 -6.59 43.60 -36.34
CA GLY B 8 -7.04 44.17 -37.62
C GLY B 8 -8.20 43.41 -38.28
N ARG B 9 -8.68 42.36 -37.63
CA ARG B 9 -9.77 41.57 -38.16
C ARG B 9 -10.98 41.87 -37.30
N ALA B 10 -12.08 42.22 -37.96
CA ALA B 10 -13.34 42.52 -37.31
C ALA B 10 -14.08 41.27 -36.85
N PHE B 11 -14.93 41.45 -35.85
CA PHE B 11 -15.97 40.48 -35.51
C PHE B 11 -16.92 40.37 -36.69
N PRO B 12 -17.79 39.34 -36.72
CA PRO B 12 -18.63 39.15 -37.92
C PRO B 12 -19.64 40.30 -38.13
N GLU B 13 -20.00 40.54 -39.39
CA GLU B 13 -20.96 41.55 -39.76
C GLU B 13 -22.26 41.31 -39.00
N GLY B 14 -22.76 42.33 -38.30
CA GLY B 14 -24.02 42.22 -37.58
C GLY B 14 -23.89 41.69 -36.16
N PHE B 15 -22.66 41.52 -35.67
CA PHE B 15 -22.41 41.14 -34.27
C PHE B 15 -23.16 42.08 -33.33
N LEU B 16 -23.99 41.52 -32.45
CA LEU B 16 -24.77 42.35 -31.53
C LEU B 16 -24.01 42.75 -30.26
N TRP B 17 -23.27 43.84 -30.34
CA TRP B 17 -22.66 44.46 -29.19
C TRP B 17 -23.75 45.15 -28.37
N GLY B 18 -23.72 45.02 -27.03
CA GLY B 18 -24.65 45.79 -26.18
C GLY B 18 -24.34 45.78 -24.68
N GLY B 19 -25.36 45.99 -23.87
CA GLY B 19 -25.17 45.95 -22.42
C GLY B 19 -26.32 45.20 -21.83
N ALA B 20 -26.12 44.54 -20.67
CA ALA B 20 -27.19 43.74 -20.05
C ALA B 20 -27.53 44.20 -18.65
N VAL B 21 -28.81 44.04 -18.29
CA VAL B 21 -29.33 44.39 -16.95
C VAL B 21 -30.48 43.44 -16.65
N ALA B 22 -31.10 43.57 -15.48
CA ALA B 22 -32.35 42.86 -15.18
C ALA B 22 -33.33 43.87 -14.62
N ALA B 23 -34.60 43.80 -15.04
CA ALA B 23 -35.59 44.85 -14.64
C ALA B 23 -35.52 45.18 -13.16
N HIS B 24 -35.50 44.16 -12.32
CA HIS B 24 -35.50 44.39 -10.87
C HIS B 24 -34.23 45.01 -10.32
N GLN B 25 -33.14 44.93 -11.06
CA GLN B 25 -31.90 45.51 -10.55
C GLN B 25 -31.71 46.98 -10.85
N LEU B 26 -32.56 47.54 -11.71
CA LEU B 26 -32.40 48.94 -12.16
C LEU B 26 -33.71 49.79 -12.30
N GLU B 27 -34.83 49.15 -12.59
CA GLU B 27 -36.06 49.94 -12.81
C GLU B 27 -36.42 50.82 -11.66
N GLY B 28 -36.53 50.20 -10.48
CA GLY B 28 -37.31 50.79 -9.41
C GLY B 28 -38.77 50.90 -9.81
N GLY B 29 -39.47 51.89 -9.28
CA GLY B 29 -40.91 52.03 -9.54
C GLY B 29 -41.67 50.75 -9.20
N TYR B 30 -41.35 50.21 -8.02
CA TYR B 30 -41.73 48.84 -7.70
C TYR B 30 -43.23 48.64 -7.43
N LYS B 31 -43.94 49.74 -7.11
CA LYS B 31 -45.40 49.74 -6.96
C LYS B 31 -46.13 50.47 -8.11
N GLU B 32 -45.36 50.98 -9.08
CA GLU B 32 -45.92 51.85 -10.10
C GLU B 32 -46.76 51.05 -11.06
N GLY B 33 -47.82 51.65 -11.58
CA GLY B 33 -48.66 50.97 -12.59
C GLY B 33 -49.25 49.62 -12.16
N GLY B 34 -49.56 49.49 -10.89
CA GLY B 34 -50.15 48.27 -10.35
C GLY B 34 -49.20 47.07 -10.31
N LYS B 35 -47.88 47.34 -10.37
CA LYS B 35 -46.87 46.27 -10.34
C LYS B 35 -46.93 45.49 -9.03
N GLY B 36 -46.91 44.16 -9.14
CA GLY B 36 -46.93 43.28 -7.98
C GLY B 36 -45.58 43.22 -7.30
N LEU B 37 -45.57 42.62 -6.12
CA LEU B 37 -44.36 42.46 -5.33
C LEU B 37 -43.62 41.25 -5.89
N SER B 38 -42.33 41.42 -6.16
CA SER B 38 -41.52 40.37 -6.70
C SER B 38 -40.74 39.75 -5.57
N THR B 39 -40.05 38.65 -5.87
CA THR B 39 -39.11 38.03 -4.93
C THR B 39 -37.89 38.91 -4.70
N ALA B 40 -37.54 39.75 -5.67
CA ALA B 40 -36.48 40.76 -5.45
C ALA B 40 -36.92 41.82 -4.43
N ASP B 41 -38.22 42.14 -4.40
CA ASP B 41 -38.78 43.20 -3.53
C ASP B 41 -38.91 42.88 -2.04
N ILE B 42 -38.55 41.66 -1.66
CA ILE B 42 -38.59 41.15 -0.28
C ILE B 42 -37.20 40.81 0.23
N THR B 44 -33.61 42.34 1.74
CA THR B 44 -33.04 43.56 2.29
C THR B 44 -31.63 43.77 1.81
N LEU B 45 -31.01 44.82 2.31
CA LEU B 45 -29.63 45.10 2.03
C LEU B 45 -28.78 44.14 2.85
N GLY B 46 -27.76 43.54 2.23
CA GLY B 46 -26.73 42.79 2.94
C GLY B 46 -25.36 43.23 2.48
N THR B 47 -24.31 42.63 3.05
CA THR B 47 -22.91 42.90 2.69
C THR B 47 -22.24 41.60 2.20
N ASN B 48 -20.92 41.62 2.06
CA ASN B 48 -20.13 40.40 1.77
C ASN B 48 -20.29 39.27 2.80
N GLU B 49 -20.11 39.59 4.07
CA GLU B 49 -20.25 38.60 5.14
C GLU B 49 -21.59 38.78 5.88
N ARG B 50 -22.68 38.90 5.11
CA ARG B 50 -24.02 39.07 5.68
C ARG B 50 -25.11 38.92 4.62
N PRO B 51 -25.74 37.73 4.53
CA PRO B 51 -26.76 37.50 3.51
C PRO B 51 -27.88 38.55 3.48
N ARG B 52 -28.43 38.79 2.29
CA ARG B 52 -29.64 39.62 2.18
C ARG B 52 -30.73 38.92 3.00
N GLU B 53 -31.36 39.64 3.93
CA GLU B 53 -32.51 39.10 4.65
C GLU B 53 -33.67 38.91 3.69
N ILE B 54 -34.33 37.76 3.81
CA ILE B 54 -35.62 37.56 3.16
C ILE B 54 -36.72 37.85 4.19
N THR B 55 -37.70 38.67 3.83
CA THR B 55 -38.83 38.99 4.71
C THR B 55 -40.15 38.61 4.04
N ASP B 56 -41.21 38.46 4.85
CA ASP B 56 -42.52 38.03 4.35
C ASP B 56 -43.37 39.23 3.96
N GLY B 57 -43.16 39.72 2.75
CA GLY B 57 -43.70 41.00 2.34
C GLY B 57 -42.81 42.11 2.86
N VAL B 58 -43.25 43.34 2.68
CA VAL B 58 -42.46 44.51 3.05
C VAL B 58 -42.71 44.84 4.51
N VAL B 59 -41.63 44.79 5.30
CA VAL B 59 -41.68 45.20 6.70
C VAL B 59 -41.17 46.64 6.83
N ALA B 60 -41.75 47.40 7.75
CA ALA B 60 -41.30 48.75 8.04
C ALA B 60 -40.02 48.68 8.87
N GLY B 61 -39.13 49.65 8.68
CA GLY B 61 -37.88 49.71 9.42
C GLY B 61 -36.70 49.11 8.66
N LYS B 62 -37.01 48.29 7.66
CA LYS B 62 -36.01 47.65 6.83
C LYS B 62 -35.87 48.40 5.52
N TYR B 63 -34.65 48.40 4.97
CA TYR B 63 -34.36 48.98 3.65
C TYR B 63 -34.28 47.89 2.59
N TYR B 64 -34.95 48.16 1.48
CA TYR B 64 -35.03 47.26 0.36
C TYR B 64 -34.51 48.01 -0.84
N PRO B 65 -33.27 47.70 -1.28
CA PRO B 65 -32.63 48.49 -2.35
C PRO B 65 -33.27 48.42 -3.74
N ASN B 66 -33.95 47.32 -4.04
CA ASN B 66 -34.67 47.15 -5.31
C ASN B 66 -35.96 47.97 -5.43
N HIS B 67 -36.41 48.58 -4.34
CA HIS B 67 -37.68 49.33 -4.41
C HIS B 67 -37.47 50.55 -5.30
N GLN B 68 -36.37 51.26 -5.04
CA GLN B 68 -35.95 52.46 -5.78
C GLN B 68 -34.93 52.09 -6.90
N ALA B 69 -33.96 51.25 -6.57
CA ALA B 69 -32.82 50.93 -7.46
C ALA B 69 -32.17 52.21 -7.99
N ILE B 70 -31.94 52.32 -9.30
CA ILE B 70 -31.48 53.58 -9.88
C ILE B 70 -32.59 54.38 -10.60
N ASP B 71 -33.86 54.00 -10.40
CA ASP B 71 -35.01 54.71 -11.00
C ASP B 71 -35.01 54.79 -12.56
N PHE B 72 -34.59 53.72 -13.20
CA PHE B 72 -34.60 53.59 -14.66
C PHE B 72 -36.02 53.62 -15.20
N TYR B 73 -36.98 53.21 -14.36
CA TYR B 73 -38.39 53.30 -14.72
C TYR B 73 -38.77 54.72 -15.17
N HIS B 74 -38.27 55.75 -14.50
CA HIS B 74 -38.56 57.14 -14.89
C HIS B 74 -37.42 57.81 -15.65
N ARG B 75 -36.24 57.21 -15.57
CA ARG B 75 -35.05 57.79 -16.18
C ARG B 75 -34.63 57.13 -17.49
N TYR B 76 -35.34 56.11 -17.96
CA TYR B 76 -34.92 55.41 -19.16
C TYR B 76 -34.60 56.34 -20.37
N PRO B 77 -35.34 57.45 -20.54
CA PRO B 77 -34.91 58.30 -21.66
C PRO B 77 -33.47 58.86 -21.53
N GLU B 78 -33.10 59.36 -20.36
CA GLU B 78 -31.73 59.83 -20.14
C GLU B 78 -30.79 58.64 -20.32
N ASP B 79 -31.06 57.53 -19.66
CA ASP B 79 -30.12 56.41 -19.69
C ASP B 79 -29.94 55.81 -21.08
N ILE B 80 -31.02 55.63 -21.82
CA ILE B 80 -30.92 55.09 -23.18
C ILE B 80 -30.12 56.04 -24.09
N GLU B 81 -30.21 57.33 -23.79
CA GLU B 81 -29.39 58.34 -24.45
C GLU B 81 -27.90 57.97 -24.34
N LEU B 82 -27.50 57.52 -23.16
CA LEU B 82 -26.10 57.15 -22.93
C LEU B 82 -25.75 55.87 -23.67
N PHE B 83 -26.64 54.87 -23.64
CA PHE B 83 -26.41 53.62 -24.38
C PHE B 83 -26.25 53.91 -25.87
N ALA B 84 -27.06 54.85 -26.41
CA ALA B 84 -27.03 55.15 -27.85
C ALA B 84 -25.76 55.88 -28.19
N GLU B 85 -25.32 56.76 -27.31
CA GLU B 85 -24.04 57.40 -27.49
C GLU B 85 -22.92 56.38 -27.47
N GLY B 87 -23.21 53.31 -28.44
CA GLY B 87 -23.35 52.74 -29.77
C GLY B 87 -23.92 51.35 -29.77
N PHE B 88 -24.66 51.01 -28.71
CA PHE B 88 -25.19 49.67 -28.54
C PHE B 88 -26.04 49.25 -29.71
N LYS B 89 -25.93 47.96 -30.02
CA LYS B 89 -26.73 47.37 -31.08
C LYS B 89 -27.95 46.67 -30.46
N CYS B 90 -27.86 46.40 -29.17
CA CYS B 90 -28.92 45.71 -28.47
C CYS B 90 -28.85 46.05 -27.00
N PHE B 91 -29.96 45.78 -26.31
CA PHE B 91 -30.09 46.06 -24.90
C PHE B 91 -30.74 44.87 -24.27
N ARG B 92 -30.02 44.23 -23.36
CA ARG B 92 -30.46 42.95 -22.87
C ARG B 92 -31.09 43.13 -21.52
N THR B 93 -32.39 42.92 -21.43
CA THR B 93 -33.09 43.11 -20.17
C THR B 93 -34.21 42.14 -20.00
N SER B 94 -34.80 42.16 -18.82
CA SER B 94 -35.90 41.28 -18.52
C SER B 94 -37.21 42.12 -18.61
N ILE B 95 -38.30 41.47 -18.98
CA ILE B 95 -39.61 42.03 -18.77
C ILE B 95 -40.08 41.62 -17.37
N ALA B 96 -40.29 42.60 -16.51
CA ALA B 96 -40.66 42.37 -15.12
C ALA B 96 -41.98 41.62 -14.99
N TRP B 97 -41.90 40.32 -14.73
CA TRP B 97 -43.10 39.47 -14.58
C TRP B 97 -44.21 40.12 -13.72
N THR B 98 -43.85 40.80 -12.65
CA THR B 98 -44.89 41.42 -11.81
C THR B 98 -45.55 42.65 -12.41
N ARG B 99 -45.00 43.20 -13.49
CA ARG B 99 -45.69 44.31 -14.18
C ARG B 99 -46.74 43.78 -15.16
N ILE B 100 -46.58 42.56 -15.66
CA ILE B 100 -47.52 42.05 -16.65
C ILE B 100 -48.61 41.23 -15.96
N PHE B 101 -48.22 40.44 -14.96
CA PHE B 101 -49.11 39.67 -14.09
C PHE B 101 -48.71 39.85 -12.62
N PRO B 102 -49.20 40.90 -11.94
CA PRO B 102 -48.80 41.23 -10.57
C PRO B 102 -48.82 40.10 -9.53
N ASN B 103 -49.88 39.31 -9.46
CA ASN B 103 -49.94 38.16 -8.56
C ASN B 103 -49.48 36.88 -9.27
N GLY B 104 -49.62 36.87 -10.60
CA GLY B 104 -49.07 35.79 -11.40
C GLY B 104 -50.14 34.86 -11.92
N ASP B 105 -51.29 34.78 -11.26
CA ASP B 105 -52.35 33.86 -11.64
C ASP B 105 -53.61 34.50 -12.20
N GLU B 106 -53.52 35.78 -12.58
CA GLU B 106 -54.66 36.49 -13.18
C GLU B 106 -54.99 35.91 -14.56
N SER B 107 -56.23 36.13 -15.00
CA SER B 107 -56.69 35.69 -16.31
C SER B 107 -56.31 36.70 -17.39
N GLU B 108 -56.17 37.97 -17.01
CA GLU B 108 -55.76 39.02 -17.96
C GLU B 108 -54.47 39.71 -17.55
N PRO B 109 -53.67 40.16 -18.55
CA PRO B 109 -52.46 40.90 -18.27
C PRO B 109 -52.75 42.33 -17.78
N ASN B 110 -51.74 42.98 -17.20
CA ASN B 110 -51.87 44.35 -16.74
C ASN B 110 -51.46 45.26 -17.89
N GLU B 111 -52.41 46.09 -18.32
CA GLU B 111 -52.22 46.96 -19.49
C GLU B 111 -51.15 48.03 -19.30
N ALA B 112 -50.94 48.51 -18.07
CA ALA B 112 -49.96 49.58 -17.84
C ALA B 112 -48.52 49.06 -17.86
N GLY B 113 -48.27 47.88 -17.30
CA GLY B 113 -46.97 47.26 -17.41
C GLY B 113 -46.59 46.97 -18.85
N LEU B 114 -47.55 46.45 -19.61
CA LEU B 114 -47.35 46.19 -21.00
C LEU B 114 -46.97 47.46 -21.76
N GLN B 115 -47.62 48.57 -21.44
CA GLN B 115 -47.36 49.86 -22.07
C GLN B 115 -46.03 50.45 -21.65
N PHE B 116 -45.56 50.13 -20.45
CA PHE B 116 -44.22 50.51 -20.07
C PHE B 116 -43.18 49.92 -21.00
N TYR B 117 -43.29 48.61 -21.24
CA TYR B 117 -42.33 47.96 -22.12
C TYR B 117 -42.50 48.40 -23.59
N ASP B 118 -43.72 48.75 -24.01
CA ASP B 118 -43.87 49.43 -25.31
C ASP B 118 -43.05 50.72 -25.39
N ASP B 119 -43.18 51.54 -24.36
CA ASP B 119 -42.48 52.81 -24.28
C ASP B 119 -40.97 52.57 -24.24
N LEU B 120 -40.54 51.62 -23.40
CA LEU B 120 -39.10 51.33 -23.26
C LEU B 120 -38.50 50.80 -24.54
N PHE B 121 -39.20 49.84 -25.14
CA PHE B 121 -38.69 49.19 -26.33
C PHE B 121 -38.67 50.18 -27.51
N ASP B 122 -39.73 50.98 -27.64
CA ASP B 122 -39.78 51.97 -28.72
C ASP B 122 -38.63 52.96 -28.53
N GLU B 123 -38.35 53.31 -27.27
CA GLU B 123 -37.21 54.19 -26.98
C GLU B 123 -35.87 53.60 -27.41
N CYS B 124 -35.71 52.29 -27.23
CA CYS B 124 -34.55 51.57 -27.70
C CYS B 124 -34.50 51.53 -29.23
N LEU B 125 -35.64 51.23 -29.86
CA LEU B 125 -35.68 51.00 -31.32
C LEU B 125 -35.54 52.27 -32.13
N LYS B 126 -36.00 53.40 -31.60
CA LYS B 126 -35.81 54.66 -32.30
C LYS B 126 -34.33 55.05 -32.38
N ASN B 127 -33.52 54.49 -31.46
CA ASN B 127 -32.06 54.71 -31.48
C ASN B 127 -31.22 53.58 -32.09
N GLY B 128 -31.82 52.70 -32.91
CA GLY B 128 -31.10 51.53 -33.47
C GLY B 128 -30.70 50.41 -32.47
N ILE B 129 -31.38 50.35 -31.33
CA ILE B 129 -31.07 49.38 -30.28
C ILE B 129 -32.22 48.40 -30.18
N GLN B 130 -31.99 47.13 -30.54
CA GLN B 130 -33.02 46.12 -30.40
C GLN B 130 -33.01 45.48 -28.99
N PRO B 131 -34.17 45.48 -28.30
CA PRO B 131 -34.27 44.75 -27.04
C PRO B 131 -34.02 43.25 -27.20
N VAL B 132 -33.36 42.65 -26.20
CA VAL B 132 -33.18 41.21 -26.06
C VAL B 132 -33.76 40.82 -24.69
N VAL B 133 -34.78 39.96 -24.67
CA VAL B 133 -35.59 39.82 -23.47
C VAL B 133 -35.46 38.49 -22.79
N THR B 134 -35.27 38.53 -21.49
CA THR B 134 -35.33 37.33 -20.68
C THR B 134 -36.64 37.38 -19.93
N LEU B 135 -37.43 36.31 -20.00
CA LEU B 135 -38.76 36.33 -19.41
C LEU B 135 -38.74 36.16 -17.89
N ALA B 136 -38.04 35.15 -17.40
CA ALA B 136 -37.86 34.95 -15.94
C ALA B 136 -36.42 35.30 -15.63
N HIS B 137 -36.25 36.31 -14.78
CA HIS B 137 -34.96 36.77 -14.36
C HIS B 137 -35.00 37.17 -12.85
N PHE B 138 -35.25 36.18 -12.01
CA PHE B 138 -35.16 36.28 -10.55
C PHE B 138 -36.11 37.29 -9.98
N GLU B 139 -37.31 37.38 -10.52
CA GLU B 139 -38.21 38.43 -10.14
C GLU B 139 -39.64 38.00 -10.33
N PRO B 141 -43.53 36.67 -9.23
CA PRO B 141 -44.45 37.22 -8.24
C PRO B 141 -44.35 36.53 -6.90
N TYR B 142 -44.22 37.32 -5.85
CA TYR B 142 -44.22 36.78 -4.51
C TYR B 142 -45.53 36.08 -4.17
N HIS B 143 -46.64 36.45 -4.82
CA HIS B 143 -47.91 35.72 -4.67
C HIS B 143 -47.76 34.24 -5.01
N LEU B 144 -47.05 33.95 -6.09
CA LEU B 144 -46.79 32.56 -6.50
C LEU B 144 -45.90 31.76 -5.52
N VAL B 145 -44.89 32.42 -4.96
CA VAL B 145 -44.02 31.79 -3.95
C VAL B 145 -44.84 31.43 -2.71
N LYS B 146 -45.58 32.41 -2.22
CA LYS B 146 -46.34 32.30 -0.96
C LYS B 146 -47.47 31.29 -1.02
N GLN B 147 -48.27 31.36 -2.09
CA GLN B 147 -49.53 30.61 -2.15
C GLN B 147 -49.49 29.29 -2.90
N TYR B 148 -48.56 29.17 -3.84
CA TYR B 148 -48.38 27.97 -4.63
C TYR B 148 -47.14 27.16 -4.21
N GLY B 149 -46.20 27.77 -3.48
CA GLY B 149 -44.88 27.15 -3.23
C GLY B 149 -43.91 27.30 -4.40
N GLY B 150 -44.09 28.36 -5.19
CA GLY B 150 -43.26 28.60 -6.36
C GLY B 150 -43.22 27.41 -7.32
N TRP B 151 -42.06 27.15 -7.91
CA TRP B 151 -41.96 26.09 -8.90
C TRP B 151 -42.00 24.65 -8.34
N ARG B 152 -42.30 24.47 -7.06
CA ARG B 152 -42.74 23.16 -6.57
C ARG B 152 -44.02 22.69 -7.26
N ASN B 153 -44.75 23.64 -7.83
CA ASN B 153 -46.08 23.40 -8.27
C ASN B 153 -46.26 23.41 -9.78
N ARG B 154 -46.94 22.38 -10.29
CA ARG B 154 -47.12 22.21 -11.71
C ARG B 154 -47.87 23.37 -12.32
N LYS B 155 -48.70 24.04 -11.52
CA LYS B 155 -49.56 25.11 -12.01
C LYS B 155 -48.79 26.28 -12.55
N LEU B 156 -47.57 26.48 -12.03
CA LEU B 156 -46.72 27.54 -12.56
C LEU B 156 -46.36 27.42 -14.03
N ILE B 157 -46.47 26.23 -14.62
CA ILE B 157 -46.11 26.07 -16.05
C ILE B 157 -47.02 26.95 -16.90
N GLN B 158 -48.32 26.75 -16.73
CA GLN B 158 -49.36 27.57 -17.37
C GLN B 158 -49.22 29.06 -16.99
N PHE B 159 -49.00 29.37 -15.71
CA PHE B 159 -48.80 30.79 -15.34
C PHE B 159 -47.68 31.42 -16.18
N TYR B 160 -46.56 30.71 -16.29
CA TYR B 160 -45.44 31.16 -17.11
C TYR B 160 -45.87 31.32 -18.55
N LEU B 161 -46.60 30.34 -19.09
CA LEU B 161 -47.08 30.39 -20.47
C LEU B 161 -48.05 31.55 -20.72
N ASN B 162 -48.96 31.81 -19.80
CA ASN B 162 -49.81 33.00 -19.94
C ASN B 162 -48.96 34.27 -20.03
N PHE B 163 -47.92 34.35 -19.20
CA PHE B 163 -46.98 35.47 -19.23
C PHE B 163 -46.25 35.56 -20.58
N ALA B 164 -45.73 34.42 -21.05
CA ALA B 164 -44.92 34.34 -22.27
C ALA B 164 -45.73 34.69 -23.50
N LYS B 165 -46.90 34.06 -23.61
CA LYS B 165 -47.82 34.33 -24.72
C LYS B 165 -48.05 35.84 -24.86
N VAL B 166 -48.49 36.45 -23.78
CA VAL B 166 -48.78 37.88 -23.80
C VAL B 166 -47.59 38.69 -24.30
N CYS B 167 -46.39 38.34 -23.83
CA CYS B 167 -45.19 39.12 -24.18
C CYS B 167 -44.78 38.91 -25.61
N PHE B 168 -44.93 37.67 -26.11
CA PHE B 168 -44.58 37.36 -27.49
C PHE B 168 -45.51 38.15 -28.41
N GLU B 169 -46.82 38.05 -28.16
CA GLU B 169 -47.83 38.77 -28.95
C GLU B 169 -47.63 40.28 -28.92
N ARG B 170 -47.53 40.85 -27.71
CA ARG B 170 -47.40 42.32 -27.60
C ARG B 170 -46.15 42.86 -28.32
N TYR B 171 -45.02 42.15 -28.19
CA TYR B 171 -43.72 42.64 -28.66
C TYR B 171 -43.20 41.90 -29.89
N ARG B 172 -44.15 41.32 -30.64
CA ARG B 172 -43.87 40.46 -31.79
C ARG B 172 -43.08 41.15 -32.91
N ASP B 173 -43.31 42.45 -33.09
CA ASP B 173 -42.61 43.22 -34.12
C ASP B 173 -41.40 43.94 -33.50
N LYS B 174 -41.14 43.74 -32.22
CA LYS B 174 -40.14 44.56 -31.53
C LYS B 174 -39.00 43.78 -30.90
N VAL B 175 -39.13 42.47 -30.77
CA VAL B 175 -38.09 41.62 -30.17
C VAL B 175 -37.85 40.35 -30.97
N THR B 176 -36.59 40.11 -31.38
CA THR B 176 -36.22 38.91 -32.13
C THR B 176 -35.70 37.87 -31.14
N TYR B 177 -34.71 38.25 -30.32
CA TYR B 177 -34.11 37.33 -29.34
C TYR B 177 -34.81 37.31 -27.98
N TRP B 178 -35.15 36.10 -27.54
CA TRP B 178 -35.76 35.85 -26.24
C TRP B 178 -34.99 34.74 -25.55
N THR B 180 -35.63 32.12 -21.92
CA THR B 180 -36.70 31.71 -21.04
C THR B 180 -36.42 31.91 -19.54
N PHE B 181 -35.38 31.26 -19.01
CA PHE B 181 -35.04 31.30 -17.57
C PHE B 181 -33.57 31.69 -17.35
N ASN B 182 -33.35 32.86 -16.77
CA ASN B 182 -32.00 33.33 -16.44
C ASN B 182 -31.24 32.33 -15.57
N GLU B 183 -29.95 32.13 -15.88
CA GLU B 183 -29.06 31.26 -15.08
C GLU B 183 -29.81 30.10 -14.40
N ILE B 184 -30.55 29.33 -15.20
CA ILE B 184 -31.39 28.25 -14.69
C ILE B 184 -30.63 27.21 -13.84
N ASN B 185 -29.31 27.20 -13.95
CA ASN B 185 -28.49 26.15 -13.34
C ASN B 185 -27.73 26.63 -12.11
N ASN B 186 -27.97 27.85 -11.64
CA ASN B 186 -27.52 28.25 -10.29
C ASN B 186 -28.04 27.28 -9.21
N GLN B 187 -29.25 26.77 -9.37
CA GLN B 187 -29.83 25.87 -8.37
C GLN B 187 -29.16 24.47 -8.31
N THR B 188 -28.19 24.23 -9.17
CA THR B 188 -27.23 23.15 -8.96
C THR B 188 -26.78 23.18 -7.49
N ASN B 189 -26.49 24.38 -6.98
CA ASN B 189 -26.18 24.52 -5.58
C ASN B 189 -27.49 24.56 -4.82
N PHE B 190 -28.05 23.37 -4.62
CA PHE B 190 -29.35 23.22 -3.95
C PHE B 190 -29.29 23.59 -2.47
N GLU B 191 -28.10 23.61 -1.89
CA GLU B 191 -27.93 24.17 -0.55
C GLU B 191 -27.95 25.72 -0.52
N SER B 192 -28.04 26.38 -1.67
CA SER B 192 -28.02 27.84 -1.72
C SER B 192 -29.45 28.38 -1.70
N ASP B 193 -29.81 29.06 -0.61
CA ASP B 193 -31.16 29.61 -0.43
C ASP B 193 -31.45 30.72 -1.45
N GLY B 194 -30.42 31.47 -1.81
CA GLY B 194 -30.53 32.53 -2.78
C GLY B 194 -30.80 31.97 -4.15
N ALA B 195 -29.99 30.99 -4.54
CA ALA B 195 -30.20 30.31 -5.81
C ALA B 195 -31.60 29.70 -5.89
N LEU B 197 -34.40 30.50 -4.25
CA LEU B 197 -35.40 31.53 -4.35
C LEU B 197 -35.40 32.20 -5.72
N THR B 198 -34.22 32.54 -6.22
CA THR B 198 -34.14 33.31 -7.46
C THR B 198 -34.51 32.47 -8.66
N ASP B 199 -34.03 31.23 -8.71
CA ASP B 199 -34.36 30.35 -9.85
C ASP B 199 -35.77 29.80 -9.81
N SER B 200 -36.23 29.42 -8.61
CA SER B 200 -37.39 28.54 -8.51
C SER B 200 -38.46 28.98 -7.50
N GLY B 201 -38.29 30.15 -6.90
CA GLY B 201 -39.29 30.67 -5.94
C GLY B 201 -39.53 29.74 -4.74
N ILE B 202 -38.46 29.10 -4.29
CA ILE B 202 -38.52 28.12 -3.22
C ILE B 202 -37.94 28.75 -1.97
N ILE B 203 -38.78 29.05 -0.99
CA ILE B 203 -38.32 29.25 0.37
C ILE B 203 -38.43 27.88 1.03
N HIS B 204 -37.32 27.41 1.60
CA HIS B 204 -37.20 26.10 2.24
C HIS B 204 -38.24 25.87 3.34
N GLN B 205 -38.84 24.68 3.35
CA GLN B 205 -39.68 24.20 4.45
C GLN B 205 -38.90 23.09 5.19
N PRO B 206 -38.72 23.17 6.52
CA PRO B 206 -37.97 22.08 7.18
C PRO B 206 -38.65 20.71 7.01
N GLY B 207 -37.83 19.66 6.96
CA GLY B 207 -38.29 18.33 6.51
C GLY B 207 -38.04 18.09 5.02
N GLU B 208 -37.93 19.15 4.21
CA GLU B 208 -37.85 19.01 2.75
C GLU B 208 -36.48 18.54 2.24
N ASN B 209 -36.46 17.57 1.32
CA ASN B 209 -35.23 17.17 0.62
C ASN B 209 -34.90 18.22 -0.43
N ARG B 210 -33.90 19.06 -0.11
CA ARG B 210 -33.55 20.20 -0.95
C ARG B 210 -33.27 19.79 -2.39
N GLU B 211 -32.41 18.80 -2.57
CA GLU B 211 -31.95 18.39 -3.91
C GLU B 211 -33.14 17.89 -4.74
N ARG B 212 -33.98 17.09 -4.11
CA ARG B 212 -35.15 16.53 -4.76
C ARG B 212 -36.08 17.63 -5.25
N TRP B 213 -36.38 18.58 -4.38
CA TRP B 213 -37.28 19.62 -4.79
C TRP B 213 -36.65 20.50 -5.84
N TYR B 215 -34.74 19.40 -8.27
CA TYR B 215 -34.92 18.70 -9.54
C TYR B 215 -36.35 18.77 -10.06
N GLN B 216 -37.31 18.82 -9.14
CA GLN B 216 -38.73 18.83 -9.47
C GLN B 216 -39.12 20.16 -10.07
N ALA B 217 -38.64 21.23 -9.43
CA ALA B 217 -38.94 22.57 -9.83
C ALA B 217 -38.26 22.87 -11.16
N ALA B 218 -37.00 22.44 -11.28
CA ALA B 218 -36.22 22.63 -12.50
C ALA B 218 -36.85 21.87 -13.67
N HIS B 219 -37.42 20.70 -13.39
CA HIS B 219 -38.17 19.98 -14.39
C HIS B 219 -39.32 20.81 -14.97
N TYR B 220 -40.27 21.21 -14.13
CA TYR B 220 -41.36 22.08 -14.58
C TYR B 220 -40.89 23.33 -15.35
N GLU B 221 -39.75 23.90 -14.94
CA GLU B 221 -39.18 25.05 -15.63
C GLU B 221 -38.69 24.64 -17.00
N LEU B 222 -37.90 23.59 -17.06
CA LEU B 222 -37.52 23.03 -18.37
C LEU B 222 -38.76 22.75 -19.27
N VAL B 223 -39.85 22.21 -18.70
CA VAL B 223 -41.07 21.93 -19.49
C VAL B 223 -41.71 23.22 -19.94
N ALA B 224 -41.67 24.24 -19.09
CA ALA B 224 -42.25 25.51 -19.44
C ALA B 224 -41.40 26.16 -20.50
N SER B 225 -40.08 26.05 -20.37
CA SER B 225 -39.18 26.56 -21.40
C SER B 225 -39.43 25.86 -22.71
N ALA B 226 -39.50 24.53 -22.71
CA ALA B 226 -39.79 23.79 -23.94
C ALA B 226 -41.09 24.26 -24.60
N ALA B 227 -42.14 24.34 -23.80
CA ALA B 227 -43.47 24.75 -24.29
C ALA B 227 -43.54 26.19 -24.77
N ALA B 228 -42.67 27.07 -24.24
CA ALA B 228 -42.70 28.49 -24.64
C ALA B 228 -41.90 28.73 -25.91
N VAL B 229 -40.91 27.88 -26.18
CA VAL B 229 -40.20 27.90 -27.46
C VAL B 229 -41.15 27.60 -28.60
N GLN B 230 -41.98 26.58 -28.40
CA GLN B 230 -42.94 26.19 -29.39
C GLN B 230 -43.98 27.30 -29.53
N LEU B 231 -44.58 27.72 -28.44
CA LEU B 231 -45.54 28.85 -28.48
C LEU B 231 -44.96 30.10 -29.17
N GLY B 232 -43.76 30.54 -28.80
CA GLY B 232 -43.16 31.72 -29.46
C GLY B 232 -42.92 31.55 -30.96
N HIS B 233 -42.42 30.39 -31.34
CA HIS B 233 -42.26 30.03 -32.76
C HIS B 233 -43.58 30.02 -33.55
N GLN B 234 -44.67 29.75 -32.86
CA GLN B 234 -45.98 29.76 -33.49
C GLN B 234 -46.48 31.18 -33.68
N ILE B 235 -46.19 32.03 -32.70
CA ILE B 235 -46.54 33.44 -32.70
C ILE B 235 -45.69 34.27 -33.68
N ASN B 236 -44.37 34.08 -33.65
CA ASN B 236 -43.48 34.66 -34.67
C ASN B 236 -42.44 33.62 -34.99
N PRO B 237 -42.55 32.96 -36.16
CA PRO B 237 -41.57 31.94 -36.47
C PRO B 237 -40.16 32.49 -36.67
N ASP B 238 -40.01 33.81 -36.75
CA ASP B 238 -38.66 34.41 -36.88
C ASP B 238 -38.02 34.76 -35.51
N PHE B 239 -38.70 34.45 -34.41
CA PHE B 239 -38.17 34.66 -33.05
C PHE B 239 -37.01 33.70 -32.86
N GLN B 240 -35.99 34.11 -32.14
CA GLN B 240 -34.94 33.21 -31.67
C GLN B 240 -35.14 33.06 -30.19
N ILE B 241 -35.40 31.85 -29.73
CA ILE B 241 -35.67 31.63 -28.33
C ILE B 241 -34.59 30.74 -27.73
N GLY B 242 -33.78 31.32 -26.85
CA GLY B 242 -32.68 30.59 -26.24
C GLY B 242 -32.84 30.23 -24.78
N CYS B 243 -31.93 29.41 -24.27
CA CYS B 243 -31.81 29.23 -22.83
C CYS B 243 -30.82 30.22 -22.30
N ILE B 245 -27.67 29.99 -19.44
CA ILE B 245 -26.87 29.12 -18.60
C ILE B 245 -25.73 29.90 -17.91
N ALA B 246 -25.52 29.66 -16.63
CA ALA B 246 -24.40 30.21 -15.89
C ALA B 246 -23.22 29.28 -16.13
N CYS B 248 -19.93 28.27 -15.49
CA CYS B 248 -18.77 28.10 -14.65
C CYS B 248 -18.16 26.76 -15.03
N PRO B 249 -17.10 26.76 -15.85
CA PRO B 249 -16.47 25.46 -16.17
C PRO B 249 -15.73 24.92 -14.97
N ILE B 250 -15.67 23.61 -14.81
CA ILE B 250 -15.15 22.99 -13.60
C ILE B 250 -13.97 22.15 -14.00
N TYR B 251 -12.78 22.50 -13.49
CA TYR B 251 -11.54 21.87 -13.89
C TYR B 251 -11.13 20.80 -12.88
N PRO B 252 -10.51 19.70 -13.37
CA PRO B 252 -9.88 18.78 -12.44
C PRO B 252 -8.60 19.44 -11.89
N LEU B 253 -8.32 19.24 -10.62
CA LEU B 253 -7.20 19.93 -9.98
C LEU B 253 -5.85 19.42 -10.49
N THR B 254 -5.80 18.10 -10.69
CA THR B 254 -4.65 17.40 -11.23
C THR B 254 -5.12 16.39 -12.29
N ALA B 255 -4.15 15.89 -13.05
CA ALA B 255 -4.39 14.83 -14.02
C ALA B 255 -4.69 13.46 -13.38
N ALA B 256 -4.83 13.37 -12.06
CA ALA B 256 -5.19 12.08 -11.46
C ALA B 256 -6.53 11.63 -12.05
N PRO B 257 -6.61 10.39 -12.57
CA PRO B 257 -7.85 9.95 -13.21
C PRO B 257 -9.12 10.18 -12.40
N ALA B 258 -9.06 9.93 -11.09
CA ALA B 258 -10.21 10.18 -10.20
C ALA B 258 -10.64 11.66 -10.18
N ASP B 259 -9.69 12.59 -10.20
CA ASP B 259 -10.00 14.02 -10.34
C ASP B 259 -10.62 14.39 -11.69
N VAL B 260 -10.16 13.72 -12.74
CA VAL B 260 -10.69 13.99 -14.08
C VAL B 260 -12.12 13.48 -14.17
N LEU B 261 -12.39 12.25 -13.73
CA LEU B 261 -13.77 11.75 -13.74
C LEU B 261 -14.69 12.63 -12.88
N PHE B 262 -14.20 13.10 -11.75
CA PHE B 262 -15.05 13.87 -10.87
C PHE B 262 -15.43 15.20 -11.50
N ALA B 263 -14.50 15.78 -12.25
CA ALA B 263 -14.76 17.04 -12.91
C ALA B 263 -15.77 16.86 -14.05
N GLN B 264 -15.68 15.75 -14.76
CA GLN B 264 -16.71 15.39 -15.75
C GLN B 264 -18.11 15.36 -15.12
N ARG B 265 -18.21 14.67 -14.00
CA ARG B 265 -19.50 14.55 -13.33
C ARG B 265 -19.94 15.86 -12.75
N ALA B 266 -19.00 16.67 -12.27
CA ALA B 266 -19.38 17.96 -11.72
C ALA B 266 -20.06 18.81 -12.78
N GLN B 268 -21.36 17.55 -15.54
CA GLN B 268 -22.61 16.90 -15.98
C GLN B 268 -23.78 17.35 -15.11
N THR B 269 -23.51 17.55 -13.83
CA THR B 269 -24.52 17.89 -12.83
C THR B 269 -25.00 19.32 -13.00
N ARG B 270 -24.06 20.21 -13.20
CA ARG B 270 -24.25 21.61 -13.34
C ARG B 270 -24.84 22.00 -14.69
N PHE B 271 -24.57 21.22 -15.71
CA PHE B 271 -25.04 21.58 -17.04
C PHE B 271 -26.04 20.61 -17.67
N TYR B 272 -26.65 19.71 -16.91
CA TYR B 272 -27.71 18.81 -17.48
C TYR B 272 -28.88 19.63 -17.99
N PHE B 273 -29.10 20.79 -17.36
CA PHE B 273 -30.13 21.70 -17.75
C PHE B 273 -29.93 22.00 -19.21
N ALA B 274 -28.68 22.32 -19.57
CA ALA B 274 -28.31 22.56 -20.95
C ALA B 274 -28.55 21.30 -21.76
N ASP B 275 -28.11 20.17 -21.26
CA ASP B 275 -28.42 18.93 -21.96
C ASP B 275 -29.93 18.88 -22.31
N VAL B 276 -30.81 19.11 -21.33
CA VAL B 276 -32.27 18.99 -21.61
C VAL B 276 -32.78 20.10 -22.55
N HIS B 277 -32.37 21.33 -22.29
CA HIS B 277 -32.68 22.46 -23.17
C HIS B 277 -32.32 22.24 -24.65
N CYS B 278 -31.19 21.57 -24.88
CA CYS B 278 -30.62 21.39 -26.24
C CYS B 278 -30.80 20.00 -26.89
N ASN B 279 -30.59 18.96 -26.10
CA ASN B 279 -30.76 17.58 -26.59
C ASN B 279 -32.24 17.17 -26.49
N GLY B 280 -32.97 17.83 -25.59
CA GLY B 280 -34.41 17.59 -25.46
C GLY B 280 -34.79 16.37 -24.64
N THR B 281 -33.79 15.72 -24.00
CA THR B 281 -34.02 14.60 -23.11
C THR B 281 -33.10 14.65 -21.88
N TYR B 282 -33.54 14.01 -20.81
CA TYR B 282 -32.68 13.80 -19.64
C TYR B 282 -31.50 12.88 -19.93
N PRO B 283 -30.31 13.23 -19.43
CA PRO B 283 -29.19 12.32 -19.57
C PRO B 283 -29.45 11.09 -18.72
N GLN B 284 -29.05 9.92 -19.19
CA GLN B 284 -29.43 8.67 -18.51
C GLN B 284 -28.80 8.54 -17.10
N TRP B 285 -27.62 9.09 -16.89
CA TRP B 285 -27.00 9.04 -15.56
C TRP B 285 -27.89 9.70 -14.48
N LEU B 286 -28.54 10.80 -14.86
CA LEU B 286 -29.33 11.58 -13.91
C LEU B 286 -30.66 10.90 -13.62
N ARG B 287 -31.29 10.37 -14.65
CA ARG B 287 -32.50 9.58 -14.51
C ARG B 287 -32.27 8.41 -13.59
N ASN B 288 -31.11 7.75 -13.77
CA ASN B 288 -30.68 6.71 -12.86
C ASN B 288 -30.57 7.24 -11.44
N ARG B 289 -30.04 8.46 -11.27
CA ARG B 289 -29.97 9.08 -9.93
C ARG B 289 -31.35 9.29 -9.31
N PHE B 290 -32.29 9.77 -10.12
CA PHE B 290 -33.68 9.94 -9.66
C PHE B 290 -34.22 8.65 -9.10
N GLU B 291 -33.83 7.55 -9.73
CA GLU B 291 -34.30 6.23 -9.30
C GLU B 291 -33.60 5.73 -8.04
N SER B 292 -32.28 5.85 -8.00
CA SER B 292 -31.49 5.34 -6.87
C SER B 292 -31.59 6.21 -5.59
N GLU B 293 -32.08 7.44 -5.72
CA GLU B 293 -32.31 8.32 -4.57
C GLU B 293 -33.80 8.33 -4.21
N HIS B 294 -34.61 7.76 -5.10
CA HIS B 294 -36.05 7.63 -4.89
C HIS B 294 -36.69 9.01 -4.75
N PHE B 295 -36.46 9.83 -5.76
CA PHE B 295 -37.07 11.12 -5.80
C PHE B 295 -38.56 11.05 -6.14
N ASN B 296 -38.99 10.01 -6.84
CA ASN B 296 -40.38 9.90 -7.32
C ASN B 296 -40.94 11.25 -7.80
N LEU B 297 -40.21 11.84 -8.74
CA LEU B 297 -40.59 13.10 -9.29
C LEU B 297 -41.82 12.97 -10.18
N ASP B 298 -42.56 14.05 -10.27
CA ASP B 298 -43.72 14.17 -11.15
C ASP B 298 -43.24 14.52 -12.55
N ILE B 299 -43.08 13.48 -13.36
CA ILE B 299 -42.61 13.56 -14.75
C ILE B 299 -43.51 12.68 -15.61
N THR B 300 -44.39 13.30 -16.41
CA THR B 300 -45.33 12.60 -17.26
C THR B 300 -44.75 12.39 -18.66
N ALA B 301 -45.37 11.50 -19.42
CA ALA B 301 -44.97 11.26 -20.79
C ALA B 301 -45.14 12.52 -21.61
N GLU B 302 -46.19 13.29 -21.31
CA GLU B 302 -46.46 14.54 -22.02
C GLU B 302 -45.32 15.53 -21.83
N ASP B 303 -44.79 15.63 -20.62
CA ASP B 303 -43.61 16.48 -20.34
C ASP B 303 -42.44 16.14 -21.25
N LEU B 304 -42.22 14.84 -21.44
CA LEU B 304 -41.07 14.41 -22.20
C LEU B 304 -41.29 14.73 -23.68
N LYS B 305 -42.53 14.67 -24.16
CA LYS B 305 -42.83 15.06 -25.55
C LYS B 305 -42.66 16.57 -25.79
N ILE B 306 -43.03 17.41 -24.83
CA ILE B 306 -42.86 18.86 -24.98
C ILE B 306 -41.36 19.24 -24.97
N LEU B 307 -40.63 18.73 -23.98
CA LEU B 307 -39.19 18.90 -23.93
C LEU B 307 -38.51 18.64 -25.27
N GLN B 308 -38.87 17.52 -25.90
CA GLN B 308 -38.17 17.08 -27.11
C GLN B 308 -38.49 17.94 -28.32
N ALA B 309 -39.67 18.54 -28.31
CA ALA B 309 -40.10 19.38 -29.42
C ALA B 309 -39.77 20.85 -29.17
N GLY B 310 -39.33 21.16 -27.96
CA GLY B 310 -39.11 22.54 -27.55
C GLY B 310 -37.66 22.92 -27.27
N THR B 311 -36.74 22.24 -27.94
CA THR B 311 -35.34 22.56 -27.69
C THR B 311 -35.04 23.95 -28.26
N VAL B 312 -34.10 24.64 -27.61
CA VAL B 312 -33.87 26.05 -27.87
C VAL B 312 -33.09 26.33 -29.20
N ASP B 313 -33.17 27.57 -29.68
CA ASP B 313 -32.47 27.99 -30.91
C ASP B 313 -31.02 28.41 -30.70
N TYR B 314 -30.68 28.71 -29.47
CA TYR B 314 -29.35 29.16 -29.15
C TYR B 314 -29.20 29.09 -27.67
N ILE B 315 -27.96 29.25 -27.21
CA ILE B 315 -27.61 29.17 -25.80
C ILE B 315 -27.12 30.52 -25.40
N GLY B 316 -27.87 31.20 -24.54
CA GLY B 316 -27.37 32.44 -23.89
C GLY B 316 -26.61 32.04 -22.62
N PHE B 317 -25.50 32.74 -22.30
CA PHE B 317 -24.78 32.45 -21.05
C PHE B 317 -24.03 33.60 -20.40
N SER B 318 -23.92 33.51 -19.08
CA SER B 318 -23.08 34.34 -18.29
C SER B 318 -21.74 33.70 -18.10
N TYR B 319 -20.70 34.53 -17.97
CA TYR B 319 -19.34 34.06 -17.69
C TYR B 319 -18.64 35.06 -16.80
N TYR B 320 -18.25 34.57 -15.62
CA TYR B 320 -17.49 35.32 -14.67
C TYR B 320 -16.26 34.58 -14.17
N SER B 322 -14.20 30.40 -13.39
CA SER B 322 -14.11 28.94 -13.46
C SER B 322 -13.96 28.35 -12.05
N PHE B 323 -14.27 27.07 -11.90
CA PHE B 323 -14.13 26.37 -10.65
C PHE B 323 -13.13 25.27 -10.84
N THR B 324 -12.64 24.74 -9.72
CA THR B 324 -11.75 23.60 -9.68
C THR B 324 -12.27 22.61 -8.65
N VAL B 325 -12.10 21.32 -8.95
CA VAL B 325 -12.48 20.24 -8.04
C VAL B 325 -11.41 19.13 -8.02
N LYS B 326 -11.27 18.50 -6.86
CA LYS B 326 -10.55 17.22 -6.77
C LYS B 326 -11.56 16.14 -6.34
N ASP B 327 -11.17 14.87 -6.48
CA ASP B 327 -12.04 13.78 -6.06
C ASP B 327 -12.26 13.78 -4.54
N THR B 328 -13.53 13.69 -4.16
CA THR B 328 -13.98 13.71 -2.76
C THR B 328 -14.08 12.30 -2.21
N GLY B 329 -14.20 11.33 -3.10
CA GLY B 329 -14.58 9.97 -2.72
C GLY B 329 -16.06 9.73 -2.98
N LYS B 330 -16.86 10.79 -3.07
CA LYS B 330 -18.32 10.62 -3.13
C LYS B 330 -18.82 10.32 -4.53
N LEU B 331 -20.08 9.91 -4.63
CA LEU B 331 -20.72 9.56 -5.89
C LEU B 331 -21.27 10.76 -6.64
N ALA B 332 -21.53 11.84 -5.93
CA ALA B 332 -22.24 12.95 -6.51
C ALA B 332 -21.51 14.25 -6.23
N TYR B 333 -21.65 15.19 -7.15
CA TYR B 333 -21.14 16.56 -6.98
C TYR B 333 -22.04 17.43 -6.10
N ASN B 334 -21.47 17.96 -5.00
CA ASN B 334 -22.13 18.97 -4.19
C ASN B 334 -21.36 20.32 -4.20
N GLU B 335 -21.92 21.28 -4.93
CA GLU B 335 -21.24 22.52 -5.24
C GLU B 335 -21.03 23.43 -4.05
N GLU B 336 -21.77 23.22 -2.95
CA GLU B 336 -21.59 24.00 -1.72
C GLU B 336 -20.35 23.59 -0.95
N HIS B 337 -19.87 22.36 -1.16
CA HIS B 337 -18.74 21.80 -0.37
C HIS B 337 -17.52 21.31 -1.18
N ASP B 338 -17.62 21.18 -2.50
CA ASP B 338 -16.68 20.35 -3.26
C ASP B 338 -15.69 21.11 -4.14
N LEU B 339 -15.76 22.43 -4.07
CA LEU B 339 -14.87 23.30 -4.80
C LEU B 339 -13.62 23.53 -3.97
N VAL B 340 -12.45 23.53 -4.62
CA VAL B 340 -11.16 23.89 -4.01
C VAL B 340 -10.56 25.01 -4.85
N LYS B 341 -9.58 25.72 -4.30
CA LYS B 341 -8.95 26.83 -4.99
C LYS B 341 -8.15 26.32 -6.21
N ASN B 342 -8.13 27.08 -7.29
CA ASN B 342 -7.21 26.78 -8.38
C ASN B 342 -5.86 27.45 -8.11
N PRO B 343 -4.83 26.65 -7.78
CA PRO B 343 -3.58 27.34 -7.42
C PRO B 343 -2.79 27.86 -8.64
N TYR B 344 -3.33 27.74 -9.86
CA TYR B 344 -2.66 28.16 -11.10
C TYR B 344 -3.25 29.44 -11.72
N VAL B 345 -4.21 30.04 -11.03
CA VAL B 345 -4.82 31.27 -11.47
C VAL B 345 -4.43 32.39 -10.51
N LYS B 346 -4.10 33.58 -11.02
CA LYS B 346 -3.77 34.70 -10.15
C LYS B 346 -4.97 35.01 -9.24
N ALA B 347 -4.67 35.48 -8.04
CA ALA B 347 -5.72 35.79 -7.05
C ALA B 347 -6.59 36.96 -7.51
N GLN B 353 -12.63 33.50 -8.83
CA GLN B 353 -11.53 33.04 -9.73
C GLN B 353 -11.69 33.54 -11.19
N VAL B 354 -11.19 34.75 -11.41
CA VAL B 354 -11.14 35.37 -12.72
C VAL B 354 -10.24 34.55 -13.65
N ASP B 355 -10.76 34.20 -14.83
CA ASP B 355 -10.16 33.20 -15.74
C ASP B 355 -10.61 33.43 -17.18
N PRO B 356 -9.97 34.35 -17.90
CA PRO B 356 -10.41 34.59 -19.31
C PRO B 356 -10.32 33.40 -20.28
N VAL B 357 -9.33 32.55 -20.12
CA VAL B 357 -9.13 31.42 -21.02
C VAL B 357 -10.31 30.40 -20.89
N GLY B 358 -10.89 30.27 -19.69
CA GLY B 358 -12.04 29.39 -19.49
C GLY B 358 -13.20 29.78 -20.34
N LEU B 359 -13.30 31.08 -20.63
CA LEU B 359 -14.34 31.51 -21.54
C LEU B 359 -14.12 30.82 -22.89
N ARG B 360 -12.89 30.82 -23.39
CA ARG B 360 -12.63 30.21 -24.70
C ARG B 360 -12.96 28.72 -24.67
N TYR B 361 -12.47 28.07 -23.62
CA TYR B 361 -12.82 26.69 -23.29
C TYR B 361 -14.32 26.46 -23.28
N ALA B 362 -15.05 27.33 -22.60
CA ALA B 362 -16.49 27.12 -22.41
C ALA B 362 -17.21 27.23 -23.75
N ASN B 364 -15.96 26.44 -26.66
CA ASN B 364 -15.73 25.22 -27.47
C ASN B 364 -16.59 24.07 -26.93
N TRP B 365 -16.77 24.08 -25.61
CA TRP B 365 -17.47 23.03 -24.91
C TRP B 365 -18.93 23.01 -25.31
N PHE B 366 -19.57 24.17 -25.24
CA PHE B 366 -20.94 24.35 -25.69
C PHE B 366 -21.11 23.95 -27.14
N THR B 367 -20.21 24.46 -27.97
CA THR B 367 -20.20 24.22 -29.42
C THR B 367 -20.04 22.74 -29.78
N ASP B 368 -19.12 22.04 -29.13
CA ASP B 368 -18.82 20.65 -29.48
C ASP B 368 -19.90 19.69 -28.95
N ARG B 369 -20.66 20.17 -27.99
CA ARG B 369 -21.60 19.35 -27.30
C ARG B 369 -22.96 19.53 -27.94
N TYR B 370 -23.33 20.79 -28.24
CA TYR B 370 -24.67 21.15 -28.70
C TYR B 370 -24.75 21.64 -30.17
N HIS B 371 -23.67 22.24 -30.70
CA HIS B 371 -23.63 22.72 -32.09
C HIS B 371 -24.72 23.71 -32.40
N LEU B 372 -24.92 24.64 -31.44
CA LEU B 372 -25.88 25.70 -31.50
C LEU B 372 -25.16 27.06 -31.41
N PRO B 373 -25.79 28.11 -31.97
CA PRO B 373 -25.21 29.42 -31.82
C PRO B 373 -25.28 29.87 -30.39
N LEU B 374 -24.31 30.71 -30.01
CA LEU B 374 -24.17 31.12 -28.62
C LEU B 374 -24.43 32.61 -28.57
N PHE B 375 -24.73 33.11 -27.37
CA PHE B 375 -24.87 34.54 -27.10
C PHE B 375 -24.33 34.83 -25.69
N ILE B 376 -23.29 35.68 -25.58
CA ILE B 376 -22.72 36.01 -24.29
C ILE B 376 -23.51 37.18 -23.75
N VAL B 377 -24.35 36.92 -22.74
CA VAL B 377 -25.30 37.91 -22.28
C VAL B 377 -24.97 38.46 -20.89
N GLU B 378 -23.97 37.89 -20.24
CA GLU B 378 -23.37 38.51 -19.07
C GLU B 378 -21.88 38.23 -18.98
N ASN B 379 -21.15 39.28 -18.63
CA ASN B 379 -19.72 39.21 -18.36
C ASN B 379 -19.36 40.61 -17.82
N GLY B 380 -18.49 40.67 -16.82
CA GLY B 380 -18.05 41.97 -16.29
C GLY B 380 -17.33 41.81 -14.96
N LEU B 381 -16.79 42.92 -14.49
CA LEU B 381 -15.96 42.98 -13.27
C LEU B 381 -16.67 43.84 -12.23
N GLY B 382 -16.99 43.27 -11.08
CA GLY B 382 -17.57 44.01 -9.98
C GLY B 382 -16.43 44.58 -9.15
N ALA B 383 -16.45 45.89 -8.91
CA ALA B 383 -15.38 46.58 -8.15
C ALA B 383 -15.89 47.81 -7.41
N ILE B 384 -15.13 48.27 -6.42
CA ILE B 384 -15.41 49.55 -5.77
C ILE B 384 -14.82 50.59 -6.73
N ASP B 385 -15.66 51.37 -7.40
CA ASP B 385 -15.19 52.50 -8.19
C ASP B 385 -15.15 53.77 -7.33
N LYS B 386 -14.12 54.60 -7.53
CA LYS B 386 -14.00 55.91 -6.88
C LYS B 386 -14.17 57.05 -7.89
N LYS B 387 -15.03 58.01 -7.58
CA LYS B 387 -15.20 59.21 -8.41
C LYS B 387 -14.24 60.24 -7.89
N THR B 388 -13.42 60.79 -8.79
CA THR B 388 -12.44 61.78 -8.44
C THR B 388 -13.12 63.13 -8.25
N ALA B 389 -12.37 64.12 -7.76
CA ALA B 389 -12.89 65.47 -7.55
C ALA B 389 -13.35 66.15 -8.85
N ASP B 390 -12.67 65.88 -9.96
CA ASP B 390 -13.07 66.37 -11.31
C ASP B 390 -14.09 65.45 -12.04
N ASN B 391 -14.73 64.55 -11.30
CA ASN B 391 -15.86 63.75 -11.79
C ASN B 391 -15.48 62.78 -12.92
N GLN B 392 -14.31 62.17 -12.80
CA GLN B 392 -13.92 61.10 -13.69
C GLN B 392 -13.91 59.79 -12.90
N ILE B 393 -14.15 58.69 -13.59
CA ILE B 393 -14.00 57.36 -13.00
C ILE B 393 -12.96 56.61 -13.83
N HIS B 394 -11.77 56.46 -13.26
CA HIS B 394 -10.68 55.81 -13.95
C HIS B 394 -10.69 54.32 -13.65
N ASP B 395 -11.49 53.57 -14.41
CA ASP B 395 -11.69 52.15 -14.18
C ASP B 395 -10.88 51.36 -15.21
N ASP B 396 -9.58 51.60 -15.15
CA ASP B 396 -8.61 50.94 -15.97
C ASP B 396 -8.64 49.43 -15.72
N TYR B 397 -8.91 49.04 -14.47
CA TYR B 397 -9.07 47.61 -14.10
C TYR B 397 -10.23 47.00 -14.90
N ARG B 398 -11.27 47.76 -15.16
CA ARG B 398 -12.43 47.21 -15.88
C ARG B 398 -12.14 47.02 -17.40
N ILE B 399 -11.44 47.98 -17.98
CA ILE B 399 -10.99 47.88 -19.36
C ILE B 399 -10.05 46.69 -19.52
N ASP B 400 -9.11 46.52 -18.59
CA ASP B 400 -8.21 45.35 -18.63
C ASP B 400 -8.98 44.01 -18.58
N TYR B 401 -9.83 43.82 -17.57
CA TYR B 401 -10.74 42.68 -17.52
C TYR B 401 -11.50 42.47 -18.85
N LEU B 402 -12.19 43.48 -19.35
CA LEU B 402 -13.01 43.24 -20.56
C LEU B 402 -12.18 42.95 -21.78
N THR B 403 -11.04 43.62 -21.93
CA THR B 403 -10.10 43.28 -23.00
C THR B 403 -9.61 41.84 -22.93
N ASP B 404 -9.30 41.35 -21.72
CA ASP B 404 -8.74 40.00 -21.56
C ASP B 404 -9.78 38.98 -21.98
N HIS B 405 -11.03 39.24 -21.61
CA HIS B 405 -12.13 38.38 -22.02
C HIS B 405 -12.47 38.53 -23.50
N LEU B 406 -12.62 39.76 -23.97
CA LEU B 406 -12.87 39.93 -25.41
C LEU B 406 -11.82 39.29 -26.33
N ARG B 407 -10.56 39.32 -25.91
CA ARG B 407 -9.49 38.70 -26.72
C ARG B 407 -9.70 37.19 -26.83
N GLN B 408 -10.26 36.60 -25.77
CA GLN B 408 -10.46 35.18 -25.75
C GLN B 408 -11.71 34.84 -26.58
N ILE B 409 -12.67 35.73 -26.52
CA ILE B 409 -13.90 35.64 -27.29
C ILE B 409 -13.56 35.77 -28.77
N LYS B 410 -12.61 36.67 -29.07
CA LYS B 410 -12.21 36.93 -30.46
C LYS B 410 -11.49 35.72 -31.06
N LEU B 411 -10.65 35.07 -30.27
CA LEU B 411 -10.00 33.84 -30.72
C LEU B 411 -11.02 32.72 -30.93
N ALA B 412 -11.89 32.53 -29.97
CA ALA B 412 -12.94 31.54 -30.11
C ALA B 412 -13.78 31.68 -31.37
N VAL B 413 -14.11 32.90 -31.76
CA VAL B 413 -14.94 33.15 -32.93
C VAL B 413 -14.17 33.08 -34.26
N LEU B 414 -13.04 33.78 -34.34
CA LEU B 414 -12.28 33.86 -35.60
C LEU B 414 -11.43 32.64 -35.87
N GLU B 415 -10.86 32.00 -34.84
CA GLU B 415 -10.00 30.82 -35.09
C GLU B 415 -10.75 29.54 -34.87
N ASP B 416 -11.45 29.46 -33.74
CA ASP B 416 -12.12 28.25 -33.35
C ASP B 416 -13.50 28.12 -34.03
N GLY B 417 -13.93 29.17 -34.73
CA GLY B 417 -15.18 29.14 -35.52
C GLY B 417 -16.46 28.95 -34.74
N VAL B 418 -16.46 29.40 -33.48
CA VAL B 418 -17.64 29.39 -32.64
C VAL B 418 -18.61 30.45 -33.20
N ASP B 419 -19.91 30.12 -33.15
CA ASP B 419 -20.99 30.91 -33.73
C ASP B 419 -21.55 31.75 -32.58
N LEU B 420 -21.12 33.01 -32.53
CA LEU B 420 -21.47 33.93 -31.48
C LEU B 420 -22.36 35.07 -32.03
N ILE B 421 -23.53 35.25 -31.43
CA ILE B 421 -24.53 36.22 -31.86
C ILE B 421 -24.14 37.59 -31.39
N GLY B 422 -23.65 37.70 -30.16
CA GLY B 422 -23.25 38.99 -29.65
C GLY B 422 -22.63 38.93 -28.28
N TYR B 423 -22.45 40.10 -27.71
CA TYR B 423 -21.76 40.24 -26.44
C TYR B 423 -22.33 41.43 -25.68
N THR B 424 -22.96 41.17 -24.53
CA THR B 424 -23.49 42.24 -23.69
C THR B 424 -22.98 42.13 -22.24
N PRO B 425 -21.98 42.95 -21.88
CA PRO B 425 -21.46 42.96 -20.51
C PRO B 425 -22.52 43.32 -19.49
N TRP B 426 -22.39 42.74 -18.31
CA TRP B 426 -23.35 42.89 -17.23
C TRP B 426 -23.26 44.25 -16.61
N GLY B 427 -24.43 44.76 -16.22
CA GLY B 427 -24.52 45.98 -15.43
C GLY B 427 -23.91 47.14 -16.17
N CYS B 428 -24.26 47.32 -17.44
CA CYS B 428 -23.74 48.39 -18.27
C CYS B 428 -23.99 49.77 -17.64
N ILE B 429 -25.12 49.88 -16.94
CA ILE B 429 -25.33 50.99 -16.03
C ILE B 429 -25.34 50.41 -14.59
N ASP B 430 -24.53 51.00 -13.69
CA ASP B 430 -24.43 50.51 -12.31
C ASP B 430 -25.84 50.28 -11.77
N LEU B 431 -26.03 49.12 -11.16
CA LEU B 431 -27.29 48.70 -10.62
C LEU B 431 -27.10 47.99 -9.28
N VAL B 432 -28.22 47.57 -8.69
CA VAL B 432 -28.22 46.88 -7.42
C VAL B 432 -27.67 45.47 -7.64
N ALA B 433 -26.52 45.14 -7.04
CA ALA B 433 -25.98 43.78 -7.13
C ALA B 433 -26.95 42.71 -6.63
N ALA B 434 -26.96 41.54 -7.28
CA ALA B 434 -27.83 40.44 -6.83
C ALA B 434 -27.36 39.86 -5.49
N SER B 435 -26.05 39.65 -5.35
CA SER B 435 -25.49 38.96 -4.17
C SER B 435 -25.82 39.66 -2.84
N THR B 436 -25.76 40.98 -2.82
CA THR B 436 -25.82 41.76 -1.59
C THR B 436 -26.84 42.89 -1.56
N GLY B 437 -27.42 43.23 -2.70
CA GLY B 437 -28.23 44.43 -2.81
C GLY B 437 -27.48 45.75 -2.71
N GLN B 438 -26.15 45.73 -2.78
CA GLN B 438 -25.34 46.95 -2.68
C GLN B 438 -25.23 47.65 -4.03
N SER B 440 -22.43 49.67 -4.11
CA SER B 440 -20.98 49.96 -4.12
C SER B 440 -20.13 48.91 -4.85
N LYS B 441 -20.68 47.71 -5.06
CA LYS B 441 -20.10 46.71 -5.98
C LYS B 441 -20.57 46.99 -7.42
N ARG B 442 -19.71 47.67 -8.18
CA ARG B 442 -20.08 48.29 -9.43
C ARG B 442 -19.57 47.56 -10.65
N TYR B 443 -20.42 47.50 -11.68
CA TYR B 443 -20.14 46.78 -12.92
C TYR B 443 -20.20 47.67 -14.16
N GLY B 444 -20.62 48.93 -13.98
CA GLY B 444 -21.02 49.76 -15.09
C GLY B 444 -19.96 50.41 -15.97
N PHE B 445 -20.37 50.77 -17.18
CA PHE B 445 -19.70 51.76 -17.99
C PHE B 445 -20.18 53.12 -17.53
N ILE B 446 -21.35 53.15 -16.92
CA ILE B 446 -21.96 54.35 -16.40
C ILE B 446 -22.04 54.28 -14.88
N TYR B 447 -21.48 55.29 -14.22
CA TYR B 447 -21.48 55.37 -12.77
C TYR B 447 -22.71 56.11 -12.32
N VAL B 448 -23.38 55.54 -11.32
CA VAL B 448 -24.59 56.12 -10.73
C VAL B 448 -24.27 56.49 -9.30
N ASP B 449 -24.54 57.74 -8.94
CA ASP B 449 -24.11 58.29 -7.66
C ASP B 449 -25.14 57.94 -6.60
N GLU B 450 -25.12 56.68 -6.20
CA GLU B 450 -26.00 56.22 -5.16
C GLU B 450 -25.20 55.44 -4.13
N ASN B 451 -25.44 55.72 -2.86
CA ASN B 451 -24.82 54.99 -1.75
C ASN B 451 -25.69 53.79 -1.44
N ASP B 452 -25.19 52.92 -0.57
CA ASP B 452 -25.82 51.63 -0.36
C ASP B 452 -27.11 51.77 0.46
N ASP B 453 -27.24 52.88 1.18
CA ASP B 453 -28.46 53.20 1.90
C ASP B 453 -29.50 53.89 1.02
N GLY B 454 -29.16 54.09 -0.26
CA GLY B 454 -30.09 54.67 -1.21
C GLY B 454 -29.98 56.17 -1.42
N SER B 455 -29.26 56.85 -0.55
CA SER B 455 -29.09 58.30 -0.69
C SER B 455 -28.14 58.64 -1.85
N GLY B 456 -28.11 59.93 -2.19
CA GLY B 456 -27.31 60.45 -3.28
C GLY B 456 -28.14 61.05 -4.40
N SER B 457 -27.46 61.73 -5.32
CA SER B 457 -28.11 62.34 -6.47
C SER B 457 -28.76 61.35 -7.43
N LEU B 458 -28.24 60.13 -7.49
CA LEU B 458 -28.50 59.19 -8.59
C LEU B 458 -28.01 59.75 -9.95
N LYS B 459 -27.15 60.75 -9.92
CA LYS B 459 -26.62 61.36 -11.15
C LYS B 459 -25.76 60.33 -11.90
N ARG B 460 -25.75 60.45 -13.21
CA ARG B 460 -25.00 59.53 -14.10
C ARG B 460 -23.67 60.17 -14.55
N TYR B 461 -22.61 59.37 -14.59
CA TYR B 461 -21.33 59.82 -15.15
C TYR B 461 -20.69 58.70 -15.96
N LYS B 462 -19.94 59.10 -16.98
CA LYS B 462 -19.29 58.14 -17.84
C LYS B 462 -18.01 57.71 -17.14
N LYS B 463 -17.82 56.39 -16.99
CA LYS B 463 -16.54 55.88 -16.52
C LYS B 463 -15.60 55.85 -17.72
N ASP B 464 -14.29 55.72 -17.51
CA ASP B 464 -13.37 55.64 -18.65
C ASP B 464 -13.71 54.46 -19.58
N SER B 465 -14.23 53.38 -19.01
CA SER B 465 -14.59 52.20 -19.80
C SER B 465 -15.66 52.51 -20.84
N PHE B 466 -16.43 53.57 -20.60
CA PHE B 466 -17.51 53.95 -21.51
C PHE B 466 -16.91 54.25 -22.86
N THR B 467 -15.86 55.05 -22.88
CA THR B 467 -15.31 55.55 -24.12
C THR B 467 -14.55 54.40 -24.77
N TRP B 468 -13.93 53.57 -23.95
CA TRP B 468 -13.27 52.39 -24.47
C TRP B 468 -14.24 51.47 -25.21
N PHE B 469 -15.37 51.16 -24.61
CA PHE B 469 -16.32 50.24 -25.23
C PHE B 469 -16.99 50.88 -26.44
N GLN B 470 -17.25 52.18 -26.37
CA GLN B 470 -17.68 52.96 -27.53
C GLN B 470 -16.80 52.72 -28.75
N HIS B 471 -15.47 52.76 -28.56
CA HIS B 471 -14.49 52.50 -29.62
C HIS B 471 -14.43 51.04 -30.02
N VAL B 472 -14.65 50.12 -29.07
CA VAL B 472 -14.74 48.70 -29.43
C VAL B 472 -15.89 48.46 -30.40
N ILE B 473 -17.05 49.03 -30.10
CA ILE B 473 -18.23 48.88 -30.96
C ILE B 473 -18.02 49.54 -32.33
N ALA B 474 -17.58 50.80 -32.34
CA ALA B 474 -17.42 51.56 -33.59
C ALA B 474 -16.37 50.98 -34.55
N THR B 475 -15.46 50.17 -34.02
CA THR B 475 -14.53 49.39 -34.85
C THR B 475 -14.92 47.91 -34.95
N ASN B 476 -16.04 47.52 -34.37
CA ASN B 476 -16.51 46.12 -34.34
C ASN B 476 -15.44 45.13 -33.82
N GLY B 477 -14.71 45.56 -32.80
CA GLY B 477 -13.70 44.72 -32.16
C GLY B 477 -12.39 44.49 -32.91
N ALA B 478 -12.17 45.19 -34.02
CA ALA B 478 -11.02 44.90 -34.91
C ALA B 478 -9.64 45.20 -34.30
N GLU B 479 -9.56 46.04 -33.28
CA GLU B 479 -8.26 46.40 -32.68
C GLU B 479 -7.88 45.45 -31.54
N ILE B 480 -8.88 44.72 -31.04
CA ILE B 480 -8.68 43.69 -30.03
C ILE B 480 -7.60 42.72 -30.54
N GLU B 481 -6.55 42.56 -29.73
CA GLU B 481 -5.45 41.63 -30.02
C GLU B 481 -5.09 40.85 -28.76
N THR C 5 20.24 -47.36 -3.39
CA THR C 5 20.68 -48.77 -3.63
C THR C 5 21.28 -48.95 -5.03
N ILE C 6 22.54 -49.39 -5.09
CA ILE C 6 23.22 -49.61 -6.36
C ILE C 6 23.10 -51.06 -6.86
N LYS C 7 22.54 -51.91 -6.00
CA LYS C 7 22.38 -53.33 -6.31
C LYS C 7 21.32 -53.50 -7.40
N GLY C 8 21.62 -54.31 -8.40
CA GLY C 8 20.71 -54.55 -9.50
C GLY C 8 20.72 -53.47 -10.56
N ARG C 9 21.58 -52.48 -10.40
CA ARG C 9 21.79 -51.48 -11.45
C ARG C 9 23.09 -51.79 -12.16
N ALA C 10 23.07 -51.74 -13.47
CA ALA C 10 24.21 -52.20 -14.27
C ALA C 10 25.15 -51.04 -14.54
N PHE C 11 26.41 -51.33 -14.87
CA PHE C 11 27.31 -50.27 -15.36
C PHE C 11 26.81 -49.79 -16.74
N PRO C 12 27.35 -48.67 -17.24
CA PRO C 12 26.91 -48.20 -18.57
C PRO C 12 27.13 -49.24 -19.68
N GLU C 13 26.32 -49.17 -20.74
CA GLU C 13 26.45 -50.09 -21.88
C GLU C 13 27.80 -49.86 -22.55
N GLY C 14 28.48 -50.95 -22.91
CA GLY C 14 29.76 -50.86 -23.59
C GLY C 14 30.93 -50.52 -22.67
N PHE C 15 30.70 -50.57 -21.36
CA PHE C 15 31.77 -50.36 -20.38
C PHE C 15 32.87 -51.37 -20.65
N LEU C 16 34.13 -50.92 -20.74
CA LEU C 16 35.24 -51.81 -21.04
C LEU C 16 35.82 -52.53 -19.83
N TRP C 17 35.24 -53.68 -19.51
CA TRP C 17 35.85 -54.62 -18.55
C TRP C 17 36.99 -55.35 -19.23
N GLY C 18 38.12 -55.50 -18.54
CA GLY C 18 39.16 -56.41 -19.03
C GLY C 18 40.24 -56.59 -17.98
N GLY C 19 41.48 -56.71 -18.43
CA GLY C 19 42.62 -56.86 -17.53
C GLY C 19 43.86 -56.22 -18.10
N ALA C 20 44.84 -55.98 -17.25
CA ALA C 20 45.98 -55.14 -17.59
C ALA C 20 47.34 -55.75 -17.23
N VAL C 21 48.34 -55.45 -18.07
CA VAL C 21 49.72 -55.93 -17.92
C VAL C 21 50.68 -54.96 -18.61
N ALA C 22 51.97 -55.25 -18.55
CA ALA C 22 52.97 -54.50 -19.32
C ALA C 22 53.89 -55.52 -20.01
N ALA C 23 54.37 -55.20 -21.21
CA ALA C 23 55.08 -56.22 -22.01
C ALA C 23 56.23 -56.89 -21.23
N HIS C 24 57.12 -56.08 -20.69
CA HIS C 24 58.32 -56.57 -20.00
C HIS C 24 57.95 -57.43 -18.80
N GLN C 25 56.70 -57.35 -18.33
CA GLN C 25 56.33 -58.09 -17.12
C GLN C 25 55.77 -59.47 -17.38
N LEU C 26 55.39 -59.75 -18.62
CA LEU C 26 54.85 -61.08 -18.93
C LEU C 26 55.48 -61.76 -20.14
N GLU C 27 55.88 -60.98 -21.15
CA GLU C 27 56.23 -61.56 -22.46
C GLU C 27 57.32 -62.58 -22.45
N GLY C 28 58.44 -62.22 -21.84
CA GLY C 28 59.67 -62.94 -22.00
C GLY C 28 60.17 -62.70 -23.40
N GLY C 29 60.82 -63.70 -23.96
CA GLY C 29 61.46 -63.57 -25.27
C GLY C 29 62.23 -62.27 -25.41
N TYR C 30 63.09 -61.96 -24.45
CA TYR C 30 63.71 -60.63 -24.38
C TYR C 30 64.77 -60.34 -25.47
N LYS C 31 65.27 -61.37 -26.16
CA LYS C 31 66.17 -61.19 -27.32
C LYS C 31 65.54 -61.66 -28.63
N GLU C 32 64.36 -62.26 -28.54
CA GLU C 32 63.67 -62.78 -29.72
C GLU C 32 63.44 -61.70 -30.76
N GLY C 33 63.51 -62.10 -32.04
CA GLY C 33 63.18 -61.20 -33.16
C GLY C 33 63.90 -59.86 -33.20
N GLY C 34 65.15 -59.87 -32.73
CA GLY C 34 66.04 -58.71 -32.75
C GLY C 34 65.70 -57.70 -31.67
N LYS C 35 64.98 -58.10 -30.64
CA LYS C 35 64.58 -57.18 -29.56
C LYS C 35 65.78 -56.67 -28.79
N GLY C 36 65.83 -55.34 -28.64
CA GLY C 36 66.85 -54.67 -27.88
C GLY C 36 66.67 -54.83 -26.38
N LEU C 37 67.71 -54.46 -25.65
CA LEU C 37 67.74 -54.58 -24.20
C LEU C 37 67.00 -53.36 -23.65
N SER C 38 66.14 -53.59 -22.66
CA SER C 38 65.38 -52.51 -22.07
C SER C 38 65.84 -52.30 -20.64
N THR C 39 65.37 -51.22 -20.02
CA THR C 39 65.60 -50.97 -18.60
C THR C 39 65.09 -52.06 -17.65
N ALA C 40 64.04 -52.80 -18.04
CA ALA C 40 63.54 -53.94 -17.28
C ALA C 40 64.42 -55.19 -17.40
N ASP C 41 65.17 -55.30 -18.49
CA ASP C 41 66.12 -56.39 -18.72
C ASP C 41 67.43 -56.26 -17.91
N ILE C 42 67.67 -55.09 -17.32
CA ILE C 42 68.85 -54.87 -16.47
C ILE C 42 68.54 -54.83 -14.96
N THR C 44 67.62 -56.90 -11.61
CA THR C 44 67.71 -58.21 -11.01
C THR C 44 66.58 -58.48 -10.03
N LEU C 45 66.52 -59.73 -9.59
CA LEU C 45 65.59 -60.18 -8.56
C LEU C 45 65.98 -59.53 -7.25
N GLY C 46 64.98 -58.98 -6.56
CA GLY C 46 65.13 -58.49 -5.19
C GLY C 46 64.16 -59.21 -4.29
N THR C 47 63.97 -58.67 -3.09
CA THR C 47 63.06 -59.26 -2.12
C THR C 47 62.11 -58.17 -1.63
N ASN C 48 61.26 -58.52 -0.68
CA ASN C 48 60.35 -57.54 -0.12
C ASN C 48 61.11 -56.39 0.57
N GLU C 49 62.29 -56.71 1.10
CA GLU C 49 63.12 -55.70 1.78
C GLU C 49 64.34 -55.23 0.96
N ARG C 50 65.00 -56.16 0.26
CA ARG C 50 66.22 -55.82 -0.52
C ARG C 50 65.75 -55.30 -1.87
N PRO C 51 66.24 -54.12 -2.30
CA PRO C 51 65.86 -53.56 -3.64
C PRO C 51 66.47 -54.25 -4.87
N ARG C 52 65.71 -54.32 -5.96
CA ARG C 52 66.27 -54.78 -7.24
C ARG C 52 67.57 -54.03 -7.56
N GLU C 53 68.49 -54.74 -8.20
CA GLU C 53 69.75 -54.14 -8.59
C GLU C 53 69.67 -53.68 -10.03
N ILE C 54 70.27 -52.52 -10.29
CA ILE C 54 70.29 -51.95 -11.62
C ILE C 54 71.72 -52.12 -12.10
N THR C 55 71.92 -52.91 -13.16
CA THR C 55 73.25 -53.25 -13.65
C THR C 55 73.51 -52.65 -15.04
N ASP C 56 74.79 -52.41 -15.34
CA ASP C 56 75.22 -51.93 -16.66
C ASP C 56 75.15 -53.07 -17.69
N GLY C 57 73.96 -53.27 -18.26
CA GLY C 57 73.78 -54.32 -19.27
C GLY C 57 73.56 -55.62 -18.54
N VAL C 58 73.58 -56.73 -19.27
CA VAL C 58 73.34 -58.03 -18.67
C VAL C 58 74.66 -58.62 -18.18
N VAL C 59 74.74 -58.83 -16.86
CA VAL C 59 75.95 -59.36 -16.21
C VAL C 59 75.80 -60.86 -15.94
N ALA C 60 76.68 -61.67 -16.52
CA ALA C 60 76.69 -63.13 -16.31
C ALA C 60 76.70 -63.49 -14.83
N GLY C 61 75.97 -64.54 -14.46
CA GLY C 61 75.86 -64.95 -13.05
C GLY C 61 74.71 -64.34 -12.28
N LYS C 62 74.20 -63.20 -12.74
CA LYS C 62 73.06 -62.60 -12.06
C LYS C 62 71.77 -63.10 -12.68
N TYR C 63 70.68 -62.99 -11.90
CA TYR C 63 69.38 -63.43 -12.34
C TYR C 63 68.47 -62.25 -12.66
N TYR C 64 67.90 -62.28 -13.87
CA TYR C 64 67.06 -61.23 -14.40
C TYR C 64 65.67 -61.79 -14.72
N PRO C 65 64.70 -61.72 -13.80
CA PRO C 65 63.39 -62.35 -14.02
C PRO C 65 62.59 -61.92 -15.26
N ASN C 66 62.80 -60.70 -15.75
CA ASN C 66 62.08 -60.21 -16.92
C ASN C 66 62.52 -60.86 -18.24
N HIS C 67 63.64 -61.58 -18.26
CA HIS C 67 64.08 -62.20 -19.53
C HIS C 67 63.10 -63.29 -20.01
N GLN C 68 62.64 -64.11 -19.09
CA GLN C 68 61.65 -65.16 -19.42
C GLN C 68 60.25 -64.76 -19.03
N ALA C 69 60.14 -64.13 -17.87
CA ALA C 69 58.87 -63.73 -17.29
C ALA C 69 57.98 -64.95 -17.29
N ILE C 70 56.81 -64.88 -17.91
CA ILE C 70 55.96 -66.06 -17.99
C ILE C 70 55.83 -66.61 -19.41
N ASP C 71 56.60 -66.06 -20.36
CA ASP C 71 56.67 -66.59 -21.75
C ASP C 71 55.36 -66.42 -22.53
N PHE C 72 54.73 -65.28 -22.27
CA PHE C 72 53.50 -64.93 -22.95
C PHE C 72 53.79 -64.68 -24.44
N TYR C 73 55.02 -64.31 -24.77
CA TYR C 73 55.46 -64.18 -26.17
C TYR C 73 55.14 -65.44 -26.96
N HIS C 74 55.37 -66.60 -26.35
CA HIS C 74 55.11 -67.87 -26.99
C HIS C 74 53.80 -68.50 -26.59
N ARG C 75 53.22 -68.06 -25.49
CA ARG C 75 52.00 -68.68 -24.94
C ARG C 75 50.72 -67.84 -25.08
N TYR C 76 50.78 -66.68 -25.73
CA TYR C 76 49.59 -65.81 -25.83
C TYR C 76 48.31 -66.49 -26.34
N PRO C 77 48.39 -67.50 -27.22
CA PRO C 77 47.12 -68.11 -27.63
C PRO C 77 46.38 -68.84 -26.49
N GLU C 78 47.12 -69.57 -25.65
CA GLU C 78 46.51 -70.27 -24.54
C GLU C 78 45.99 -69.26 -23.50
N ASP C 79 46.77 -68.23 -23.21
CA ASP C 79 46.37 -67.23 -22.23
C ASP C 79 45.18 -66.41 -22.70
N ILE C 80 45.23 -65.87 -23.91
CA ILE C 80 44.09 -65.13 -24.46
C ILE C 80 42.79 -65.95 -24.47
N GLU C 81 42.90 -67.26 -24.70
CA GLU C 81 41.76 -68.14 -24.62
C GLU C 81 41.17 -68.10 -23.17
N LEU C 82 42.01 -68.01 -22.16
CA LEU C 82 41.48 -67.81 -20.78
C LEU C 82 40.84 -66.44 -20.60
N PHE C 83 41.46 -65.39 -21.15
CA PHE C 83 40.85 -64.06 -21.11
C PHE C 83 39.45 -64.01 -21.76
N ALA C 84 39.24 -64.72 -22.87
CA ALA C 84 37.95 -64.71 -23.55
C ALA C 84 36.93 -65.57 -22.79
N GLU C 85 37.43 -66.54 -22.06
CA GLU C 85 36.59 -67.33 -21.20
C GLU C 85 36.10 -66.47 -20.04
N GLY C 87 35.56 -63.34 -20.35
CA GLY C 87 34.65 -62.39 -20.98
C GLY C 87 35.23 -61.00 -21.18
N PHE C 88 36.56 -60.87 -21.21
CA PHE C 88 37.20 -59.54 -21.41
C PHE C 88 36.66 -58.78 -22.63
N LYS C 89 36.46 -57.47 -22.47
CA LYS C 89 36.09 -56.60 -23.59
C LYS C 89 37.36 -55.99 -24.14
N CYS C 90 38.42 -55.97 -23.34
CA CYS C 90 39.67 -55.32 -23.74
C CYS C 90 40.82 -55.91 -23.02
N PHE C 91 41.99 -55.60 -23.52
CA PHE C 91 43.23 -56.09 -22.98
C PHE C 91 44.22 -54.98 -23.01
N ARG C 92 44.66 -54.59 -21.82
CA ARG C 92 45.44 -53.40 -21.65
C ARG C 92 46.89 -53.82 -21.51
N THR C 93 47.67 -53.52 -22.53
CA THR C 93 49.07 -53.89 -22.54
C THR C 93 49.93 -52.84 -23.23
N SER C 94 51.22 -53.04 -23.16
CA SER C 94 52.12 -52.09 -23.75
C SER C 94 52.67 -52.69 -25.05
N ILE C 95 53.01 -51.83 -26.00
CA ILE C 95 53.88 -52.25 -27.11
C ILE C 95 55.32 -52.05 -26.66
N ALA C 96 56.04 -53.15 -26.52
CA ALA C 96 57.44 -53.13 -26.11
C ALA C 96 58.30 -52.26 -27.07
N TRP C 97 58.83 -51.17 -26.55
CA TRP C 97 59.55 -50.18 -27.35
C TRP C 97 60.69 -50.88 -28.07
N THR C 98 61.33 -51.81 -27.37
CA THR C 98 62.51 -52.50 -27.84
C THR C 98 62.26 -53.57 -28.88
N ARG C 99 61.02 -54.02 -29.03
CA ARG C 99 60.70 -54.87 -30.18
C ARG C 99 60.61 -54.06 -31.45
N ILE C 100 60.15 -52.81 -31.35
CA ILE C 100 59.96 -51.96 -32.55
C ILE C 100 61.24 -51.16 -32.92
N PHE C 101 61.88 -50.53 -31.93
CA PHE C 101 63.17 -49.85 -32.11
C PHE C 101 64.16 -50.32 -31.03
N PRO C 102 64.88 -51.44 -31.29
CA PRO C 102 65.83 -52.08 -30.36
C PRO C 102 66.77 -51.16 -29.59
N ASN C 103 67.48 -50.29 -30.30
CA ASN C 103 68.33 -49.28 -29.68
C ASN C 103 67.61 -47.94 -29.47
N GLY C 104 66.51 -47.73 -30.18
CA GLY C 104 65.67 -46.53 -30.07
C GLY C 104 65.90 -45.47 -31.14
N ASP C 105 67.12 -45.38 -31.69
CA ASP C 105 67.45 -44.30 -32.62
C ASP C 105 67.60 -44.74 -34.08
N GLU C 106 66.96 -45.84 -34.46
CA GLU C 106 67.09 -46.35 -35.85
C GLU C 106 66.15 -45.54 -36.76
N SER C 107 66.52 -45.44 -38.04
CA SER C 107 65.73 -44.71 -39.03
C SER C 107 64.53 -45.52 -39.50
N GLU C 108 64.48 -46.78 -39.09
CA GLU C 108 63.51 -47.70 -39.61
C GLU C 108 63.04 -48.63 -38.49
N PRO C 109 61.73 -48.95 -38.43
CA PRO C 109 61.23 -49.87 -37.44
C PRO C 109 61.60 -51.34 -37.70
N ASN C 110 61.55 -52.16 -36.64
CA ASN C 110 61.83 -53.59 -36.77
C ASN C 110 60.57 -54.38 -37.12
N GLU C 111 60.61 -55.06 -38.27
CA GLU C 111 59.44 -55.78 -38.80
C GLU C 111 58.99 -56.93 -37.93
N ALA C 112 59.93 -57.71 -37.39
CA ALA C 112 59.54 -58.87 -36.58
C ALA C 112 58.75 -58.43 -35.32
N GLY C 113 59.15 -57.32 -34.72
CA GLY C 113 58.43 -56.69 -33.63
C GLY C 113 57.04 -56.21 -34.03
N LEU C 114 56.93 -55.51 -35.15
CA LEU C 114 55.64 -55.09 -35.62
C LEU C 114 54.71 -56.30 -35.79
N GLN C 115 55.25 -57.37 -36.38
CA GLN C 115 54.47 -58.57 -36.72
C GLN C 115 53.99 -59.28 -35.45
N PHE C 116 54.77 -59.25 -34.36
CA PHE C 116 54.35 -59.88 -33.14
C PHE C 116 53.10 -59.18 -32.64
N TYR C 117 53.11 -57.86 -32.57
CA TYR C 117 51.90 -57.18 -32.14
C TYR C 117 50.75 -57.32 -33.13
N ASP C 118 51.02 -57.49 -34.42
CA ASP C 118 49.93 -57.84 -35.33
C ASP C 118 49.32 -59.17 -34.91
N ASP C 119 50.16 -60.15 -34.58
CA ASP C 119 49.65 -61.44 -34.22
C ASP C 119 48.98 -61.46 -32.85
N LEU C 120 49.54 -60.74 -31.88
CA LEU C 120 48.88 -60.61 -30.58
C LEU C 120 47.55 -59.86 -30.69
N PHE C 121 47.54 -58.72 -31.37
CA PHE C 121 46.30 -57.94 -31.47
C PHE C 121 45.23 -58.64 -32.29
N ASP C 122 45.65 -59.39 -33.31
CA ASP C 122 44.71 -60.22 -34.06
C ASP C 122 44.05 -61.28 -33.18
N GLU C 123 44.84 -61.87 -32.30
CA GLU C 123 44.35 -62.94 -31.46
C GLU C 123 43.34 -62.41 -30.44
N CYS C 124 43.56 -61.21 -29.91
CA CYS C 124 42.56 -60.55 -29.09
C CYS C 124 41.30 -60.26 -29.89
N LEU C 125 41.47 -59.72 -31.09
CA LEU C 125 40.32 -59.22 -31.85
C LEU C 125 39.38 -60.36 -32.28
N LYS C 126 39.92 -61.52 -32.64
CA LYS C 126 39.03 -62.64 -33.06
C LYS C 126 38.16 -63.15 -31.89
N ASN C 127 38.61 -62.90 -30.65
CA ASN C 127 37.90 -63.29 -29.45
C ASN C 127 37.02 -62.23 -28.80
N GLY C 128 36.85 -61.09 -29.47
CA GLY C 128 36.03 -59.97 -28.98
C GLY C 128 36.75 -59.02 -28.02
N ILE C 129 38.08 -59.03 -28.07
CA ILE C 129 38.90 -58.32 -27.10
C ILE C 129 39.65 -57.24 -27.85
N GLN C 130 39.35 -55.98 -27.54
CA GLN C 130 40.10 -54.90 -28.14
C GLN C 130 41.32 -54.56 -27.27
N PRO C 131 42.50 -54.50 -27.88
CA PRO C 131 43.67 -54.02 -27.18
C PRO C 131 43.61 -52.53 -26.82
N VAL C 132 43.98 -52.21 -25.56
CA VAL C 132 44.18 -50.85 -25.07
C VAL C 132 45.67 -50.67 -24.81
N VAL C 133 46.29 -49.75 -25.52
CA VAL C 133 47.71 -49.80 -25.69
C VAL C 133 48.42 -48.63 -25.05
N THR C 134 49.42 -48.93 -24.21
CA THR C 134 50.32 -47.92 -23.63
C THR C 134 51.68 -47.90 -24.38
N LEU C 135 52.15 -46.73 -24.76
CA LEU C 135 53.42 -46.68 -25.52
C LEU C 135 54.66 -46.87 -24.65
N ALA C 136 54.86 -45.98 -23.69
CA ALA C 136 56.00 -46.06 -22.79
C ALA C 136 55.53 -46.68 -21.49
N HIS C 137 56.13 -47.79 -21.12
CA HIS C 137 55.71 -48.46 -19.90
C HIS C 137 56.92 -49.13 -19.28
N PHE C 138 57.93 -48.35 -18.92
CA PHE C 138 59.04 -48.82 -18.08
C PHE C 138 59.92 -49.84 -18.79
N GLU C 139 60.08 -49.72 -20.10
CA GLU C 139 60.77 -50.73 -20.88
C GLU C 139 61.44 -50.04 -22.08
N PRO C 141 64.51 -48.63 -24.35
CA PRO C 141 65.79 -49.13 -24.84
C PRO C 141 66.90 -48.64 -23.92
N TYR C 142 67.69 -49.58 -23.46
CA TYR C 142 68.79 -49.28 -22.56
C TYR C 142 69.85 -48.45 -23.27
N HIS C 143 70.06 -48.71 -24.56
CA HIS C 143 70.89 -47.85 -25.41
C HIS C 143 70.63 -46.34 -25.20
N LEU C 144 69.35 -45.96 -25.10
CA LEU C 144 68.99 -44.55 -24.94
C LEU C 144 69.40 -44.05 -23.56
N VAL C 145 69.41 -44.95 -22.58
CA VAL C 145 69.79 -44.58 -21.24
C VAL C 145 71.29 -44.38 -21.18
N LYS C 146 72.02 -45.28 -21.82
CA LYS C 146 73.46 -45.32 -21.69
C LYS C 146 74.11 -44.27 -22.60
N GLN C 147 73.65 -44.19 -23.85
CA GLN C 147 74.29 -43.29 -24.83
C GLN C 147 73.80 -41.84 -24.74
N TYR C 148 72.48 -41.61 -24.63
CA TYR C 148 71.92 -40.24 -24.64
C TYR C 148 71.64 -39.63 -23.25
N GLY C 149 71.73 -40.43 -22.21
CA GLY C 149 71.29 -40.02 -20.85
C GLY C 149 69.79 -40.01 -20.62
N GLY C 150 69.06 -40.90 -21.29
CA GLY C 150 67.61 -40.96 -21.15
C GLY C 150 66.93 -39.64 -21.47
N TRP C 151 65.84 -39.36 -20.77
CA TRP C 151 65.04 -38.19 -21.04
C TRP C 151 65.65 -36.89 -20.50
N ARG C 152 66.91 -36.90 -20.11
CA ARG C 152 67.69 -35.67 -20.02
C ARG C 152 67.88 -35.00 -21.39
N ASN C 153 67.78 -35.79 -22.46
CA ASN C 153 68.12 -35.32 -23.78
C ASN C 153 66.87 -35.07 -24.61
N ARG C 154 66.76 -33.86 -25.12
CA ARG C 154 65.70 -33.46 -26.05
C ARG C 154 65.53 -34.37 -27.24
N LYS C 155 66.58 -35.10 -27.61
CA LYS C 155 66.52 -35.93 -28.81
C LYS C 155 65.53 -37.07 -28.66
N LEU C 156 65.21 -37.47 -27.42
CA LEU C 156 64.30 -38.58 -27.20
C LEU C 156 62.88 -38.27 -27.58
N ILE C 157 62.53 -36.98 -27.69
CA ILE C 157 61.20 -36.59 -28.15
C ILE C 157 60.97 -37.13 -29.56
N GLN C 158 61.87 -36.81 -30.48
CA GLN C 158 61.73 -37.29 -31.86
C GLN C 158 61.82 -38.82 -31.90
N PHE C 159 62.69 -39.40 -31.07
CA PHE C 159 62.80 -40.85 -31.03
C PHE C 159 61.47 -41.48 -30.56
N TYR C 160 60.84 -40.91 -29.51
CA TYR C 160 59.52 -41.39 -29.06
C TYR C 160 58.44 -41.25 -30.12
N LEU C 161 58.48 -40.18 -30.91
CA LEU C 161 57.48 -39.95 -31.96
C LEU C 161 57.71 -40.79 -33.21
N ASN C 162 58.95 -41.16 -33.49
CA ASN C 162 59.16 -42.16 -34.51
C ASN C 162 58.43 -43.46 -34.12
N PHE C 163 58.55 -43.85 -32.86
CA PHE C 163 57.95 -45.09 -32.31
C PHE C 163 56.42 -45.06 -32.29
N ALA C 164 55.85 -43.98 -31.77
CA ALA C 164 54.38 -43.81 -31.80
C ALA C 164 53.81 -43.76 -33.23
N LYS C 165 54.45 -42.99 -34.09
CA LYS C 165 54.05 -42.95 -35.50
C LYS C 165 53.92 -44.35 -36.07
N VAL C 166 54.99 -45.12 -35.97
CA VAL C 166 54.99 -46.46 -36.54
C VAL C 166 53.88 -47.32 -35.94
N CYS C 167 53.69 -47.27 -34.61
CA CYS C 167 52.60 -48.00 -33.97
C CYS C 167 51.19 -47.51 -34.39
N PHE C 168 50.94 -46.20 -34.32
CA PHE C 168 49.65 -45.62 -34.75
C PHE C 168 49.25 -46.08 -36.17
N GLU C 169 50.20 -46.01 -37.09
CA GLU C 169 50.00 -46.43 -38.49
C GLU C 169 49.80 -47.94 -38.64
N ARG C 170 50.64 -48.73 -38.01
CA ARG C 170 50.55 -50.20 -38.21
C ARG C 170 49.25 -50.75 -37.59
N TYR C 171 48.81 -50.15 -36.47
CA TYR C 171 47.66 -50.66 -35.71
C TYR C 171 46.46 -49.74 -35.77
N ARG C 172 46.39 -48.91 -36.83
CA ARG C 172 45.32 -47.91 -37.01
C ARG C 172 43.93 -48.48 -36.99
N ASP C 173 43.79 -49.72 -37.42
CA ASP C 173 42.47 -50.33 -37.53
C ASP C 173 42.23 -51.38 -36.47
N LYS C 174 43.17 -51.50 -35.53
CA LYS C 174 43.11 -52.50 -34.49
C LYS C 174 43.04 -51.92 -33.07
N VAL C 175 43.41 -50.66 -32.88
CA VAL C 175 43.45 -50.07 -31.54
C VAL C 175 42.71 -48.75 -31.50
N THR C 176 41.77 -48.58 -30.57
CA THR C 176 41.09 -47.30 -30.39
C THR C 176 41.69 -46.52 -29.20
N TYR C 177 41.83 -47.19 -28.05
CA TYR C 177 42.38 -46.53 -26.87
C TYR C 177 43.89 -46.67 -26.76
N TRP C 178 44.57 -45.53 -26.70
CA TRP C 178 46.01 -45.44 -26.46
C TRP C 178 46.33 -44.61 -25.26
N THR C 180 49.92 -42.38 -23.60
CA THR C 180 51.32 -42.00 -23.92
C THR C 180 52.38 -42.56 -22.97
N PHE C 181 52.40 -42.10 -21.72
CA PHE C 181 53.44 -42.51 -20.76
C PHE C 181 52.82 -43.03 -19.48
N ASN C 182 53.10 -44.30 -19.18
CA ASN C 182 52.60 -44.97 -17.98
C ASN C 182 53.11 -44.31 -16.73
N GLU C 183 52.20 -44.14 -15.78
CA GLU C 183 52.47 -43.52 -14.50
C GLU C 183 53.57 -42.46 -14.60
N ILE C 184 53.33 -41.46 -15.44
CA ILE C 184 54.26 -40.38 -15.66
C ILE C 184 54.66 -39.65 -14.38
N ASN C 185 53.75 -39.61 -13.41
CA ASN C 185 53.98 -38.86 -12.17
C ASN C 185 54.71 -39.59 -11.01
N ASN C 186 55.15 -40.84 -11.22
CA ASN C 186 55.90 -41.54 -10.16
C ASN C 186 57.18 -40.83 -9.79
N GLN C 187 57.81 -40.19 -10.79
CA GLN C 187 59.00 -39.36 -10.62
C GLN C 187 58.79 -38.06 -9.83
N THR C 188 57.53 -37.73 -9.51
CA THR C 188 57.27 -36.83 -8.37
C THR C 188 58.29 -37.13 -7.28
N ASN C 189 58.53 -38.41 -7.03
CA ASN C 189 59.61 -38.80 -6.13
C ASN C 189 60.97 -38.84 -6.83
N PHE C 190 61.63 -37.69 -6.88
CA PHE C 190 62.89 -37.55 -7.61
C PHE C 190 64.09 -38.15 -6.89
N GLU C 191 63.91 -38.63 -5.67
CA GLU C 191 64.93 -39.39 -4.93
C GLU C 191 64.74 -40.91 -5.07
N SER C 192 63.77 -41.34 -5.88
CA SER C 192 63.58 -42.76 -6.14
C SER C 192 64.34 -43.21 -7.38
N ASP C 193 65.36 -44.05 -7.18
CA ASP C 193 66.13 -44.66 -8.26
C ASP C 193 65.24 -45.34 -9.30
N GLY C 194 64.24 -46.07 -8.81
CA GLY C 194 63.34 -46.82 -9.67
C GLY C 194 62.34 -45.95 -10.43
N ALA C 195 61.87 -44.90 -9.80
CA ALA C 195 60.97 -43.95 -10.48
C ALA C 195 61.70 -43.24 -11.61
N LEU C 197 64.55 -44.15 -13.22
CA LEU C 197 64.91 -45.10 -14.26
C LEU C 197 63.71 -45.50 -15.10
N THR C 198 62.59 -45.83 -14.46
CA THR C 198 61.44 -46.35 -15.19
C THR C 198 60.68 -45.30 -15.98
N ASP C 199 60.44 -44.13 -15.40
CA ASP C 199 59.72 -43.03 -16.09
C ASP C 199 60.62 -42.40 -17.13
N SER C 200 61.90 -42.24 -16.79
CA SER C 200 62.72 -41.25 -17.49
C SER C 200 64.13 -41.69 -17.85
N GLY C 201 64.46 -42.94 -17.54
CA GLY C 201 65.74 -43.51 -17.94
C GLY C 201 66.87 -42.68 -17.45
N ILE C 202 66.68 -42.10 -16.26
CA ILE C 202 67.71 -41.31 -15.63
C ILE C 202 68.35 -42.19 -14.57
N ILE C 203 69.64 -42.47 -14.74
CA ILE C 203 70.47 -43.06 -13.69
C ILE C 203 71.35 -41.92 -13.17
N HIS C 204 71.18 -41.62 -11.90
CA HIS C 204 71.71 -40.41 -11.28
C HIS C 204 73.22 -40.35 -11.32
N GLN C 205 73.76 -39.22 -11.79
CA GLN C 205 75.19 -38.94 -11.74
C GLN C 205 75.56 -38.00 -10.56
N PRO C 206 76.73 -38.23 -9.92
CA PRO C 206 77.25 -37.34 -8.90
C PRO C 206 77.23 -35.87 -9.31
N GLY C 207 76.71 -35.02 -8.44
CA GLY C 207 76.64 -33.59 -8.74
C GLY C 207 75.29 -33.12 -9.25
N GLU C 208 74.57 -33.96 -9.98
CA GLU C 208 73.25 -33.56 -10.52
C GLU C 208 72.25 -33.21 -9.43
N ASN C 209 71.47 -32.16 -9.68
CA ASN C 209 70.29 -31.86 -8.88
C ASN C 209 69.19 -32.73 -9.46
N ARG C 210 68.70 -33.68 -8.66
CA ARG C 210 67.73 -34.68 -9.11
C ARG C 210 66.41 -34.03 -9.42
N GLU C 211 65.98 -33.10 -8.57
CA GLU C 211 64.71 -32.42 -8.82
C GLU C 211 64.79 -31.74 -10.16
N ARG C 212 65.82 -30.91 -10.33
CA ARG C 212 66.05 -30.19 -11.56
C ARG C 212 65.89 -31.09 -12.77
N TRP C 213 66.64 -32.19 -12.82
CA TRP C 213 66.64 -33.05 -14.00
C TRP C 213 65.37 -33.84 -14.19
N TYR C 215 62.35 -32.56 -13.54
CA TYR C 215 61.45 -31.62 -14.21
C TYR C 215 61.81 -31.48 -15.68
N GLN C 216 63.10 -31.49 -16.01
CA GLN C 216 63.53 -31.38 -17.42
C GLN C 216 63.06 -32.59 -18.19
N ALA C 217 63.38 -33.77 -17.68
CA ALA C 217 62.95 -35.00 -18.32
C ALA C 217 61.44 -35.06 -18.48
N ALA C 218 60.70 -34.70 -17.43
CA ALA C 218 59.25 -34.73 -17.48
C ALA C 218 58.72 -33.70 -18.48
N HIS C 219 59.37 -32.56 -18.63
CA HIS C 219 58.98 -31.62 -19.67
C HIS C 219 59.08 -32.17 -21.11
N TYR C 220 60.19 -32.81 -21.41
CA TYR C 220 60.36 -33.40 -22.72
C TYR C 220 59.33 -34.51 -22.92
N GLU C 221 59.04 -35.28 -21.87
CA GLU C 221 58.09 -36.38 -21.99
C GLU C 221 56.69 -35.83 -22.23
N LEU C 222 56.37 -34.72 -21.58
CA LEU C 222 55.07 -34.11 -21.76
C LEU C 222 54.93 -33.46 -23.13
N VAL C 223 55.99 -32.86 -23.64
CA VAL C 223 55.93 -32.35 -25.01
C VAL C 223 55.73 -33.50 -25.97
N ALA C 224 56.46 -34.59 -25.76
CA ALA C 224 56.34 -35.75 -26.63
C ALA C 224 54.93 -36.37 -26.57
N SER C 225 54.26 -36.23 -25.44
CA SER C 225 52.94 -36.80 -25.27
C SER C 225 51.96 -35.98 -26.09
N ALA C 226 52.09 -34.66 -25.93
CA ALA C 226 51.27 -33.70 -26.58
C ALA C 226 51.46 -33.74 -28.10
N ALA C 227 52.69 -33.86 -28.57
CA ALA C 227 52.93 -34.08 -30.01
C ALA C 227 52.39 -35.43 -30.51
N ALA C 228 52.35 -36.43 -29.64
CA ALA C 228 51.87 -37.77 -30.03
C ALA C 228 50.36 -37.83 -30.14
N VAL C 229 49.67 -37.04 -29.32
CA VAL C 229 48.21 -36.93 -29.37
C VAL C 229 47.77 -36.31 -30.70
N GLN C 230 48.51 -35.28 -31.12
CA GLN C 230 48.17 -34.57 -32.34
C GLN C 230 48.50 -35.45 -33.56
N LEU C 231 49.67 -36.11 -33.52
CA LEU C 231 50.11 -37.02 -34.59
C LEU C 231 49.14 -38.17 -34.72
N GLY C 232 48.72 -38.70 -33.57
CA GLY C 232 47.75 -39.77 -33.51
C GLY C 232 46.43 -39.41 -34.18
N HIS C 233 45.90 -38.24 -33.84
CA HIS C 233 44.60 -37.78 -34.33
C HIS C 233 44.64 -37.50 -35.84
N GLN C 234 45.81 -37.11 -36.35
CA GLN C 234 46.03 -36.95 -37.79
C GLN C 234 45.92 -38.31 -38.52
N ILE C 235 46.35 -39.38 -37.87
CA ILE C 235 46.41 -40.71 -38.48
C ILE C 235 45.06 -41.43 -38.44
N ASN C 236 44.42 -41.38 -37.27
CA ASN C 236 43.07 -41.89 -37.11
C ASN C 236 42.37 -40.94 -36.16
N PRO C 237 41.48 -40.08 -36.69
CA PRO C 237 40.74 -39.13 -35.86
C PRO C 237 39.82 -39.78 -34.82
N ASP C 238 39.50 -41.08 -34.98
CA ASP C 238 38.71 -41.79 -33.97
C ASP C 238 39.57 -42.36 -32.82
N PHE C 239 40.90 -42.30 -32.90
CA PHE C 239 41.75 -42.76 -31.78
C PHE C 239 41.37 -41.95 -30.56
N GLN C 240 41.36 -42.59 -29.39
CA GLN C 240 41.24 -41.90 -28.11
C GLN C 240 42.59 -42.05 -27.39
N ILE C 241 43.25 -40.91 -27.12
CA ILE C 241 44.63 -40.93 -26.64
C ILE C 241 44.70 -40.24 -25.28
N GLY C 242 44.96 -41.01 -24.23
CA GLY C 242 44.88 -40.49 -22.86
C GLY C 242 46.26 -40.42 -22.23
N CYS C 243 46.32 -39.87 -21.02
CA CYS C 243 47.54 -39.87 -20.23
C CYS C 243 47.42 -41.04 -19.30
N ILE C 245 48.32 -41.69 -15.22
CA ILE C 245 48.66 -41.00 -13.99
C ILE C 245 48.53 -41.99 -12.85
N ALA C 246 49.54 -42.02 -12.00
CA ALA C 246 49.47 -42.79 -10.78
C ALA C 246 48.72 -41.96 -9.74
N CYS C 248 47.65 -41.52 -6.38
CA CYS C 248 47.61 -41.63 -4.93
C CYS C 248 47.09 -40.34 -4.34
N PRO C 249 45.85 -40.33 -3.80
CA PRO C 249 45.46 -39.08 -3.18
C PRO C 249 46.20 -38.85 -1.86
N ILE C 250 46.41 -37.60 -1.51
CA ILE C 250 47.19 -37.21 -0.36
C ILE C 250 46.30 -36.42 0.55
N TYR C 251 46.10 -36.93 1.77
CA TYR C 251 45.14 -36.37 2.73
C TYR C 251 45.85 -35.48 3.72
N PRO C 252 45.19 -34.43 4.24
CA PRO C 252 45.81 -33.73 5.39
C PRO C 252 45.60 -34.58 6.65
N LEU C 253 46.58 -34.65 7.55
CA LEU C 253 46.52 -35.51 8.72
C LEU C 253 45.37 -35.08 9.64
N THR C 254 45.26 -33.77 9.86
CA THR C 254 44.31 -33.14 10.73
C THR C 254 43.72 -31.95 9.98
N ALA C 255 42.68 -31.37 10.55
CA ALA C 255 42.07 -30.16 9.98
C ALA C 255 42.90 -28.93 10.25
N ALA C 256 44.11 -29.07 10.77
CA ALA C 256 44.96 -27.89 10.94
C ALA C 256 45.11 -27.19 9.58
N PRO C 257 44.76 -25.89 9.51
CA PRO C 257 44.92 -25.20 8.22
C PRO C 257 46.25 -25.47 7.53
N ALA C 258 47.35 -25.53 8.27
CA ALA C 258 48.66 -25.72 7.64
C ALA C 258 48.86 -27.15 7.11
N ASP C 259 48.12 -28.10 7.68
CA ASP C 259 48.14 -29.49 7.16
C ASP C 259 47.28 -29.58 5.88
N VAL C 260 46.17 -28.87 5.84
CA VAL C 260 45.34 -28.82 4.63
C VAL C 260 46.10 -28.16 3.47
N LEU C 261 46.72 -27.01 3.71
CA LEU C 261 47.53 -26.34 2.67
C LEU C 261 48.66 -27.19 2.18
N PHE C 262 49.37 -27.83 3.09
CA PHE C 262 50.48 -28.68 2.69
C PHE C 262 49.97 -29.88 1.88
N ALA C 263 48.91 -30.53 2.31
CA ALA C 263 48.26 -31.56 1.47
C ALA C 263 47.87 -31.07 0.06
N GLN C 264 47.13 -29.97 -0.05
CA GLN C 264 46.91 -29.34 -1.38
C GLN C 264 48.18 -29.24 -2.23
N ARG C 265 49.22 -28.58 -1.73
CA ARG C 265 50.50 -28.44 -2.46
C ARG C 265 51.16 -29.81 -2.79
N ALA C 266 50.95 -30.79 -1.93
CA ALA C 266 51.42 -32.14 -2.22
C ALA C 266 50.72 -32.70 -3.47
N GLN C 268 49.28 -30.81 -5.76
CA GLN C 268 49.67 -29.96 -6.89
C GLN C 268 50.99 -30.46 -7.48
N THR C 269 51.89 -30.89 -6.59
CA THR C 269 53.22 -31.33 -6.97
C THR C 269 53.17 -32.71 -7.59
N ARG C 270 52.41 -33.60 -6.99
CA ARG C 270 52.24 -34.92 -7.56
C ARG C 270 51.44 -34.97 -8.88
N PHE C 271 50.49 -34.06 -9.09
CA PHE C 271 49.61 -34.12 -10.28
C PHE C 271 49.78 -32.99 -11.29
N TYR C 272 50.86 -32.23 -11.20
CA TYR C 272 51.07 -31.15 -12.18
C TYR C 272 51.17 -31.79 -13.54
N PHE C 273 51.73 -33.01 -13.61
CA PHE C 273 51.81 -33.68 -14.92
C PHE C 273 50.42 -33.73 -15.55
N ALA C 274 49.39 -33.93 -14.71
CA ALA C 274 48.03 -34.11 -15.18
C ALA C 274 47.44 -32.80 -15.60
N ASP C 275 47.79 -31.73 -14.88
CA ASP C 275 47.48 -30.37 -15.29
C ASP C 275 48.05 -30.05 -16.69
N VAL C 276 49.33 -30.38 -16.93
CA VAL C 276 49.91 -30.11 -18.24
C VAL C 276 49.16 -30.92 -19.31
N HIS C 277 48.99 -32.21 -19.04
CA HIS C 277 48.31 -33.13 -19.97
C HIS C 277 46.92 -32.63 -20.36
N CYS C 278 46.19 -32.11 -19.37
CA CYS C 278 44.77 -31.77 -19.51
C CYS C 278 44.47 -30.30 -19.77
N ASN C 279 45.13 -29.40 -19.03
CA ASN C 279 44.94 -27.96 -19.23
C ASN C 279 45.79 -27.42 -20.40
N GLY C 280 46.90 -28.10 -20.69
CA GLY C 280 47.79 -27.67 -21.78
C GLY C 280 48.88 -26.70 -21.35
N THR C 281 48.88 -26.31 -20.06
CA THR C 281 49.88 -25.36 -19.57
C THR C 281 50.39 -25.75 -18.20
N TYR C 282 51.54 -25.21 -17.83
CA TYR C 282 52.10 -25.40 -16.51
C TYR C 282 51.39 -24.52 -15.50
N PRO C 283 51.10 -25.07 -14.32
CA PRO C 283 50.58 -24.21 -13.26
C PRO C 283 51.60 -23.11 -12.89
N GLN C 284 51.10 -21.91 -12.58
CA GLN C 284 51.96 -20.77 -12.32
C GLN C 284 52.85 -20.99 -11.09
N TRP C 285 52.33 -21.62 -10.05
CA TRP C 285 53.15 -21.93 -8.86
C TRP C 285 54.40 -22.74 -9.22
N LEU C 286 54.26 -23.65 -10.18
CA LEU C 286 55.40 -24.46 -10.62
C LEU C 286 56.36 -23.66 -11.53
N ARG C 287 55.80 -22.80 -12.39
CA ARG C 287 56.58 -21.84 -13.17
C ARG C 287 57.43 -20.98 -12.24
N ASN C 288 56.80 -20.51 -11.15
CA ASN C 288 57.46 -19.69 -10.13
C ASN C 288 58.56 -20.49 -9.42
N ARG C 289 58.28 -21.75 -9.12
CA ARG C 289 59.32 -22.66 -8.61
C ARG C 289 60.52 -22.82 -9.59
N PHE C 290 60.26 -23.02 -10.87
CA PHE C 290 61.40 -23.15 -11.81
C PHE C 290 62.33 -21.94 -11.70
N GLU C 291 61.73 -20.75 -11.62
CA GLU C 291 62.53 -19.52 -11.58
C GLU C 291 63.24 -19.40 -10.24
N SER C 292 62.48 -19.50 -9.15
CA SER C 292 63.04 -19.33 -7.79
C SER C 292 64.06 -20.40 -7.36
N GLU C 293 64.00 -21.59 -7.95
CA GLU C 293 65.01 -22.64 -7.70
C GLU C 293 66.16 -22.62 -8.72
N HIS C 294 66.09 -21.72 -9.69
CA HIS C 294 67.16 -21.52 -10.67
C HIS C 294 67.50 -22.82 -11.38
N PHE C 295 66.47 -23.41 -11.98
CA PHE C 295 66.62 -24.62 -12.76
C PHE C 295 67.12 -24.34 -14.16
N ASN C 296 66.83 -23.14 -14.68
CA ASN C 296 67.17 -22.79 -16.05
C ASN C 296 66.84 -23.91 -17.02
N LEU C 297 65.63 -24.43 -16.90
CA LEU C 297 65.13 -25.49 -17.75
C LEU C 297 65.10 -25.07 -19.23
N ASP C 298 65.31 -26.05 -20.10
CA ASP C 298 65.21 -25.86 -21.54
C ASP C 298 63.73 -26.05 -21.94
N ILE C 299 63.02 -24.94 -21.96
CA ILE C 299 61.62 -24.88 -22.38
C ILE C 299 61.52 -23.76 -23.40
N THR C 300 61.13 -24.09 -24.62
CA THR C 300 60.97 -23.09 -25.69
C THR C 300 59.51 -22.69 -25.86
N ALA C 301 59.30 -21.60 -26.59
CA ALA C 301 57.99 -21.19 -27.05
C ALA C 301 57.32 -22.27 -27.89
N GLU C 302 58.08 -23.01 -28.67
CA GLU C 302 57.46 -24.05 -29.48
C GLU C 302 56.89 -25.17 -28.60
N ASP C 303 57.65 -25.59 -27.58
CA ASP C 303 57.17 -26.57 -26.62
C ASP C 303 55.76 -26.24 -26.12
N LEU C 304 55.54 -25.00 -25.71
CA LEU C 304 54.28 -24.59 -25.07
C LEU C 304 53.12 -24.61 -26.06
N LYS C 305 53.37 -24.28 -27.32
CA LYS C 305 52.33 -24.45 -28.33
C LYS C 305 51.95 -25.92 -28.54
N ILE C 306 52.95 -26.79 -28.53
CA ILE C 306 52.67 -28.21 -28.71
C ILE C 306 51.87 -28.71 -27.50
N LEU C 307 52.31 -28.32 -26.30
CA LEU C 307 51.59 -28.64 -25.08
C LEU C 307 50.15 -28.15 -25.12
N GLN C 308 49.93 -26.88 -25.43
CA GLN C 308 48.56 -26.38 -25.57
C GLN C 308 47.68 -27.15 -26.59
N ALA C 309 48.22 -27.48 -27.76
CA ALA C 309 47.43 -28.19 -28.79
C ALA C 309 47.34 -29.72 -28.60
N GLY C 310 48.05 -30.28 -27.63
CA GLY C 310 48.09 -31.74 -27.48
C GLY C 310 47.46 -32.32 -26.24
N THR C 311 46.43 -31.67 -25.71
CA THR C 311 45.80 -32.17 -24.48
C THR C 311 45.06 -33.47 -24.75
N VAL C 312 44.91 -34.29 -23.71
CA VAL C 312 44.49 -35.66 -23.87
C VAL C 312 42.97 -35.82 -23.97
N ASP C 313 42.54 -37.00 -24.41
CA ASP C 313 41.13 -37.27 -24.60
C ASP C 313 40.53 -37.84 -23.33
N TYR C 314 41.35 -38.52 -22.53
CA TYR C 314 40.89 -39.15 -21.31
C TYR C 314 42.05 -39.36 -20.35
N ILE C 315 41.74 -39.59 -19.07
CA ILE C 315 42.75 -39.81 -18.08
C ILE C 315 42.77 -41.25 -17.70
N GLY C 316 43.73 -42.01 -18.22
CA GLY C 316 44.00 -43.33 -17.70
C GLY C 316 44.72 -43.25 -16.35
N PHE C 317 44.30 -44.08 -15.39
CA PHE C 317 44.95 -44.04 -14.07
C PHE C 317 44.99 -45.33 -13.31
N SER C 318 46.01 -45.46 -12.48
CA SER C 318 46.15 -46.57 -11.56
C SER C 318 45.64 -46.16 -10.18
N TYR C 319 45.13 -47.13 -9.42
CA TYR C 319 44.72 -46.89 -8.02
C TYR C 319 45.07 -48.08 -7.14
N TYR C 320 45.87 -47.82 -6.10
CA TYR C 320 46.29 -48.84 -5.13
C TYR C 320 46.24 -48.38 -3.67
N SER C 322 46.21 -44.54 -0.83
CA SER C 322 46.29 -43.11 -0.57
C SER C 322 47.47 -42.81 0.37
N PHE C 323 47.88 -41.55 0.41
CA PHE C 323 48.94 -41.07 1.27
C PHE C 323 48.37 -40.07 2.29
N THR C 324 49.13 -39.81 3.33
CA THR C 324 48.74 -38.81 4.29
C THR C 324 49.96 -37.95 4.62
N VAL C 325 49.74 -36.65 4.78
CA VAL C 325 50.80 -35.72 5.19
C VAL C 325 50.33 -34.76 6.29
N LYS C 326 51.29 -34.22 7.03
CA LYS C 326 51.08 -33.09 7.91
C LYS C 326 52.10 -32.03 7.54
N ASP C 327 51.90 -30.81 8.02
CA ASP C 327 52.78 -29.71 7.72
C ASP C 327 54.18 -29.97 8.29
N THR C 328 55.18 -29.96 7.41
CA THR C 328 56.59 -30.09 7.78
C THR C 328 57.18 -28.72 8.14
N GLY C 329 56.55 -27.66 7.66
CA GLY C 329 57.06 -26.29 7.81
C GLY C 329 58.03 -25.94 6.71
N LYS C 330 58.13 -26.80 5.69
CA LYS C 330 59.02 -26.53 4.57
C LYS C 330 58.20 -26.08 3.36
N LEU C 331 58.88 -25.46 2.39
CA LEU C 331 58.24 -24.86 1.24
C LEU C 331 57.70 -25.89 0.22
N ALA C 332 58.40 -27.00 0.04
CA ALA C 332 58.08 -27.96 -1.01
C ALA C 332 57.80 -29.34 -0.43
N TYR C 333 56.92 -30.07 -1.11
CA TYR C 333 56.64 -31.47 -0.80
C TYR C 333 57.76 -32.39 -1.27
N ASN C 334 58.30 -33.18 -0.33
CA ASN C 334 59.18 -34.28 -0.69
C ASN C 334 58.56 -35.63 -0.38
N GLU C 335 58.25 -36.39 -1.42
CA GLU C 335 57.50 -37.61 -1.26
C GLU C 335 58.31 -38.70 -0.55
N GLU C 336 59.64 -38.65 -0.68
CA GLU C 336 60.48 -39.65 -0.06
C GLU C 336 60.52 -39.53 1.47
N HIS C 337 60.14 -38.37 2.01
CA HIS C 337 60.37 -38.06 3.42
C HIS C 337 59.17 -37.52 4.18
N ASP C 338 58.16 -37.04 3.48
CA ASP C 338 57.14 -36.22 4.11
C ASP C 338 55.81 -36.94 4.33
N LEU C 339 55.71 -38.21 3.92
CA LEU C 339 54.53 -39.04 4.18
C LEU C 339 54.54 -39.59 5.61
N VAL C 340 53.34 -39.70 6.19
CA VAL C 340 53.12 -40.29 7.51
C VAL C 340 51.99 -41.33 7.42
N LYS C 341 51.85 -42.14 8.45
CA LYS C 341 50.84 -43.19 8.47
C LYS C 341 49.48 -42.57 8.66
N ASN C 342 48.49 -43.14 8.01
CA ASN C 342 47.13 -42.74 8.25
C ASN C 342 46.61 -43.56 9.41
N PRO C 343 46.39 -42.92 10.58
CA PRO C 343 45.99 -43.71 11.73
C PRO C 343 44.51 -44.07 11.73
N TYR C 344 43.73 -43.57 10.77
CA TYR C 344 42.29 -43.85 10.68
C TYR C 344 41.97 -45.00 9.73
N VAL C 345 42.99 -45.58 9.11
CA VAL C 345 42.81 -46.70 8.18
C VAL C 345 43.45 -47.97 8.68
N LYS C 346 42.69 -49.06 8.66
CA LYS C 346 43.21 -50.41 8.92
C LYS C 346 44.63 -50.57 8.35
N ALA C 347 45.54 -51.15 9.13
CA ALA C 347 46.88 -51.47 8.62
C ALA C 347 46.77 -52.60 7.61
N SER C 348 47.57 -52.50 6.54
CA SER C 348 47.57 -53.48 5.44
C SER C 348 48.87 -54.29 5.50
N ASP C 349 48.81 -55.53 5.02
CA ASP C 349 49.93 -56.47 5.13
C ASP C 349 51.22 -55.96 4.46
N GLY C 351 52.68 -53.31 3.09
CA GLY C 351 53.60 -52.18 3.01
C GLY C 351 52.98 -50.82 2.70
N TRP C 352 51.72 -50.81 2.23
CA TRP C 352 51.07 -49.59 1.72
C TRP C 352 49.56 -49.54 2.05
N GLN C 353 48.96 -48.36 1.91
CA GLN C 353 47.67 -48.05 2.58
C GLN C 353 46.41 -48.32 1.73
N VAL C 354 45.80 -49.49 1.92
CA VAL C 354 44.57 -49.88 1.21
C VAL C 354 43.39 -48.96 1.57
N ASP C 355 42.83 -48.28 0.56
CA ASP C 355 41.82 -47.24 0.76
C ASP C 355 40.81 -47.18 -0.40
N PRO C 356 39.80 -48.05 -0.41
CA PRO C 356 38.82 -48.02 -1.50
C PRO C 356 38.06 -46.69 -1.62
N VAL C 357 37.67 -46.09 -0.50
CA VAL C 357 36.93 -44.84 -0.50
C VAL C 357 37.75 -43.70 -1.19
N GLY C 358 39.07 -43.71 -1.02
CA GLY C 358 39.90 -42.73 -1.74
C GLY C 358 39.79 -42.81 -3.26
N LEU C 359 39.39 -43.96 -3.77
CA LEU C 359 39.18 -44.12 -5.22
C LEU C 359 37.96 -43.32 -5.71
N ARG C 360 36.90 -43.27 -4.91
CA ARG C 360 35.73 -42.44 -5.23
C ARG C 360 36.12 -40.98 -5.13
N TYR C 361 36.92 -40.66 -4.13
CA TYR C 361 37.44 -39.29 -3.97
C TYR C 361 38.24 -38.91 -5.19
N ALA C 362 39.11 -39.82 -5.62
CA ALA C 362 40.08 -39.54 -6.68
C ALA C 362 39.36 -39.34 -8.00
N ASN C 364 36.12 -38.18 -8.32
CA ASN C 364 35.49 -36.84 -8.22
C ASN C 364 36.52 -35.72 -8.36
N TRP C 365 37.70 -35.92 -7.78
CA TRP C 365 38.82 -34.97 -7.93
C TRP C 365 39.20 -34.71 -9.40
N PHE C 366 39.36 -35.78 -10.18
CA PHE C 366 39.74 -35.69 -11.58
C PHE C 366 38.63 -35.05 -12.42
N THR C 367 37.41 -35.50 -12.13
CA THR C 367 36.23 -35.07 -12.88
C THR C 367 35.98 -33.56 -12.71
N ASP C 368 36.09 -33.09 -11.46
CA ASP C 368 35.86 -31.67 -11.13
C ASP C 368 37.02 -30.76 -11.54
N ARG C 369 38.23 -31.30 -11.58
CA ARG C 369 39.37 -30.53 -12.04
C ARG C 369 39.44 -30.45 -13.57
N TYR C 370 39.11 -31.53 -14.29
CA TYR C 370 39.50 -31.68 -15.71
C TYR C 370 38.33 -31.92 -16.68
N HIS C 371 37.23 -32.47 -16.16
CA HIS C 371 36.01 -32.81 -16.94
C HIS C 371 36.24 -33.67 -18.16
N LEU C 372 37.11 -34.66 -18.03
CA LEU C 372 37.36 -35.61 -19.09
C LEU C 372 36.87 -37.00 -18.70
N PRO C 373 36.80 -37.91 -19.69
CA PRO C 373 36.50 -39.30 -19.33
C PRO C 373 37.70 -39.92 -18.63
N LEU C 374 37.43 -40.92 -17.79
CA LEU C 374 38.46 -41.61 -17.00
C LEU C 374 38.46 -43.08 -17.39
N PHE C 375 39.55 -43.78 -17.15
CA PHE C 375 39.74 -45.19 -17.48
C PHE C 375 40.64 -45.74 -16.37
N ILE C 376 40.10 -46.66 -15.57
CA ILE C 376 40.89 -47.30 -14.52
C ILE C 376 41.63 -48.46 -15.15
N VAL C 377 42.93 -48.24 -15.39
CA VAL C 377 43.76 -49.20 -16.11
C VAL C 377 44.76 -49.95 -15.20
N GLU C 378 44.73 -49.68 -13.90
CA GLU C 378 45.38 -50.57 -12.96
C GLU C 378 44.72 -50.46 -11.62
N ASN C 379 44.50 -51.60 -10.99
CA ASN C 379 43.93 -51.71 -9.65
C ASN C 379 44.02 -53.17 -9.32
N GLY C 380 44.56 -53.54 -8.14
CA GLY C 380 44.47 -54.93 -7.67
C GLY C 380 45.27 -55.24 -6.41
N LEU C 381 45.20 -56.50 -5.99
CA LEU C 381 45.78 -56.89 -4.71
C LEU C 381 46.92 -57.82 -4.97
N GLY C 382 48.08 -57.45 -4.43
CA GLY C 382 49.24 -58.30 -4.46
C GLY C 382 49.23 -59.10 -3.19
N ALA C 383 49.38 -60.40 -3.33
CA ALA C 383 49.25 -61.30 -2.20
C ALA C 383 49.98 -62.55 -2.59
N ILE C 384 50.40 -63.28 -1.57
CA ILE C 384 50.84 -64.63 -1.80
C ILE C 384 49.54 -65.41 -2.00
N ASP C 385 49.60 -66.36 -2.92
CA ASP C 385 48.54 -67.32 -3.14
C ASP C 385 49.11 -68.69 -2.89
N LYS C 386 48.26 -69.58 -2.38
CA LYS C 386 48.59 -70.98 -2.22
C LYS C 386 47.83 -71.77 -3.26
N LYS C 387 48.52 -72.63 -3.99
CA LYS C 387 47.88 -73.64 -4.80
C LYS C 387 47.77 -74.86 -3.93
N THR C 388 46.56 -75.40 -3.82
CA THR C 388 46.27 -76.45 -2.88
C THR C 388 46.62 -77.74 -3.57
N ALA C 389 46.64 -78.82 -2.80
CA ALA C 389 46.92 -80.16 -3.29
C ALA C 389 45.96 -80.55 -4.42
N ASP C 390 44.72 -80.04 -4.37
CA ASP C 390 43.74 -80.31 -5.43
C ASP C 390 43.67 -79.18 -6.48
N ASN C 391 44.74 -78.39 -6.54
CA ASN C 391 44.99 -77.44 -7.61
C ASN C 391 44.00 -76.26 -7.72
N GLN C 392 43.40 -75.91 -6.58
CA GLN C 392 42.58 -74.70 -6.47
C GLN C 392 43.39 -73.56 -5.91
N ILE C 393 42.91 -72.34 -6.16
CA ILE C 393 43.37 -71.16 -5.44
C ILE C 393 42.20 -70.36 -4.88
N HIS C 394 42.13 -70.34 -3.56
CA HIS C 394 41.01 -69.77 -2.83
C HIS C 394 41.32 -68.34 -2.41
N ASP C 395 41.23 -67.42 -3.36
CA ASP C 395 41.73 -66.08 -3.09
C ASP C 395 40.57 -65.16 -2.79
N ASP C 396 39.88 -65.51 -1.72
CA ASP C 396 38.76 -64.74 -1.25
C ASP C 396 39.21 -63.32 -0.88
N TYR C 397 40.45 -63.19 -0.39
CA TYR C 397 41.00 -61.87 -0.03
C TYR C 397 41.10 -60.92 -1.24
N ARG C 398 41.27 -61.49 -2.44
CA ARG C 398 41.39 -60.71 -3.68
C ARG C 398 40.03 -60.31 -4.23
N ILE C 399 39.06 -61.21 -4.11
CA ILE C 399 37.65 -60.95 -4.46
C ILE C 399 37.05 -59.87 -3.57
N ASP C 400 37.39 -59.92 -2.28
CA ASP C 400 36.95 -58.91 -1.35
C ASP C 400 37.54 -57.56 -1.71
N TYR C 401 38.84 -57.53 -2.00
CA TYR C 401 39.49 -56.25 -2.36
C TYR C 401 38.84 -55.69 -3.66
N LEU C 402 38.62 -56.54 -4.64
CA LEU C 402 38.02 -56.08 -5.88
C LEU C 402 36.58 -55.66 -5.64
N THR C 403 35.85 -56.37 -4.77
CA THR C 403 34.49 -55.97 -4.40
C THR C 403 34.45 -54.61 -3.73
N ASP C 404 35.35 -54.35 -2.81
CA ASP C 404 35.32 -53.11 -2.05
C ASP C 404 35.58 -51.94 -2.99
N HIS C 405 36.57 -52.10 -3.85
CA HIS C 405 36.91 -51.03 -4.80
C HIS C 405 35.81 -50.85 -5.85
N LEU C 406 35.31 -51.95 -6.39
CA LEU C 406 34.26 -51.83 -7.40
C LEU C 406 32.99 -51.20 -6.85
N ARG C 407 32.71 -51.40 -5.57
CA ARG C 407 31.57 -50.76 -4.92
C ARG C 407 31.72 -49.25 -4.97
N GLN C 408 32.91 -48.76 -4.66
CA GLN C 408 33.19 -47.32 -4.71
C GLN C 408 33.11 -46.78 -6.13
N ILE C 409 33.66 -47.53 -7.08
CA ILE C 409 33.65 -47.12 -8.47
C ILE C 409 32.21 -47.00 -8.98
N LYS C 410 31.40 -48.00 -8.67
CA LYS C 410 29.99 -48.02 -9.07
C LYS C 410 29.28 -46.80 -8.49
N LEU C 411 29.54 -46.50 -7.21
CA LEU C 411 29.06 -45.28 -6.59
C LEU C 411 29.55 -44.04 -7.36
N ALA C 412 30.83 -44.03 -7.76
CA ALA C 412 31.34 -42.87 -8.47
C ALA C 412 30.58 -42.65 -9.78
N VAL C 413 30.29 -43.73 -10.48
CA VAL C 413 29.73 -43.68 -11.81
C VAL C 413 28.24 -43.46 -11.71
N LEU C 414 27.56 -44.31 -10.95
CA LEU C 414 26.11 -44.27 -10.90
C LEU C 414 25.52 -43.11 -10.08
N GLU C 415 26.13 -42.75 -8.96
CA GLU C 415 25.64 -41.64 -8.13
C GLU C 415 26.33 -40.33 -8.46
N ASP C 416 27.67 -40.34 -8.53
CA ASP C 416 28.42 -39.09 -8.72
C ASP C 416 28.50 -38.72 -10.18
N GLY C 417 28.14 -39.67 -11.04
CA GLY C 417 28.00 -39.39 -12.45
C GLY C 417 29.34 -39.21 -13.13
N VAL C 418 30.35 -39.88 -12.59
CA VAL C 418 31.68 -39.80 -13.14
C VAL C 418 31.68 -40.63 -14.41
N ASP C 419 32.37 -40.13 -15.43
CA ASP C 419 32.36 -40.73 -16.76
C ASP C 419 33.55 -41.68 -16.88
N LEU C 420 33.30 -43.00 -16.78
CA LEU C 420 34.36 -43.99 -16.78
C LEU C 420 34.23 -44.94 -17.94
N ILE C 421 35.33 -45.14 -18.66
CA ILE C 421 35.35 -45.90 -19.92
C ILE C 421 35.40 -47.39 -19.66
N GLY C 422 36.19 -47.75 -18.65
CA GLY C 422 36.34 -49.12 -18.27
C GLY C 422 37.18 -49.27 -17.02
N TYR C 423 37.51 -50.53 -16.74
CA TYR C 423 38.17 -50.95 -15.53
C TYR C 423 38.93 -52.22 -15.85
N THR C 424 40.26 -52.16 -15.79
CA THR C 424 41.10 -53.32 -16.01
C THR C 424 41.99 -53.61 -14.79
N PRO C 425 41.66 -54.64 -14.01
CA PRO C 425 42.57 -54.91 -12.89
C PRO C 425 44.00 -55.27 -13.30
N TRP C 426 44.96 -54.91 -12.46
CA TRP C 426 46.36 -55.13 -12.74
C TRP C 426 46.77 -56.58 -12.63
N GLY C 427 47.56 -57.01 -13.60
CA GLY C 427 48.18 -58.32 -13.53
C GLY C 427 47.22 -59.48 -13.58
N CYS C 428 46.22 -59.38 -14.47
CA CYS C 428 45.14 -60.34 -14.61
C CYS C 428 45.67 -61.76 -14.82
N ILE C 429 46.87 -61.86 -15.38
CA ILE C 429 47.61 -63.10 -15.36
C ILE C 429 48.88 -62.81 -14.55
N ASP C 430 49.19 -63.69 -13.59
CA ASP C 430 50.33 -63.49 -12.71
C ASP C 430 51.57 -63.18 -13.53
N LEU C 431 52.23 -62.08 -13.22
CA LEU C 431 53.40 -61.63 -13.95
C LEU C 431 54.51 -61.15 -13.01
N VAL C 432 55.64 -60.74 -13.58
CA VAL C 432 56.82 -60.35 -12.79
C VAL C 432 56.53 -59.01 -12.18
N ALA C 433 56.60 -58.92 -10.85
CA ALA C 433 56.22 -57.71 -10.16
C ALA C 433 57.32 -56.68 -10.38
N ALA C 434 56.91 -55.42 -10.43
CA ALA C 434 57.81 -54.35 -10.81
C ALA C 434 58.83 -54.12 -9.71
N SER C 435 58.34 -53.99 -8.47
CA SER C 435 59.19 -53.49 -7.37
C SER C 435 60.18 -54.52 -6.88
N THR C 436 59.86 -55.80 -7.01
CA THR C 436 60.74 -56.88 -6.50
C THR C 436 61.23 -57.87 -7.55
N GLY C 437 60.58 -57.92 -8.70
CA GLY C 437 60.84 -58.99 -9.68
C GLY C 437 60.45 -60.40 -9.23
N GLN C 438 59.70 -60.51 -8.15
CA GLN C 438 59.27 -61.82 -7.68
C GLN C 438 58.05 -62.25 -8.48
N SER C 440 56.19 -64.38 -6.64
CA SER C 440 55.39 -64.87 -5.52
C SER C 440 54.48 -63.78 -4.92
N LYS C 441 54.75 -62.52 -5.18
CA LYS C 441 53.80 -61.45 -4.88
C LYS C 441 52.83 -61.38 -6.10
N ARG C 442 51.62 -61.94 -5.95
CA ARG C 442 50.76 -62.24 -7.10
C ARG C 442 49.51 -61.39 -7.13
N TYR C 443 49.14 -60.96 -8.35
CA TYR C 443 48.00 -60.13 -8.57
C TYR C 443 46.88 -60.80 -9.39
N GLY C 444 47.10 -61.96 -9.96
CA GLY C 444 46.26 -62.41 -11.08
C GLY C 444 44.93 -63.09 -10.78
N PHE C 445 44.06 -63.11 -11.79
CA PHE C 445 42.97 -64.09 -11.85
C PHE C 445 43.50 -65.48 -12.22
N ILE C 446 44.68 -65.51 -12.84
CA ILE C 446 45.25 -66.73 -13.40
C ILE C 446 46.60 -66.96 -12.70
N TYR C 447 46.68 -68.06 -11.95
CA TYR C 447 47.90 -68.49 -11.26
C TYR C 447 48.87 -69.14 -12.24
N VAL C 448 50.11 -68.65 -12.26
CA VAL C 448 51.17 -69.23 -13.11
C VAL C 448 52.13 -69.97 -12.20
N ASP C 449 52.34 -71.25 -12.45
CA ASP C 449 53.13 -72.07 -11.52
C ASP C 449 54.61 -71.84 -11.82
N GLU C 450 55.13 -70.72 -11.34
CA GLU C 450 56.53 -70.39 -11.54
C GLU C 450 56.99 -69.74 -10.26
N ASN C 451 58.14 -70.17 -9.75
CA ASN C 451 58.69 -69.62 -8.52
C ASN C 451 59.61 -68.48 -8.83
N ASP C 452 60.07 -67.83 -7.77
CA ASP C 452 60.89 -66.64 -7.88
C ASP C 452 62.20 -66.86 -8.61
N ASP C 453 62.72 -68.08 -8.57
CA ASP C 453 63.97 -68.42 -9.24
C ASP C 453 63.75 -68.96 -10.66
N GLY C 454 62.52 -68.89 -11.15
CA GLY C 454 62.19 -69.16 -12.55
C GLY C 454 61.93 -70.63 -12.82
N SER C 455 62.03 -71.45 -11.77
CA SER C 455 61.72 -72.86 -11.85
C SER C 455 60.20 -73.02 -11.87
N GLY C 456 59.76 -74.22 -12.19
CA GLY C 456 58.36 -74.55 -12.22
C GLY C 456 57.91 -74.81 -13.64
N SER C 457 56.66 -75.25 -13.75
CA SER C 457 56.11 -75.73 -15.00
C SER C 457 55.67 -74.55 -15.84
N LEU C 458 55.37 -73.45 -15.17
CA LEU C 458 54.69 -72.27 -15.75
C LEU C 458 53.22 -72.54 -16.21
N LYS C 459 52.66 -73.67 -15.77
CA LYS C 459 51.27 -74.02 -16.07
C LYS C 459 50.36 -72.95 -15.52
N ARG C 460 49.25 -72.71 -16.22
CA ARG C 460 48.26 -71.74 -15.81
C ARG C 460 47.07 -72.42 -15.13
N TYR C 461 46.56 -71.80 -14.06
CA TYR C 461 45.38 -72.31 -13.38
C TYR C 461 44.46 -71.17 -13.00
N LYS C 462 43.19 -71.53 -13.01
CA LYS C 462 42.14 -70.64 -12.61
C LYS C 462 42.15 -70.47 -11.09
N LYS C 463 42.31 -69.22 -10.64
CA LYS C 463 41.98 -68.88 -9.25
C LYS C 463 40.47 -68.73 -9.12
N ASP C 464 39.95 -68.83 -7.90
CA ASP C 464 38.53 -68.61 -7.65
C ASP C 464 38.11 -67.23 -8.17
N SER C 465 38.95 -66.22 -7.96
CA SER C 465 38.66 -64.85 -8.40
C SER C 465 38.31 -64.75 -9.88
N PHE C 466 38.81 -65.71 -10.67
CA PHE C 466 38.57 -65.79 -12.12
C PHE C 466 37.10 -65.98 -12.43
N THR C 467 36.43 -66.82 -11.63
CA THR C 467 35.02 -67.15 -11.83
C THR C 467 34.13 -66.01 -11.30
N TRP C 468 34.63 -65.27 -10.31
CA TRP C 468 33.91 -64.15 -9.76
C TRP C 468 33.85 -63.00 -10.77
N PHE C 469 34.99 -62.67 -11.33
CA PHE C 469 35.08 -61.62 -12.30
C PHE C 469 34.29 -61.90 -13.57
N GLN C 470 34.41 -63.14 -14.05
CA GLN C 470 33.63 -63.65 -15.18
C GLN C 470 32.17 -63.27 -15.01
N HIS C 471 31.62 -63.61 -13.86
CA HIS C 471 30.25 -63.30 -13.54
C HIS C 471 30.02 -61.80 -13.43
N VAL C 472 30.94 -61.05 -12.82
CA VAL C 472 30.85 -59.59 -12.82
C VAL C 472 30.72 -59.03 -14.25
N ILE C 473 31.54 -59.51 -15.17
CA ILE C 473 31.50 -59.05 -16.57
C ILE C 473 30.24 -59.51 -17.25
N ALA C 474 29.83 -60.77 -17.02
CA ALA C 474 28.58 -61.25 -17.62
C ALA C 474 27.33 -60.51 -17.13
N THR C 475 27.36 -59.96 -15.91
CA THR C 475 26.19 -59.22 -15.38
C THR C 475 26.42 -57.73 -15.52
N ASN C 476 27.42 -57.36 -16.30
CA ASN C 476 27.87 -55.99 -16.40
C ASN C 476 27.90 -55.27 -15.07
N GLY C 477 28.43 -55.92 -14.04
CA GLY C 477 28.51 -55.31 -12.70
C GLY C 477 27.20 -55.04 -11.97
N ALA C 478 26.09 -55.56 -12.49
CA ALA C 478 24.76 -55.26 -11.91
C ALA C 478 24.60 -55.69 -10.44
N GLU C 479 25.28 -56.75 -10.04
CA GLU C 479 25.11 -57.31 -8.67
C GLU C 479 25.95 -56.62 -7.58
N ILE C 480 26.97 -55.87 -7.97
CA ILE C 480 27.81 -55.21 -6.99
C ILE C 480 27.00 -54.24 -6.15
N GLU C 481 27.07 -54.45 -4.83
CA GLU C 481 26.48 -53.57 -3.80
C GLU C 481 27.53 -53.36 -2.68
N ALA D 3 64.87 -20.79 2.12
CA ALA D 3 63.52 -20.24 1.84
C ALA D 3 63.56 -18.80 1.33
N THR D 5 61.70 -14.89 0.79
CA THR D 5 61.07 -13.87 1.60
C THR D 5 60.18 -13.03 0.68
N ILE D 6 59.09 -12.50 1.24
CA ILE D 6 58.19 -11.62 0.47
C ILE D 6 58.40 -10.12 0.79
N LYS D 7 59.04 -9.79 1.90
CA LYS D 7 59.37 -8.40 2.21
C LYS D 7 60.16 -7.72 1.09
N GLY D 8 59.72 -6.53 0.68
CA GLY D 8 60.44 -5.74 -0.34
C GLY D 8 60.01 -5.99 -1.77
N ARG D 9 59.10 -6.95 -1.99
CA ARG D 9 58.54 -7.19 -3.30
C ARG D 9 57.11 -6.72 -3.31
N ALA D 10 56.74 -6.09 -4.42
CA ALA D 10 55.48 -5.42 -4.58
C ALA D 10 54.40 -6.38 -5.06
N PHE D 11 53.14 -6.00 -4.83
CA PHE D 11 52.02 -6.60 -5.52
C PHE D 11 52.17 -6.21 -7.00
N PRO D 12 51.41 -6.83 -7.91
CA PRO D 12 51.64 -6.55 -9.33
C PRO D 12 51.26 -5.12 -9.73
N GLU D 13 51.88 -4.61 -10.80
CA GLU D 13 51.58 -3.26 -11.27
C GLU D 13 50.10 -3.21 -11.65
N GLY D 14 49.41 -2.15 -11.21
CA GLY D 14 47.99 -1.97 -11.52
C GLY D 14 47.01 -2.72 -10.62
N PHE D 15 47.51 -3.32 -9.53
CA PHE D 15 46.66 -4.01 -8.54
C PHE D 15 45.62 -3.08 -7.95
N LEU D 16 44.35 -3.50 -7.96
CA LEU D 16 43.26 -2.63 -7.52
C LEU D 16 43.03 -2.72 -6.01
N TRP D 17 43.73 -1.84 -5.29
CA TRP D 17 43.50 -1.62 -3.86
C TRP D 17 42.25 -0.80 -3.66
N GLY D 18 41.38 -1.17 -2.73
CA GLY D 18 40.21 -0.33 -2.48
C GLY D 18 39.47 -0.65 -1.21
N GLY D 19 38.19 -0.29 -1.17
CA GLY D 19 37.32 -0.67 -0.07
C GLY D 19 35.98 -1.07 -0.57
N ALA D 20 35.27 -1.86 0.24
CA ALA D 20 33.94 -2.38 -0.14
C ALA D 20 32.82 -2.17 0.90
N VAL D 21 31.66 -1.80 0.36
CA VAL D 21 30.41 -1.58 1.10
C VAL D 21 29.24 -2.18 0.31
N ALA D 22 28.05 -2.12 0.88
CA ALA D 22 26.83 -2.48 0.18
C ALA D 22 25.88 -1.30 0.33
N ALA D 23 25.18 -0.93 -0.75
CA ALA D 23 24.35 0.28 -0.74
C ALA D 23 23.51 0.38 0.52
N HIS D 24 22.73 -0.66 0.77
CA HIS D 24 21.79 -0.66 1.87
C HIS D 24 22.47 -0.52 3.25
N GLN D 25 23.75 -0.89 3.34
CA GLN D 25 24.40 -0.89 4.64
C GLN D 25 24.90 0.49 5.01
N LEU D 26 25.08 1.40 4.04
CA LEU D 26 25.58 2.73 4.36
C LEU D 26 24.83 3.94 3.82
N GLU D 27 24.06 3.79 2.74
CA GLU D 27 23.48 5.00 2.06
C GLU D 27 22.50 5.78 2.92
N GLY D 28 21.56 5.08 3.55
CA GLY D 28 20.38 5.75 4.13
C GLY D 28 19.51 6.26 3.00
N GLY D 29 18.68 7.26 3.30
CA GLY D 29 17.80 7.87 2.30
C GLY D 29 16.97 6.79 1.68
N TYR D 30 16.25 6.06 2.51
CA TYR D 30 15.65 4.83 2.07
C TYR D 30 14.34 5.05 1.35
N LYS D 31 13.74 6.24 1.51
CA LYS D 31 12.55 6.67 0.80
C LYS D 31 12.88 7.76 -0.23
N GLU D 32 14.11 8.22 -0.24
CA GLU D 32 14.48 9.40 -1.04
C GLU D 32 14.50 9.11 -2.53
N GLY D 33 14.19 10.13 -3.32
CA GLY D 33 14.21 10.02 -4.77
C GLY D 33 13.33 8.89 -5.27
N GLY D 34 12.25 8.60 -4.54
CA GLY D 34 11.32 7.53 -4.88
C GLY D 34 11.78 6.09 -4.63
N LYS D 35 12.91 5.90 -3.94
CA LYS D 35 13.41 4.56 -3.70
C LYS D 35 12.28 3.70 -3.14
N GLY D 36 12.19 2.45 -3.61
CA GLY D 36 11.23 1.49 -3.07
C GLY D 36 11.77 0.75 -1.84
N LEU D 37 10.94 -0.12 -1.28
CA LEU D 37 11.23 -0.81 -0.01
C LEU D 37 12.00 -2.07 -0.33
N SER D 38 13.22 -2.17 0.20
CA SER D 38 14.06 -3.33 -0.06
C SER D 38 13.84 -4.33 1.05
N THR D 39 14.29 -5.56 0.85
CA THR D 39 14.31 -6.55 1.92
C THR D 39 15.24 -6.22 3.08
N ALA D 40 16.14 -5.25 2.91
CA ALA D 40 16.99 -4.76 4.00
C ALA D 40 16.27 -3.74 4.88
N ASP D 41 15.22 -3.13 4.37
CA ASP D 41 14.47 -2.05 5.06
C ASP D 41 13.39 -2.58 6.00
N ILE D 42 13.16 -3.89 5.96
CA ILE D 42 12.20 -4.58 6.81
C ILE D 42 12.92 -5.45 7.87
N THR D 44 14.79 -5.37 11.45
CA THR D 44 14.94 -4.57 12.68
C THR D 44 16.33 -4.70 13.30
N LEU D 45 16.55 -3.94 14.37
CA LEU D 45 17.85 -3.94 15.07
C LEU D 45 17.90 -5.20 15.94
N GLY D 46 19.10 -5.76 16.08
CA GLY D 46 19.30 -6.97 16.86
C GLY D 46 20.60 -6.96 17.64
N THR D 47 21.01 -8.14 18.09
CA THR D 47 22.26 -8.31 18.82
C THR D 47 22.81 -9.71 18.58
N ASN D 48 23.89 -10.05 19.26
CA ASN D 48 24.35 -11.44 19.31
C ASN D 48 23.31 -12.35 19.92
N GLU D 49 22.60 -11.83 20.92
CA GLU D 49 21.59 -12.59 21.63
C GLU D 49 20.36 -12.75 20.74
N ARG D 50 19.70 -11.63 20.45
CA ARG D 50 18.39 -11.60 19.82
C ARG D 50 18.51 -11.33 18.30
N PRO D 51 18.07 -12.29 17.47
CA PRO D 51 18.17 -12.07 16.03
C PRO D 51 17.30 -10.95 15.50
N ARG D 52 17.68 -10.44 14.32
CA ARG D 52 16.93 -9.37 13.67
C ARG D 52 15.54 -9.87 13.31
N GLU D 53 14.54 -9.02 13.50
CA GLU D 53 13.16 -9.39 13.16
C GLU D 53 12.90 -8.99 11.72
N ILE D 54 12.20 -9.85 10.98
CA ILE D 54 11.73 -9.52 9.65
C ILE D 54 10.26 -9.18 9.80
N THR D 55 9.91 -7.94 9.52
CA THR D 55 8.52 -7.52 9.62
C THR D 55 7.90 -7.37 8.22
N ASP D 56 6.59 -7.49 8.14
CA ASP D 56 5.88 -7.34 6.87
C ASP D 56 5.66 -5.84 6.57
N GLY D 57 6.69 -5.22 5.97
CA GLY D 57 6.73 -3.78 5.79
C GLY D 57 7.37 -3.09 6.99
N VAL D 58 7.30 -1.77 7.01
CA VAL D 58 7.80 -0.98 8.13
C VAL D 58 6.66 -0.84 9.14
N VAL D 59 6.86 -1.30 10.38
CA VAL D 59 5.79 -1.19 11.38
C VAL D 59 6.20 -0.18 12.45
N ALA D 60 5.26 0.69 12.82
CA ALA D 60 5.53 1.77 13.76
C ALA D 60 6.06 1.19 15.07
N GLY D 61 7.08 1.84 15.64
CA GLY D 61 7.59 1.47 16.96
C GLY D 61 8.71 0.47 16.93
N LYS D 62 9.10 0.04 15.72
CA LYS D 62 10.28 -0.79 15.51
C LYS D 62 11.39 0.10 14.95
N TYR D 63 12.62 -0.16 15.36
CA TYR D 63 13.74 0.60 14.81
C TYR D 63 14.48 -0.22 13.73
N TYR D 64 14.64 0.40 12.56
CA TYR D 64 15.25 -0.20 11.37
C TYR D 64 16.48 0.59 10.99
N PRO D 65 17.68 0.07 11.31
CA PRO D 65 18.91 0.86 11.19
C PRO D 65 19.32 1.21 9.77
N ASN D 66 18.87 0.43 8.81
CA ASN D 66 19.24 0.66 7.38
C ASN D 66 18.56 1.91 6.81
N HIS D 67 17.55 2.43 7.49
CA HIS D 67 16.75 3.53 6.92
C HIS D 67 17.58 4.83 6.73
N GLN D 68 18.44 5.13 7.69
CA GLN D 68 19.35 6.25 7.60
C GLN D 68 20.81 5.80 7.50
N ALA D 69 21.13 4.65 8.10
CA ALA D 69 22.48 4.11 8.13
C ALA D 69 23.49 5.17 8.54
N ILE D 70 24.53 5.42 7.74
CA ILE D 70 25.43 6.55 8.02
C ILE D 70 25.22 7.77 7.10
N ASP D 71 24.12 7.79 6.34
CA ASP D 71 23.77 8.91 5.43
C ASP D 71 24.82 9.23 4.36
N PHE D 72 25.42 8.18 3.79
CA PHE D 72 26.36 8.30 2.68
C PHE D 72 25.64 8.78 1.44
N TYR D 73 24.32 8.58 1.39
CA TYR D 73 23.53 9.12 0.30
C TYR D 73 23.72 10.64 0.17
N HIS D 74 23.65 11.37 1.27
CA HIS D 74 23.96 12.81 1.26
C HIS D 74 25.44 13.16 1.50
N ARG D 75 26.19 12.30 2.19
CA ARG D 75 27.57 12.60 2.62
C ARG D 75 28.68 11.98 1.73
N TYR D 76 28.32 11.31 0.64
CA TYR D 76 29.30 10.65 -0.20
C TYR D 76 30.51 11.60 -0.55
N PRO D 77 30.27 12.87 -0.90
CA PRO D 77 31.49 13.66 -1.21
C PRO D 77 32.56 13.68 -0.13
N GLU D 78 32.16 13.74 1.14
CA GLU D 78 33.14 13.79 2.24
C GLU D 78 33.83 12.44 2.40
N ASP D 79 33.05 11.37 2.27
CA ASP D 79 33.55 10.02 2.49
C ASP D 79 34.41 9.56 1.35
N ILE D 80 34.04 9.95 0.13
CA ILE D 80 34.86 9.66 -1.03
C ILE D 80 36.17 10.42 -0.94
N GLU D 81 36.17 11.61 -0.34
CA GLU D 81 37.42 12.35 -0.13
C GLU D 81 38.33 11.61 0.85
N LEU D 82 37.74 10.94 1.84
CA LEU D 82 38.54 10.13 2.74
C LEU D 82 39.15 8.93 1.97
N PHE D 83 38.42 8.35 1.02
CA PHE D 83 38.93 7.17 0.32
C PHE D 83 40.06 7.55 -0.63
N ALA D 84 39.96 8.73 -1.23
CA ALA D 84 41.00 9.31 -2.08
C ALA D 84 42.28 9.58 -1.32
N GLU D 85 42.13 10.11 -0.12
CA GLU D 85 43.26 10.36 0.73
C GLU D 85 43.92 9.06 1.17
N GLY D 87 44.03 6.51 -0.82
CA GLY D 87 44.66 6.17 -2.10
C GLY D 87 43.92 5.06 -2.82
N PHE D 88 42.64 4.86 -2.47
CA PHE D 88 41.85 3.76 -3.03
C PHE D 88 41.94 3.82 -4.56
N LYS D 89 42.15 2.68 -5.20
CA LYS D 89 42.11 2.63 -6.67
C LYS D 89 40.71 2.25 -7.17
N CYS D 90 39.88 1.71 -6.29
CA CYS D 90 38.50 1.37 -6.66
C CYS D 90 37.64 1.39 -5.43
N PHE D 91 36.35 1.40 -5.67
CA PHE D 91 35.38 1.40 -4.61
C PHE D 91 34.27 0.37 -4.94
N ARG D 92 34.15 -0.64 -4.09
CA ARG D 92 33.26 -1.77 -4.38
C ARG D 92 31.96 -1.49 -3.66
N THR D 93 30.90 -1.24 -4.44
CA THR D 93 29.59 -1.02 -3.87
C THR D 93 28.49 -1.60 -4.75
N SER D 94 27.28 -1.62 -4.24
CA SER D 94 26.15 -2.12 -4.96
C SER D 94 25.30 -0.96 -5.46
N ILE D 95 24.57 -1.21 -6.54
CA ILE D 95 23.54 -0.29 -6.98
C ILE D 95 22.22 -0.72 -6.35
N ALA D 96 21.59 0.13 -5.57
CA ALA D 96 20.32 -0.23 -4.93
C ALA D 96 19.27 -0.56 -5.99
N TRP D 97 19.00 -1.83 -6.13
CA TRP D 97 17.99 -2.28 -7.07
C TRP D 97 16.74 -1.41 -6.91
N THR D 98 16.32 -1.17 -5.67
CA THR D 98 15.07 -0.43 -5.40
C THR D 98 15.13 1.07 -5.70
N ARG D 99 16.30 1.62 -6.00
CA ARG D 99 16.36 3.00 -6.53
C ARG D 99 16.15 3.05 -8.03
N ILE D 100 16.40 1.94 -8.75
CA ILE D 100 16.29 1.92 -10.21
C ILE D 100 14.90 1.40 -10.58
N PHE D 101 14.46 0.32 -9.91
CA PHE D 101 13.10 -0.20 -10.04
C PHE D 101 12.48 -0.40 -8.66
N PRO D 102 11.86 0.66 -8.09
CA PRO D 102 11.39 0.66 -6.70
C PRO D 102 10.67 -0.60 -6.25
N ASN D 103 9.69 -1.05 -7.03
CA ASN D 103 9.02 -2.32 -6.78
C ASN D 103 9.56 -3.49 -7.58
N GLY D 104 10.42 -3.24 -8.57
CA GLY D 104 11.08 -4.29 -9.32
C GLY D 104 10.45 -4.67 -10.65
N ASP D 105 9.16 -4.40 -10.80
CA ASP D 105 8.40 -4.91 -11.95
C ASP D 105 7.89 -3.79 -12.87
N GLU D 106 8.41 -2.58 -12.70
CA GLU D 106 8.02 -1.44 -13.57
C GLU D 106 8.52 -1.62 -14.99
N SER D 107 7.86 -0.95 -15.94
CA SER D 107 8.27 -0.99 -17.35
C SER D 107 9.39 -0.01 -17.63
N GLU D 108 9.62 0.93 -16.71
CA GLU D 108 10.64 1.97 -16.89
C GLU D 108 11.43 2.21 -15.60
N PRO D 109 12.72 2.51 -15.71
CA PRO D 109 13.53 2.80 -14.55
C PRO D 109 13.33 4.18 -13.95
N ASN D 110 13.79 4.35 -12.72
CA ASN D 110 13.57 5.60 -11.98
C ASN D 110 14.77 6.55 -12.10
N GLU D 111 14.57 7.64 -12.82
CA GLU D 111 15.62 8.64 -13.15
C GLU D 111 16.37 9.24 -11.97
N ALA D 112 15.68 9.52 -10.87
CA ALA D 112 16.33 10.10 -9.69
C ALA D 112 17.36 9.14 -9.13
N GLY D 113 17.04 7.86 -9.11
CA GLY D 113 18.00 6.83 -8.71
C GLY D 113 19.18 6.65 -9.65
N LEU D 114 18.89 6.65 -10.94
CA LEU D 114 19.94 6.53 -11.94
C LEU D 114 20.90 7.71 -11.77
N GLN D 115 20.33 8.89 -11.50
CA GLN D 115 21.09 10.11 -11.37
C GLN D 115 21.92 10.10 -10.10
N PHE D 116 21.38 9.59 -8.99
CA PHE D 116 22.21 9.38 -7.80
C PHE D 116 23.51 8.69 -8.16
N TYR D 117 23.42 7.58 -8.88
CA TYR D 117 24.60 6.77 -9.17
C TYR D 117 25.52 7.41 -10.19
N ASP D 118 24.98 8.26 -11.04
CA ASP D 118 25.82 9.02 -11.96
C ASP D 118 26.69 9.98 -11.14
N ASP D 119 26.11 10.60 -10.11
CA ASP D 119 26.81 11.55 -9.28
C ASP D 119 27.79 10.83 -8.32
N LEU D 120 27.35 9.72 -7.73
CA LEU D 120 28.25 8.92 -6.89
C LEU D 120 29.48 8.45 -7.68
N PHE D 121 29.25 7.94 -8.88
CA PHE D 121 30.32 7.33 -9.66
C PHE D 121 31.25 8.42 -10.15
N ASP D 122 30.67 9.52 -10.67
CA ASP D 122 31.43 10.71 -11.09
C ASP D 122 32.35 11.21 -9.99
N GLU D 123 31.84 11.29 -8.77
CA GLU D 123 32.63 11.74 -7.62
C GLU D 123 33.86 10.85 -7.38
N CYS D 124 33.64 9.55 -7.50
CA CYS D 124 34.71 8.55 -7.52
C CYS D 124 35.71 8.79 -8.64
N LEU D 125 35.22 8.93 -9.88
CA LEU D 125 36.09 9.02 -11.04
C LEU D 125 36.92 10.31 -11.03
N LYS D 126 36.40 11.39 -10.45
CA LYS D 126 37.19 12.60 -10.36
C LYS D 126 38.39 12.48 -9.38
N ASN D 127 38.34 11.51 -8.47
CA ASN D 127 39.46 11.23 -7.58
C ASN D 127 40.31 10.06 -8.00
N GLY D 128 40.07 9.54 -9.21
CA GLY D 128 40.89 8.45 -9.77
C GLY D 128 40.44 7.07 -9.35
N ILE D 129 39.30 7.02 -8.64
CA ILE D 129 38.74 5.80 -8.08
C ILE D 129 37.65 5.23 -8.97
N GLN D 130 37.86 4.03 -9.52
CA GLN D 130 36.86 3.39 -10.35
C GLN D 130 35.84 2.57 -9.53
N PRO D 131 34.55 2.80 -9.77
CA PRO D 131 33.55 1.98 -9.07
C PRO D 131 33.57 0.54 -9.56
N VAL D 132 33.37 -0.41 -8.63
CA VAL D 132 33.28 -1.84 -8.92
C VAL D 132 31.88 -2.21 -8.39
N VAL D 133 31.02 -2.79 -9.23
CA VAL D 133 29.58 -2.76 -8.92
C VAL D 133 28.92 -4.13 -8.86
N THR D 134 28.21 -4.40 -7.76
CA THR D 134 27.43 -5.60 -7.61
C THR D 134 25.99 -5.29 -7.84
N LEU D 135 25.36 -6.01 -8.75
CA LEU D 135 23.94 -5.74 -9.07
C LEU D 135 23.00 -6.20 -7.96
N ALA D 136 23.04 -7.48 -7.59
CA ALA D 136 22.19 -7.97 -6.51
C ALA D 136 23.02 -8.14 -5.24
N HIS D 137 22.72 -7.34 -4.20
CA HIS D 137 23.45 -7.37 -2.93
C HIS D 137 22.51 -7.26 -1.76
N PHE D 138 21.56 -8.18 -1.68
CA PHE D 138 20.75 -8.40 -0.48
C PHE D 138 19.81 -7.25 -0.21
N GLU D 139 19.22 -6.72 -1.25
CA GLU D 139 18.38 -5.53 -1.17
C GLU D 139 17.40 -5.47 -2.34
N PRO D 141 13.73 -5.41 -4.13
CA PRO D 141 12.43 -4.84 -3.74
C PRO D 141 11.56 -5.86 -2.98
N TYR D 142 11.03 -5.47 -1.83
CA TYR D 142 10.17 -6.35 -1.04
C TYR D 142 8.91 -6.71 -1.83
N HIS D 143 8.41 -5.79 -2.64
CA HIS D 143 7.31 -6.10 -3.56
C HIS D 143 7.57 -7.35 -4.41
N LEU D 144 8.81 -7.56 -4.87
CA LEU D 144 9.12 -8.77 -5.61
C LEU D 144 8.90 -9.99 -4.74
N VAL D 145 9.28 -9.88 -3.46
CA VAL D 145 9.03 -10.96 -2.51
C VAL D 145 7.53 -11.19 -2.34
N LYS D 146 6.75 -10.15 -2.03
CA LYS D 146 5.32 -10.32 -1.74
C LYS D 146 4.50 -10.71 -2.96
N GLN D 147 4.73 -10.04 -4.08
CA GLN D 147 3.86 -10.18 -5.23
C GLN D 147 4.11 -11.48 -6.01
N TYR D 148 5.37 -11.86 -6.11
CA TYR D 148 5.81 -12.97 -6.96
C TYR D 148 6.36 -14.16 -6.22
N GLY D 149 6.62 -14.05 -4.93
CA GLY D 149 7.27 -15.14 -4.20
C GLY D 149 8.79 -15.20 -4.42
N GLY D 150 9.40 -14.05 -4.68
CA GLY D 150 10.84 -13.98 -4.85
C GLY D 150 11.33 -14.84 -6.00
N TRP D 151 12.54 -15.36 -5.87
CA TRP D 151 13.18 -16.07 -6.95
C TRP D 151 12.65 -17.47 -7.11
N ARG D 152 11.61 -17.80 -6.38
CA ARG D 152 10.71 -18.87 -6.76
C ARG D 152 10.16 -18.66 -8.17
N ASN D 153 10.05 -17.40 -8.58
CA ASN D 153 9.31 -17.06 -9.81
C ASN D 153 10.22 -16.83 -11.00
N ARG D 154 10.00 -17.59 -12.07
CA ARG D 154 10.77 -17.40 -13.30
C ARG D 154 10.74 -15.96 -13.76
N LYS D 155 9.64 -15.22 -13.46
CA LYS D 155 9.53 -13.82 -13.88
C LYS D 155 10.69 -12.95 -13.37
N LEU D 156 11.29 -13.30 -12.24
CA LEU D 156 12.38 -12.43 -11.71
C LEU D 156 13.63 -12.44 -12.55
N ILE D 157 13.78 -13.41 -13.46
CA ILE D 157 14.91 -13.37 -14.40
C ILE D 157 14.77 -12.16 -15.33
N GLN D 158 13.57 -11.92 -15.87
CA GLN D 158 13.39 -10.74 -16.72
C GLN D 158 13.50 -9.44 -15.90
N PHE D 159 12.90 -9.41 -14.71
CA PHE D 159 12.97 -8.21 -13.90
C PHE D 159 14.43 -7.87 -13.58
N TYR D 160 15.23 -8.89 -13.24
CA TYR D 160 16.67 -8.70 -13.00
C TYR D 160 17.39 -8.19 -14.25
N LEU D 161 17.02 -8.69 -15.41
CA LEU D 161 17.68 -8.24 -16.63
C LEU D 161 17.17 -6.87 -17.05
N ASN D 162 15.98 -6.46 -16.61
CA ASN D 162 15.56 -5.08 -16.86
C ASN D 162 16.52 -4.11 -16.17
N PHE D 163 16.76 -4.39 -14.90
CA PHE D 163 17.67 -3.70 -13.98
C PHE D 163 19.11 -3.64 -14.46
N ALA D 164 19.65 -4.78 -14.85
CA ALA D 164 21.03 -4.88 -15.32
C ALA D 164 21.22 -4.14 -16.64
N LYS D 165 20.33 -4.41 -17.60
CA LYS D 165 20.39 -3.70 -18.88
C LYS D 165 20.46 -2.19 -18.68
N VAL D 166 19.62 -1.71 -17.77
CA VAL D 166 19.55 -0.27 -17.54
C VAL D 166 20.83 0.26 -16.92
N CYS D 167 21.43 -0.51 -16.02
CA CYS D 167 22.67 -0.13 -15.36
C CYS D 167 23.86 -0.21 -16.31
N PHE D 168 23.91 -1.28 -17.10
CA PHE D 168 24.96 -1.46 -18.08
C PHE D 168 24.94 -0.30 -19.08
N GLU D 169 23.76 0.02 -19.59
CA GLU D 169 23.59 1.17 -20.53
C GLU D 169 23.98 2.49 -19.87
N ARG D 170 23.54 2.70 -18.63
CA ARG D 170 23.70 4.02 -18.00
C ARG D 170 25.16 4.25 -17.60
N TYR D 171 25.82 3.19 -17.12
CA TYR D 171 27.16 3.33 -16.58
C TYR D 171 28.23 2.69 -17.47
N ARG D 172 27.94 2.57 -18.76
CA ARG D 172 28.84 1.88 -19.69
C ARG D 172 30.26 2.41 -19.71
N ASP D 173 30.42 3.70 -19.47
CA ASP D 173 31.74 4.30 -19.60
C ASP D 173 32.32 4.74 -18.25
N LYS D 174 31.72 4.22 -17.18
CA LYS D 174 32.11 4.58 -15.83
C LYS D 174 32.59 3.41 -15.00
N VAL D 175 32.10 2.19 -15.30
CA VAL D 175 32.38 0.98 -14.54
C VAL D 175 32.98 -0.10 -15.44
N THR D 176 34.12 -0.65 -15.08
CA THR D 176 34.66 -1.79 -15.81
C THR D 176 34.28 -3.10 -15.13
N TYR D 177 34.46 -3.19 -13.80
CA TYR D 177 34.24 -4.44 -13.06
C TYR D 177 32.86 -4.54 -12.44
N TRP D 178 32.13 -5.60 -12.77
CA TRP D 178 30.74 -5.79 -12.34
C TRP D 178 30.61 -7.19 -11.76
N THR D 180 27.28 -10.03 -10.71
CA THR D 180 25.84 -10.30 -10.75
C THR D 180 25.14 -10.48 -9.36
N PHE D 181 25.58 -11.44 -8.58
CA PHE D 181 24.89 -11.83 -7.34
C PHE D 181 25.89 -12.04 -6.23
N ASN D 182 25.88 -11.15 -5.24
CA ASN D 182 26.75 -11.23 -4.07
C ASN D 182 26.55 -12.52 -3.31
N GLU D 183 27.63 -13.18 -2.91
CA GLU D 183 27.55 -14.42 -2.12
C GLU D 183 26.34 -15.27 -2.50
N ILE D 184 26.23 -15.55 -3.77
CA ILE D 184 25.11 -16.34 -4.31
C ILE D 184 24.95 -17.70 -3.63
N ASN D 185 26.03 -18.19 -3.04
CA ASN D 185 26.02 -19.50 -2.39
C ASN D 185 25.72 -19.59 -0.87
N ASN D 186 25.41 -18.48 -0.22
CA ASN D 186 25.00 -18.56 1.21
C ASN D 186 23.84 -19.53 1.42
N GLN D 187 22.93 -19.56 0.45
CA GLN D 187 21.75 -20.43 0.47
C GLN D 187 22.04 -21.94 0.40
N THR D 188 23.29 -22.32 0.12
CA THR D 188 23.77 -23.66 0.48
C THR D 188 23.02 -24.09 1.76
N ASN D 189 23.00 -23.22 2.76
CA ASN D 189 22.25 -23.48 3.98
C ASN D 189 20.80 -23.15 3.73
N PHE D 190 20.11 -24.11 3.16
CA PHE D 190 18.73 -23.92 2.75
C PHE D 190 17.80 -23.77 3.92
N GLU D 191 18.27 -24.09 5.14
CA GLU D 191 17.46 -23.91 6.35
C GLU D 191 17.67 -22.54 7.00
N SER D 192 18.48 -21.68 6.37
CA SER D 192 18.73 -20.37 6.95
C SER D 192 17.79 -19.36 6.33
N ASP D 193 16.83 -18.92 7.12
CA ASP D 193 15.89 -17.89 6.70
C ASP D 193 16.58 -16.65 6.17
N GLY D 194 17.63 -16.21 6.86
CA GLY D 194 18.31 -14.99 6.48
C GLY D 194 18.97 -15.16 5.12
N ALA D 195 19.59 -16.31 4.92
CA ALA D 195 20.19 -16.64 3.62
C ALA D 195 19.19 -16.74 2.48
N LEU D 197 16.24 -15.28 2.32
CA LEU D 197 15.68 -13.96 2.12
C LEU D 197 16.65 -13.12 1.31
N THR D 198 17.91 -13.06 1.78
CA THR D 198 18.90 -12.19 1.16
C THR D 198 19.24 -12.62 -0.25
N ASP D 199 19.64 -13.87 -0.41
CA ASP D 199 20.02 -14.40 -1.73
C ASP D 199 18.84 -14.37 -2.69
N SER D 200 17.70 -14.87 -2.22
CA SER D 200 16.63 -15.35 -3.08
C SER D 200 15.21 -14.83 -2.81
N GLY D 201 15.02 -14.04 -1.75
CA GLY D 201 13.72 -13.42 -1.46
C GLY D 201 12.67 -14.45 -1.10
N ILE D 202 13.12 -15.53 -0.50
CA ILE D 202 12.25 -16.64 -0.18
C ILE D 202 12.01 -16.62 1.30
N ILE D 203 10.74 -16.62 1.67
CA ILE D 203 10.32 -16.75 3.06
C ILE D 203 9.48 -18.00 3.13
N HIS D 204 9.94 -18.96 3.92
CA HIS D 204 9.43 -20.32 3.91
C HIS D 204 7.93 -20.31 4.11
N GLN D 205 7.23 -21.13 3.33
CA GLN D 205 5.81 -21.36 3.55
C GLN D 205 5.56 -22.80 4.08
N PRO D 206 4.51 -22.99 4.90
CA PRO D 206 4.32 -24.34 5.44
C PRO D 206 4.14 -25.37 4.32
N GLY D 207 4.79 -26.52 4.48
CA GLY D 207 4.71 -27.59 3.50
C GLY D 207 5.77 -27.63 2.41
N GLU D 208 6.42 -26.52 2.10
CA GLU D 208 7.40 -26.56 0.99
C GLU D 208 8.72 -27.28 1.37
N ASN D 209 9.31 -27.92 0.37
CA ASN D 209 10.60 -28.60 0.53
C ASN D 209 11.62 -27.50 0.35
N ARG D 210 12.33 -27.18 1.44
N ARG D 210 12.35 -27.17 1.41
CA ARG D 210 13.26 -26.05 1.45
CA ARG D 210 13.19 -25.98 1.35
C ARG D 210 14.31 -26.23 0.37
C ARG D 210 14.41 -26.16 0.44
N GLU D 211 15.01 -27.35 0.44
CA GLU D 211 16.13 -27.63 -0.44
C GLU D 211 15.70 -27.47 -1.90
N ARG D 212 14.55 -28.07 -2.25
CA ARG D 212 14.00 -28.04 -3.59
C ARG D 212 13.85 -26.61 -4.13
N TRP D 213 13.14 -25.78 -3.39
CA TRP D 213 12.95 -24.40 -3.79
C TRP D 213 14.23 -23.60 -3.82
N TYR D 215 17.14 -24.74 -4.76
CA TYR D 215 17.76 -25.13 -6.00
C TYR D 215 17.06 -24.49 -7.19
N GLN D 216 15.74 -24.45 -7.18
CA GLN D 216 15.01 -23.71 -8.21
C GLN D 216 15.38 -22.24 -8.27
N ALA D 217 15.31 -21.59 -7.12
CA ALA D 217 15.61 -20.17 -7.06
C ALA D 217 17.04 -19.88 -7.53
N ALA D 218 18.00 -20.64 -7.03
CA ALA D 218 19.39 -20.55 -7.49
C ALA D 218 19.57 -20.80 -8.97
N HIS D 219 18.77 -21.73 -9.51
CA HIS D 219 18.83 -22.02 -10.93
C HIS D 219 18.43 -20.81 -11.75
N TYR D 220 17.40 -20.10 -11.31
CA TYR D 220 16.91 -18.93 -12.04
C TYR D 220 17.93 -17.79 -11.99
N GLU D 221 18.61 -17.67 -10.84
CA GLU D 221 19.54 -16.57 -10.61
C GLU D 221 20.78 -16.78 -11.47
N LEU D 222 21.23 -18.03 -11.53
CA LEU D 222 22.36 -18.44 -12.34
C LEU D 222 22.13 -18.21 -13.83
N VAL D 223 20.90 -18.51 -14.30
CA VAL D 223 20.52 -18.20 -15.67
C VAL D 223 20.49 -16.70 -15.88
N ALA D 224 19.94 -15.97 -14.91
CA ALA D 224 19.90 -14.50 -14.94
C ALA D 224 21.29 -13.92 -15.02
N SER D 225 22.20 -14.52 -14.26
CA SER D 225 23.57 -14.11 -14.19
C SER D 225 24.27 -14.34 -15.52
N ALA D 226 23.98 -15.50 -16.13
CA ALA D 226 24.63 -15.90 -17.37
C ALA D 226 24.12 -14.99 -18.50
N ALA D 227 22.80 -14.94 -18.68
CA ALA D 227 22.19 -13.96 -19.60
C ALA D 227 22.71 -12.52 -19.40
N ALA D 228 22.99 -12.13 -18.15
CA ALA D 228 23.50 -10.78 -17.86
C ALA D 228 24.97 -10.59 -18.27
N VAL D 229 25.77 -11.67 -18.23
CA VAL D 229 27.13 -11.64 -18.74
C VAL D 229 27.11 -11.39 -20.24
N GLN D 230 26.22 -12.11 -20.92
CA GLN D 230 26.05 -12.01 -22.37
C GLN D 230 25.51 -10.63 -22.77
N LEU D 231 24.60 -10.09 -21.98
CA LEU D 231 24.00 -8.77 -22.27
C LEU D 231 25.00 -7.63 -22.03
N GLY D 232 25.71 -7.68 -20.92
CA GLY D 232 26.73 -6.69 -20.67
C GLY D 232 27.77 -6.67 -21.76
N HIS D 233 28.29 -7.85 -22.13
CA HIS D 233 29.27 -7.91 -23.22
C HIS D 233 28.78 -7.32 -24.54
N GLN D 234 27.48 -7.44 -24.86
CA GLN D 234 26.92 -6.77 -26.05
C GLN D 234 26.96 -5.25 -25.93
N ILE D 235 26.61 -4.75 -24.75
CA ILE D 235 26.53 -3.32 -24.52
C ILE D 235 27.94 -2.72 -24.47
N ASN D 236 28.85 -3.41 -23.79
CA ASN D 236 30.28 -3.00 -23.74
C ASN D 236 31.17 -4.23 -23.59
N PRO D 237 31.77 -4.68 -24.70
CA PRO D 237 32.70 -5.81 -24.68
C PRO D 237 33.89 -5.65 -23.72
N ASP D 238 34.23 -4.43 -23.30
CA ASP D 238 35.31 -4.27 -22.30
C ASP D 238 34.89 -4.57 -20.87
N PHE D 239 33.58 -4.78 -20.60
CA PHE D 239 33.17 -5.09 -19.24
C PHE D 239 33.78 -6.38 -18.80
N GLN D 240 34.19 -6.40 -17.54
CA GLN D 240 34.57 -7.63 -16.85
C GLN D 240 33.44 -7.96 -15.89
N ILE D 241 32.74 -9.05 -16.14
CA ILE D 241 31.55 -9.37 -15.38
C ILE D 241 31.82 -10.69 -14.67
N GLY D 242 31.74 -10.65 -13.35
CA GLY D 242 32.22 -11.75 -12.55
C GLY D 242 31.12 -12.24 -11.65
N CYS D 243 31.36 -13.38 -11.03
CA CYS D 243 30.47 -13.84 -9.99
C CYS D 243 30.96 -13.38 -8.61
N ILE D 245 31.19 -15.29 -4.80
CA ILE D 245 31.10 -16.52 -4.03
C ILE D 245 31.61 -16.29 -2.61
N ALA D 246 30.86 -16.73 -1.61
CA ALA D 246 31.38 -16.74 -0.25
C ALA D 246 32.26 -17.98 -0.06
N CYS D 248 34.02 -20.13 2.05
CA CYS D 248 34.36 -20.80 3.31
C CYS D 248 34.92 -22.17 2.96
N PRO D 249 36.26 -22.34 2.94
CA PRO D 249 36.71 -23.71 2.61
C PRO D 249 36.27 -24.62 3.72
N ILE D 250 36.10 -25.90 3.39
CA ILE D 250 35.58 -26.89 4.32
C ILE D 250 36.59 -28.03 4.41
N TYR D 251 37.10 -28.26 5.62
CA TYR D 251 38.16 -29.23 5.85
C TYR D 251 37.61 -30.53 6.47
N PRO D 252 38.23 -31.67 6.12
CA PRO D 252 37.96 -32.89 6.86
C PRO D 252 38.64 -32.86 8.21
N LEU D 253 37.90 -33.27 9.25
CA LEU D 253 38.40 -33.28 10.60
C LEU D 253 39.66 -34.10 10.72
N THR D 254 39.63 -35.29 10.14
CA THR D 254 40.73 -36.25 10.20
C THR D 254 41.02 -36.78 8.78
N ALA D 255 42.08 -37.59 8.65
CA ALA D 255 42.45 -38.23 7.40
C ALA D 255 41.66 -39.48 7.16
N ALA D 256 40.67 -39.75 8.00
CA ALA D 256 39.80 -40.87 7.76
C ALA D 256 39.22 -40.68 6.35
N PRO D 257 39.42 -41.65 5.46
CA PRO D 257 38.87 -41.51 4.12
C PRO D 257 37.43 -41.02 4.05
N ALA D 258 36.56 -41.48 4.93
CA ALA D 258 35.17 -41.04 4.89
C ALA D 258 35.06 -39.56 5.17
N ASP D 259 35.90 -39.05 6.08
CA ASP D 259 35.95 -37.61 6.34
C ASP D 259 36.42 -36.82 5.14
N VAL D 260 37.41 -37.33 4.41
CA VAL D 260 37.95 -36.60 3.24
C VAL D 260 36.88 -36.55 2.16
N LEU D 261 36.13 -37.64 1.98
CA LEU D 261 35.12 -37.69 0.95
C LEU D 261 33.93 -36.80 1.31
N PHE D 262 33.52 -36.82 2.58
CA PHE D 262 32.42 -35.96 2.98
C PHE D 262 32.84 -34.48 2.82
N ALA D 263 34.02 -34.10 3.26
CA ALA D 263 34.51 -32.73 3.00
C ALA D 263 34.47 -32.36 1.52
N GLN D 264 34.97 -33.25 0.67
CA GLN D 264 34.97 -32.98 -0.77
C GLN D 264 33.56 -32.68 -1.25
N ARG D 265 32.58 -33.46 -0.78
CA ARG D 265 31.20 -33.32 -1.25
C ARG D 265 30.56 -32.08 -0.62
N ALA D 266 30.99 -31.74 0.59
CA ALA D 266 30.57 -30.48 1.22
C ALA D 266 30.99 -29.24 0.40
N GLN D 268 31.89 -29.44 -2.88
CA GLN D 268 31.12 -29.59 -4.12
C GLN D 268 29.73 -28.94 -4.03
N THR D 269 29.07 -29.20 -2.90
CA THR D 269 27.71 -28.73 -2.60
C THR D 269 27.65 -27.22 -2.39
N ARG D 270 28.48 -26.70 -1.50
CA ARG D 270 28.59 -25.25 -1.28
C ARG D 270 29.03 -24.44 -2.50
N PHE D 271 29.83 -25.03 -3.37
CA PHE D 271 30.39 -24.31 -4.51
C PHE D 271 29.96 -24.79 -5.88
N TYR D 272 28.89 -25.59 -5.99
CA TYR D 272 28.32 -25.96 -7.30
C TYR D 272 27.92 -24.72 -8.10
N PHE D 273 27.47 -23.68 -7.41
CA PHE D 273 27.16 -22.40 -8.05
C PHE D 273 28.35 -21.88 -8.83
N ALA D 274 29.54 -22.00 -8.25
CA ALA D 274 30.74 -21.54 -8.96
C ALA D 274 31.01 -22.44 -10.16
N ASP D 275 30.67 -23.73 -10.07
CA ASP D 275 30.91 -24.61 -11.21
C ASP D 275 30.07 -24.16 -12.38
N VAL D 276 28.82 -23.79 -12.11
CA VAL D 276 27.92 -23.33 -13.16
C VAL D 276 28.36 -21.98 -13.70
N HIS D 277 28.73 -21.07 -12.80
CA HIS D 277 29.20 -19.76 -13.19
C HIS D 277 30.38 -19.87 -14.17
N CYS D 278 31.29 -20.82 -13.92
CA CYS D 278 32.58 -20.90 -14.63
C CYS D 278 32.68 -22.01 -15.67
N ASN D 279 32.12 -23.17 -15.38
CA ASN D 279 32.10 -24.27 -16.35
C ASN D 279 30.89 -24.14 -17.28
N GLY D 280 29.75 -23.67 -16.75
CA GLY D 280 28.56 -23.40 -17.57
C GLY D 280 27.59 -24.57 -17.64
N THR D 281 27.88 -25.64 -16.91
CA THR D 281 27.00 -26.79 -16.85
C THR D 281 26.87 -27.17 -15.41
N TYR D 282 25.83 -27.95 -15.07
CA TYR D 282 25.72 -28.48 -13.74
C TYR D 282 26.61 -29.72 -13.61
N PRO D 283 27.36 -29.82 -12.49
CA PRO D 283 28.06 -31.07 -12.32
C PRO D 283 27.08 -32.24 -12.32
N GLN D 284 27.54 -33.39 -12.75
CA GLN D 284 26.65 -34.52 -12.94
C GLN D 284 26.17 -35.11 -11.60
N TRP D 285 26.93 -34.96 -10.53
CA TRP D 285 26.48 -35.49 -9.26
C TRP D 285 25.23 -34.74 -8.83
N LEU D 286 25.15 -33.45 -9.15
CA LEU D 286 24.04 -32.64 -8.66
C LEU D 286 22.77 -32.89 -9.49
N ARG D 287 22.97 -33.06 -10.78
CA ARG D 287 21.88 -33.45 -11.69
C ARG D 287 21.34 -34.80 -11.32
N ASN D 288 22.21 -35.71 -10.85
CA ASN D 288 21.72 -37.02 -10.38
C ASN D 288 20.84 -36.85 -9.13
N ARG D 289 21.34 -36.07 -8.18
CA ARG D 289 20.59 -35.71 -6.97
C ARG D 289 19.22 -35.05 -7.27
N PHE D 290 19.17 -34.14 -8.23
CA PHE D 290 17.87 -33.56 -8.64
C PHE D 290 16.91 -34.66 -9.03
N GLU D 291 17.44 -35.70 -9.67
CA GLU D 291 16.61 -36.73 -10.22
C GLU D 291 16.20 -37.68 -9.10
N SER D 292 17.15 -38.11 -8.28
CA SER D 292 16.84 -39.07 -7.23
C SER D 292 16.04 -38.46 -6.05
N GLU D 293 16.15 -37.14 -5.87
CA GLU D 293 15.32 -36.41 -4.89
C GLU D 293 13.98 -36.00 -5.49
N HIS D 294 13.81 -36.22 -6.79
CA HIS D 294 12.54 -35.93 -7.46
C HIS D 294 12.12 -34.48 -7.23
N PHE D 295 13.02 -33.55 -7.52
CA PHE D 295 12.73 -32.12 -7.38
C PHE D 295 11.85 -31.66 -8.52
N ASN D 296 11.96 -32.31 -9.67
CA ASN D 296 11.23 -31.91 -10.87
C ASN D 296 11.40 -30.41 -11.09
N LEU D 297 12.65 -29.96 -11.13
CA LEU D 297 12.90 -28.54 -11.33
C LEU D 297 12.47 -28.11 -12.72
N ASP D 298 12.13 -26.83 -12.82
CA ASP D 298 11.81 -26.20 -14.08
C ASP D 298 13.16 -25.72 -14.67
N ILE D 299 13.76 -26.58 -15.50
CA ILE D 299 14.96 -26.24 -16.25
C ILE D 299 14.73 -26.55 -17.72
N THR D 300 14.96 -25.56 -18.59
CA THR D 300 14.68 -25.73 -20.01
C THR D 300 15.96 -25.88 -20.81
N ALA D 301 15.85 -26.40 -22.04
CA ALA D 301 17.00 -26.46 -22.94
C ALA D 301 17.57 -25.07 -23.10
N GLU D 302 16.71 -24.06 -23.21
CA GLU D 302 17.18 -22.69 -23.40
C GLU D 302 17.99 -22.15 -22.22
N ASP D 303 17.53 -22.41 -21.00
CA ASP D 303 18.32 -22.10 -19.81
C ASP D 303 19.74 -22.66 -19.88
N LEU D 304 19.90 -23.87 -20.40
CA LEU D 304 21.25 -24.47 -20.41
C LEU D 304 22.17 -23.84 -21.47
N LYS D 305 21.58 -23.44 -22.59
CA LYS D 305 22.24 -22.67 -23.65
C LYS D 305 22.77 -21.32 -23.14
N ILE D 306 21.98 -20.67 -22.28
CA ILE D 306 22.34 -19.39 -21.68
C ILE D 306 23.46 -19.59 -20.63
N LEU D 307 23.31 -20.61 -19.78
CA LEU D 307 24.33 -20.91 -18.79
C LEU D 307 25.66 -21.21 -19.48
N GLN D 308 25.61 -21.96 -20.57
CA GLN D 308 26.83 -22.37 -21.27
C GLN D 308 27.52 -21.18 -21.95
N ALA D 309 26.74 -20.25 -22.50
CA ALA D 309 27.32 -19.10 -23.19
C ALA D 309 27.64 -17.91 -22.25
N GLY D 310 27.15 -17.95 -21.00
CA GLY D 310 27.30 -16.82 -20.09
C GLY D 310 28.23 -16.98 -18.90
N THR D 311 29.34 -17.70 -19.07
CA THR D 311 30.31 -17.91 -18.01
C THR D 311 31.10 -16.62 -17.71
N VAL D 312 31.50 -16.46 -16.44
CA VAL D 312 32.06 -15.20 -15.95
C VAL D 312 33.52 -14.92 -16.35
N ASP D 313 33.96 -13.68 -16.20
CA ASP D 313 35.30 -13.28 -16.59
C ASP D 313 36.24 -13.43 -15.40
N TYR D 314 35.70 -13.43 -14.18
CA TYR D 314 36.51 -13.46 -12.96
C TYR D 314 35.63 -13.85 -11.78
N ILE D 315 36.26 -14.27 -10.68
CA ILE D 315 35.55 -14.78 -9.51
C ILE D 315 35.76 -13.83 -8.37
N GLY D 316 34.76 -13.02 -8.06
CA GLY D 316 34.82 -12.20 -6.88
C GLY D 316 34.49 -13.08 -5.70
N PHE D 317 35.22 -12.93 -4.59
CA PHE D 317 34.86 -13.68 -3.38
C PHE D 317 35.05 -12.94 -2.07
N SER D 318 34.32 -13.42 -1.07
CA SER D 318 34.52 -13.00 0.31
C SER D 318 35.26 -14.09 1.08
N TYR D 319 36.18 -13.69 1.97
CA TYR D 319 36.82 -14.62 2.91
C TYR D 319 36.70 -14.10 4.34
N TYR D 320 36.20 -14.96 5.22
CA TYR D 320 36.27 -14.71 6.65
C TYR D 320 36.72 -15.93 7.48
N SER D 322 36.97 -20.65 7.74
CA SER D 322 36.87 -21.99 7.21
C SER D 322 35.99 -22.82 8.13
N PHE D 323 35.51 -23.92 7.60
CA PHE D 323 34.65 -24.86 8.30
C PHE D 323 35.40 -26.17 8.42
N THR D 324 34.84 -27.10 9.18
CA THR D 324 35.34 -28.45 9.30
C THR D 324 34.15 -29.38 9.36
N VAL D 325 34.31 -30.58 8.80
CA VAL D 325 33.30 -31.64 8.87
C VAL D 325 33.96 -32.98 9.14
N LYS D 326 33.17 -33.89 9.69
CA LYS D 326 33.45 -35.32 9.65
C LYS D 326 32.27 -36.06 9.04
N ASP D 327 32.49 -37.34 8.78
CA ASP D 327 31.50 -38.18 8.16
C ASP D 327 30.32 -38.42 9.08
N THR D 328 29.16 -38.00 8.58
CA THR D 328 27.89 -38.14 9.29
C THR D 328 27.30 -39.55 9.05
N GLY D 329 27.82 -40.22 8.01
CA GLY D 329 27.22 -41.43 7.49
C GLY D 329 26.14 -41.09 6.45
N LYS D 330 25.97 -39.82 6.13
CA LYS D 330 24.83 -39.38 5.30
C LYS D 330 25.24 -39.12 3.85
N LEU D 331 24.22 -39.04 2.99
CA LEU D 331 24.41 -38.91 1.55
C LEU D 331 24.70 -37.46 1.13
N ALA D 332 24.17 -36.51 1.91
CA ALA D 332 24.17 -35.10 1.55
C ALA D 332 24.82 -34.26 2.65
N TYR D 333 25.33 -33.11 2.25
CA TYR D 333 25.81 -32.10 3.18
C TYR D 333 24.73 -31.08 3.48
N ASN D 334 24.36 -31.02 4.76
CA ASN D 334 23.48 -30.00 5.32
C ASN D 334 24.31 -29.12 6.25
N GLU D 335 24.60 -27.92 5.77
CA GLU D 335 25.42 -26.96 6.49
C GLU D 335 24.85 -26.51 7.83
N GLU D 336 23.54 -26.61 8.01
CA GLU D 336 22.94 -26.22 9.28
C GLU D 336 23.35 -27.18 10.43
N HIS D 337 23.60 -28.44 10.10
CA HIS D 337 23.81 -29.51 11.11
C HIS D 337 25.18 -30.18 11.11
N ASP D 338 25.89 -30.13 9.98
CA ASP D 338 27.05 -31.04 9.72
C ASP D 338 28.41 -30.43 9.98
N LEU D 339 28.42 -29.20 10.49
CA LEU D 339 29.65 -28.52 10.88
C LEU D 339 30.09 -28.91 12.31
N VAL D 340 31.41 -29.06 12.50
CA VAL D 340 32.00 -29.36 13.81
C VAL D 340 33.16 -28.39 14.08
N LYS D 341 33.58 -28.34 15.33
CA LYS D 341 34.67 -27.48 15.76
C LYS D 341 35.94 -27.95 15.11
N ASN D 342 36.72 -27.00 14.60
CA ASN D 342 38.08 -27.28 14.22
C ASN D 342 38.94 -27.04 15.46
N PRO D 343 39.35 -28.13 16.15
CA PRO D 343 40.09 -27.97 17.37
C PRO D 343 41.57 -27.66 17.15
N TYR D 344 42.00 -27.51 15.89
CA TYR D 344 43.40 -27.14 15.62
C TYR D 344 43.54 -25.65 15.30
N VAL D 345 42.41 -24.96 15.22
CA VAL D 345 42.41 -23.51 15.08
C VAL D 345 42.40 -22.87 16.47
N LYS D 346 43.50 -22.22 16.81
CA LYS D 346 43.63 -21.52 18.08
C LYS D 346 43.02 -20.13 18.01
N ALA D 347 42.25 -19.77 19.04
CA ALA D 347 41.93 -18.37 19.32
C ALA D 347 43.18 -17.52 19.13
N SER D 348 43.05 -16.44 18.38
CA SER D 348 44.16 -15.54 18.09
C SER D 348 44.59 -14.75 19.34
N ASP D 349 45.55 -13.84 19.15
CA ASP D 349 46.02 -12.97 20.24
C ASP D 349 44.87 -12.12 20.77
N TRP D 350 43.93 -11.79 19.89
CA TRP D 350 42.77 -10.99 20.23
C TRP D 350 41.49 -11.84 20.40
N GLY D 351 41.62 -13.10 20.81
CA GLY D 351 40.46 -13.91 21.16
C GLY D 351 39.65 -14.49 20.01
N TRP D 352 39.51 -13.75 18.92
CA TRP D 352 38.67 -14.24 17.86
C TRP D 352 39.35 -15.37 17.09
N GLN D 353 38.52 -16.16 16.41
CA GLN D 353 38.98 -17.25 15.54
C GLN D 353 39.26 -16.73 14.16
N VAL D 354 40.41 -17.10 13.63
CA VAL D 354 40.74 -16.76 12.26
C VAL D 354 41.49 -17.91 11.61
N ASP D 355 41.35 -17.98 10.30
CA ASP D 355 42.08 -18.95 9.52
C ASP D 355 42.58 -18.25 8.26
N PRO D 356 43.67 -17.47 8.39
CA PRO D 356 44.23 -16.79 7.20
C PRO D 356 44.88 -17.71 6.15
N VAL D 357 45.44 -18.83 6.58
CA VAL D 357 46.05 -19.79 5.67
C VAL D 357 45.01 -20.43 4.77
N GLY D 358 43.78 -20.56 5.30
CA GLY D 358 42.64 -20.98 4.49
C GLY D 358 42.36 -20.07 3.31
N LEU D 359 42.76 -18.79 3.38
CA LEU D 359 42.62 -17.86 2.28
C LEU D 359 43.57 -18.21 1.13
N ARG D 360 44.82 -18.57 1.46
CA ARG D 360 45.79 -19.10 0.50
C ARG D 360 45.30 -20.41 -0.14
N TYR D 361 44.79 -21.32 0.69
CA TYR D 361 44.20 -22.56 0.20
C TYR D 361 43.04 -22.25 -0.76
N ALA D 362 42.18 -21.33 -0.36
CA ALA D 362 41.01 -20.96 -1.17
C ALA D 362 41.43 -20.44 -2.54
N ASN D 364 44.21 -20.96 -4.29
CA ASN D 364 44.73 -22.09 -5.08
C ASN D 364 43.64 -23.02 -5.54
N TRP D 365 42.63 -23.24 -4.69
CA TRP D 365 41.46 -24.05 -5.01
C TRP D 365 40.72 -23.47 -6.21
N PHE D 366 40.46 -22.15 -6.17
CA PHE D 366 39.78 -21.47 -7.30
C PHE D 366 40.61 -21.52 -8.58
N THR D 367 41.89 -21.20 -8.47
CA THR D 367 42.75 -21.14 -9.61
C THR D 367 42.82 -22.49 -10.36
N ASP D 368 43.07 -23.56 -9.61
CA ASP D 368 43.31 -24.89 -10.18
C ASP D 368 41.99 -25.52 -10.68
N ARG D 369 40.87 -25.07 -10.15
CA ARG D 369 39.56 -25.55 -10.61
C ARG D 369 39.08 -24.77 -11.82
N TYR D 370 39.33 -23.46 -11.84
CA TYR D 370 38.68 -22.56 -12.79
C TYR D 370 39.62 -21.77 -13.70
N HIS D 371 40.83 -21.45 -13.26
CA HIS D 371 41.84 -20.77 -14.12
C HIS D 371 41.37 -19.39 -14.63
N LEU D 372 40.68 -18.69 -13.74
CA LEU D 372 40.14 -17.35 -13.97
C LEU D 372 40.78 -16.39 -12.98
N PRO D 373 40.82 -15.11 -13.34
CA PRO D 373 41.25 -14.07 -12.38
C PRO D 373 40.33 -14.03 -11.13
N LEU D 374 40.89 -13.74 -9.97
CA LEU D 374 40.12 -13.55 -8.74
C LEU D 374 40.17 -12.11 -8.29
N PHE D 375 39.19 -11.74 -7.46
CA PHE D 375 39.04 -10.41 -6.87
C PHE D 375 38.51 -10.63 -5.44
N ILE D 376 39.31 -10.30 -4.44
CA ILE D 376 38.86 -10.44 -3.05
C ILE D 376 38.06 -9.19 -2.71
N VAL D 377 36.75 -9.35 -2.56
CA VAL D 377 35.86 -8.21 -2.54
C VAL D 377 35.17 -8.09 -1.22
N GLU D 378 35.47 -9.01 -0.31
CA GLU D 378 35.03 -8.82 1.06
C GLU D 378 35.89 -9.60 2.05
N ASN D 379 36.57 -8.88 2.93
CA ASN D 379 37.40 -9.47 3.99
C ASN D 379 37.53 -8.41 5.09
N GLY D 380 37.37 -8.77 6.35
CA GLY D 380 37.51 -7.76 7.38
C GLY D 380 37.15 -8.22 8.76
N LEU D 381 37.56 -7.42 9.76
CA LEU D 381 37.33 -7.70 11.17
C LEU D 381 36.26 -6.78 11.76
N GLY D 382 35.14 -7.35 12.17
CA GLY D 382 34.06 -6.62 12.83
C GLY D 382 34.27 -6.65 14.33
N ALA D 383 34.45 -5.49 14.95
CA ALA D 383 34.84 -5.44 16.36
C ALA D 383 34.46 -4.12 16.98
N ILE D 384 34.42 -4.13 18.32
CA ILE D 384 34.22 -2.92 19.09
C ILE D 384 35.48 -2.04 18.97
N ASP D 385 35.28 -0.75 18.69
CA ASP D 385 36.31 0.30 18.83
C ASP D 385 35.90 1.28 19.89
N LYS D 386 36.89 2.01 20.36
CA LYS D 386 36.75 2.99 21.40
C LYS D 386 37.39 4.22 20.82
N LYS D 387 36.63 5.31 20.77
CA LYS D 387 37.17 6.62 20.41
C LYS D 387 37.62 7.31 21.68
N THR D 388 38.89 7.67 21.70
CA THR D 388 39.52 8.26 22.86
C THR D 388 39.06 9.70 23.02
N ALA D 389 39.42 10.26 24.18
CA ALA D 389 39.21 11.66 24.51
C ALA D 389 39.86 12.64 23.55
N ASP D 390 40.97 12.27 22.93
CA ASP D 390 41.53 13.12 21.85
C ASP D 390 41.18 12.58 20.46
N ASN D 391 40.04 11.89 20.37
CA ASN D 391 39.43 11.50 19.11
C ASN D 391 40.24 10.57 18.21
N GLN D 392 41.08 9.73 18.83
CA GLN D 392 41.79 8.66 18.13
C GLN D 392 41.06 7.32 18.30
N ILE D 393 41.34 6.40 17.38
CA ILE D 393 40.93 5.01 17.49
C ILE D 393 42.16 4.19 17.24
N HIS D 394 42.57 3.43 18.24
CA HIS D 394 43.81 2.68 18.17
C HIS D 394 43.49 1.25 17.86
N ASP D 395 43.19 1.01 16.60
CA ASP D 395 42.64 -0.27 16.21
C ASP D 395 43.74 -1.22 15.70
N ASP D 396 44.79 -1.41 16.52
CA ASP D 396 45.86 -2.34 16.17
C ASP D 396 45.35 -3.77 15.94
N TYR D 397 44.34 -4.18 16.71
CA TYR D 397 43.64 -5.45 16.45
C TYR D 397 43.23 -5.58 14.96
N ARG D 398 42.75 -4.49 14.37
CA ARG D 398 42.30 -4.50 12.98
C ARG D 398 43.47 -4.51 11.97
N ILE D 399 44.52 -3.78 12.29
CA ILE D 399 45.69 -3.82 11.45
C ILE D 399 46.33 -5.23 11.47
N ASP D 400 46.27 -5.90 12.63
CA ASP D 400 46.78 -7.25 12.78
C ASP D 400 45.95 -8.24 11.93
N TYR D 401 44.63 -8.19 12.03
CA TYR D 401 43.77 -8.99 11.16
C TYR D 401 44.07 -8.83 9.65
N LEU D 402 44.19 -7.59 9.19
CA LEU D 402 44.35 -7.36 7.77
C LEU D 402 45.76 -7.72 7.31
N THR D 403 46.75 -7.49 8.17
CA THR D 403 48.15 -7.88 7.86
C THR D 403 48.25 -9.41 7.75
N ASP D 404 47.66 -10.12 8.71
CA ASP D 404 47.74 -11.60 8.69
C ASP D 404 47.11 -12.18 7.42
N HIS D 405 46.06 -11.55 6.90
CA HIS D 405 45.40 -12.04 5.71
C HIS D 405 46.16 -11.62 4.45
N LEU D 406 46.68 -10.40 4.44
CA LEU D 406 47.44 -9.89 3.31
C LEU D 406 48.79 -10.56 3.11
N ARG D 407 49.33 -11.15 4.17
CA ARG D 407 50.56 -11.93 4.05
C ARG D 407 50.26 -13.21 3.27
N GLN D 408 49.15 -13.86 3.61
CA GLN D 408 48.73 -15.07 2.91
C GLN D 408 48.38 -14.79 1.47
N ILE D 409 47.59 -13.74 1.27
CA ILE D 409 47.25 -13.25 -0.06
C ILE D 409 48.50 -12.97 -0.87
N LYS D 410 49.48 -12.30 -0.27
CA LYS D 410 50.70 -11.93 -0.98
C LYS D 410 51.56 -13.16 -1.33
N LEU D 411 51.57 -14.16 -0.46
CA LEU D 411 52.20 -15.46 -0.80
C LEU D 411 51.47 -16.18 -1.94
N ALA D 412 50.14 -16.18 -1.86
CA ALA D 412 49.28 -16.72 -2.94
C ALA D 412 49.57 -16.07 -4.31
N VAL D 413 49.77 -14.75 -4.34
CA VAL D 413 50.01 -14.01 -5.58
C VAL D 413 51.46 -14.11 -6.04
N LEU D 414 52.41 -13.82 -5.16
CA LEU D 414 53.79 -13.76 -5.57
C LEU D 414 54.41 -15.14 -5.76
N GLU D 415 54.09 -16.07 -4.86
CA GLU D 415 54.76 -17.35 -4.91
C GLU D 415 53.93 -18.38 -5.65
N ASP D 416 52.64 -18.42 -5.35
CA ASP D 416 51.74 -19.39 -5.96
C ASP D 416 51.22 -18.87 -7.32
N GLY D 417 51.31 -17.57 -7.57
CA GLY D 417 51.06 -17.06 -8.91
C GLY D 417 49.60 -17.01 -9.24
N VAL D 418 48.80 -16.86 -8.20
CA VAL D 418 47.40 -16.64 -8.36
C VAL D 418 47.19 -15.25 -8.94
N ASP D 419 46.20 -15.14 -9.80
CA ASP D 419 45.96 -13.98 -10.61
C ASP D 419 44.89 -13.21 -9.87
N LEU D 420 45.31 -12.20 -9.09
CA LEU D 420 44.44 -11.43 -8.22
C LEU D 420 44.27 -10.04 -8.77
N ILE D 421 43.03 -9.66 -9.06
CA ILE D 421 42.75 -8.37 -9.67
C ILE D 421 42.99 -7.28 -8.65
N GLY D 422 42.51 -7.51 -7.43
CA GLY D 422 42.56 -6.52 -6.39
C GLY D 422 42.14 -7.06 -5.05
N TYR D 423 42.04 -6.15 -4.07
CA TYR D 423 41.63 -6.48 -2.68
C TYR D 423 40.95 -5.26 -2.10
N THR D 424 39.75 -5.44 -1.57
CA THR D 424 38.99 -4.36 -1.00
C THR D 424 38.45 -4.81 0.37
N PRO D 425 39.12 -4.45 1.45
CA PRO D 425 38.58 -4.77 2.77
C PRO D 425 37.12 -4.37 2.95
N TRP D 426 36.36 -5.19 3.67
CA TRP D 426 34.94 -4.94 3.86
C TRP D 426 34.66 -3.89 4.91
N GLY D 427 33.66 -3.06 4.65
CA GLY D 427 33.20 -2.08 5.63
C GLY D 427 34.26 -1.04 5.88
N CYS D 428 34.81 -0.50 4.79
CA CYS D 428 35.91 0.43 4.84
C CYS D 428 35.57 1.73 5.51
N ILE D 429 34.29 2.10 5.49
CA ILE D 429 33.78 3.15 6.32
C ILE D 429 32.77 2.41 7.19
N ASP D 430 32.73 2.70 8.50
CA ASP D 430 31.88 1.96 9.43
C ASP D 430 30.46 2.01 8.97
N LEU D 431 29.83 0.86 8.81
CA LEU D 431 28.44 0.80 8.36
C LEU D 431 27.55 -0.14 9.20
N VAL D 432 26.26 -0.22 8.83
CA VAL D 432 25.29 -1.07 9.50
C VAL D 432 25.59 -2.56 9.25
N ALA D 433 26.05 -3.26 10.30
CA ALA D 433 26.38 -4.69 10.23
C ALA D 433 25.21 -5.55 9.77
N ALA D 434 25.47 -6.47 8.86
CA ALA D 434 24.45 -7.31 8.25
C ALA D 434 23.80 -8.25 9.26
N SER D 435 24.60 -8.85 10.13
CA SER D 435 24.12 -9.93 10.99
C SER D 435 23.10 -9.42 11.99
N THR D 436 23.38 -8.26 12.60
CA THR D 436 22.61 -7.75 13.73
C THR D 436 21.99 -6.35 13.50
N GLY D 437 22.45 -5.64 12.46
CA GLY D 437 22.06 -4.22 12.32
C GLY D 437 22.84 -3.25 13.20
N GLN D 438 23.74 -3.74 14.05
CA GLN D 438 24.47 -2.84 14.93
C GLN D 438 25.49 -1.98 14.21
N SER D 440 27.83 -0.79 16.33
CA SER D 440 28.97 -0.98 17.23
C SER D 440 29.90 -2.11 16.77
N LYS D 441 29.40 -3.01 15.92
CA LYS D 441 30.24 -4.03 15.30
C LYS D 441 30.94 -3.41 14.08
N ARG D 442 32.14 -2.86 14.30
CA ARG D 442 32.81 -1.98 13.33
C ARG D 442 33.86 -2.70 12.48
N TYR D 443 33.81 -2.44 11.20
CA TYR D 443 34.75 -3.01 10.25
C TYR D 443 35.72 -1.96 9.68
N GLY D 444 35.44 -0.68 9.92
CA GLY D 444 35.99 0.37 9.06
C GLY D 444 37.39 0.86 9.34
N PHE D 445 37.96 1.51 8.33
CA PHE D 445 39.16 2.33 8.50
C PHE D 445 38.76 3.69 9.04
N ILE D 446 37.50 4.06 8.84
CA ILE D 446 36.96 5.35 9.15
C ILE D 446 35.87 5.13 10.18
N TYR D 447 35.98 5.81 11.32
CA TYR D 447 35.01 5.67 12.43
C TYR D 447 33.90 6.66 12.20
N VAL D 448 32.66 6.21 12.35
CA VAL D 448 31.47 7.01 12.23
C VAL D 448 30.79 7.09 13.58
N ASP D 449 30.66 8.32 14.09
CA ASP D 449 30.15 8.52 15.42
C ASP D 449 28.64 8.35 15.42
N GLU D 450 28.20 7.11 15.41
CA GLU D 450 26.79 6.79 15.49
C GLU D 450 26.60 5.54 16.33
N ASN D 451 25.63 5.57 17.23
CA ASN D 451 25.38 4.42 18.11
C ASN D 451 24.30 3.48 17.60
N ASP D 452 24.10 2.38 18.33
CA ASP D 452 23.23 1.30 17.89
C ASP D 452 21.76 1.72 17.67
N ASP D 453 21.35 2.77 18.39
CA ASP D 453 20.00 3.35 18.23
C ASP D 453 19.97 4.56 17.26
N GLY D 454 20.99 4.70 16.41
CA GLY D 454 21.03 5.74 15.37
C GLY D 454 21.28 7.18 15.83
N SER D 455 21.56 7.36 17.12
CA SER D 455 21.87 8.67 17.66
C SER D 455 23.35 8.96 17.50
N GLY D 456 23.71 10.23 17.69
CA GLY D 456 25.09 10.65 17.54
C GLY D 456 25.25 11.60 16.38
N SER D 457 26.43 12.21 16.29
CA SER D 457 26.68 13.23 15.29
C SER D 457 26.87 12.68 13.88
N LEU D 458 27.21 11.40 13.76
CA LEU D 458 27.62 10.79 12.49
C LEU D 458 28.96 11.31 11.97
N LYS D 459 29.70 12.07 12.78
CA LYS D 459 30.99 12.59 12.37
C LYS D 459 31.95 11.46 12.01
N ARG D 460 32.85 11.72 11.07
CA ARG D 460 33.79 10.72 10.54
C ARG D 460 35.15 11.00 11.11
N TYR D 461 35.82 9.97 11.62
CA TYR D 461 37.14 10.10 12.21
C TYR D 461 38.03 9.04 11.60
N LYS D 462 39.30 9.37 11.36
CA LYS D 462 40.25 8.37 10.87
C LYS D 462 40.77 7.50 12.02
N LYS D 463 40.72 6.18 11.85
CA LYS D 463 41.36 5.25 12.77
C LYS D 463 42.83 5.10 12.42
N ASP D 464 43.59 4.57 13.37
CA ASP D 464 44.99 4.24 13.10
C ASP D 464 45.12 3.37 11.84
N SER D 465 44.18 2.45 11.64
CA SER D 465 44.27 1.59 10.48
C SER D 465 44.25 2.37 9.16
N PHE D 466 43.71 3.58 9.16
CA PHE D 466 43.57 4.40 7.96
C PHE D 466 44.94 4.74 7.41
N THR D 467 45.86 5.10 8.31
CA THR D 467 47.22 5.45 7.94
C THR D 467 48.00 4.20 7.53
N TRP D 468 47.72 3.09 8.21
CA TRP D 468 48.33 1.84 7.87
C TRP D 468 47.94 1.48 6.43
N PHE D 469 46.65 1.37 6.15
CA PHE D 469 46.23 1.01 4.83
C PHE D 469 46.75 1.99 3.75
N GLN D 470 46.63 3.30 4.02
CA GLN D 470 47.18 4.35 3.15
C GLN D 470 48.62 4.06 2.73
N HIS D 471 49.45 3.70 3.70
CA HIS D 471 50.85 3.37 3.44
C HIS D 471 50.96 2.04 2.65
N VAL D 472 50.14 1.05 2.97
CA VAL D 472 50.10 -0.23 2.23
C VAL D 472 49.84 0.08 0.76
N ILE D 473 48.84 0.90 0.49
CA ILE D 473 48.57 1.27 -0.90
C ILE D 473 49.72 2.05 -1.52
N ALA D 474 50.31 3.01 -0.78
CA ALA D 474 51.39 3.81 -1.38
C ALA D 474 52.64 3.00 -1.72
N THR D 475 52.89 1.92 -0.99
CA THR D 475 54.04 1.04 -1.27
C THR D 475 53.61 -0.20 -2.06
N ASN D 476 52.41 -0.19 -2.62
CA ASN D 476 51.84 -1.33 -3.37
C ASN D 476 52.11 -2.67 -2.70
N GLY D 477 51.88 -2.71 -1.38
CA GLY D 477 52.08 -3.88 -0.54
C GLY D 477 53.50 -4.42 -0.39
N ALA D 478 54.50 -3.65 -0.82
CA ALA D 478 55.87 -4.15 -0.84
C ALA D 478 56.43 -4.47 0.56
N GLU D 479 55.93 -3.81 1.59
CA GLU D 479 56.49 -4.00 2.93
C GLU D 479 55.88 -5.18 3.68
N ILE D 480 54.74 -5.69 3.21
CA ILE D 480 54.09 -6.78 3.90
C ILE D 480 54.99 -7.99 3.91
N GLU D 481 55.14 -8.57 5.09
CA GLU D 481 56.01 -9.70 5.33
C GLU D 481 55.36 -10.63 6.33
N THR E 5 -27.42 15.96 60.80
CA THR E 5 -26.43 16.69 61.62
C THR E 5 -25.59 17.63 60.74
N ILE E 6 -26.30 18.56 60.08
CA ILE E 6 -25.69 19.73 59.48
C ILE E 6 -25.93 20.97 60.36
N LYS E 7 -26.81 20.84 61.36
CA LYS E 7 -27.08 21.90 62.30
C LYS E 7 -25.84 22.22 63.14
N GLY E 8 -25.46 23.50 63.20
CA GLY E 8 -24.26 23.92 63.92
C GLY E 8 -22.99 23.96 63.08
N ARG E 9 -22.98 23.28 61.95
CA ARG E 9 -21.81 23.28 61.06
C ARG E 9 -21.89 24.45 60.10
N ALA E 10 -20.80 25.20 59.96
CA ALA E 10 -20.78 26.38 59.10
C ALA E 10 -20.50 26.01 57.65
N PHE E 11 -20.85 26.91 56.74
CA PHE E 11 -20.46 26.78 55.35
C PHE E 11 -18.96 27.07 55.30
N PRO E 12 -18.29 26.71 54.17
CA PRO E 12 -16.84 26.93 54.09
C PRO E 12 -16.44 28.36 54.36
N GLU E 13 -15.30 28.56 55.01
CA GLU E 13 -14.76 29.89 55.18
C GLU E 13 -14.62 30.49 53.79
N GLY E 14 -14.98 31.76 53.64
CA GLY E 14 -14.80 32.49 52.36
C GLY E 14 -15.92 32.31 51.35
N PHE E 15 -17.02 31.72 51.83
CA PHE E 15 -18.19 31.47 50.98
C PHE E 15 -18.84 32.80 50.63
N LEU E 16 -19.29 32.95 49.39
CA LEU E 16 -19.75 34.25 48.94
C LEU E 16 -21.26 34.36 48.93
N TRP E 17 -21.79 34.88 50.03
CA TRP E 17 -23.20 35.24 50.12
C TRP E 17 -23.39 36.56 49.41
N GLY E 18 -24.42 36.64 48.58
CA GLY E 18 -24.72 37.88 47.90
C GLY E 18 -26.14 37.91 47.39
N GLY E 19 -26.38 38.83 46.45
CA GLY E 19 -27.63 38.89 45.72
C GLY E 19 -27.37 39.12 44.24
N ALA E 20 -28.32 38.71 43.43
CA ALA E 20 -28.14 38.72 41.99
C ALA E 20 -29.14 39.66 41.36
N VAL E 21 -28.71 40.39 40.31
CA VAL E 21 -29.62 41.20 39.47
C VAL E 21 -29.13 41.21 38.01
N ALA E 22 -29.90 41.85 37.14
CA ALA E 22 -29.44 42.16 35.80
C ALA E 22 -29.63 43.66 35.49
N ALA E 23 -28.60 44.26 34.89
CA ALA E 23 -28.61 45.70 34.57
C ALA E 23 -29.98 46.14 34.10
N HIS E 24 -30.45 45.53 33.01
CA HIS E 24 -31.69 45.98 32.37
C HIS E 24 -32.96 45.84 33.22
N GLN E 25 -32.90 44.99 34.24
CA GLN E 25 -34.08 44.76 35.06
C GLN E 25 -34.19 45.74 36.20
N LEU E 26 -33.13 46.49 36.50
CA LEU E 26 -33.16 47.40 37.65
C LEU E 26 -32.58 48.81 37.45
N GLU E 27 -31.71 49.00 36.47
CA GLU E 27 -30.91 50.22 36.38
C GLU E 27 -31.71 51.45 36.00
N GLY E 28 -32.65 51.28 35.06
CA GLY E 28 -33.31 52.40 34.41
C GLY E 28 -32.31 53.22 33.62
N GLY E 29 -32.58 54.52 33.49
CA GLY E 29 -31.69 55.45 32.81
C GLY E 29 -31.31 54.98 31.42
N TYR E 30 -32.28 54.48 30.68
CA TYR E 30 -32.00 53.72 29.46
C TYR E 30 -31.44 54.54 28.27
N LYS E 31 -31.34 55.86 28.41
CA LYS E 31 -30.66 56.71 27.41
C LYS E 31 -29.57 57.59 28.05
N GLU E 32 -29.21 57.27 29.29
CA GLU E 32 -28.31 58.12 30.05
C GLU E 32 -26.89 57.99 29.52
N GLY E 33 -26.24 59.14 29.33
CA GLY E 33 -24.85 59.19 28.88
C GLY E 33 -24.58 58.44 27.58
N GLY E 34 -25.57 58.43 26.69
CA GLY E 34 -25.39 57.90 25.34
C GLY E 34 -25.75 56.44 25.16
N LYS E 35 -26.38 55.86 26.18
CA LYS E 35 -26.72 54.44 26.18
C LYS E 35 -27.58 54.08 24.98
N GLY E 36 -27.22 52.97 24.31
CA GLY E 36 -27.95 52.49 23.14
C GLY E 36 -29.22 51.75 23.50
N LEU E 37 -30.14 51.63 22.54
CA LEU E 37 -31.36 50.87 22.75
C LEU E 37 -31.02 49.37 22.77
N SER E 38 -31.41 48.69 23.84
CA SER E 38 -31.12 47.25 23.99
C SER E 38 -32.29 46.42 23.45
N THR E 39 -32.15 45.09 23.51
CA THR E 39 -33.27 44.20 23.18
C THR E 39 -34.31 44.21 24.31
N ALA E 40 -33.93 44.64 25.50
CA ALA E 40 -34.87 44.65 26.64
C ALA E 40 -35.65 45.95 26.73
N ASP E 41 -35.18 47.00 26.05
CA ASP E 41 -35.80 48.32 26.06
C ASP E 41 -36.96 48.40 25.07
N ILE E 42 -37.17 47.32 24.32
CA ILE E 42 -38.23 47.25 23.31
C ILE E 42 -39.30 46.21 23.69
N THR E 44 -42.40 45.43 25.79
CA THR E 44 -43.46 46.13 26.51
C THR E 44 -43.90 45.35 27.77
N LEU E 45 -44.76 45.94 28.58
CA LEU E 45 -45.34 45.25 29.73
C LEU E 45 -46.30 44.17 29.23
N ARG E 52 -45.82 39.97 26.38
CA ARG E 52 -45.02 41.15 26.09
C ARG E 52 -44.77 41.31 24.60
N GLU E 53 -44.89 42.54 24.11
CA GLU E 53 -44.70 42.84 22.69
C GLU E 53 -43.31 43.38 22.40
N ILE E 54 -42.71 42.85 21.34
CA ILE E 54 -41.41 43.31 20.84
C ILE E 54 -41.66 44.28 19.68
N THR E 55 -41.33 45.56 19.87
CA THR E 55 -41.63 46.59 18.86
C THR E 55 -40.36 46.99 18.10
N ASP E 56 -40.53 47.63 16.94
CA ASP E 56 -39.38 48.07 16.14
C ASP E 56 -38.92 49.45 16.62
N GLY E 57 -38.15 49.44 17.71
CA GLY E 57 -37.76 50.68 18.40
C GLY E 57 -38.75 51.11 19.47
N VAL E 58 -38.62 52.37 19.90
CA VAL E 58 -39.51 52.96 20.89
C VAL E 58 -40.65 53.71 20.17
N VAL E 59 -41.76 53.02 19.94
CA VAL E 59 -42.99 53.66 19.45
C VAL E 59 -43.80 54.18 20.65
N ALA E 60 -44.39 55.36 20.47
CA ALA E 60 -45.07 56.09 21.55
C ALA E 60 -46.42 55.45 21.91
N GLY E 61 -46.87 55.73 23.13
CA GLY E 61 -48.13 55.16 23.66
C GLY E 61 -47.93 53.80 24.31
N LYS E 62 -46.70 53.31 24.31
CA LYS E 62 -46.36 51.99 24.84
C LYS E 62 -45.55 52.21 26.12
N TYR E 63 -45.88 51.47 27.17
CA TYR E 63 -45.08 51.49 28.40
C TYR E 63 -44.01 50.40 28.34
N TYR E 64 -42.75 50.82 28.46
CA TYR E 64 -41.63 49.90 28.49
C TYR E 64 -40.98 49.89 29.88
N PRO E 65 -41.42 49.01 30.81
CA PRO E 65 -41.02 49.09 32.22
C PRO E 65 -39.51 49.16 32.52
N ASN E 66 -38.68 48.56 31.67
CA ASN E 66 -37.22 48.56 31.81
C ASN E 66 -36.58 49.95 31.63
N HIS E 67 -37.33 50.90 31.04
CA HIS E 67 -36.84 52.26 30.82
C HIS E 67 -36.60 52.95 32.15
N GLN E 68 -37.64 52.97 32.98
CA GLN E 68 -37.57 53.52 34.33
C GLN E 68 -36.92 52.48 35.24
N ALA E 69 -37.52 51.29 35.30
CA ALA E 69 -37.13 50.24 36.26
C ALA E 69 -37.25 50.78 37.70
N ILE E 70 -36.34 50.39 38.59
CA ILE E 70 -36.33 50.95 39.94
C ILE E 70 -35.34 52.14 40.09
N ASP E 71 -34.76 52.59 38.96
CA ASP E 71 -33.82 53.72 38.91
C ASP E 71 -32.55 53.51 39.74
N PHE E 72 -32.03 52.29 39.71
CA PHE E 72 -30.80 51.92 40.42
C PHE E 72 -29.64 52.79 39.92
N TYR E 73 -29.73 53.21 38.66
CA TYR E 73 -28.70 54.02 38.00
C TYR E 73 -28.38 55.29 38.77
N HIS E 74 -29.41 55.96 39.29
CA HIS E 74 -29.23 57.15 40.12
C HIS E 74 -29.23 56.83 41.63
N ARG E 75 -29.72 55.66 42.00
CA ARG E 75 -30.04 55.34 43.40
C ARG E 75 -29.09 54.36 44.05
N TYR E 76 -28.25 53.72 43.25
CA TYR E 76 -27.35 52.66 43.73
C TYR E 76 -26.64 52.99 45.03
N PRO E 77 -26.20 54.25 45.26
CA PRO E 77 -25.54 54.40 46.55
C PRO E 77 -26.41 54.02 47.75
N GLU E 78 -27.71 54.34 47.72
CA GLU E 78 -28.64 53.96 48.83
C GLU E 78 -28.96 52.45 48.86
N ASP E 79 -28.91 51.80 47.73
CA ASP E 79 -29.29 50.38 47.65
C ASP E 79 -28.16 49.46 48.03
N ILE E 80 -26.95 49.89 47.69
CA ILE E 80 -25.74 49.22 48.09
C ILE E 80 -25.58 49.30 49.61
N GLU E 81 -26.07 50.38 50.20
CA GLU E 81 -26.02 50.57 51.66
C GLU E 81 -26.87 49.50 52.36
N LEU E 82 -28.07 49.27 51.84
CA LEU E 82 -28.94 48.18 52.32
C LEU E 82 -28.30 46.81 52.12
N PHE E 83 -27.63 46.60 50.99
CA PHE E 83 -26.90 45.34 50.75
C PHE E 83 -25.76 45.13 51.78
N ALA E 84 -25.02 46.19 52.09
CA ALA E 84 -23.96 46.10 53.09
C ALA E 84 -24.57 45.80 54.48
N GLU E 85 -25.74 46.35 54.75
CA GLU E 85 -26.39 46.11 56.04
C GLU E 85 -26.78 44.64 56.16
N GLY E 87 -25.22 42.18 54.71
CA GLY E 87 -23.94 41.50 54.92
C GLY E 87 -23.31 40.95 53.65
N PHE E 88 -23.76 41.42 52.49
CA PHE E 88 -23.32 40.90 51.21
C PHE E 88 -21.81 40.86 51.11
N LYS E 89 -21.29 39.73 50.65
CA LYS E 89 -19.87 39.58 50.42
C LYS E 89 -19.62 39.81 48.93
N CYS E 90 -20.64 39.58 48.10
CA CYS E 90 -20.59 39.91 46.69
C CYS E 90 -21.93 40.41 46.16
N PHE E 91 -21.88 41.09 45.01
CA PHE E 91 -23.04 41.59 44.28
C PHE E 91 -22.95 41.12 42.85
N ARG E 92 -24.01 40.51 42.35
CA ARG E 92 -23.95 39.84 41.08
C ARG E 92 -24.85 40.58 40.13
N THR E 93 -24.25 41.20 39.11
CA THR E 93 -24.99 41.98 38.14
C THR E 93 -24.36 41.92 36.77
N SER E 94 -24.99 42.57 35.80
CA SER E 94 -24.47 42.62 34.45
C SER E 94 -23.88 43.99 34.18
N ILE E 95 -22.99 44.05 33.21
CA ILE E 95 -22.61 45.31 32.62
C ILE E 95 -23.50 45.44 31.40
N ALA E 96 -24.23 46.55 31.30
CA ALA E 96 -25.22 46.76 30.24
C ALA E 96 -24.48 47.00 28.94
N TRP E 97 -24.59 46.06 28.02
CA TRP E 97 -23.80 46.04 26.78
C TRP E 97 -23.94 47.36 26.02
N THR E 98 -25.15 47.90 25.99
CA THR E 98 -25.40 49.16 25.28
C THR E 98 -24.83 50.41 25.98
N ARG E 99 -24.31 50.27 27.21
CA ARG E 99 -23.69 51.45 27.86
C ARG E 99 -22.26 51.67 27.39
N ILE E 100 -21.62 50.61 26.92
CA ILE E 100 -20.22 50.65 26.57
C ILE E 100 -20.02 50.62 25.06
N PHE E 101 -20.88 49.86 24.38
CA PHE E 101 -20.91 49.82 22.95
C PHE E 101 -22.36 49.94 22.46
N PRO E 102 -22.93 51.17 22.53
CA PRO E 102 -24.35 51.49 22.33
C PRO E 102 -24.98 50.88 21.08
N ASN E 103 -24.22 50.86 19.99
CA ASN E 103 -24.60 50.14 18.77
C ASN E 103 -23.97 48.77 18.72
N GLY E 104 -22.80 48.60 19.32
CA GLY E 104 -22.12 47.30 19.37
C GLY E 104 -20.96 47.18 18.40
N ASP E 105 -20.92 48.07 17.40
CA ASP E 105 -19.92 47.97 16.32
C ASP E 105 -18.92 49.14 16.27
N GLU E 106 -18.93 49.98 17.30
CA GLU E 106 -17.96 51.09 17.39
C GLU E 106 -16.56 50.54 17.66
N SER E 107 -15.54 51.30 17.25
CA SER E 107 -14.16 50.88 17.45
C SER E 107 -13.53 51.57 18.66
N GLU E 108 -14.35 52.35 19.36
CA GLU E 108 -13.98 52.90 20.65
C GLU E 108 -15.17 52.69 21.58
N PRO E 109 -14.91 52.41 22.86
CA PRO E 109 -16.01 52.25 23.81
C PRO E 109 -16.52 53.59 24.30
N ASN E 110 -17.76 53.60 24.81
CA ASN E 110 -18.34 54.77 25.46
C ASN E 110 -17.65 55.01 26.81
N GLU E 111 -17.18 56.24 27.02
CA GLU E 111 -16.51 56.63 28.27
C GLU E 111 -17.54 56.78 29.41
N ALA E 112 -18.68 57.39 29.11
CA ALA E 112 -19.73 57.58 30.13
C ALA E 112 -20.29 56.24 30.66
N GLY E 113 -20.42 55.25 29.78
CA GLY E 113 -20.81 53.90 30.21
C GLY E 113 -19.78 53.25 31.13
N LEU E 114 -18.50 53.35 30.74
CA LEU E 114 -17.42 52.83 31.56
C LEU E 114 -17.32 53.52 32.92
N GLN E 115 -17.49 54.83 32.95
CA GLN E 115 -17.39 55.57 34.20
C GLN E 115 -18.51 55.14 35.14
N PHE E 116 -19.73 55.02 34.63
CA PHE E 116 -20.84 54.55 35.45
C PHE E 116 -20.50 53.28 36.22
N TYR E 117 -19.87 52.32 35.53
CA TYR E 117 -19.55 51.05 36.18
C TYR E 117 -18.34 51.13 37.09
N ASP E 118 -17.42 52.08 36.84
CA ASP E 118 -16.32 52.35 37.79
C ASP E 118 -16.91 52.80 39.13
N ASP E 119 -17.89 53.70 39.06
CA ASP E 119 -18.49 54.29 40.26
C ASP E 119 -19.32 53.29 41.03
N LEU E 120 -20.20 52.58 40.33
CA LEU E 120 -20.98 51.49 40.93
C LEU E 120 -20.08 50.43 41.62
N PHE E 121 -19.03 50.00 40.92
CA PHE E 121 -18.13 49.00 41.48
C PHE E 121 -17.29 49.54 42.66
N ASP E 122 -16.78 50.76 42.53
CA ASP E 122 -16.16 51.44 43.68
C ASP E 122 -17.13 51.48 44.87
N GLU E 123 -18.41 51.73 44.59
CA GLU E 123 -19.42 51.84 45.65
C GLU E 123 -19.57 50.55 46.45
N CYS E 124 -19.66 49.42 45.74
CA CYS E 124 -19.68 48.11 46.36
C CYS E 124 -18.40 47.87 47.15
N LEU E 125 -17.27 48.05 46.49
CA LEU E 125 -15.96 47.75 47.08
C LEU E 125 -15.72 48.52 48.36
N LYS E 126 -16.27 49.74 48.42
CA LYS E 126 -16.29 50.58 49.62
C LYS E 126 -16.86 49.81 50.82
N ASN E 127 -17.87 49.01 50.54
CA ASN E 127 -18.61 48.27 51.57
C ASN E 127 -18.24 46.81 51.61
N GLY E 128 -17.01 46.48 51.21
CA GLY E 128 -16.52 45.11 51.20
C GLY E 128 -17.43 44.15 50.46
N ILE E 129 -18.11 44.65 49.42
CA ILE E 129 -18.90 43.81 48.51
C ILE E 129 -18.20 43.76 47.13
N GLN E 130 -17.69 42.59 46.72
CA GLN E 130 -17.08 42.45 45.39
C GLN E 130 -18.16 42.23 44.31
N PRO E 131 -18.06 42.97 43.18
CA PRO E 131 -18.98 42.76 42.03
C PRO E 131 -18.74 41.45 41.31
N VAL E 132 -19.81 40.82 40.83
CA VAL E 132 -19.73 39.55 40.12
C VAL E 132 -20.48 39.71 38.82
N VAL E 133 -19.70 39.85 37.74
CA VAL E 133 -20.18 40.46 36.52
C VAL E 133 -20.56 39.44 35.50
N THR E 134 -21.71 39.65 34.89
CA THR E 134 -22.13 38.91 33.72
C THR E 134 -22.12 39.89 32.53
N LEU E 135 -21.56 39.46 31.42
CA LEU E 135 -21.37 40.35 30.26
C LEU E 135 -22.63 40.41 29.37
N ALA E 136 -23.03 39.28 28.81
CA ALA E 136 -24.28 39.19 28.04
C ALA E 136 -25.38 38.67 28.96
N HIS E 137 -26.28 39.55 29.36
CA HIS E 137 -27.42 39.14 30.18
C HIS E 137 -28.74 39.69 29.59
N PHE E 138 -29.04 39.32 28.34
CA PHE E 138 -30.37 39.57 27.74
C PHE E 138 -30.61 41.03 27.40
N GLU E 139 -29.54 41.75 27.08
CA GLU E 139 -29.59 43.19 26.92
C GLU E 139 -28.64 43.65 25.84
N PRO E 141 -27.19 45.12 22.18
CA PRO E 141 -27.64 46.29 21.44
C PRO E 141 -28.61 45.90 20.35
N TYR E 142 -29.82 46.46 20.41
CA TYR E 142 -30.79 46.26 19.34
C TYR E 142 -30.22 46.54 17.94
N HIS E 143 -29.22 47.41 17.85
CA HIS E 143 -28.59 47.66 16.55
C HIS E 143 -28.00 46.37 15.97
N LEU E 144 -27.32 45.58 16.80
CA LEU E 144 -26.75 44.30 16.35
C LEU E 144 -27.81 43.34 15.79
N VAL E 145 -29.01 43.37 16.37
CA VAL E 145 -30.11 42.51 15.92
C VAL E 145 -30.59 42.97 14.53
N LYS E 146 -30.75 44.27 14.38
CA LYS E 146 -31.36 44.85 13.19
C LYS E 146 -30.38 44.94 12.00
N GLN E 147 -29.13 45.32 12.27
CA GLN E 147 -28.16 45.56 11.21
C GLN E 147 -27.49 44.26 10.75
N TYR E 148 -27.25 43.35 11.69
CA TYR E 148 -26.47 42.14 11.45
C TYR E 148 -27.26 40.82 11.54
N GLY E 149 -28.52 40.87 11.93
CA GLY E 149 -29.30 39.65 12.18
C GLY E 149 -28.85 38.90 13.44
N GLY E 150 -28.32 39.63 14.42
CA GLY E 150 -27.98 39.05 15.71
C GLY E 150 -26.86 38.03 15.61
N TRP E 151 -26.90 37.01 16.47
CA TRP E 151 -25.86 35.98 16.53
C TRP E 151 -25.93 34.97 15.36
N ARG E 152 -26.64 35.32 14.29
CA ARG E 152 -26.43 34.67 12.99
C ARG E 152 -25.07 35.06 12.39
N ASN E 153 -24.54 36.22 12.76
CA ASN E 153 -23.37 36.78 12.08
C ASN E 153 -22.09 36.50 12.83
N ARG E 154 -21.11 35.89 12.14
CA ARG E 154 -19.84 35.54 12.79
C ARG E 154 -19.20 36.76 13.46
N LYS E 155 -19.33 37.91 12.80
CA LYS E 155 -18.82 39.19 13.32
C LYS E 155 -19.19 39.51 14.78
N LEU E 156 -20.36 39.09 15.24
CA LEU E 156 -20.70 39.29 16.66
C LEU E 156 -19.65 38.71 17.63
N ILE E 157 -18.92 37.68 17.19
CA ILE E 157 -17.83 37.15 17.98
C ILE E 157 -16.78 38.22 18.30
N GLN E 158 -16.53 39.13 17.37
CA GLN E 158 -15.52 40.17 17.58
C GLN E 158 -16.12 41.32 18.38
N PHE E 159 -17.36 41.68 18.05
CA PHE E 159 -18.09 42.71 18.77
C PHE E 159 -18.09 42.41 20.28
N TYR E 160 -18.59 41.22 20.64
CA TYR E 160 -18.52 40.75 22.02
C TYR E 160 -17.09 40.84 22.60
N LEU E 161 -16.07 40.47 21.81
CA LEU E 161 -14.67 40.51 22.29
C LEU E 161 -14.16 41.94 22.52
N ASN E 162 -14.56 42.88 21.67
CA ASN E 162 -14.24 44.30 21.89
C ASN E 162 -14.84 44.78 23.21
N PHE E 163 -16.12 44.48 23.40
CA PHE E 163 -16.84 44.77 24.64
C PHE E 163 -16.21 44.09 25.86
N ALA E 164 -15.90 42.81 25.73
CA ALA E 164 -15.31 42.05 26.83
C ALA E 164 -13.90 42.51 27.18
N LYS E 165 -13.08 42.72 26.15
CA LYS E 165 -11.70 43.22 26.32
C LYS E 165 -11.70 44.48 27.15
N VAL E 166 -12.55 45.42 26.74
CA VAL E 166 -12.64 46.71 27.40
C VAL E 166 -13.03 46.56 28.87
N CYS E 167 -14.03 45.72 29.14
CA CYS E 167 -14.49 45.52 30.51
C CYS E 167 -13.43 44.85 31.35
N PHE E 168 -12.70 43.91 30.76
CA PHE E 168 -11.67 43.20 31.50
C PHE E 168 -10.59 44.15 31.94
N GLU E 169 -10.09 44.95 31.01
CA GLU E 169 -8.98 45.85 31.31
C GLU E 169 -9.40 46.97 32.26
N ARG E 170 -10.54 47.61 31.99
CA ARG E 170 -11.03 48.71 32.86
C ARG E 170 -11.20 48.29 34.32
N TYR E 171 -11.82 47.14 34.53
CA TYR E 171 -12.17 46.69 35.88
C TYR E 171 -11.23 45.58 36.39
N ARG E 172 -10.02 45.53 35.83
CA ARG E 172 -9.10 44.41 36.07
C ARG E 172 -8.72 44.19 37.55
N ASP E 173 -8.73 45.26 38.32
CA ASP E 173 -8.40 45.19 39.74
C ASP E 173 -9.64 45.36 40.61
N LYS E 174 -10.82 45.21 40.00
CA LYS E 174 -12.09 45.45 40.71
C LYS E 174 -12.98 44.17 40.77
N VAL E 175 -12.93 43.34 39.74
CA VAL E 175 -13.77 42.12 39.66
C VAL E 175 -12.88 40.89 39.53
N THR E 176 -13.04 39.93 40.44
CA THR E 176 -12.43 38.61 40.29
C THR E 176 -13.30 37.68 39.45
N TYR E 177 -14.60 37.65 39.72
CA TYR E 177 -15.54 36.68 39.13
C TYR E 177 -16.40 37.24 38.01
N TRP E 178 -16.21 36.68 36.80
CA TRP E 178 -16.98 37.04 35.61
C TRP E 178 -17.75 35.83 35.10
N THR E 180 -19.76 34.78 31.14
CA THR E 180 -19.81 35.24 29.74
C THR E 180 -21.22 35.47 29.20
N PHE E 181 -22.02 34.41 29.11
CA PHE E 181 -23.39 34.45 28.60
C PHE E 181 -24.36 33.83 29.61
N ASN E 182 -25.33 34.65 30.04
CA ASN E 182 -26.34 34.27 31.04
C ASN E 182 -27.39 33.32 30.48
N GLU E 183 -27.72 32.31 31.30
CA GLU E 183 -28.57 31.18 30.90
C GLU E 183 -28.46 30.93 29.40
N ILE E 184 -27.24 30.68 28.96
CA ILE E 184 -26.95 30.45 27.54
C ILE E 184 -27.79 29.34 26.94
N ASN E 185 -28.27 28.42 27.79
CA ASN E 185 -29.04 27.25 27.35
C ASN E 185 -30.58 27.39 27.40
N ASN E 186 -31.09 28.60 27.53
CA ASN E 186 -32.55 28.81 27.39
C ASN E 186 -33.01 28.61 25.97
N GLN E 187 -32.12 28.87 25.02
CA GLN E 187 -32.40 28.66 23.60
C GLN E 187 -32.49 27.16 23.24
N THR E 188 -32.33 26.25 24.21
CA THR E 188 -32.60 24.81 24.00
C THR E 188 -34.02 24.59 23.51
N ASN E 189 -34.94 25.39 24.03
CA ASN E 189 -36.25 25.50 23.46
C ASN E 189 -36.20 26.48 22.26
N PHE E 190 -35.98 25.93 21.06
CA PHE E 190 -35.74 26.72 19.85
C PHE E 190 -37.00 27.32 19.22
N GLU E 191 -38.16 27.00 19.80
CA GLU E 191 -39.44 27.61 19.45
C GLU E 191 -39.83 28.70 20.46
N SER E 192 -38.99 28.91 21.48
CA SER E 192 -39.22 29.99 22.44
C SER E 192 -38.68 31.29 21.91
N ASP E 193 -39.57 32.11 21.34
CA ASP E 193 -39.17 33.43 20.81
C ASP E 193 -38.49 34.31 21.85
N GLY E 194 -38.90 34.20 23.11
CA GLY E 194 -38.21 34.87 24.20
C GLY E 194 -36.76 34.38 24.34
N ALA E 195 -36.59 33.06 24.30
CA ALA E 195 -35.26 32.48 24.45
C ALA E 195 -34.34 32.88 23.29
N LEU E 197 -34.51 35.55 21.29
CA LEU E 197 -34.20 36.98 21.29
C LEU E 197 -33.22 37.31 22.41
N THR E 198 -33.49 36.83 23.63
CA THR E 198 -32.63 37.16 24.79
C THR E 198 -31.21 36.57 24.69
N ASP E 199 -31.14 35.26 24.42
CA ASP E 199 -29.84 34.58 24.31
C ASP E 199 -29.05 35.07 23.10
N SER E 200 -29.71 35.11 21.94
CA SER E 200 -28.99 35.19 20.66
C SER E 200 -29.45 36.30 19.70
N GLY E 201 -30.48 37.04 20.08
CA GLY E 201 -30.99 38.11 19.25
C GLY E 201 -31.55 37.65 17.92
N ILE E 202 -32.07 36.42 17.90
CA ILE E 202 -32.68 35.84 16.69
C ILE E 202 -34.19 36.02 16.74
N ILE E 203 -34.73 36.59 15.66
CA ILE E 203 -36.16 36.71 15.37
C ILE E 203 -36.44 36.01 14.04
N HIS E 204 -37.27 34.97 14.08
CA HIS E 204 -37.48 34.03 12.97
C HIS E 204 -37.78 34.68 11.61
N GLN E 205 -36.88 34.46 10.64
CA GLN E 205 -37.05 34.95 9.28
C GLN E 205 -37.56 33.80 8.39
N PRO E 206 -38.30 34.12 7.31
CA PRO E 206 -38.78 33.09 6.36
C PRO E 206 -37.74 32.06 5.89
N GLY E 207 -38.12 30.79 5.92
CA GLY E 207 -37.32 29.72 5.35
C GLY E 207 -36.40 29.00 6.32
N GLU E 208 -36.24 29.59 7.51
CA GLU E 208 -35.26 29.11 8.47
C GLU E 208 -35.74 27.89 9.23
N ASN E 209 -34.81 26.97 9.45
CA ASN E 209 -34.95 25.90 10.44
C ASN E 209 -34.57 26.53 11.76
N ARG E 210 -35.51 26.62 12.70
CA ARG E 210 -35.26 27.34 13.97
C ARG E 210 -34.22 26.63 14.84
N GLU E 211 -34.19 25.30 14.77
CA GLU E 211 -33.22 24.53 15.55
C GLU E 211 -31.83 24.71 14.93
N ARG E 212 -31.78 24.70 13.59
CA ARG E 212 -30.54 24.86 12.84
C ARG E 212 -29.82 26.14 13.22
N TRP E 213 -30.57 27.25 13.23
CA TRP E 213 -29.95 28.55 13.44
C TRP E 213 -29.58 28.77 14.89
N TYR E 215 -28.42 26.66 16.73
CA TYR E 215 -27.11 26.02 16.80
C TYR E 215 -26.00 26.80 16.14
N GLN E 216 -26.30 27.48 15.02
CA GLN E 216 -25.33 28.43 14.49
C GLN E 216 -25.04 29.52 15.54
N ALA E 217 -26.08 30.14 16.09
CA ALA E 217 -25.87 31.24 17.05
C ALA E 217 -25.14 30.76 18.31
N ALA E 218 -25.67 29.71 18.94
CA ALA E 218 -25.08 29.14 20.14
C ALA E 218 -23.59 28.83 19.96
N HIS E 219 -23.25 28.36 18.77
CA HIS E 219 -21.87 28.02 18.43
C HIS E 219 -20.98 29.26 18.43
N TYR E 220 -21.45 30.32 17.79
CA TYR E 220 -20.70 31.58 17.76
C TYR E 220 -20.51 32.18 19.17
N GLU E 221 -21.52 32.05 20.02
CA GLU E 221 -21.42 32.52 21.43
C GLU E 221 -20.43 31.70 22.24
N LEU E 222 -20.43 30.38 22.05
CA LEU E 222 -19.49 29.51 22.78
C LEU E 222 -18.04 29.76 22.36
N VAL E 223 -17.82 30.05 21.08
CA VAL E 223 -16.48 30.43 20.60
C VAL E 223 -16.09 31.76 21.22
N ALA E 224 -16.98 32.75 21.13
CA ALA E 224 -16.82 34.00 21.86
C ALA E 224 -16.48 33.75 23.34
N SER E 225 -17.23 32.86 23.98
CA SER E 225 -16.99 32.54 25.38
C SER E 225 -15.57 32.00 25.57
N ALA E 226 -15.22 30.97 24.80
CA ALA E 226 -13.89 30.38 24.91
C ALA E 226 -12.81 31.45 24.64
N ALA E 227 -13.02 32.29 23.64
CA ALA E 227 -12.12 33.40 23.31
C ALA E 227 -12.02 34.47 24.40
N ALA E 228 -13.14 34.78 25.04
CA ALA E 228 -13.14 35.76 26.15
C ALA E 228 -12.39 35.23 27.34
N VAL E 229 -12.51 33.92 27.59
CA VAL E 229 -11.89 33.29 28.75
C VAL E 229 -10.37 33.39 28.67
N GLN E 230 -9.83 33.28 27.44
CA GLN E 230 -8.39 33.30 27.20
C GLN E 230 -7.89 34.72 27.25
N LEU E 231 -8.64 35.61 26.61
CA LEU E 231 -8.37 37.04 26.67
C LEU E 231 -8.37 37.55 28.13
N GLY E 232 -9.40 37.18 28.90
CA GLY E 232 -9.48 37.58 30.30
C GLY E 232 -8.33 37.09 31.18
N HIS E 233 -7.89 35.84 30.98
CA HIS E 233 -6.81 35.27 31.79
C HIS E 233 -5.44 35.84 31.41
N GLN E 234 -5.35 36.39 30.21
CA GLN E 234 -4.15 37.09 29.76
C GLN E 234 -4.13 38.52 30.33
N ILE E 235 -5.28 39.18 30.36
CA ILE E 235 -5.39 40.53 30.95
C ILE E 235 -5.21 40.43 32.47
N ASN E 236 -5.85 39.44 33.08
CA ASN E 236 -5.61 39.15 34.51
C ASN E 236 -5.73 37.66 34.79
N PRO E 237 -4.58 36.97 35.01
CA PRO E 237 -4.62 35.52 35.18
C PRO E 237 -5.31 35.04 36.47
N ASP E 238 -5.57 35.96 37.40
CA ASP E 238 -6.30 35.62 38.62
C ASP E 238 -7.83 35.72 38.45
N PHE E 239 -8.27 36.14 37.27
CA PHE E 239 -9.70 36.17 36.94
C PHE E 239 -10.28 34.77 36.96
N GLN E 240 -11.40 34.60 37.64
CA GLN E 240 -12.17 33.38 37.54
C GLN E 240 -13.32 33.70 36.56
N ILE E 241 -13.28 33.12 35.36
CA ILE E 241 -14.28 33.36 34.34
C ILE E 241 -15.06 32.08 34.16
N GLY E 242 -16.39 32.23 34.03
CA GLY E 242 -17.32 31.11 34.14
C GLY E 242 -18.44 31.14 33.12
N CYS E 243 -19.06 29.99 32.90
CA CYS E 243 -20.28 29.92 32.10
C CYS E 243 -21.46 30.17 33.01
N ILE E 245 -25.37 28.57 33.31
CA ILE E 245 -26.29 27.53 32.84
C ILE E 245 -27.64 27.64 33.57
N ALA E 246 -28.75 27.50 32.84
CA ALA E 246 -30.06 27.37 33.50
C ALA E 246 -30.28 25.90 33.79
N CYS E 248 -32.45 23.22 34.92
CA CYS E 248 -33.72 22.55 35.17
C CYS E 248 -33.39 21.12 34.89
N PRO E 249 -33.23 20.30 35.94
CA PRO E 249 -32.96 18.89 35.70
C PRO E 249 -34.18 18.17 35.15
N ILE E 250 -33.95 17.26 34.22
CA ILE E 250 -35.04 16.55 33.55
C ILE E 250 -35.03 15.07 33.96
N TYR E 251 -36.14 14.62 34.55
CA TYR E 251 -36.30 13.28 35.10
C TYR E 251 -37.12 12.41 34.16
N PRO E 252 -36.89 11.10 34.18
CA PRO E 252 -37.85 10.16 33.56
C PRO E 252 -39.14 10.06 34.37
N LEU E 253 -40.29 10.04 33.68
CA LEU E 253 -41.57 9.85 34.37
C LEU E 253 -41.59 8.55 35.16
N THR E 254 -41.00 7.50 34.58
CA THR E 254 -40.98 6.15 35.16
C THR E 254 -39.65 5.46 34.84
N ALA E 255 -39.41 4.33 35.49
CA ALA E 255 -38.19 3.55 35.23
C ALA E 255 -38.24 2.69 33.94
N ALA E 256 -39.21 2.97 33.05
CA ALA E 256 -39.23 2.40 31.71
C ALA E 256 -37.93 2.80 31.00
N PRO E 257 -37.14 1.82 30.51
CA PRO E 257 -35.87 2.11 29.85
C PRO E 257 -35.93 3.18 28.76
N ALA E 258 -37.05 3.23 28.02
CA ALA E 258 -37.33 4.29 27.04
C ALA E 258 -37.49 5.70 27.62
N ASP E 259 -38.11 5.80 28.81
CA ASP E 259 -38.29 7.09 29.51
C ASP E 259 -36.96 7.55 30.10
N VAL E 260 -36.19 6.60 30.62
CA VAL E 260 -34.86 6.85 31.12
C VAL E 260 -33.95 7.26 29.96
N LEU E 261 -34.00 6.54 28.83
CA LEU E 261 -33.10 6.91 27.72
C LEU E 261 -33.41 8.32 27.24
N PHE E 262 -34.70 8.62 27.16
CA PHE E 262 -35.16 9.90 26.65
C PHE E 262 -34.90 11.07 27.62
N ALA E 263 -34.88 10.80 28.91
CA ALA E 263 -34.46 11.80 29.89
C ALA E 263 -32.98 12.08 29.74
N GLN E 264 -32.15 11.04 29.71
CA GLN E 264 -30.74 11.20 29.35
C GLN E 264 -30.60 12.17 28.16
N ARG E 265 -31.31 11.91 27.06
CA ARG E 265 -31.11 12.67 25.82
C ARG E 265 -31.66 14.09 26.00
N ALA E 266 -32.74 14.22 26.76
CA ALA E 266 -33.27 15.53 27.02
C ALA E 266 -32.23 16.39 27.75
N GLN E 268 -28.95 15.74 27.76
CA GLN E 268 -27.86 15.96 26.79
C GLN E 268 -28.13 17.22 25.94
N THR E 269 -29.32 17.31 25.39
CA THR E 269 -29.71 18.41 24.52
C THR E 269 -29.62 19.74 25.31
N ARG E 270 -30.18 19.75 26.52
CA ARG E 270 -30.28 20.98 27.26
C ARG E 270 -28.96 21.44 27.84
N PHE E 271 -28.00 20.54 27.98
CA PHE E 271 -26.76 20.90 28.63
C PHE E 271 -25.53 20.67 27.77
N TYR E 272 -25.73 20.49 26.47
CA TYR E 272 -24.56 20.40 25.58
C TYR E 272 -23.67 21.65 25.75
N PHE E 273 -24.31 22.82 25.88
CA PHE E 273 -23.59 24.10 26.12
C PHE E 273 -22.53 23.95 27.22
N ALA E 274 -22.93 23.32 28.31
CA ALA E 274 -22.00 23.00 29.39
C ALA E 274 -20.91 22.06 28.90
N ASP E 275 -21.27 21.06 28.11
CA ASP E 275 -20.26 20.12 27.62
C ASP E 275 -19.21 20.88 26.78
N VAL E 276 -19.67 21.87 26.01
CA VAL E 276 -18.73 22.68 25.22
C VAL E 276 -17.93 23.62 26.10
N HIS E 277 -18.60 24.26 27.07
CA HIS E 277 -17.94 25.22 27.94
C HIS E 277 -16.86 24.56 28.79
N CYS E 278 -17.16 23.36 29.29
CA CYS E 278 -16.32 22.68 30.31
C CYS E 278 -15.33 21.63 29.74
N ASN E 279 -15.79 20.84 28.77
CA ASN E 279 -14.97 19.80 28.11
C ASN E 279 -14.15 20.33 26.95
N GLY E 280 -14.68 21.37 26.31
CA GLY E 280 -13.98 22.03 25.21
C GLY E 280 -14.39 21.53 23.84
N THR E 281 -15.18 20.46 23.78
CA THR E 281 -15.56 19.87 22.50
C THR E 281 -17.04 19.66 22.43
N TYR E 282 -17.55 19.46 21.21
CA TYR E 282 -18.94 19.07 21.05
C TYR E 282 -19.07 17.59 21.38
N PRO E 283 -20.19 17.20 22.00
CA PRO E 283 -20.53 15.78 22.13
C PRO E 283 -20.73 15.15 20.74
N GLN E 284 -20.19 13.96 20.54
CA GLN E 284 -20.26 13.31 19.23
C GLN E 284 -21.69 13.09 18.74
N TRP E 285 -22.63 12.89 19.66
CA TRP E 285 -24.01 12.65 19.27
C TRP E 285 -24.61 13.87 18.59
N LEU E 286 -24.22 15.04 19.07
CA LEU E 286 -24.75 16.28 18.54
C LEU E 286 -24.13 16.57 17.16
N ARG E 287 -22.84 16.30 17.02
CA ARG E 287 -22.16 16.49 15.73
C ARG E 287 -22.71 15.57 14.65
N ASN E 288 -23.20 14.41 15.07
CA ASN E 288 -23.95 13.50 14.19
C ASN E 288 -25.35 14.03 13.92
N ARG E 289 -25.96 14.68 14.90
CA ARG E 289 -27.24 15.36 14.64
C ARG E 289 -27.13 16.40 13.51
N PHE E 290 -26.13 17.28 13.59
CA PHE E 290 -25.94 18.35 12.59
C PHE E 290 -25.75 17.74 11.21
N GLU E 291 -25.02 16.63 11.16
CA GLU E 291 -24.73 15.98 9.90
C GLU E 291 -25.99 15.34 9.34
N SER E 292 -26.72 14.62 10.20
CA SER E 292 -27.91 13.86 9.78
C SER E 292 -29.11 14.76 9.50
N GLU E 293 -29.18 15.91 10.16
CA GLU E 293 -30.24 16.90 9.90
C GLU E 293 -29.87 17.90 8.80
N HIS E 294 -28.68 17.76 8.25
CA HIS E 294 -28.18 18.60 7.16
C HIS E 294 -28.14 20.10 7.49
N PHE E 295 -27.67 20.41 8.69
CA PHE E 295 -27.37 21.80 9.05
C PHE E 295 -26.03 22.10 8.38
N ASN E 296 -25.92 23.23 7.71
CA ASN E 296 -24.67 23.51 6.97
C ASN E 296 -23.81 24.43 7.83
N LEU E 297 -23.59 24.02 9.08
CA LEU E 297 -23.07 24.93 10.08
C LEU E 297 -21.67 25.45 9.74
N ASP E 298 -21.44 26.71 10.11
CA ASP E 298 -20.15 27.38 9.94
C ASP E 298 -19.29 27.12 11.19
N ILE E 299 -18.63 25.96 11.20
CA ILE E 299 -17.72 25.56 12.26
C ILE E 299 -16.34 25.27 11.64
N THR E 300 -15.38 26.16 11.90
CA THR E 300 -14.03 26.03 11.37
C THR E 300 -13.11 25.26 12.30
N ALA E 301 -12.08 24.67 11.74
CA ALA E 301 -11.04 23.99 12.52
C ALA E 301 -10.49 24.87 13.63
N GLU E 302 -10.38 26.18 13.37
CA GLU E 302 -9.81 27.11 14.34
C GLU E 302 -10.81 27.44 15.46
N ASP E 303 -12.10 27.54 15.12
CA ASP E 303 -13.17 27.59 16.15
C ASP E 303 -12.95 26.49 17.18
N LEU E 304 -12.85 25.25 16.69
CA LEU E 304 -12.69 24.06 17.55
C LEU E 304 -11.43 24.16 18.41
N LYS E 305 -10.37 24.75 17.85
CA LYS E 305 -9.13 24.98 18.57
C LYS E 305 -9.32 25.94 19.74
N ILE E 306 -10.11 26.99 19.55
CA ILE E 306 -10.40 27.98 20.62
C ILE E 306 -11.25 27.40 21.75
N LEU E 307 -12.32 26.68 21.38
CA LEU E 307 -13.16 25.98 22.34
C LEU E 307 -12.31 25.13 23.29
N GLN E 308 -11.43 24.29 22.72
CA GLN E 308 -10.58 23.42 23.54
C GLN E 308 -9.68 24.21 24.50
N ALA E 309 -9.23 25.37 24.05
CA ALA E 309 -8.27 26.21 24.79
C ALA E 309 -8.93 27.13 25.81
N GLY E 310 -10.24 27.35 25.66
CA GLY E 310 -10.95 28.36 26.45
C GLY E 310 -12.10 27.83 27.30
N THR E 311 -11.89 26.69 27.96
CA THR E 311 -12.92 26.20 28.88
C THR E 311 -12.87 26.95 30.21
N VAL E 312 -14.01 27.00 30.85
CA VAL E 312 -14.28 27.91 31.95
C VAL E 312 -13.72 27.44 33.28
N ASP E 313 -13.58 28.38 34.20
CA ASP E 313 -13.03 28.12 35.52
C ASP E 313 -14.06 27.59 36.48
N TYR E 314 -15.33 27.92 36.21
CA TYR E 314 -16.43 27.46 37.03
C TYR E 314 -17.74 27.52 36.27
N ILE E 315 -18.75 26.88 36.87
CA ILE E 315 -20.09 26.83 36.31
C ILE E 315 -21.01 27.64 37.22
N GLY E 316 -21.40 28.81 36.75
CA GLY E 316 -22.43 29.59 37.43
C GLY E 316 -23.74 29.06 36.86
N PHE E 317 -24.76 28.91 37.71
CA PHE E 317 -26.09 28.46 37.28
C PHE E 317 -27.26 29.05 38.09
N SER E 318 -28.42 29.07 37.43
CA SER E 318 -29.69 29.36 38.05
C SER E 318 -30.29 28.01 38.35
N TYR E 319 -31.11 27.98 39.39
CA TYR E 319 -31.95 26.84 39.69
C TYR E 319 -33.27 27.36 40.21
N TYR E 320 -34.35 26.87 39.64
CA TYR E 320 -35.71 27.25 40.02
C TYR E 320 -36.68 26.08 40.13
N SER E 322 -37.61 21.61 38.46
CA SER E 322 -37.29 20.40 37.72
C SER E 322 -38.34 20.08 36.67
N PHE E 323 -37.95 19.31 35.66
CA PHE E 323 -38.83 18.94 34.56
C PHE E 323 -38.97 17.42 34.52
N THR E 324 -40.07 16.95 33.94
CA THR E 324 -40.30 15.54 33.74
C THR E 324 -40.67 15.27 32.28
N VAL E 325 -40.21 14.13 31.75
CA VAL E 325 -40.57 13.68 30.40
C VAL E 325 -40.90 12.19 30.34
N LYS E 326 -41.71 11.81 29.36
CA LYS E 326 -41.88 10.40 28.91
C LYS E 326 -41.28 10.21 27.50
N ASP E 327 -41.09 8.95 27.10
CA ASP E 327 -40.68 8.64 25.74
C ASP E 327 -41.82 9.01 24.82
N THR E 328 -41.51 9.76 23.77
CA THR E 328 -42.50 10.14 22.76
C THR E 328 -42.34 9.29 21.50
N GLY E 329 -41.29 8.47 21.46
CA GLY E 329 -40.98 7.64 20.29
C GLY E 329 -40.11 8.41 19.32
N LYS E 330 -39.65 9.60 19.72
CA LYS E 330 -38.96 10.51 18.81
C LYS E 330 -37.44 10.48 18.92
N LEU E 331 -36.79 10.76 17.80
CA LEU E 331 -35.33 10.87 17.71
C LEU E 331 -34.72 11.93 18.64
N ALA E 332 -35.40 13.07 18.76
CA ALA E 332 -34.83 14.25 19.39
C ALA E 332 -35.79 14.84 20.41
N TYR E 333 -35.22 15.56 21.38
CA TYR E 333 -35.95 16.27 22.43
C TYR E 333 -36.33 17.71 22.01
N ASN E 334 -37.63 18.01 22.13
CA ASN E 334 -38.21 19.33 21.85
C ASN E 334 -38.87 19.83 23.13
N GLU E 335 -38.20 20.75 23.82
CA GLU E 335 -38.62 21.19 25.15
C GLU E 335 -39.97 21.88 25.15
N GLU E 336 -40.30 22.56 24.06
CA GLU E 336 -41.57 23.23 23.90
C GLU E 336 -42.76 22.26 23.98
N HIS E 337 -42.52 20.99 23.61
CA HIS E 337 -43.60 20.02 23.39
C HIS E 337 -43.55 18.72 24.22
N ASP E 338 -42.38 18.37 24.77
CA ASP E 338 -42.16 17.02 25.32
C ASP E 338 -42.08 16.97 26.85
N LEU E 339 -42.40 18.07 27.52
CA LEU E 339 -42.44 18.06 28.99
C LEU E 339 -43.81 17.62 29.43
N VAL E 340 -43.86 16.90 30.56
CA VAL E 340 -45.12 16.49 31.20
C VAL E 340 -45.07 16.76 32.70
N LYS E 341 -46.25 16.65 33.33
CA LYS E 341 -46.37 16.92 34.75
C LYS E 341 -45.79 15.80 35.59
N ASN E 342 -45.03 16.19 36.60
CA ASN E 342 -44.53 15.30 37.62
C ASN E 342 -45.65 15.06 38.64
N PRO E 343 -46.08 13.79 38.83
CA PRO E 343 -47.16 13.51 39.80
C PRO E 343 -46.78 13.70 41.27
N TYR E 344 -45.48 13.73 41.57
CA TYR E 344 -44.98 13.84 42.95
C TYR E 344 -44.43 15.25 43.26
N VAL E 345 -44.85 16.27 42.50
CA VAL E 345 -44.52 17.67 42.85
C VAL E 345 -45.59 18.69 42.43
N LYS E 346 -45.88 19.63 43.33
CA LYS E 346 -46.98 20.60 43.19
C LYS E 346 -46.77 21.70 42.11
N ALA E 347 -47.72 22.66 42.05
CA ALA E 347 -47.65 23.82 41.15
C ALA E 347 -48.67 24.91 41.54
N GLN E 353 -42.77 23.74 38.98
CA GLN E 353 -42.43 22.51 39.71
C GLN E 353 -41.30 22.71 40.71
N VAL E 354 -41.68 23.30 41.84
CA VAL E 354 -40.81 23.52 43.01
C VAL E 354 -40.19 22.23 43.57
N ASP E 355 -38.86 22.13 43.53
CA ASP E 355 -38.15 20.87 43.80
C ASP E 355 -36.75 21.15 44.39
N PRO E 356 -36.70 21.40 45.71
CA PRO E 356 -35.44 21.64 46.42
C PRO E 356 -34.41 20.51 46.23
N VAL E 357 -34.87 19.27 46.42
CA VAL E 357 -34.03 18.08 46.25
C VAL E 357 -33.30 18.10 44.91
N GLY E 358 -34.02 18.43 43.84
CA GLY E 358 -33.43 18.48 42.51
C GLY E 358 -32.20 19.38 42.39
N LEU E 359 -32.11 20.38 43.25
CA LEU E 359 -30.94 21.21 43.29
C LEU E 359 -29.75 20.40 43.81
N ARG E 360 -29.98 19.57 44.82
CA ARG E 360 -28.92 18.69 45.32
C ARG E 360 -28.47 17.74 44.22
N TYR E 361 -29.45 17.16 43.53
CA TYR E 361 -29.21 16.32 42.37
C TYR E 361 -28.45 17.01 41.25
N ALA E 362 -28.77 18.27 41.01
CA ALA E 362 -28.10 19.07 39.99
C ALA E 362 -26.66 19.39 40.37
N ASN E 364 -24.67 17.52 42.30
CA ASN E 364 -23.95 16.25 42.07
C ASN E 364 -23.78 15.97 40.56
N TRP E 365 -24.78 16.30 39.76
CA TRP E 365 -24.70 15.99 38.34
C TRP E 365 -23.57 16.81 37.72
N PHE E 366 -23.51 18.11 38.03
CA PHE E 366 -22.46 18.96 37.48
C PHE E 366 -21.09 18.53 37.95
N THR E 367 -20.98 18.21 39.23
CA THR E 367 -19.67 17.84 39.80
C THR E 367 -19.12 16.55 39.17
N ASP E 368 -19.96 15.52 39.04
CA ASP E 368 -19.49 14.22 38.57
C ASP E 368 -19.15 14.29 37.07
N ARG E 369 -19.85 15.15 36.37
CA ARG E 369 -19.65 15.28 34.93
C ARG E 369 -18.46 16.18 34.63
N TYR E 370 -18.35 17.32 35.32
CA TYR E 370 -17.32 18.35 35.00
C TYR E 370 -16.18 18.57 36.00
N HIS E 371 -16.39 18.25 37.29
CA HIS E 371 -15.34 18.41 38.31
C HIS E 371 -14.78 19.84 38.44
N LEU E 372 -15.67 20.82 38.26
CA LEU E 372 -15.36 22.24 38.39
C LEU E 372 -16.10 22.88 39.58
N PRO E 373 -15.60 24.02 40.08
CA PRO E 373 -16.37 24.76 41.10
C PRO E 373 -17.71 25.26 40.57
N LEU E 374 -18.74 25.29 41.41
CA LEU E 374 -20.06 25.83 41.06
C LEU E 374 -20.30 27.17 41.74
N PHE E 375 -21.21 27.97 41.17
CA PHE E 375 -21.67 29.22 41.78
C PHE E 375 -23.18 29.33 41.56
N ILE E 376 -23.98 29.26 42.62
CA ILE E 376 -25.42 29.42 42.46
C ILE E 376 -25.71 30.92 42.37
N VAL E 377 -26.02 31.39 41.16
CA VAL E 377 -26.12 32.81 40.92
C VAL E 377 -27.54 33.30 40.70
N GLU E 378 -28.49 32.38 40.53
CA GLU E 378 -29.91 32.69 40.69
C GLU E 378 -30.67 31.59 41.42
N ASN E 379 -31.70 31.99 42.15
CA ASN E 379 -32.58 31.11 42.93
C ASN E 379 -33.46 32.09 43.67
N GLY E 380 -34.75 31.83 43.76
CA GLY E 380 -35.67 32.73 44.47
C GLY E 380 -37.13 32.41 44.29
N LEU E 381 -37.99 32.86 45.21
CA LEU E 381 -39.43 32.76 45.00
C LEU E 381 -39.92 34.06 44.41
N GLY E 382 -40.61 33.98 43.27
CA GLY E 382 -41.42 35.09 42.77
C GLY E 382 -42.80 35.08 43.41
N ALA E 383 -43.21 36.19 44.00
CA ALA E 383 -44.49 36.22 44.73
C ALA E 383 -45.15 37.59 44.71
N ILE E 384 -46.48 37.61 44.89
CA ILE E 384 -47.18 38.84 45.27
C ILE E 384 -46.86 39.11 46.74
N ASP E 385 -46.21 40.26 47.00
CA ASP E 385 -45.92 40.70 48.35
C ASP E 385 -46.88 41.80 48.73
N LYS E 386 -47.24 41.81 50.02
CA LYS E 386 -48.16 42.82 50.56
C LYS E 386 -47.49 43.63 51.66
N LYS E 387 -47.52 44.96 51.51
CA LYS E 387 -46.93 45.89 52.47
C LYS E 387 -48.03 46.37 53.40
N THR E 388 -47.84 46.22 54.71
CA THR E 388 -48.92 46.50 55.65
C THR E 388 -49.05 48.01 55.94
N ALA E 389 -50.05 48.36 56.74
CA ALA E 389 -50.18 49.70 57.30
C ALA E 389 -48.97 49.99 58.19
N ASP E 390 -48.43 48.94 58.79
CA ASP E 390 -47.21 48.98 59.62
C ASP E 390 -45.92 49.21 58.79
N ASN E 391 -46.05 49.13 57.45
CA ASN E 391 -44.91 49.20 56.51
C ASN E 391 -43.96 48.02 56.65
N GLN E 392 -44.51 46.88 57.03
CA GLN E 392 -43.76 45.64 57.07
C GLN E 392 -44.17 44.80 55.87
N ILE E 393 -43.32 43.86 55.51
CA ILE E 393 -43.65 42.83 54.53
C ILE E 393 -43.33 41.48 55.17
N HIS E 394 -44.37 40.75 55.55
CA HIS E 394 -44.20 39.50 56.28
C HIS E 394 -44.13 38.34 55.30
N ASP E 395 -43.00 38.24 54.62
CA ASP E 395 -42.83 37.28 53.53
C ASP E 395 -42.25 35.95 54.03
N ASP E 396 -42.96 35.31 54.96
CA ASP E 396 -42.52 34.03 55.50
C ASP E 396 -42.34 32.99 54.39
N TYR E 397 -43.30 32.91 53.47
CA TYR E 397 -43.18 32.06 52.26
C TYR E 397 -41.79 32.11 51.58
N ARG E 398 -41.20 33.30 51.49
CA ARG E 398 -39.87 33.44 50.89
C ARG E 398 -38.79 32.87 51.80
N ILE E 399 -38.90 33.12 53.10
CA ILE E 399 -37.95 32.55 54.05
C ILE E 399 -37.97 31.02 53.91
N ASP E 400 -39.16 30.43 53.79
CA ASP E 400 -39.31 28.98 53.76
C ASP E 400 -38.74 28.35 52.49
N TYR E 401 -39.06 28.95 51.33
CA TYR E 401 -38.49 28.54 50.05
C TYR E 401 -36.97 28.56 50.07
N LEU E 402 -36.41 29.67 50.56
CA LEU E 402 -34.94 29.80 50.66
C LEU E 402 -34.37 28.84 51.70
N THR E 403 -35.12 28.57 52.76
CA THR E 403 -34.64 27.64 53.77
C THR E 403 -34.51 26.22 53.21
N ASP E 404 -35.55 25.78 52.50
CA ASP E 404 -35.60 24.47 51.87
C ASP E 404 -34.49 24.27 50.85
N HIS E 405 -34.28 25.28 50.01
CA HIS E 405 -33.22 25.21 49.02
C HIS E 405 -31.84 25.21 49.65
N LEU E 406 -31.65 26.07 50.63
CA LEU E 406 -30.36 26.22 51.26
C LEU E 406 -30.05 24.99 52.11
N ARG E 407 -31.10 24.29 52.58
CA ARG E 407 -30.91 23.06 53.29
C ARG E 407 -30.26 22.02 52.38
N GLN E 408 -30.69 21.96 51.12
CA GLN E 408 -30.18 20.97 50.15
C GLN E 408 -28.79 21.35 49.66
N ILE E 409 -28.58 22.65 49.47
CA ILE E 409 -27.25 23.16 49.12
C ILE E 409 -26.22 22.84 50.21
N LYS E 410 -26.61 23.01 51.46
CA LYS E 410 -25.78 22.70 52.64
C LYS E 410 -25.46 21.21 52.69
N LEU E 411 -26.46 20.36 52.40
CA LEU E 411 -26.22 18.94 52.27
C LEU E 411 -25.21 18.64 51.14
N ALA E 412 -25.49 19.18 49.95
CA ALA E 412 -24.57 19.01 48.81
C ALA E 412 -23.13 19.45 49.11
N VAL E 413 -22.97 20.52 49.90
CA VAL E 413 -21.64 21.03 50.19
C VAL E 413 -20.99 20.19 51.31
N LEU E 414 -21.64 20.13 52.47
CA LEU E 414 -21.05 19.49 53.65
C LEU E 414 -20.93 17.97 53.58
N GLU E 415 -21.90 17.29 52.97
CA GLU E 415 -21.83 15.82 52.85
C GLU E 415 -21.34 15.30 51.50
N ASP E 416 -21.99 15.77 50.42
CA ASP E 416 -21.66 15.34 49.08
C ASP E 416 -20.32 15.93 48.65
N GLY E 417 -19.91 17.02 49.27
CA GLY E 417 -18.61 17.63 49.02
C GLY E 417 -18.50 18.40 47.71
N VAL E 418 -19.62 18.92 47.23
CA VAL E 418 -19.66 19.80 46.07
C VAL E 418 -18.87 21.08 46.39
N ASP E 419 -18.22 21.65 45.40
CA ASP E 419 -17.38 22.86 45.57
C ASP E 419 -18.19 24.05 45.10
N LEU E 420 -18.72 24.80 46.07
CA LEU E 420 -19.63 25.90 45.79
C LEU E 420 -18.96 27.21 46.20
N ILE E 421 -18.76 28.06 45.21
CA ILE E 421 -18.12 29.34 45.42
C ILE E 421 -19.01 30.21 46.32
N GLY E 422 -20.30 30.18 46.09
CA GLY E 422 -21.21 31.08 46.80
C GLY E 422 -22.67 30.88 46.38
N TYR E 423 -23.52 31.80 46.87
CA TYR E 423 -24.96 31.74 46.72
C TYR E 423 -25.53 33.16 46.69
N THR E 424 -26.19 33.51 45.59
CA THR E 424 -26.84 34.82 45.46
C THR E 424 -28.30 34.67 44.99
N PRO E 425 -29.27 34.83 45.91
CA PRO E 425 -30.66 34.81 45.48
C PRO E 425 -31.00 35.82 44.39
N TRP E 426 -31.95 35.45 43.54
CA TRP E 426 -32.37 36.31 42.45
C TRP E 426 -33.19 37.46 42.96
N GLY E 427 -32.93 38.64 42.39
CA GLY E 427 -33.70 39.84 42.65
C GLY E 427 -33.65 40.29 44.09
N CYS E 428 -32.43 40.41 44.64
CA CYS E 428 -32.28 40.76 46.04
C CYS E 428 -33.09 42.01 46.37
N ILE E 429 -33.16 42.94 45.41
CA ILE E 429 -34.01 44.12 45.50
C ILE E 429 -35.00 44.00 44.33
N ASP E 430 -36.30 44.12 44.64
CA ASP E 430 -37.38 43.94 43.64
C ASP E 430 -37.11 44.65 42.31
N LEU E 431 -37.40 43.98 41.19
CA LEU E 431 -37.12 44.58 39.88
C LEU E 431 -38.08 44.08 38.82
N VAL E 432 -38.01 44.69 37.63
CA VAL E 432 -38.86 44.36 36.49
C VAL E 432 -38.65 42.91 36.09
N ALA E 433 -39.71 42.09 36.10
CA ALA E 433 -39.62 40.67 35.77
C ALA E 433 -39.44 40.40 34.28
N ALA E 434 -38.55 39.46 33.94
CA ALA E 434 -38.32 39.08 32.53
C ALA E 434 -39.63 38.64 31.89
N SER E 435 -40.25 37.66 32.53
CA SER E 435 -41.51 37.04 32.08
C SER E 435 -42.57 38.01 31.56
N THR E 436 -42.95 38.97 32.40
CA THR E 436 -44.10 39.83 32.13
C THR E 436 -43.75 41.32 31.99
N GLY E 437 -42.65 41.73 32.63
CA GLY E 437 -42.33 43.14 32.76
C GLY E 437 -42.97 43.76 33.99
N GLN E 438 -43.57 42.93 34.85
CA GLN E 438 -44.31 43.41 36.03
C GLN E 438 -43.40 43.61 37.24
N SER E 440 -45.20 43.65 40.30
CA SER E 440 -46.01 42.90 41.28
C SER E 440 -45.59 41.43 41.41
N LYS E 441 -44.86 40.91 40.43
CA LYS E 441 -44.19 39.60 40.60
C LYS E 441 -42.75 39.81 41.17
N ARG E 442 -42.58 39.55 42.48
CA ARG E 442 -41.40 39.98 43.26
C ARG E 442 -40.52 38.85 43.81
N TYR E 443 -39.20 39.11 43.89
CA TYR E 443 -38.21 38.18 44.42
C TYR E 443 -37.32 38.68 45.58
N GLY E 444 -37.35 39.99 45.84
CA GLY E 444 -36.36 40.62 46.67
C GLY E 444 -36.48 40.43 48.16
N PHE E 445 -35.34 40.63 48.83
CA PHE E 445 -35.31 40.91 50.27
C PHE E 445 -35.78 42.37 50.58
N ILE E 446 -35.86 43.20 49.55
CA ILE E 446 -36.19 44.64 49.69
C ILE E 446 -37.37 44.99 48.78
N TYR E 447 -38.44 45.50 49.37
CA TYR E 447 -39.61 45.96 48.62
C TYR E 447 -39.29 47.34 48.03
N VAL E 448 -39.45 47.50 46.72
CA VAL E 448 -39.42 48.81 46.09
C VAL E 448 -40.86 49.20 45.83
N ASP E 449 -41.30 50.32 46.41
CA ASP E 449 -42.70 50.70 46.24
C ASP E 449 -42.96 51.28 44.85
N GLU E 450 -43.29 50.37 43.94
CA GLU E 450 -43.55 50.72 42.55
C GLU E 450 -44.67 49.84 42.01
N ASN E 451 -45.64 50.49 41.36
CA ASN E 451 -46.75 49.80 40.72
C ASN E 451 -46.33 49.38 39.33
N ASP E 452 -47.20 48.65 38.64
CA ASP E 452 -46.81 48.11 37.34
C ASP E 452 -46.81 49.17 36.24
N ASP E 453 -47.60 50.22 36.42
CA ASP E 453 -47.62 51.36 35.48
C ASP E 453 -46.37 52.27 35.58
N GLY E 454 -45.46 51.96 36.49
CA GLY E 454 -44.27 52.79 36.71
C GLY E 454 -44.48 53.93 37.71
N SER E 455 -45.68 53.99 38.30
CA SER E 455 -46.01 55.00 39.30
C SER E 455 -45.58 54.51 40.68
N GLY E 456 -45.93 55.27 41.72
CA GLY E 456 -45.45 55.01 43.06
C GLY E 456 -44.20 55.82 43.38
N SER E 457 -43.82 55.80 44.65
CA SER E 457 -42.69 56.56 45.16
C SER E 457 -41.32 55.95 44.83
N LEU E 458 -41.31 54.65 44.58
CA LEU E 458 -40.09 53.83 44.47
C LEU E 458 -39.36 53.72 45.80
N LYS E 459 -40.02 54.08 46.91
CA LYS E 459 -39.34 53.96 48.21
C LYS E 459 -38.94 52.51 48.47
N ARG E 460 -37.77 52.33 49.08
CA ARG E 460 -37.22 51.02 49.43
C ARG E 460 -37.63 50.64 50.87
N TYR E 461 -38.07 49.40 51.08
CA TYR E 461 -38.47 48.88 52.40
C TYR E 461 -37.86 47.48 52.64
N LYS E 462 -37.64 47.17 53.91
CA LYS E 462 -37.01 45.93 54.30
C LYS E 462 -38.07 44.91 54.59
N LYS E 463 -38.15 43.85 53.77
CA LYS E 463 -39.04 42.71 54.03
C LYS E 463 -38.52 41.96 55.24
N ASP E 464 -39.32 41.09 55.84
CA ASP E 464 -38.81 40.19 56.88
C ASP E 464 -37.65 39.31 56.35
N SER E 465 -37.75 38.84 55.11
CA SER E 465 -36.69 38.00 54.56
C SER E 465 -35.33 38.72 54.66
N PHE E 466 -35.34 40.04 54.49
CA PHE E 466 -34.14 40.85 54.67
C PHE E 466 -33.32 40.44 55.88
N THR E 467 -33.91 40.58 57.07
CA THR E 467 -33.27 40.29 58.35
C THR E 467 -32.92 38.82 58.51
N TRP E 468 -33.77 37.94 57.99
CA TRP E 468 -33.53 36.49 58.07
C TRP E 468 -32.24 36.08 57.33
N PHE E 469 -32.03 36.68 56.16
CA PHE E 469 -30.87 36.38 55.36
C PHE E 469 -29.65 37.10 55.93
N GLN E 470 -29.83 38.30 56.46
CA GLN E 470 -28.77 39.00 57.19
C GLN E 470 -28.14 38.05 58.22
N HIS E 471 -29.02 37.37 58.97
CA HIS E 471 -28.62 36.37 59.97
C HIS E 471 -28.02 35.10 59.36
N VAL E 472 -28.47 34.71 58.17
CA VAL E 472 -27.86 33.53 57.52
C VAL E 472 -26.41 33.85 57.19
N ILE E 473 -26.18 35.08 56.72
CA ILE E 473 -24.84 35.57 56.36
C ILE E 473 -23.95 35.78 57.61
N ALA E 474 -24.43 36.46 58.64
CA ALA E 474 -23.62 36.66 59.85
C ALA E 474 -23.13 35.35 60.49
N THR E 475 -23.98 34.33 60.46
CA THR E 475 -23.62 33.00 61.02
C THR E 475 -23.06 32.01 59.99
N ASN E 476 -22.59 32.51 58.84
CA ASN E 476 -22.15 31.68 57.70
C ASN E 476 -22.97 30.38 57.48
N GLY E 477 -24.28 30.49 57.66
CA GLY E 477 -25.21 29.41 57.36
C GLY E 477 -25.25 28.28 58.37
N ALA E 478 -24.57 28.46 59.50
CA ALA E 478 -24.40 27.40 60.48
C ALA E 478 -25.72 26.87 61.05
N GLU E 479 -26.73 27.73 61.12
CA GLU E 479 -28.03 27.38 61.71
C GLU E 479 -29.03 26.72 60.75
N ILE E 480 -28.75 26.76 59.45
CA ILE E 480 -29.60 26.11 58.46
C ILE E 480 -29.50 24.62 58.73
N GLU E 481 -30.62 23.99 59.06
CA GLU E 481 -30.63 22.63 59.64
C GLU E 481 -31.34 21.60 58.80
N THR F 5 -32.61 5.37 9.81
CA THR F 5 -32.51 3.91 9.79
C THR F 5 -31.05 3.52 9.96
N ILE F 6 -30.83 2.26 10.32
CA ILE F 6 -29.46 1.75 10.54
C ILE F 6 -29.08 0.54 9.65
N LYS F 7 -30.01 -0.02 8.87
CA LYS F 7 -29.63 -1.11 7.98
C LYS F 7 -28.71 -0.62 6.85
N GLY F 8 -27.83 -1.52 6.41
CA GLY F 8 -26.89 -1.20 5.34
C GLY F 8 -25.67 -0.43 5.79
N ARG F 9 -25.67 0.05 7.03
CA ARG F 9 -24.56 0.84 7.55
C ARG F 9 -23.70 -0.08 8.40
N ALA F 10 -22.44 -0.26 8.03
CA ALA F 10 -21.53 -1.12 8.81
C ALA F 10 -21.15 -0.51 10.17
N PHE F 11 -20.66 -1.36 11.06
CA PHE F 11 -19.85 -0.87 12.16
C PHE F 11 -18.60 -0.24 11.53
N PRO F 12 -17.88 0.61 12.29
CA PRO F 12 -16.71 1.25 11.66
C PRO F 12 -15.62 0.22 11.35
N GLU F 13 -14.64 0.56 10.51
CA GLU F 13 -13.63 -0.44 10.21
C GLU F 13 -12.64 -0.63 11.36
N GLY F 14 -12.20 -1.89 11.53
CA GLY F 14 -11.25 -2.25 12.59
C GLY F 14 -11.95 -2.64 13.88
N PHE F 15 -13.29 -2.56 13.89
CA PHE F 15 -14.09 -3.01 15.03
C PHE F 15 -13.72 -4.42 15.43
N LEU F 16 -13.38 -4.63 16.70
CA LEU F 16 -12.94 -5.95 17.14
C LEU F 16 -14.10 -6.86 17.58
N TRP F 17 -14.64 -7.63 16.65
CA TRP F 17 -15.57 -8.74 16.98
C TRP F 17 -14.81 -9.92 17.58
N GLY F 18 -15.40 -10.55 18.58
CA GLY F 18 -14.80 -11.73 19.21
C GLY F 18 -15.71 -12.44 20.21
N GLY F 19 -15.07 -13.19 21.12
CA GLY F 19 -15.75 -13.92 22.18
C GLY F 19 -14.96 -13.84 23.47
N ALA F 20 -15.67 -13.99 24.58
CA ALA F 20 -15.10 -13.82 25.91
C ALA F 20 -15.25 -15.06 26.76
N VAL F 21 -14.18 -15.38 27.49
CA VAL F 21 -14.19 -16.48 28.45
C VAL F 21 -13.36 -16.09 29.67
N ALA F 22 -13.10 -17.06 30.54
CA ALA F 22 -12.17 -16.86 31.62
C ALA F 22 -11.47 -18.20 31.94
N ALA F 23 -10.15 -18.13 32.06
CA ALA F 23 -9.28 -19.24 32.40
C ALA F 23 -9.97 -20.28 33.26
N HIS F 24 -10.25 -19.93 34.49
CA HIS F 24 -10.77 -20.90 35.46
C HIS F 24 -12.04 -21.63 35.00
N GLN F 25 -12.78 -21.02 34.07
CA GLN F 25 -14.06 -21.58 33.63
C GLN F 25 -13.99 -22.48 32.41
N LEU F 26 -12.84 -22.54 31.74
CA LEU F 26 -12.72 -23.36 30.51
C LEU F 26 -11.46 -24.24 30.35
N GLU F 27 -10.35 -23.85 30.97
CA GLU F 27 -9.06 -24.52 30.76
C GLU F 27 -8.95 -25.96 31.31
N GLY F 28 -9.40 -26.17 32.55
CA GLY F 28 -9.02 -27.34 33.31
C GLY F 28 -7.50 -27.35 33.53
N GLY F 29 -6.94 -28.54 33.66
CA GLY F 29 -5.52 -28.67 33.98
C GLY F 29 -5.13 -27.83 35.17
N TYR F 30 -5.95 -27.89 36.23
CA TYR F 30 -5.76 -27.10 37.46
C TYR F 30 -4.52 -27.47 38.30
N LYS F 31 -3.91 -28.61 37.99
CA LYS F 31 -2.67 -29.06 38.62
C LYS F 31 -1.56 -29.28 37.58
N GLU F 32 -1.81 -28.87 36.33
CA GLU F 32 -0.85 -29.09 35.25
C GLU F 32 0.18 -27.98 35.27
N GLY F 33 1.37 -28.27 34.76
CA GLY F 33 2.42 -27.26 34.66
C GLY F 33 2.80 -26.60 35.97
N GLY F 34 2.56 -27.29 37.08
CA GLY F 34 2.86 -26.76 38.41
C GLY F 34 1.93 -25.64 38.85
N LYS F 35 0.75 -25.54 38.21
CA LYS F 35 -0.27 -24.51 38.53
C LYS F 35 -0.80 -24.65 39.95
N GLY F 36 -0.94 -23.51 40.62
CA GLY F 36 -1.40 -23.45 41.99
C GLY F 36 -2.90 -23.61 42.10
N LEU F 37 -3.33 -23.85 43.34
CA LEU F 37 -4.73 -23.96 43.67
C LEU F 37 -5.30 -22.54 43.75
N SER F 38 -6.40 -22.30 43.02
CA SER F 38 -7.05 -20.98 43.00
C SER F 38 -8.33 -20.99 43.82
N THR F 39 -8.91 -19.80 44.01
CA THR F 39 -10.22 -19.68 44.65
C THR F 39 -11.38 -20.19 43.79
N ALA F 40 -11.10 -20.62 42.57
CA ALA F 40 -12.09 -21.26 41.68
C ALA F 40 -12.00 -22.78 41.80
N ASP F 41 -10.79 -23.27 42.03
CA ASP F 41 -10.53 -24.70 42.18
C ASP F 41 -11.08 -25.32 43.46
N ILE F 42 -11.57 -24.49 44.38
CA ILE F 42 -12.09 -24.98 45.67
C ILE F 42 -13.61 -24.81 45.81
N THR F 44 -17.34 -26.22 44.93
CA THR F 44 -17.94 -27.50 44.58
C THR F 44 -19.10 -27.30 43.59
N LEU F 45 -19.51 -28.38 42.96
CA LEU F 45 -20.66 -28.37 42.06
C LEU F 45 -21.93 -28.14 42.86
N GLY F 46 -22.75 -27.17 42.42
CA GLY F 46 -24.07 -26.93 43.02
C GLY F 46 -25.23 -27.03 42.04
N THR F 47 -26.43 -26.66 42.52
CA THR F 47 -27.71 -26.81 41.79
C THR F 47 -28.36 -25.46 41.48
N PRO F 51 -26.35 -24.81 45.59
CA PRO F 51 -25.46 -23.79 46.15
C PRO F 51 -24.02 -24.33 46.26
N ARG F 52 -23.11 -23.79 45.46
CA ARG F 52 -21.73 -24.27 45.48
C ARG F 52 -21.18 -24.10 46.89
N GLU F 53 -20.37 -25.05 47.31
CA GLU F 53 -19.63 -24.89 48.56
C GLU F 53 -18.21 -24.48 48.24
N ILE F 54 -17.63 -23.69 49.12
CA ILE F 54 -16.19 -23.44 49.13
C ILE F 54 -15.60 -24.43 50.15
N THR F 55 -14.48 -25.05 49.81
CA THR F 55 -13.80 -25.93 50.76
C THR F 55 -12.39 -25.42 51.03
N ASP F 56 -11.90 -25.77 52.20
CA ASP F 56 -10.54 -25.43 52.60
C ASP F 56 -9.55 -26.33 51.88
N GLY F 57 -9.26 -25.97 50.64
CA GLY F 57 -8.45 -26.81 49.75
C GLY F 57 -9.33 -27.85 49.12
N VAL F 58 -8.73 -28.72 48.31
CA VAL F 58 -9.46 -29.79 47.65
C VAL F 58 -9.62 -30.91 48.68
N VAL F 59 -10.85 -31.36 48.88
CA VAL F 59 -11.13 -32.38 49.89
C VAL F 59 -11.78 -33.61 49.26
N ALA F 60 -11.51 -34.77 49.84
CA ALA F 60 -11.96 -36.04 49.29
C ALA F 60 -13.46 -36.21 49.47
N GLY F 61 -14.12 -36.68 48.41
CA GLY F 61 -15.56 -36.92 48.42
C GLY F 61 -16.35 -35.76 47.85
N LYS F 62 -15.63 -34.79 47.27
CA LYS F 62 -16.27 -33.65 46.62
C LYS F 62 -15.86 -33.60 45.14
N TYR F 63 -16.81 -33.16 44.31
CA TYR F 63 -16.57 -32.96 42.87
C TYR F 63 -16.45 -31.46 42.57
N TYR F 64 -15.33 -31.09 41.94
CA TYR F 64 -15.01 -29.72 41.55
C TYR F 64 -15.01 -29.58 40.02
N PRO F 65 -16.09 -29.00 39.44
CA PRO F 65 -16.28 -28.90 37.98
C PRO F 65 -15.17 -28.19 37.20
N ASN F 66 -14.40 -27.33 37.87
CA ASN F 66 -13.38 -26.49 37.23
C ASN F 66 -12.04 -27.21 37.02
N HIS F 67 -11.80 -28.27 37.80
CA HIS F 67 -10.57 -29.05 37.71
C HIS F 67 -10.26 -29.51 36.27
N GLN F 68 -11.30 -29.94 35.58
CA GLN F 68 -11.24 -30.37 34.17
C GLN F 68 -11.91 -29.34 33.25
N ALA F 69 -13.02 -28.75 33.67
CA ALA F 69 -13.72 -27.76 32.86
C ALA F 69 -14.12 -28.38 31.52
N ILE F 70 -13.83 -27.70 30.41
CA ILE F 70 -14.01 -28.30 29.08
C ILE F 70 -12.67 -28.66 28.43
N ASP F 71 -11.63 -28.75 29.27
CA ASP F 71 -10.28 -29.17 28.87
C ASP F 71 -9.68 -28.36 27.70
N PHE F 72 -9.91 -27.04 27.70
CA PHE F 72 -9.40 -26.12 26.68
C PHE F 72 -7.86 -26.05 26.78
N TYR F 73 -7.31 -26.36 27.95
CA TYR F 73 -5.84 -26.44 28.15
C TYR F 73 -5.15 -27.45 27.22
N HIS F 74 -5.84 -28.54 26.89
CA HIS F 74 -5.34 -29.46 25.87
C HIS F 74 -5.95 -29.24 24.49
N ARG F 75 -7.17 -28.71 24.45
CA ARG F 75 -7.95 -28.66 23.20
C ARG F 75 -7.94 -27.30 22.52
N TYR F 76 -7.14 -26.35 23.02
CA TYR F 76 -7.17 -24.99 22.51
C TYR F 76 -7.05 -24.89 20.98
N PRO F 77 -6.15 -25.69 20.32
CA PRO F 77 -6.02 -25.57 18.86
C PRO F 77 -7.28 -25.85 18.03
N GLU F 78 -8.20 -26.67 18.56
CA GLU F 78 -9.45 -26.99 17.84
C GLU F 78 -10.52 -25.93 18.11
N ASP F 79 -10.59 -25.50 19.36
CA ASP F 79 -11.53 -24.46 19.77
C ASP F 79 -11.20 -23.15 19.06
N ILE F 80 -9.92 -22.77 19.06
CA ILE F 80 -9.47 -21.56 18.38
C ILE F 80 -9.67 -21.65 16.85
N GLU F 81 -9.62 -22.86 16.30
CA GLU F 81 -9.96 -23.03 14.87
C GLU F 81 -11.45 -22.81 14.66
N LEU F 82 -12.25 -23.18 15.65
CA LEU F 82 -13.68 -22.87 15.61
C LEU F 82 -13.89 -21.36 15.66
N PHE F 83 -13.11 -20.66 16.49
CA PHE F 83 -13.25 -19.22 16.63
C PHE F 83 -12.90 -18.49 15.34
N ALA F 84 -11.84 -18.93 14.65
CA ALA F 84 -11.43 -18.33 13.37
C ALA F 84 -12.46 -18.54 12.26
N GLU F 85 -13.08 -19.72 12.21
CA GLU F 85 -14.14 -20.00 11.24
C GLU F 85 -15.34 -19.06 11.41
N GLY F 87 -14.96 -16.16 12.57
CA GLY F 87 -14.39 -14.90 12.08
C GLY F 87 -13.97 -13.91 13.16
N PHE F 88 -13.87 -14.38 14.40
CA PHE F 88 -13.34 -13.60 15.54
C PHE F 88 -12.07 -12.85 15.12
N LYS F 89 -11.96 -11.58 15.49
CA LYS F 89 -10.71 -10.83 15.34
C LYS F 89 -9.92 -10.82 16.62
N CYS F 90 -10.62 -11.06 17.74
CA CYS F 90 -10.00 -11.06 19.03
C CYS F 90 -10.63 -12.12 19.93
N PHE F 91 -9.90 -12.52 20.96
CA PHE F 91 -10.33 -13.54 21.91
C PHE F 91 -10.02 -12.98 23.30
N ARG F 92 -11.07 -12.80 24.09
CA ARG F 92 -10.90 -12.24 25.38
C ARG F 92 -10.78 -13.38 26.38
N THR F 93 -9.63 -13.47 27.05
CA THR F 93 -9.48 -14.42 28.13
C THR F 93 -8.67 -13.82 29.26
N SER F 94 -8.49 -14.58 30.33
CA SER F 94 -7.59 -14.19 31.41
C SER F 94 -6.36 -15.08 31.45
N ILE F 95 -5.26 -14.51 31.95
CA ILE F 95 -4.10 -15.29 32.33
C ILE F 95 -4.27 -15.78 33.77
N ALA F 96 -4.29 -17.09 33.95
CA ALA F 96 -4.44 -17.72 35.26
C ALA F 96 -3.30 -17.36 36.21
N TRP F 97 -3.59 -16.46 37.15
CA TRP F 97 -2.65 -16.03 38.21
C TRP F 97 -1.93 -17.22 38.89
N THR F 98 -2.66 -18.30 39.13
CA THR F 98 -2.04 -19.50 39.72
C THR F 98 -1.13 -20.30 38.76
N ARG F 99 -1.20 -20.04 37.45
CA ARG F 99 -0.25 -20.64 36.51
C ARG F 99 1.12 -19.97 36.58
N ILE F 100 1.14 -18.67 36.86
CA ILE F 100 2.36 -17.86 36.78
C ILE F 100 3.04 -17.70 38.16
N PHE F 101 2.22 -17.57 39.21
CA PHE F 101 2.68 -17.57 40.60
C PHE F 101 1.71 -18.41 41.40
N PRO F 102 1.91 -19.75 41.43
CA PRO F 102 0.99 -20.70 42.06
C PRO F 102 0.40 -20.24 43.42
N ASN F 103 1.29 -19.79 44.30
CA ASN F 103 0.95 -19.30 45.64
C ASN F 103 0.80 -17.77 45.66
N GLY F 104 1.36 -17.10 44.66
CA GLY F 104 1.30 -15.64 44.55
C GLY F 104 2.49 -14.88 45.08
N ASP F 105 3.18 -15.42 46.09
CA ASP F 105 4.34 -14.78 46.72
C ASP F 105 5.66 -15.46 46.37
N GLU F 106 5.80 -15.87 45.12
CA GLU F 106 7.08 -16.32 44.62
C GLU F 106 7.77 -15.07 44.09
N SER F 107 9.10 -15.09 44.12
CA SER F 107 9.88 -14.00 43.57
C SER F 107 10.17 -14.25 42.08
N GLU F 108 10.09 -15.52 41.67
CA GLU F 108 10.29 -15.94 40.28
C GLU F 108 8.98 -16.45 39.67
N PRO F 109 8.72 -16.13 38.38
CA PRO F 109 7.54 -16.68 37.74
C PRO F 109 7.71 -18.16 37.39
N ASN F 110 6.59 -18.85 37.13
CA ASN F 110 6.61 -20.27 36.74
C ASN F 110 6.72 -20.38 35.23
N GLU F 111 7.80 -20.97 34.75
CA GLU F 111 8.11 -21.00 33.33
C GLU F 111 7.08 -21.80 32.49
N ALA F 112 6.61 -22.91 33.05
CA ALA F 112 5.68 -23.77 32.32
C ALA F 112 4.38 -23.02 32.03
N GLY F 113 3.85 -22.34 33.05
CA GLY F 113 2.63 -21.51 32.90
C GLY F 113 2.83 -20.36 31.92
N LEU F 114 4.03 -19.76 31.94
CA LEU F 114 4.39 -18.73 30.95
C LEU F 114 4.41 -19.28 29.53
N GLN F 115 4.99 -20.47 29.38
CA GLN F 115 5.03 -21.18 28.11
C GLN F 115 3.63 -21.56 27.61
N PHE F 116 2.74 -21.99 28.51
CA PHE F 116 1.37 -22.32 28.11
C PHE F 116 0.68 -21.18 27.34
N TYR F 117 0.81 -19.93 27.80
CA TYR F 117 0.12 -18.80 27.13
C TYR F 117 0.90 -18.30 25.91
N ASP F 118 2.23 -18.47 25.91
CA ASP F 118 2.98 -18.29 24.66
C ASP F 118 2.35 -19.14 23.58
N ASP F 119 2.10 -20.42 23.89
CA ASP F 119 1.52 -21.33 22.94
C ASP F 119 0.10 -20.93 22.59
N LEU F 120 -0.72 -20.63 23.60
CA LEU F 120 -2.10 -20.24 23.39
C LEU F 120 -2.21 -18.96 22.56
N PHE F 121 -1.45 -17.94 22.91
CA PHE F 121 -1.56 -16.68 22.20
C PHE F 121 -1.00 -16.82 20.78
N ASP F 122 0.12 -17.51 20.63
CA ASP F 122 0.67 -17.79 19.30
C ASP F 122 -0.36 -18.52 18.43
N GLU F 123 -1.15 -19.40 19.04
CA GLU F 123 -2.18 -20.14 18.29
C GLU F 123 -3.30 -19.19 17.84
N CYS F 124 -3.69 -18.26 18.72
CA CYS F 124 -4.64 -17.22 18.33
C CYS F 124 -4.09 -16.39 17.18
N LEU F 125 -2.88 -15.88 17.34
CA LEU F 125 -2.28 -15.01 16.32
C LEU F 125 -2.19 -15.67 14.94
N LYS F 126 -1.84 -16.97 14.90
CA LYS F 126 -1.77 -17.73 13.64
C LYS F 126 -3.08 -17.61 12.85
N ASN F 127 -4.19 -17.65 13.58
CA ASN F 127 -5.52 -17.63 12.97
C ASN F 127 -6.07 -16.22 12.73
N GLY F 128 -5.25 -15.20 13.02
CA GLY F 128 -5.65 -13.80 12.85
C GLY F 128 -6.56 -13.32 13.97
N ILE F 129 -6.44 -13.98 15.12
CA ILE F 129 -7.18 -13.63 16.33
C ILE F 129 -6.21 -13.02 17.32
N GLN F 130 -6.48 -11.76 17.63
CA GLN F 130 -5.75 -11.01 18.61
C GLN F 130 -6.28 -11.38 20.01
N PRO F 131 -5.40 -11.84 20.92
CA PRO F 131 -5.81 -11.99 22.33
C PRO F 131 -6.06 -10.66 23.08
N VAL F 132 -7.03 -10.65 24.00
CA VAL F 132 -7.37 -9.50 24.82
C VAL F 132 -7.46 -9.93 26.29
N VAL F 133 -6.52 -9.49 27.11
CA VAL F 133 -6.22 -10.19 28.36
C VAL F 133 -6.64 -9.46 29.66
N THR F 134 -7.39 -10.17 30.50
CA THR F 134 -7.73 -9.66 31.83
C THR F 134 -6.82 -10.36 32.85
N LEU F 135 -6.08 -9.58 33.64
CA LEU F 135 -5.10 -10.18 34.56
C LEU F 135 -5.80 -10.80 35.80
N ALA F 136 -6.69 -10.07 36.45
CA ALA F 136 -7.41 -10.57 37.64
C ALA F 136 -8.82 -10.94 37.28
N HIS F 137 -9.17 -12.23 37.35
CA HIS F 137 -10.50 -12.66 36.91
C HIS F 137 -11.02 -13.81 37.79
N PHE F 138 -11.13 -13.53 39.08
CA PHE F 138 -11.82 -14.43 40.01
C PHE F 138 -11.14 -15.79 40.23
N GLU F 139 -9.84 -15.81 40.03
CA GLU F 139 -9.03 -17.02 40.09
C GLU F 139 -7.69 -16.77 40.77
N PRO F 141 -4.65 -16.82 43.71
CA PRO F 141 -4.13 -17.94 44.47
C PRO F 141 -4.78 -18.03 45.86
N TYR F 142 -5.29 -19.22 46.17
CA TYR F 142 -5.94 -19.47 47.43
C TYR F 142 -5.01 -19.18 48.60
N HIS F 143 -3.76 -19.55 48.44
CA HIS F 143 -2.70 -19.23 49.40
C HIS F 143 -2.64 -17.74 49.78
N LEU F 144 -2.95 -16.83 48.86
CA LEU F 144 -3.07 -15.40 49.23
C LEU F 144 -4.29 -15.06 50.11
N VAL F 145 -5.31 -15.89 50.07
CA VAL F 145 -6.46 -15.74 50.95
C VAL F 145 -6.16 -16.33 52.32
N LYS F 146 -5.46 -17.47 52.30
CA LYS F 146 -5.23 -18.28 53.48
C LYS F 146 -4.19 -17.65 54.40
N GLN F 147 -3.07 -17.25 53.81
CA GLN F 147 -1.93 -16.71 54.55
C GLN F 147 -2.06 -15.22 54.87
N TYR F 148 -2.39 -14.40 53.87
CA TYR F 148 -2.43 -12.93 54.04
C TYR F 148 -3.81 -12.32 54.33
N GLY F 149 -4.88 -13.12 54.21
CA GLY F 149 -6.25 -12.61 54.43
C GLY F 149 -6.76 -11.79 53.25
N GLY F 150 -6.20 -12.08 52.07
CA GLY F 150 -6.67 -11.51 50.82
C GLY F 150 -6.29 -10.05 50.67
N TRP F 151 -7.15 -9.31 49.97
CA TRP F 151 -6.90 -7.92 49.70
C TRP F 151 -7.21 -7.04 50.92
N ARG F 152 -7.47 -7.66 52.08
CA ARG F 152 -7.24 -7.00 53.37
C ARG F 152 -5.79 -6.54 53.55
N ASN F 153 -4.87 -7.10 52.74
CA ASN F 153 -3.42 -6.91 52.94
C ASN F 153 -2.79 -6.08 51.83
N ARG F 154 -2.06 -5.05 52.24
CA ARG F 154 -1.39 -4.16 51.31
C ARG F 154 -0.32 -4.91 50.52
N LYS F 155 0.27 -5.94 51.13
CA LYS F 155 1.36 -6.68 50.49
C LYS F 155 0.93 -7.25 49.15
N LEU F 156 -0.37 -7.49 49.01
CA LEU F 156 -0.93 -8.01 47.76
C LEU F 156 -0.76 -7.07 46.56
N ILE F 157 -0.58 -5.77 46.81
CA ILE F 157 -0.33 -4.82 45.73
C ILE F 157 0.93 -5.22 44.95
N GLN F 158 2.04 -5.41 45.64
CA GLN F 158 3.29 -5.78 44.96
C GLN F 158 3.26 -7.19 44.36
N PHE F 159 2.46 -8.10 44.91
CA PHE F 159 2.34 -9.44 44.32
C PHE F 159 1.58 -9.39 42.99
N TYR F 160 0.46 -8.66 42.97
CA TYR F 160 -0.25 -8.42 41.72
C TYR F 160 0.64 -7.76 40.69
N LEU F 161 1.54 -6.90 41.15
CA LEU F 161 2.46 -6.18 40.28
C LEU F 161 3.57 -7.05 39.74
N ASN F 162 4.14 -7.90 40.59
CA ASN F 162 5.06 -8.93 40.12
C ASN F 162 4.36 -9.67 38.97
N PHE F 163 3.12 -10.11 39.20
CA PHE F 163 2.32 -10.85 38.20
C PHE F 163 2.09 -10.08 36.90
N ALA F 164 1.65 -8.82 37.02
CA ALA F 164 1.47 -7.96 35.83
C ALA F 164 2.78 -7.66 35.06
N LYS F 165 3.87 -7.39 35.78
CA LYS F 165 5.18 -7.15 35.13
C LYS F 165 5.60 -8.32 34.23
N VAL F 166 5.66 -9.53 34.82
CA VAL F 166 6.15 -10.68 34.07
C VAL F 166 5.25 -10.97 32.86
N CYS F 167 3.95 -10.78 33.03
CA CYS F 167 3.00 -10.92 31.94
C CYS F 167 3.25 -9.87 30.86
N PHE F 168 3.31 -8.61 31.30
CA PHE F 168 3.57 -7.50 30.38
C PHE F 168 4.84 -7.73 29.56
N GLU F 169 5.91 -8.08 30.23
CA GLU F 169 7.19 -8.27 29.53
C GLU F 169 7.17 -9.51 28.61
N ARG F 170 6.45 -10.56 29.01
CA ARG F 170 6.47 -11.84 28.27
C ARG F 170 5.60 -11.84 27.00
N TYR F 171 4.46 -11.16 27.02
CA TYR F 171 3.57 -11.11 25.85
C TYR F 171 3.51 -9.70 25.29
N ARG F 172 4.61 -8.97 25.46
CA ARG F 172 4.70 -7.55 25.04
C ARG F 172 4.33 -7.33 23.57
N ASP F 173 4.69 -8.26 22.71
CA ASP F 173 4.45 -8.12 21.26
C ASP F 173 3.30 -8.99 20.77
N LYS F 174 2.55 -9.54 21.72
CA LYS F 174 1.51 -10.53 21.44
C LYS F 174 0.09 -10.08 21.84
N VAL F 175 -0.01 -9.24 22.87
CA VAL F 175 -1.28 -8.68 23.35
C VAL F 175 -1.19 -7.16 23.35
N THR F 176 -2.16 -6.50 22.71
CA THR F 176 -2.27 -5.05 22.72
C THR F 176 -3.25 -4.56 23.79
N TYR F 177 -4.31 -5.34 24.02
CA TYR F 177 -5.35 -4.90 24.93
C TYR F 177 -5.34 -5.70 26.23
N TRP F 178 -5.29 -4.97 27.33
CA TRP F 178 -5.25 -5.56 28.66
C TRP F 178 -6.32 -4.92 29.53
N THR F 180 -7.11 -4.72 33.95
CA THR F 180 -6.47 -5.02 35.25
C THR F 180 -7.30 -5.98 36.13
N PHE F 181 -8.53 -5.58 36.47
CA PHE F 181 -9.39 -6.31 37.42
C PHE F 181 -10.83 -6.53 36.92
N ASN F 182 -11.18 -7.77 36.57
CA ASN F 182 -12.53 -8.10 36.08
C ASN F 182 -13.63 -7.63 37.03
N GLU F 183 -14.63 -6.94 36.49
CA GLU F 183 -15.80 -6.51 37.25
C GLU F 183 -15.39 -6.07 38.64
N ILE F 184 -14.56 -5.03 38.72
CA ILE F 184 -13.99 -4.63 40.00
C ILE F 184 -15.10 -4.18 40.97
N ASN F 185 -16.27 -3.90 40.42
CA ASN F 185 -17.30 -3.23 41.18
C ASN F 185 -18.47 -4.12 41.66
N ASN F 186 -18.33 -5.44 41.51
CA ASN F 186 -19.34 -6.37 42.06
C ASN F 186 -19.41 -6.31 43.57
N GLN F 187 -18.25 -6.09 44.17
CA GLN F 187 -18.12 -5.99 45.62
C GLN F 187 -18.87 -4.75 46.16
N THR F 188 -19.40 -3.91 45.25
CA THR F 188 -20.39 -2.88 45.66
C THR F 188 -21.36 -3.51 46.65
N ASN F 189 -21.84 -4.70 46.33
CA ASN F 189 -22.65 -5.47 47.28
C ASN F 189 -21.70 -6.12 48.30
N PHE F 190 -21.39 -5.35 49.34
CA PHE F 190 -20.41 -5.74 50.34
C PHE F 190 -20.94 -6.84 51.24
N GLU F 191 -22.25 -7.11 51.16
CA GLU F 191 -22.86 -8.23 51.90
C GLU F 191 -22.91 -9.55 51.09
N SER F 192 -22.38 -9.53 49.86
CA SER F 192 -22.35 -10.73 48.99
C SER F 192 -21.03 -11.50 49.19
N ASP F 193 -21.09 -12.63 49.90
CA ASP F 193 -19.89 -13.42 50.17
C ASP F 193 -19.16 -13.80 48.84
N GLY F 194 -19.93 -14.10 47.80
CA GLY F 194 -19.38 -14.36 46.47
C GLY F 194 -18.51 -13.22 45.99
N ALA F 195 -19.10 -12.03 45.90
CA ALA F 195 -18.37 -10.85 45.44
C ALA F 195 -17.12 -10.59 46.26
N LEU F 197 -15.23 -12.71 48.06
CA LEU F 197 -14.22 -13.71 47.74
C LEU F 197 -13.63 -13.58 46.32
N THR F 198 -14.50 -13.61 45.30
CA THR F 198 -14.05 -13.56 43.88
C THR F 198 -13.32 -12.25 43.54
N ASP F 199 -13.90 -11.12 43.93
CA ASP F 199 -13.23 -9.81 43.70
C ASP F 199 -11.96 -9.62 44.52
N SER F 200 -12.02 -9.99 45.81
CA SER F 200 -11.04 -9.53 46.79
C SER F 200 -10.38 -10.59 47.68
N GLY F 201 -10.78 -11.86 47.57
CA GLY F 201 -10.24 -12.92 48.42
C GLY F 201 -10.53 -12.75 49.89
N ILE F 202 -11.67 -12.16 50.21
CA ILE F 202 -12.07 -11.92 51.59
C ILE F 202 -13.20 -12.85 52.04
N ILE F 203 -12.94 -13.60 53.12
CA ILE F 203 -13.96 -14.34 53.85
C ILE F 203 -14.20 -13.63 55.21
N HIS F 204 -15.41 -13.17 55.43
CA HIS F 204 -15.74 -12.35 56.61
C HIS F 204 -15.24 -12.93 57.95
N GLN F 205 -14.81 -12.06 58.86
CA GLN F 205 -14.47 -12.47 60.25
C GLN F 205 -15.42 -11.78 61.25
N PRO F 206 -15.76 -12.46 62.35
CA PRO F 206 -16.74 -11.92 63.34
C PRO F 206 -16.44 -10.49 63.83
N GLY F 207 -17.43 -9.60 63.71
CA GLY F 207 -17.30 -8.20 64.17
C GLY F 207 -16.65 -7.23 63.18
N GLU F 208 -16.25 -7.73 62.01
CA GLU F 208 -15.70 -6.84 60.99
C GLU F 208 -16.84 -6.05 60.39
N ASN F 209 -16.58 -4.77 60.13
CA ASN F 209 -17.48 -4.00 59.28
C ASN F 209 -17.15 -4.31 57.80
N ARG F 210 -18.10 -4.95 57.12
CA ARG F 210 -17.92 -5.47 55.75
C ARG F 210 -17.71 -4.37 54.72
N GLU F 211 -18.43 -3.27 54.91
CA GLU F 211 -18.32 -2.12 54.02
C GLU F 211 -16.92 -1.53 54.15
N ARG F 212 -16.47 -1.41 55.40
CA ARG F 212 -15.17 -0.85 55.70
C ARG F 212 -14.11 -1.60 54.93
N TRP F 213 -14.05 -2.93 55.13
CA TRP F 213 -13.02 -3.75 54.47
C TRP F 213 -13.19 -3.89 52.96
N TYR F 215 -14.02 -1.39 51.09
CA TYR F 215 -13.41 -0.17 50.63
C TYR F 215 -11.88 -0.20 50.76
N GLN F 216 -11.40 -0.82 51.85
CA GLN F 216 -9.97 -1.06 52.03
C GLN F 216 -9.40 -1.90 50.89
N ALA F 217 -10.10 -2.98 50.53
CA ALA F 217 -9.62 -3.94 49.51
C ALA F 217 -9.71 -3.40 48.09
N ALA F 218 -10.79 -2.68 47.80
CA ALA F 218 -10.96 -1.97 46.53
C ALA F 218 -9.88 -0.88 46.31
N HIS F 219 -9.55 -0.14 47.37
CA HIS F 219 -8.46 0.83 47.29
C HIS F 219 -7.16 0.16 46.93
N TYR F 220 -6.84 -0.92 47.64
CA TYR F 220 -5.58 -1.61 47.33
C TYR F 220 -5.59 -2.00 45.86
N GLU F 221 -6.74 -2.48 45.40
CA GLU F 221 -6.89 -2.95 44.02
C GLU F 221 -6.83 -1.85 43.00
N LEU F 222 -7.47 -0.72 43.28
CA LEU F 222 -7.42 0.43 42.37
C LEU F 222 -5.99 0.96 42.27
N VAL F 223 -5.32 0.98 43.41
CA VAL F 223 -3.90 1.33 43.45
C VAL F 223 -3.08 0.34 42.64
N ALA F 224 -3.33 -0.97 42.85
CA ALA F 224 -2.62 -1.98 42.08
C ALA F 224 -2.82 -1.77 40.58
N SER F 225 -4.05 -1.43 40.18
CA SER F 225 -4.40 -1.24 38.77
C SER F 225 -3.73 -0.03 38.16
N ALA F 226 -3.73 1.09 38.89
CA ALA F 226 -3.06 2.29 38.39
C ALA F 226 -1.57 2.07 38.27
N ALA F 227 -0.98 1.40 39.27
CA ALA F 227 0.44 1.03 39.23
C ALA F 227 0.77 0.12 38.05
N ALA F 228 -0.22 -0.70 37.65
CA ALA F 228 -0.05 -1.62 36.50
C ALA F 228 -0.13 -0.87 35.16
N VAL F 229 -1.02 0.11 35.07
CA VAL F 229 -1.10 0.98 33.87
C VAL F 229 0.26 1.66 33.60
N GLN F 230 0.87 2.21 34.65
CA GLN F 230 2.16 2.88 34.50
C GLN F 230 3.26 1.86 34.18
N LEU F 231 3.27 0.75 34.92
CA LEU F 231 4.23 -0.33 34.67
C LEU F 231 4.12 -0.87 33.25
N GLY F 232 2.89 -1.05 32.77
CA GLY F 232 2.64 -1.52 31.41
C GLY F 232 3.16 -0.58 30.34
N HIS F 233 2.69 0.67 30.36
CA HIS F 233 3.12 1.68 29.38
C HIS F 233 4.64 1.93 29.33
N GLN F 234 5.34 1.74 30.44
CA GLN F 234 6.80 1.81 30.45
C GLN F 234 7.43 0.70 29.59
N ILE F 235 6.80 -0.48 29.65
CA ILE F 235 7.28 -1.71 28.99
C ILE F 235 6.83 -1.78 27.53
N ASN F 236 5.60 -1.36 27.26
CA ASN F 236 5.16 -1.07 25.88
C ASN F 236 4.18 0.08 25.91
N PRO F 237 4.63 1.29 25.52
CA PRO F 237 3.72 2.44 25.49
C PRO F 237 2.52 2.26 24.53
N ASP F 238 2.60 1.29 23.60
CA ASP F 238 1.51 1.04 22.66
C ASP F 238 0.38 0.19 23.27
N PHE F 239 0.59 -0.29 24.49
CA PHE F 239 -0.47 -1.05 25.16
C PHE F 239 -1.65 -0.12 25.42
N GLN F 240 -2.85 -0.64 25.23
CA GLN F 240 -4.07 -0.03 25.76
C GLN F 240 -4.44 -0.84 27.01
N ILE F 241 -4.67 -0.17 28.13
CA ILE F 241 -4.95 -0.86 29.40
C ILE F 241 -6.20 -0.30 30.09
N GLY F 242 -7.28 -1.09 30.07
CA GLY F 242 -8.57 -0.66 30.60
C GLY F 242 -8.93 -1.21 31.97
N CYS F 243 -9.97 -0.63 32.57
CA CYS F 243 -10.57 -1.20 33.76
C CYS F 243 -11.62 -2.17 33.30
N ILE F 245 -15.60 -2.98 34.43
CA ILE F 245 -16.74 -2.55 35.23
C ILE F 245 -17.99 -3.37 34.87
N ALA F 246 -18.65 -3.94 35.85
CA ALA F 246 -19.98 -4.54 35.66
C ALA F 246 -20.98 -3.40 35.67
N CYS F 248 -24.52 -2.38 35.54
CA CYS F 248 -25.95 -2.44 35.74
C CYS F 248 -26.44 -1.03 35.98
N PRO F 249 -27.07 -0.41 34.95
CA PRO F 249 -27.54 0.94 35.23
C PRO F 249 -28.63 0.83 36.27
N ILE F 250 -28.83 1.91 37.01
CA ILE F 250 -29.76 1.95 38.10
C ILE F 250 -30.69 3.13 37.87
N TYR F 251 -31.98 2.85 37.65
CA TYR F 251 -32.98 3.87 37.39
C TYR F 251 -33.77 4.19 38.66
N PRO F 252 -34.26 5.45 38.80
CA PRO F 252 -35.30 5.75 39.80
C PRO F 252 -36.65 5.12 39.47
N LEU F 253 -37.35 4.58 40.45
CA LEU F 253 -38.64 3.90 40.21
C LEU F 253 -39.67 4.85 39.60
N THR F 254 -39.72 6.07 40.14
CA THR F 254 -40.63 7.12 39.69
C THR F 254 -39.87 8.46 39.59
N ALA F 255 -40.55 9.44 39.01
CA ALA F 255 -40.00 10.80 38.88
C ALA F 255 -39.97 11.57 40.22
N ALA F 256 -40.36 10.94 41.32
CA ALA F 256 -40.28 11.62 42.62
C ALA F 256 -38.81 12.02 42.93
N PRO F 257 -38.57 13.28 43.33
CA PRO F 257 -37.20 13.74 43.56
C PRO F 257 -36.32 12.87 44.47
N ALA F 258 -36.88 12.30 45.52
CA ALA F 258 -36.10 11.48 46.43
C ALA F 258 -35.70 10.17 45.74
N ASP F 259 -36.51 9.71 44.80
CA ASP F 259 -36.17 8.51 44.04
C ASP F 259 -34.98 8.81 43.10
N VAL F 260 -35.11 9.90 42.36
CA VAL F 260 -34.11 10.31 41.38
C VAL F 260 -32.78 10.60 42.04
N LEU F 261 -32.80 11.30 43.17
CA LEU F 261 -31.59 11.50 43.96
C LEU F 261 -31.02 10.17 44.52
N PHE F 262 -31.87 9.29 45.02
CA PHE F 262 -31.37 7.99 45.54
C PHE F 262 -30.72 7.13 44.42
N ALA F 263 -31.33 7.16 43.24
CA ALA F 263 -30.78 6.53 42.04
C ALA F 263 -29.46 7.16 41.61
N GLN F 264 -29.32 8.47 41.74
CA GLN F 264 -28.05 9.11 41.43
C GLN F 264 -26.93 8.58 42.36
N ARG F 265 -27.19 8.62 43.65
CA ARG F 265 -26.27 8.12 44.66
C ARG F 265 -25.93 6.62 44.48
N ALA F 266 -26.93 5.83 44.10
CA ALA F 266 -26.73 4.41 43.88
C ALA F 266 -25.75 4.15 42.70
N GLN F 268 -23.47 6.45 41.79
CA GLN F 268 -22.18 6.92 42.32
C GLN F 268 -21.47 5.87 43.17
N THR F 269 -22.25 5.13 43.96
CA THR F 269 -21.73 4.07 44.83
C THR F 269 -21.21 2.90 44.01
N ARG F 270 -22.03 2.40 43.10
CA ARG F 270 -21.67 1.25 42.29
C ARG F 270 -20.60 1.58 41.23
N PHE F 271 -20.37 2.85 40.94
CA PHE F 271 -19.39 3.22 39.92
C PHE F 271 -18.29 4.18 40.35
N TYR F 272 -18.15 4.43 41.65
CA TYR F 272 -16.98 5.20 42.11
C TYR F 272 -15.69 4.53 41.63
N PHE F 273 -15.73 3.20 41.51
CA PHE F 273 -14.62 2.42 41.00
C PHE F 273 -14.13 2.99 39.67
N ALA F 274 -15.08 3.32 38.78
CA ALA F 274 -14.78 3.83 37.46
C ALA F 274 -14.32 5.29 37.52
N ASP F 275 -14.80 6.02 38.53
CA ASP F 275 -14.30 7.38 38.75
C ASP F 275 -12.83 7.40 39.10
N VAL F 276 -12.40 6.48 39.95
CA VAL F 276 -11.00 6.40 40.34
C VAL F 276 -10.16 5.92 39.15
N HIS F 277 -10.65 4.87 38.49
CA HIS F 277 -10.02 4.31 37.30
C HIS F 277 -9.84 5.33 36.17
N CYS F 278 -10.83 6.20 35.97
CA CYS F 278 -10.83 7.12 34.82
C CYS F 278 -10.43 8.56 35.18
N ASN F 279 -10.88 9.08 36.34
CA ASN F 279 -10.49 10.43 36.77
C ASN F 279 -9.20 10.47 37.57
N GLY F 280 -8.90 9.38 38.27
CA GLY F 280 -7.67 9.30 39.08
C GLY F 280 -7.80 9.79 40.51
N THR F 281 -9.02 10.10 40.94
CA THR F 281 -9.26 10.58 42.30
C THR F 281 -10.58 10.02 42.83
N TYR F 282 -10.67 9.94 44.16
CA TYR F 282 -11.92 9.59 44.82
C TYR F 282 -12.92 10.74 44.74
N PRO F 283 -14.20 10.42 44.43
CA PRO F 283 -15.16 11.53 44.48
C PRO F 283 -15.22 12.06 45.92
N GLN F 284 -15.48 13.35 46.08
CA GLN F 284 -15.43 13.96 47.40
C GLN F 284 -16.48 13.35 48.34
N TRP F 285 -17.66 13.04 47.82
CA TRP F 285 -18.73 12.48 48.63
C TRP F 285 -18.32 11.18 49.32
N LEU F 286 -17.51 10.37 48.63
CA LEU F 286 -17.05 9.10 49.19
C LEU F 286 -15.90 9.34 50.19
N ARG F 287 -14.99 10.28 49.88
CA ARG F 287 -14.00 10.71 50.86
C ARG F 287 -14.68 11.12 52.15
N ASN F 288 -15.73 11.93 52.00
CA ASN F 288 -16.52 12.42 53.13
C ASN F 288 -17.18 11.27 53.91
N ARG F 289 -17.68 10.27 53.20
CA ARG F 289 -18.23 9.06 53.84
C ARG F 289 -17.15 8.19 54.53
N PHE F 290 -15.93 8.11 54.01
CA PHE F 290 -14.84 7.44 54.75
C PHE F 290 -14.60 8.14 56.09
N GLU F 291 -14.64 9.48 56.10
CA GLU F 291 -14.43 10.26 57.33
C GLU F 291 -15.62 10.12 58.28
N SER F 292 -16.79 10.26 57.70
CA SER F 292 -18.06 10.25 58.38
C SER F 292 -18.28 8.93 59.09
N GLU F 293 -17.92 7.84 58.43
CA GLU F 293 -18.13 6.49 58.94
C GLU F 293 -16.88 6.00 59.67
N HIS F 294 -15.85 6.84 59.69
CA HIS F 294 -14.64 6.59 60.48
C HIS F 294 -14.09 5.21 60.17
N PHE F 295 -13.89 4.99 58.88
CA PHE F 295 -13.34 3.75 58.39
C PHE F 295 -11.84 3.67 58.72
N ASN F 296 -11.22 4.83 58.95
CA ASN F 296 -9.77 4.93 59.18
C ASN F 296 -9.03 4.01 58.20
N LEU F 297 -9.32 4.21 56.92
CA LEU F 297 -8.72 3.40 55.86
C LEU F 297 -7.21 3.62 55.74
N ASP F 298 -6.47 2.58 55.36
CA ASP F 298 -5.06 2.70 55.03
C ASP F 298 -4.91 3.25 53.62
N ILE F 299 -4.68 4.57 53.54
CA ILE F 299 -4.52 5.24 52.24
C ILE F 299 -3.38 6.28 52.36
N THR F 300 -2.30 6.04 51.63
CA THR F 300 -1.10 6.90 51.70
C THR F 300 -1.05 7.95 50.60
N ALA F 301 -0.28 9.00 50.85
CA ALA F 301 0.02 10.06 49.90
C ALA F 301 0.41 9.47 48.55
N GLU F 302 1.31 8.49 48.59
CA GLU F 302 1.82 7.86 47.37
C GLU F 302 0.83 6.95 46.65
N ASP F 303 -0.21 6.47 47.33
CA ASP F 303 -1.30 5.72 46.65
C ASP F 303 -2.08 6.64 45.75
N LEU F 304 -2.36 7.84 46.25
CA LEU F 304 -3.08 8.86 45.52
C LEU F 304 -2.25 9.38 44.34
N LYS F 305 -0.95 9.64 44.56
CA LYS F 305 -0.05 9.98 43.44
C LYS F 305 -0.16 8.88 42.37
N ILE F 306 -0.03 7.62 42.76
CA ILE F 306 -0.10 6.49 41.82
C ILE F 306 -1.43 6.49 41.06
N LEU F 307 -2.54 6.67 41.78
CA LEU F 307 -3.86 6.66 41.16
C LEU F 307 -4.06 7.80 40.16
N GLN F 308 -3.53 9.00 40.44
CA GLN F 308 -3.71 10.11 39.48
C GLN F 308 -2.97 9.86 38.17
N ALA F 309 -1.82 9.20 38.26
CA ALA F 309 -0.92 9.00 37.12
C ALA F 309 -1.15 7.69 36.38
N GLY F 310 -2.03 6.83 36.90
CA GLY F 310 -2.28 5.52 36.31
C GLY F 310 -3.73 5.33 35.89
N THR F 311 -4.30 6.35 35.25
CA THR F 311 -5.65 6.24 34.73
C THR F 311 -5.71 5.50 33.39
N VAL F 312 -6.80 4.76 33.22
CA VAL F 312 -6.96 3.83 32.12
C VAL F 312 -7.19 4.48 30.73
N ASP F 313 -6.80 3.72 29.69
CA ASP F 313 -7.00 4.12 28.30
C ASP F 313 -8.40 3.78 27.74
N TYR F 314 -9.08 2.81 28.36
CA TYR F 314 -10.45 2.48 27.92
C TYR F 314 -11.22 1.81 29.05
N ILE F 315 -12.54 1.68 28.85
CA ILE F 315 -13.41 1.06 29.84
C ILE F 315 -13.99 -0.22 29.27
N GLY F 316 -13.49 -1.36 29.76
CA GLY F 316 -14.16 -2.62 29.52
C GLY F 316 -15.41 -2.75 30.39
N PHE F 317 -16.49 -3.34 29.85
CA PHE F 317 -17.65 -3.60 30.72
C PHE F 317 -18.52 -4.76 30.27
N SER F 318 -19.24 -5.29 31.26
CA SER F 318 -20.25 -6.30 31.07
C SER F 318 -21.60 -5.62 31.15
N TYR F 319 -22.51 -6.08 30.29
CA TYR F 319 -23.88 -5.71 30.40
C TYR F 319 -24.71 -6.96 30.31
N TYR F 320 -25.55 -7.18 31.31
CA TYR F 320 -26.59 -8.20 31.21
C TYR F 320 -27.97 -7.68 31.55
N SER F 322 -30.47 -4.35 33.97
CA SER F 322 -30.63 -3.09 34.68
C SER F 322 -31.39 -3.24 36.00
N PHE F 323 -31.18 -2.27 36.89
CA PHE F 323 -31.77 -2.24 38.21
C PHE F 323 -32.63 -1.01 38.44
N THR F 324 -33.44 -1.10 39.49
CA THR F 324 -34.32 -0.01 39.88
C THR F 324 -34.34 0.19 41.40
N VAL F 325 -34.29 1.46 41.82
CA VAL F 325 -34.40 1.83 43.25
C VAL F 325 -35.49 2.87 43.46
N LYS F 326 -36.12 2.78 44.65
CA LYS F 326 -36.93 3.86 45.21
C LYS F 326 -36.23 4.42 46.45
N ASP F 327 -36.67 5.56 46.94
CA ASP F 327 -36.06 6.11 48.16
C ASP F 327 -36.45 5.28 49.39
N THR F 328 -35.42 4.81 50.10
CA THR F 328 -35.57 4.00 51.31
C THR F 328 -35.68 4.87 52.57
N GLY F 329 -35.25 6.13 52.47
CA GLY F 329 -35.21 7.06 53.60
C GLY F 329 -33.80 7.19 54.13
N LYS F 330 -32.90 6.32 53.65
CA LYS F 330 -31.53 6.23 54.16
C LYS F 330 -30.55 6.96 53.26
N LEU F 331 -29.40 7.29 53.84
CA LEU F 331 -28.36 8.10 53.19
C LEU F 331 -27.43 7.27 52.31
N ALA F 332 -27.43 5.96 52.50
CA ALA F 332 -26.52 5.05 51.82
C ALA F 332 -27.25 3.99 50.99
N TYR F 333 -26.61 3.62 49.89
CA TYR F 333 -27.10 2.59 49.00
C TYR F 333 -26.42 1.25 49.31
N ASN F 334 -27.27 0.24 49.51
CA ASN F 334 -26.90 -1.12 49.86
C ASN F 334 -27.64 -1.98 48.87
N GLU F 335 -26.88 -2.56 47.94
CA GLU F 335 -27.37 -3.26 46.79
C GLU F 335 -28.14 -4.51 47.21
N GLU F 336 -27.70 -5.12 48.30
CA GLU F 336 -28.32 -6.31 48.84
C GLU F 336 -29.80 -6.11 49.22
N HIS F 337 -30.17 -4.89 49.59
CA HIS F 337 -31.51 -4.63 50.13
C HIS F 337 -32.28 -3.51 49.42
N ASP F 338 -31.64 -2.70 48.58
CA ASP F 338 -32.31 -1.47 48.10
C ASP F 338 -32.94 -1.57 46.71
N LEU F 339 -32.77 -2.68 46.02
CA LEU F 339 -33.35 -2.84 44.69
C LEU F 339 -34.82 -3.21 44.74
N VAL F 340 -35.57 -2.75 43.73
CA VAL F 340 -36.92 -3.28 43.50
C VAL F 340 -37.09 -3.68 42.06
N LYS F 341 -38.12 -4.51 41.82
CA LYS F 341 -38.44 -4.99 40.48
C LYS F 341 -38.89 -3.81 39.66
N ASN F 342 -38.36 -3.69 38.43
CA ASN F 342 -38.92 -2.74 37.46
C ASN F 342 -40.19 -3.36 36.86
N PRO F 343 -41.37 -2.73 37.10
CA PRO F 343 -42.64 -3.22 36.55
C PRO F 343 -42.90 -2.86 35.06
N TYR F 344 -41.97 -2.16 34.42
CA TYR F 344 -42.00 -1.91 32.96
C TYR F 344 -41.02 -2.88 32.26
N VAL F 345 -40.43 -3.78 33.05
CA VAL F 345 -39.60 -4.86 32.53
C VAL F 345 -40.02 -6.22 33.12
N LYS F 346 -39.73 -7.28 32.37
CA LYS F 346 -39.89 -8.65 32.85
C LYS F 346 -39.07 -8.87 34.13
N GLN F 353 -34.22 -9.87 34.16
CA GLN F 353 -34.28 -8.41 34.14
C GLN F 353 -33.70 -7.82 32.84
N VAL F 354 -33.94 -8.51 31.71
CA VAL F 354 -33.39 -8.17 30.40
C VAL F 354 -33.83 -6.78 29.95
N ASP F 355 -32.88 -5.95 29.55
CA ASP F 355 -33.14 -4.54 29.22
C ASP F 355 -32.11 -4.07 28.18
N PRO F 356 -32.37 -4.35 26.88
CA PRO F 356 -31.37 -3.96 25.88
C PRO F 356 -31.18 -2.44 25.71
N VAL F 357 -32.21 -1.64 26.02
CA VAL F 357 -32.15 -0.19 25.85
C VAL F 357 -31.20 0.44 26.89
N GLY F 358 -31.27 -0.05 28.12
CA GLY F 358 -30.32 0.31 29.17
C GLY F 358 -28.85 0.24 28.76
N LEU F 359 -28.51 -0.64 27.83
CA LEU F 359 -27.14 -0.71 27.31
C LEU F 359 -26.79 0.54 26.52
N ARG F 360 -27.72 1.02 25.70
CA ARG F 360 -27.56 2.31 25.04
C ARG F 360 -27.37 3.42 26.07
N TYR F 361 -28.23 3.42 27.08
CA TYR F 361 -28.12 4.37 28.19
C TYR F 361 -26.74 4.29 28.84
N ALA F 362 -26.24 3.07 29.05
CA ALA F 362 -24.96 2.87 29.75
C ALA F 362 -23.79 3.33 28.90
N ASN F 364 -23.84 5.81 26.65
CA ASN F 364 -23.84 7.26 26.72
C ASN F 364 -23.40 7.75 28.06
N TRP F 365 -23.76 6.99 29.09
CA TRP F 365 -23.45 7.42 30.44
C TRP F 365 -21.94 7.41 30.59
N PHE F 366 -21.30 6.28 30.25
CA PHE F 366 -19.84 6.20 30.24
C PHE F 366 -19.21 7.33 29.41
N THR F 367 -19.75 7.53 28.23
CA THR F 367 -19.13 8.47 27.28
C THR F 367 -19.16 9.88 27.87
N ASP F 368 -20.30 10.32 28.37
CA ASP F 368 -20.45 11.73 28.78
C ASP F 368 -19.72 12.03 30.08
N ARG F 369 -19.59 10.99 30.90
CA ARG F 369 -18.91 11.13 32.17
C ARG F 369 -17.39 11.10 32.03
N TYR F 370 -16.89 10.28 31.10
CA TYR F 370 -15.44 9.94 31.04
C TYR F 370 -14.71 10.30 29.74
N HIS F 371 -15.40 10.26 28.59
CA HIS F 371 -14.79 10.59 27.28
C HIS F 371 -13.56 9.74 26.92
N LEU F 372 -13.69 8.44 27.19
CA LEU F 372 -12.70 7.41 26.88
C LEU F 372 -13.38 6.36 26.01
N PRO F 373 -12.58 5.56 25.30
CA PRO F 373 -13.21 4.50 24.52
C PRO F 373 -13.79 3.36 25.38
N LEU F 374 -14.87 2.74 24.89
CA LEU F 374 -15.47 1.58 25.53
C LEU F 374 -15.19 0.24 24.79
N PHE F 375 -15.40 -0.86 25.49
CA PHE F 375 -15.20 -2.21 24.95
C PHE F 375 -16.18 -3.11 25.72
N ILE F 376 -17.22 -3.59 25.04
CA ILE F 376 -18.17 -4.50 25.65
C ILE F 376 -17.53 -5.88 25.69
N VAL F 377 -17.07 -6.29 26.87
CA VAL F 377 -16.33 -7.55 27.00
C VAL F 377 -17.14 -8.75 27.52
N GLU F 378 -18.36 -8.51 27.99
CA GLU F 378 -19.29 -9.60 28.25
C GLU F 378 -20.69 -9.12 27.98
N ASN F 379 -21.48 -10.02 27.36
CA ASN F 379 -22.89 -9.83 27.08
C ASN F 379 -23.41 -11.14 26.47
N GLY F 380 -24.54 -11.67 26.94
CA GLY F 380 -25.05 -12.92 26.36
C GLY F 380 -26.17 -13.56 27.15
N LEU F 381 -26.76 -14.60 26.57
CA LEU F 381 -27.93 -15.27 27.12
C LEU F 381 -27.54 -16.68 27.56
N GLY F 382 -27.73 -16.94 28.85
CA GLY F 382 -27.62 -18.28 29.42
C GLY F 382 -28.93 -19.05 29.28
N ALA F 383 -28.86 -20.29 28.82
CA ALA F 383 -30.07 -21.08 28.61
C ALA F 383 -29.72 -22.54 28.69
N ILE F 384 -30.71 -23.38 28.99
CA ILE F 384 -30.50 -24.83 28.96
C ILE F 384 -30.72 -25.29 27.53
N ASP F 385 -29.71 -25.07 26.68
CA ASP F 385 -29.74 -25.48 25.26
C ASP F 385 -29.98 -26.96 25.11
N LYS F 386 -30.81 -27.35 24.14
CA LYS F 386 -31.08 -28.76 23.86
C LYS F 386 -30.35 -29.18 22.57
N LYS F 387 -29.58 -30.27 22.62
CA LYS F 387 -29.05 -30.92 21.41
C LYS F 387 -30.03 -31.96 20.91
N THR F 388 -30.35 -31.88 19.63
CA THR F 388 -31.31 -32.76 19.01
C THR F 388 -30.65 -34.06 18.55
N ALA F 389 -31.50 -35.02 18.22
CA ALA F 389 -31.09 -36.27 17.61
C ALA F 389 -30.08 -36.04 16.48
N ASP F 390 -30.34 -35.06 15.61
CA ASP F 390 -29.47 -34.83 14.44
C ASP F 390 -28.36 -33.78 14.71
N ASN F 391 -27.96 -33.73 15.98
CA ASN F 391 -26.83 -32.93 16.47
C ASN F 391 -26.89 -31.42 16.17
N GLN F 392 -28.08 -30.83 16.30
CA GLN F 392 -28.28 -29.40 16.12
C GLN F 392 -28.79 -28.79 17.43
N ILE F 393 -28.41 -27.53 17.65
CA ILE F 393 -28.89 -26.74 18.77
C ILE F 393 -29.52 -25.49 18.19
N HIS F 394 -30.84 -25.41 18.25
CA HIS F 394 -31.59 -24.34 17.63
C HIS F 394 -31.80 -23.20 18.63
N ASP F 395 -30.77 -22.38 18.80
CA ASP F 395 -30.84 -21.32 19.84
C ASP F 395 -31.28 -19.97 19.27
N ASP F 396 -32.50 -19.95 18.71
CA ASP F 396 -33.12 -18.71 18.18
C ASP F 396 -33.33 -17.66 19.29
N TYR F 397 -33.65 -18.11 20.50
CA TYR F 397 -33.64 -17.23 21.69
C TYR F 397 -32.31 -16.44 21.89
N ARG F 398 -31.18 -17.06 21.62
CA ARG F 398 -29.87 -16.40 21.77
C ARG F 398 -29.71 -15.38 20.66
N ILE F 399 -30.10 -15.78 19.45
CA ILE F 399 -30.03 -14.92 18.27
C ILE F 399 -30.86 -13.66 18.50
N ASP F 400 -32.11 -13.83 18.91
CA ASP F 400 -32.97 -12.69 19.25
C ASP F 400 -32.34 -11.81 20.31
N TYR F 401 -31.85 -12.39 21.41
CA TYR F 401 -31.20 -11.64 22.49
C TYR F 401 -30.05 -10.79 21.93
N LEU F 402 -29.12 -11.46 21.25
CA LEU F 402 -27.99 -10.81 20.60
C LEU F 402 -28.40 -9.74 19.58
N THR F 403 -29.45 -10.00 18.82
CA THR F 403 -29.96 -9.04 17.82
C THR F 403 -30.50 -7.80 18.54
N ASP F 404 -31.23 -7.97 19.64
CA ASP F 404 -31.80 -6.84 20.41
C ASP F 404 -30.72 -5.98 21.11
N HIS F 405 -29.72 -6.60 21.72
CA HIS F 405 -28.62 -5.83 22.32
C HIS F 405 -27.74 -5.18 21.26
N LEU F 406 -27.37 -5.94 20.23
CA LEU F 406 -26.59 -5.39 19.10
C LEU F 406 -27.29 -4.24 18.36
N ARG F 407 -28.61 -4.30 18.18
CA ARG F 407 -29.30 -3.15 17.58
C ARG F 407 -29.05 -1.90 18.43
N GLN F 408 -29.12 -2.04 19.75
CA GLN F 408 -28.98 -0.88 20.63
C GLN F 408 -27.56 -0.38 20.66
N ILE F 409 -26.61 -1.31 20.69
CA ILE F 409 -25.18 -1.00 20.53
C ILE F 409 -24.90 -0.29 19.19
N LYS F 410 -25.52 -0.76 18.11
CA LYS F 410 -25.31 -0.14 16.78
C LYS F 410 -25.74 1.32 16.77
N LEU F 411 -26.92 1.60 17.33
CA LEU F 411 -27.43 2.97 17.40
C LEU F 411 -26.57 3.84 18.33
N ALA F 412 -26.13 3.26 19.44
CA ALA F 412 -25.14 3.91 20.31
C ALA F 412 -23.89 4.38 19.55
N VAL F 413 -23.32 3.49 18.74
CA VAL F 413 -22.09 3.82 17.97
C VAL F 413 -22.35 4.78 16.81
N LEU F 414 -23.22 4.40 15.90
CA LEU F 414 -23.44 5.19 14.68
C LEU F 414 -24.22 6.50 14.89
N GLU F 415 -25.27 6.49 15.72
CA GLU F 415 -26.06 7.70 16.01
C GLU F 415 -25.53 8.51 17.19
N ASP F 416 -25.34 7.86 18.33
CA ASP F 416 -24.89 8.57 19.51
C ASP F 416 -23.36 8.81 19.51
N GLY F 417 -22.64 8.15 18.60
CA GLY F 417 -21.22 8.46 18.39
C GLY F 417 -20.30 8.00 19.51
N VAL F 418 -20.74 6.94 20.18
CA VAL F 418 -19.93 6.30 21.22
C VAL F 418 -18.72 5.64 20.57
N ASP F 419 -17.58 5.72 21.24
CA ASP F 419 -16.33 5.15 20.77
C ASP F 419 -16.23 3.74 21.35
N LEU F 420 -16.52 2.74 20.52
CA LEU F 420 -16.55 1.34 20.95
C LEU F 420 -15.54 0.51 20.17
N ILE F 421 -14.58 -0.03 20.91
CA ILE F 421 -13.47 -0.75 20.35
C ILE F 421 -13.98 -2.07 19.80
N GLY F 422 -14.82 -2.75 20.58
CA GLY F 422 -15.28 -4.09 20.20
C GLY F 422 -16.44 -4.68 20.97
N TYR F 423 -16.81 -5.89 20.59
CA TYR F 423 -17.96 -6.62 21.15
C TYR F 423 -17.54 -8.07 21.27
N THR F 424 -17.53 -8.63 22.47
CA THR F 424 -17.24 -10.06 22.63
C THR F 424 -18.29 -10.71 23.50
N PRO F 425 -19.24 -11.45 22.89
CA PRO F 425 -20.24 -12.07 23.77
C PRO F 425 -19.62 -13.05 24.78
N TRP F 426 -20.22 -13.14 25.96
CA TRP F 426 -19.66 -13.94 27.04
C TRP F 426 -19.83 -15.42 26.74
N GLY F 427 -18.78 -16.18 27.04
CA GLY F 427 -18.83 -17.64 26.96
C GLY F 427 -19.17 -18.14 25.58
N CYS F 428 -18.38 -17.67 24.59
CA CYS F 428 -18.49 -18.08 23.19
C CYS F 428 -18.35 -19.60 22.99
N ILE F 429 -17.70 -20.26 23.94
CA ILE F 429 -17.73 -21.71 24.03
C ILE F 429 -18.29 -22.09 25.40
N ASP F 430 -19.25 -23.02 25.41
CA ASP F 430 -19.91 -23.36 26.64
C ASP F 430 -18.83 -23.61 27.70
N LEU F 431 -19.03 -23.06 28.89
CA LEU F 431 -18.02 -23.23 29.93
C LEU F 431 -18.73 -23.43 31.27
N VAL F 432 -17.95 -23.74 32.30
CA VAL F 432 -18.45 -23.92 33.66
C VAL F 432 -19.06 -22.63 34.24
N ALA F 433 -20.32 -22.70 34.68
CA ALA F 433 -21.00 -21.50 35.20
C ALA F 433 -20.43 -21.07 36.54
N ALA F 434 -20.22 -19.76 36.70
CA ALA F 434 -19.65 -19.19 37.93
C ALA F 434 -20.54 -19.47 39.13
N SER F 435 -21.85 -19.40 38.93
CA SER F 435 -22.83 -19.46 40.02
C SER F 435 -22.94 -20.84 40.66
N THR F 436 -22.95 -21.87 39.81
CA THR F 436 -23.31 -23.24 40.19
C THR F 436 -22.28 -24.32 39.84
N GLY F 437 -21.35 -24.00 38.96
CA GLY F 437 -20.40 -24.98 38.44
C GLY F 437 -20.99 -25.89 37.38
N GLN F 438 -22.21 -25.60 36.92
CA GLN F 438 -22.93 -26.51 36.02
C GLN F 438 -22.65 -26.17 34.57
N SER F 440 -24.89 -27.10 32.37
CA SER F 440 -26.21 -27.14 31.72
C SER F 440 -26.77 -25.76 31.31
N LYS F 441 -26.48 -24.73 32.11
CA LYS F 441 -26.84 -23.36 31.76
C LYS F 441 -25.75 -22.82 30.82
N ARG F 442 -26.06 -22.80 29.52
CA ARG F 442 -25.05 -22.58 28.48
C ARG F 442 -25.14 -21.18 27.85
N TYR F 443 -23.97 -20.63 27.51
CA TYR F 443 -23.86 -19.30 26.90
C TYR F 443 -23.26 -19.30 25.50
N GLY F 444 -22.57 -20.37 25.11
CA GLY F 444 -21.74 -20.31 23.90
C GLY F 444 -22.45 -20.20 22.57
N PHE F 445 -21.67 -19.95 21.52
CA PHE F 445 -22.09 -20.21 20.13
C PHE F 445 -21.81 -21.68 19.79
N ILE F 446 -20.90 -22.29 20.55
CA ILE F 446 -20.44 -23.67 20.37
C ILE F 446 -20.90 -24.52 21.58
N TYR F 447 -21.58 -25.62 21.28
CA TYR F 447 -22.06 -26.57 22.28
C TYR F 447 -20.95 -27.56 22.60
N VAL F 448 -20.84 -27.90 23.87
CA VAL F 448 -19.82 -28.81 24.36
C VAL F 448 -20.53 -29.93 25.07
N ASP F 449 -20.33 -31.14 24.56
CA ASP F 449 -21.06 -32.29 25.07
C ASP F 449 -20.47 -32.79 26.38
N GLU F 450 -20.72 -32.02 27.44
CA GLU F 450 -20.36 -32.38 28.80
C GLU F 450 -21.55 -32.06 29.69
N ASN F 451 -21.84 -32.92 30.65
CA ASN F 451 -22.98 -32.72 31.55
C ASN F 451 -22.52 -32.26 32.94
N ASP F 452 -23.47 -31.93 33.80
CA ASP F 452 -23.17 -31.30 35.09
C ASP F 452 -22.25 -32.15 35.94
N ASP F 453 -22.43 -33.46 35.84
CA ASP F 453 -21.65 -34.43 36.62
C ASP F 453 -20.22 -34.66 36.07
N GLY F 454 -19.85 -34.00 34.98
CA GLY F 454 -18.51 -34.15 34.39
C GLY F 454 -18.38 -35.22 33.29
N SER F 455 -19.49 -35.90 32.98
CA SER F 455 -19.51 -36.96 31.95
C SER F 455 -19.72 -36.38 30.55
N GLY F 456 -19.47 -37.21 29.54
CA GLY F 456 -19.71 -36.82 28.15
C GLY F 456 -18.46 -36.88 27.30
N SER F 457 -18.69 -36.89 25.99
CA SER F 457 -17.60 -36.97 25.02
C SER F 457 -16.76 -35.71 24.98
N LEU F 458 -17.34 -34.61 25.45
CA LEU F 458 -16.75 -33.28 25.36
C LEU F 458 -16.67 -32.76 23.93
N LYS F 459 -17.25 -33.47 22.98
CA LYS F 459 -17.27 -33.02 21.58
C LYS F 459 -17.78 -31.58 21.45
N ARG F 460 -17.24 -30.87 20.46
CA ARG F 460 -17.64 -29.52 20.12
C ARG F 460 -18.65 -29.52 18.96
N TYR F 461 -19.81 -28.89 19.15
CA TYR F 461 -20.82 -28.74 18.09
C TYR F 461 -21.20 -27.28 17.86
N LYS F 462 -21.56 -26.99 16.62
CA LYS F 462 -22.01 -25.66 16.23
C LYS F 462 -23.48 -25.44 16.59
N LYS F 463 -23.77 -24.45 17.43
CA LYS F 463 -25.18 -24.03 17.60
C LYS F 463 -25.61 -23.11 16.44
N ASP F 464 -26.91 -22.96 16.19
CA ASP F 464 -27.36 -22.10 15.10
C ASP F 464 -26.90 -20.64 15.22
N SER F 465 -26.72 -20.17 16.45
CA SER F 465 -26.14 -18.84 16.68
C SER F 465 -24.71 -18.66 16.13
N PHE F 466 -23.95 -19.75 16.01
CA PHE F 466 -22.61 -19.76 15.40
C PHE F 466 -22.64 -19.29 13.94
N THR F 467 -23.60 -19.79 13.15
CA THR F 467 -23.76 -19.36 11.76
C THR F 467 -24.20 -17.89 11.68
N TRP F 468 -25.10 -17.50 12.59
CA TRP F 468 -25.57 -16.11 12.66
C TRP F 468 -24.44 -15.13 12.93
N PHE F 469 -23.74 -15.34 14.03
CA PHE F 469 -22.64 -14.43 14.37
C PHE F 469 -21.55 -14.36 13.31
N GLN F 470 -21.28 -15.48 12.64
CA GLN F 470 -20.28 -15.53 11.58
C GLN F 470 -20.66 -14.59 10.45
N HIS F 471 -21.96 -14.51 10.16
CA HIS F 471 -22.52 -13.62 9.13
C HIS F 471 -22.59 -12.18 9.60
N VAL F 472 -22.92 -11.96 10.87
CA VAL F 472 -22.82 -10.63 11.45
C VAL F 472 -21.37 -10.14 11.35
N ILE F 473 -20.40 -11.00 11.68
CA ILE F 473 -18.98 -10.62 11.62
C ILE F 473 -18.52 -10.37 10.18
N ALA F 474 -18.84 -11.27 9.26
CA ALA F 474 -18.44 -11.14 7.84
C ALA F 474 -19.08 -9.94 7.10
N THR F 475 -20.20 -9.45 7.61
CA THR F 475 -20.86 -8.24 7.07
C THR F 475 -20.55 -7.01 7.94
N ASN F 476 -19.69 -7.22 8.94
CA ASN F 476 -19.36 -6.16 9.90
C ASN F 476 -20.64 -5.50 10.44
N GLY F 477 -21.63 -6.33 10.82
CA GLY F 477 -22.89 -5.88 11.41
C GLY F 477 -23.82 -4.99 10.59
N ALA F 478 -23.54 -4.85 9.29
CA ALA F 478 -24.28 -3.92 8.40
C ALA F 478 -25.78 -4.21 8.33
N GLU F 479 -26.13 -5.49 8.36
CA GLU F 479 -27.52 -5.95 8.18
C GLU F 479 -28.41 -5.72 9.43
N ILE F 480 -27.77 -5.58 10.61
CA ILE F 480 -28.49 -5.37 11.88
C ILE F 480 -29.43 -4.16 11.79
N GLU F 481 -30.73 -4.43 11.68
CA GLU F 481 -31.74 -3.39 11.44
C GLU F 481 -32.51 -3.13 12.72
#